data_3VI4
#
_entry.id   3VI4
#
_cell.length_a   92.805
_cell.length_b   103.869
_cell.length_c   125.262
_cell.angle_alpha   75.72
_cell.angle_beta   70.16
_cell.angle_gamma   70.90
#
_symmetry.space_group_name_H-M   'P 1'
#
loop_
_entity.id
_entity.type
_entity.pdbx_description
1 polymer 'Integrin alpha-5'
2 polymer 'Integrin beta-1'
3 polymer 'SG/19 Fab fragment (Light chain)'
4 polymer 'SG/19 Fab fragment (Heavy chain)'
5 polymer 'RGD peptide'
6 branched 2-acetamido-2-deoxy-beta-D-glucopyranose-(1-4)-2-acetamido-2-deoxy-beta-D-glucopyranose
7 branched alpha-D-mannopyranose-(1-3)-alpha-D-mannopyranose-(1-6)-[alpha-D-mannopyranose-(1-3)]beta-D-mannopyranose-(1-4)-2-acetamido-2-deoxy-beta-D-glucopyranose-(1-4)-2-acetamido-2-deoxy-beta-D-glucopyranose
8 non-polymer 'CALCIUM ION'
9 non-polymer 2-acetamido-2-deoxy-beta-D-glucopyranose
10 non-polymer 'MAGNESIUM ION'
#
loop_
_entity_poly.entity_id
_entity_poly.type
_entity_poly.pdbx_seq_one_letter_code
_entity_poly.pdbx_strand_id
1 'polypeptide(L)'
;FNLDAEAPAVLSGPPGSFFGFSVEFYRPGTDGVSVLVGAPKANTSQPGVLQGGAVYLCPWGASPTQCTPIEFDSKGSRLL
ESSLSSSEGEEPVEYKSLQWFGATVRAHGSSILACAPLYSWRTEKEPLSDPVGTCYLSTDNFTRILEYAPCRSDFSWAAG
QGYCQGGFSAEFTKTGRVVLGGPGSYFWQGQILSATQEQIAESYYPEYLINLVQGQLQTRQASSIYDDSYLGYSVAVGEF
SGDDTEDFVAGVPKGNLTYGYVTILNGSDIRSLYNFSGEQMASYFGYAVAATDVNGDGLDDLLVGAPLLMDRTPDGRPQE
VGRVYVYLQHPAGIEPTPTLTLTGHDEFGRFGSSLTPLGDLDQDGYNDVAIGAPFGGETQQGVVFVFPGGPGGLGSKPSQ
VLQPLWAASHTPDFFGSALRGGRDLDGNGYPDLIVGSFGVDKAVVYRGRPIVSASASLTIFPAMFNPEERSCSLEGNPVA
CINLSFCLNASGKHVADSIGFTVELQLDWQKQKGGVRRALFLASRQATLTQTLLIQNGAREDCREMKIYLRNESEFRDKL
SPIHIALNFSLDPQAPVDSHGLRPALHYQSKSRIEDKAQILLDCGEDNICVPDLQLEVFGEQNGGLENLYFQ
;
A,C
2 'polypeptide(L)'
;QTDENRCLKANAKSCGECIQAGPNCGWCTNSTFLQEGMPTSARCDDLEALKKKGCPPDDIENPRGSKDIKKNKNVTNRSK
GTAEKLKPEDIHQIQPQQLVLRLRSGEPQTFTLKFKRAEDYPIDLYYLMDLSYSMKDDLENVKSLGTDLMNEMRRITSDF
RIGFGSFVEKTVMPYISTTPAKLRNPCTSEQNCTTPFSYKNVLSLTNKGEVFNELVGKQRISGNLDSPEGGFDAIMQVAV
CGSLIGWRNVTRLLVFSTDAGFHFAGDGKLGGIVLPNDGQCHLENNMYTMSHYYDYPSIAHLVQKLSENNIQTIFAVTEE
FQPVYKELKNLIPKSAVGTLSANSSNVIQLIIDAYNSLSSEVILENGKLSEGVTISYKSYCKNGVNGTGENGRKCSNISI
GDEVQFEISITSNKCPKKDSDSFKIRPLGFTEEVEVILQYICECEGGLENLYFQ
;
B,D
3 'polypeptide(L)'
;DIVMTQATPSIPVTPGESVSISCRSNKSLLHSNGNTYLYWFLQRPGQSPRLLIFRMSNLASGVPDRFSGSGSGTAFTLRI
SRVEAADVGIYFCLQHLEYPFTFGAGTKLELKRADAAPTVSIFPPSSEQLTSGGASVVCFLNNFYPKDINVKWKIDGSER
QNGVLNSWTDQDSKDSTYSMSSTLTLTKDEYERHNSYTCEATHKTSTSPIVKSFNRNEC
;
L,E
4 'polypeptide(L)'
;QVHLQQSGAELMKPGASVKISCKATGYTFTSYWIEWVKQRPGHGLEWLGEILPGSGYIHYNEKFKGKATFTTDTSSNTAY
MQLSSLTSEDSAVYYCSRALALYAMDYWGQGTSVTVSSAKTTPPSVYPLAPGSAAQTNSMVTLGCLVKGYFPEPVTVTWN
SGSLSSGVHTFPAVLQSDLYTLSSSVTVPSSTWPSETVTCNVAHPASSTKVDKKIVPR
;
H,F
5 'polypeptide(L)' RGDNP G,I
#
loop_
_chem_comp.id
_chem_comp.type
_chem_comp.name
_chem_comp.formula
BMA D-saccharide, beta linking beta-D-mannopyranose 'C6 H12 O6'
CA non-polymer 'CALCIUM ION' 'Ca 2'
MAN D-saccharide, alpha linking alpha-D-mannopyranose 'C6 H12 O6'
MG non-polymer 'MAGNESIUM ION' 'Mg 2'
NAG D-saccharide, beta linking 2-acetamido-2-deoxy-beta-D-glucopyranose 'C8 H15 N O6'
#
# COMPACT_ATOMS: atom_id res chain seq x y z
N PHE A 1 37.61 -16.15 -46.49
CA PHE A 1 38.52 -17.24 -46.96
C PHE A 1 39.97 -16.76 -46.97
N ASN A 2 40.16 -15.47 -47.21
CA ASN A 2 41.49 -14.90 -47.37
C ASN A 2 42.08 -14.34 -46.07
N LEU A 3 41.80 -14.98 -44.96
CA LEU A 3 42.42 -14.64 -43.68
C LEU A 3 43.44 -15.69 -43.33
N ASP A 4 44.62 -15.27 -42.88
CA ASP A 4 45.63 -16.23 -42.43
C ASP A 4 45.20 -16.88 -41.13
N ALA A 5 44.43 -17.94 -41.26
CA ALA A 5 43.95 -18.72 -40.13
C ALA A 5 44.95 -19.82 -39.81
N GLU A 6 45.92 -20.00 -40.71
CA GLU A 6 46.94 -21.03 -40.56
C GLU A 6 47.87 -20.68 -39.40
N ALA A 7 48.43 -19.47 -39.44
CA ALA A 7 49.30 -18.98 -38.39
C ALA A 7 49.10 -17.47 -38.17
N PRO A 8 48.11 -17.11 -37.34
CA PRO A 8 47.84 -15.71 -37.04
C PRO A 8 48.63 -15.27 -35.81
N ALA A 9 48.61 -13.97 -35.52
CA ALA A 9 49.33 -13.43 -34.35
C ALA A 9 48.50 -13.50 -33.05
N VAL A 10 49.07 -14.14 -32.04
CA VAL A 10 48.38 -14.32 -30.77
C VAL A 10 49.01 -13.53 -29.63
N LEU A 11 48.41 -12.38 -29.33
CA LEU A 11 48.76 -11.63 -28.14
C LEU A 11 48.18 -12.33 -26.91
N SER A 12 48.66 -11.96 -25.72
CA SER A 12 48.08 -12.46 -24.47
C SER A 12 48.39 -11.56 -23.27
N GLY A 13 47.57 -11.66 -22.24
CA GLY A 13 47.71 -10.79 -21.08
C GLY A 13 47.62 -11.57 -19.79
N PRO A 14 47.76 -10.87 -18.65
CA PRO A 14 47.83 -11.50 -17.33
C PRO A 14 46.70 -12.51 -17.13
N PRO A 15 46.99 -13.65 -16.48
CA PRO A 15 45.97 -14.69 -16.37
C PRO A 15 44.79 -14.21 -15.52
N GLY A 16 43.58 -14.47 -15.99
CA GLY A 16 42.37 -14.06 -15.28
C GLY A 16 42.05 -12.58 -15.36
N SER A 17 42.51 -11.91 -16.41
CA SER A 17 42.36 -10.46 -16.53
C SER A 17 41.31 -10.09 -17.56
N PHE A 18 40.78 -11.11 -18.23
CA PHE A 18 39.79 -10.95 -19.32
C PHE A 18 40.37 -10.12 -20.46
N PHE A 19 41.67 -10.28 -20.65
CA PHE A 19 42.41 -9.70 -21.75
C PHE A 19 41.74 -10.17 -23.03
N GLY A 20 41.16 -9.23 -23.76
CA GLY A 20 40.50 -9.51 -25.04
C GLY A 20 38.99 -9.30 -25.02
N PHE A 21 38.50 -8.63 -23.97
CA PHE A 21 37.07 -8.39 -23.78
C PHE A 21 36.51 -7.43 -24.81
N SER A 22 37.35 -6.52 -25.28
CA SER A 22 37.05 -5.59 -26.36
C SER A 22 38.35 -5.33 -27.09
N VAL A 23 38.26 -5.00 -28.36
CA VAL A 23 39.45 -4.95 -29.21
C VAL A 23 39.36 -3.80 -30.20
N GLU A 24 40.49 -3.18 -30.49
CA GLU A 24 40.50 -1.94 -31.25
C GLU A 24 41.78 -1.70 -32.05
N PHE A 25 41.61 -1.19 -33.27
CA PHE A 25 42.70 -0.71 -34.09
C PHE A 25 43.10 0.70 -33.67
N TYR A 26 44.40 0.93 -33.55
CA TYR A 26 44.91 2.27 -33.25
C TYR A 26 45.98 2.71 -34.24
N ARG A 27 45.82 3.92 -34.78
CA ARG A 27 46.80 4.54 -35.64
C ARG A 27 46.84 6.06 -35.42
N PRO A 28 47.85 6.56 -34.66
CA PRO A 28 47.96 7.99 -34.34
C PRO A 28 48.41 8.85 -35.53
N GLY A 29 47.46 9.19 -36.41
CA GLY A 29 47.76 9.94 -37.63
C GLY A 29 47.94 9.01 -38.82
N THR A 30 49.19 8.81 -39.24
CA THR A 30 49.52 7.84 -40.30
C THR A 30 50.51 6.76 -39.83
N ASP A 31 49.95 5.59 -39.51
CA ASP A 31 50.69 4.36 -39.22
C ASP A 31 51.75 4.39 -38.09
N GLY A 32 51.27 4.56 -36.86
CA GLY A 32 51.92 4.04 -35.68
C GLY A 32 51.02 2.90 -35.22
N VAL A 33 50.76 1.97 -36.15
CA VAL A 33 49.68 0.97 -36.02
C VAL A 33 49.82 0.08 -34.80
N SER A 34 48.76 0.01 -34.01
CA SER A 34 48.72 -0.85 -32.85
C SER A 34 47.33 -1.45 -32.65
N VAL A 35 47.32 -2.59 -31.99
CA VAL A 35 46.08 -3.24 -31.58
C VAL A 35 45.82 -2.84 -30.14
N LEU A 36 44.58 -2.46 -29.85
CA LEU A 36 44.16 -2.11 -28.49
C LEU A 36 43.37 -3.25 -27.87
N VAL A 37 43.76 -3.66 -26.66
CA VAL A 37 43.11 -4.76 -25.98
C VAL A 37 42.69 -4.36 -24.57
N GLY A 38 41.38 -4.37 -24.33
CA GLY A 38 40.84 -4.14 -23.00
C GLY A 38 41.06 -5.36 -22.14
N ALA A 39 41.35 -5.15 -20.86
CA ALA A 39 41.54 -6.22 -19.90
C ALA A 39 40.95 -5.80 -18.57
N PRO A 40 39.61 -5.87 -18.45
CA PRO A 40 38.89 -5.15 -17.38
C PRO A 40 39.00 -5.76 -15.99
N LYS A 41 39.51 -6.98 -15.90
CA LYS A 41 39.73 -7.58 -14.59
C LYS A 41 41.19 -7.48 -14.13
N ALA A 42 42.02 -6.85 -14.94
CA ALA A 42 43.46 -6.72 -14.69
C ALA A 42 43.82 -5.92 -13.44
N ASN A 43 44.85 -6.36 -12.73
CA ASN A 43 45.42 -5.54 -11.65
C ASN A 43 46.22 -4.35 -12.20
N THR A 44 46.25 -3.28 -11.43
CA THR A 44 47.00 -2.07 -11.78
C THR A 44 47.78 -1.61 -10.55
N SER A 45 48.65 -0.63 -10.74
CA SER A 45 49.39 -0.06 -9.60
C SER A 45 48.55 0.92 -8.77
N GLN A 46 47.51 1.51 -9.36
CA GLN A 46 46.62 2.46 -8.67
C GLN A 46 46.50 2.21 -7.15
N PRO A 47 46.86 3.21 -6.33
CA PRO A 47 46.78 3.09 -4.87
C PRO A 47 45.45 2.49 -4.38
N GLY A 48 45.53 1.24 -3.91
CA GLY A 48 44.40 0.57 -3.27
C GLY A 48 43.20 0.35 -4.16
N VAL A 49 43.44 -0.09 -5.39
CA VAL A 49 42.38 -0.36 -6.34
C VAL A 49 42.51 -1.79 -6.83
N LEU A 50 41.70 -2.67 -6.25
CA LEU A 50 41.64 -4.08 -6.65
C LEU A 50 41.09 -4.20 -8.06
N GLN A 51 41.77 -5.01 -8.88
CA GLN A 51 41.39 -5.24 -10.27
C GLN A 51 40.63 -4.07 -10.88
N GLY A 52 41.32 -2.94 -11.08
CA GLY A 52 40.69 -1.78 -11.67
C GLY A 52 40.43 -1.95 -13.16
N GLY A 53 41.25 -2.76 -13.82
CA GLY A 53 41.14 -2.97 -15.25
C GLY A 53 42.08 -2.06 -16.01
N ALA A 54 42.63 -2.57 -17.11
CA ALA A 54 43.59 -1.83 -17.93
C ALA A 54 43.24 -1.91 -19.42
N VAL A 55 43.88 -1.07 -20.23
CA VAL A 55 43.85 -1.22 -21.67
C VAL A 55 45.28 -1.35 -22.18
N TYR A 56 45.56 -2.42 -22.91
CA TYR A 56 46.90 -2.63 -23.45
C TYR A 56 47.06 -2.02 -24.84
N LEU A 57 48.14 -1.27 -25.01
CA LEU A 57 48.64 -0.88 -26.33
C LEU A 57 49.58 -1.97 -26.80
N CYS A 58 49.26 -2.52 -27.98
CA CYS A 58 50.07 -3.56 -28.59
C CYS A 58 50.54 -3.05 -29.93
N PRO A 59 51.77 -2.49 -29.98
CA PRO A 59 52.36 -2.01 -31.22
C PRO A 59 52.54 -3.17 -32.19
N TRP A 60 52.27 -2.92 -33.47
CA TRP A 60 52.16 -4.02 -34.41
C TRP A 60 53.47 -4.64 -34.84
N GLY A 61 54.37 -3.85 -35.43
CA GLY A 61 55.68 -4.34 -35.88
C GLY A 61 56.43 -5.12 -34.81
N ALA A 62 56.82 -6.35 -35.13
CA ALA A 62 57.41 -7.32 -34.18
C ALA A 62 58.37 -6.70 -33.16
N SER A 63 58.24 -7.12 -31.91
CA SER A 63 59.00 -6.53 -30.80
C SER A 63 59.67 -7.58 -29.89
N PRO A 64 60.68 -7.15 -29.09
CA PRO A 64 61.20 -7.98 -27.99
C PRO A 64 60.19 -8.14 -26.84
N THR A 65 59.55 -7.04 -26.42
CA THR A 65 58.45 -7.09 -25.43
C THR A 65 57.12 -6.61 -26.02
N GLN A 66 56.04 -7.31 -25.67
CA GLN A 66 54.79 -7.27 -26.43
C GLN A 66 53.87 -6.06 -26.14
N CYS A 67 53.00 -6.20 -25.15
CA CYS A 67 51.98 -5.20 -24.83
C CYS A 67 52.20 -4.53 -23.49
N THR A 68 52.08 -3.21 -23.49
CA THR A 68 52.19 -2.42 -22.26
C THR A 68 50.87 -1.69 -22.01
N PRO A 69 50.43 -1.67 -20.75
CA PRO A 69 49.19 -0.96 -20.40
C PRO A 69 49.31 0.57 -20.54
N ILE A 70 48.39 1.16 -21.31
CA ILE A 70 48.28 2.62 -21.38
C ILE A 70 47.81 3.12 -20.03
N GLU A 71 48.35 4.27 -19.61
CA GLU A 71 47.97 4.86 -18.34
C GLU A 71 46.99 6.01 -18.53
N PHE A 72 45.71 5.74 -18.33
CA PHE A 72 44.68 6.77 -18.36
C PHE A 72 44.54 7.40 -16.96
N ASP A 73 44.75 6.59 -15.93
CA ASP A 73 44.58 7.02 -14.54
C ASP A 73 45.45 6.19 -13.60
N SER A 74 46.56 6.77 -13.16
CA SER A 74 47.48 6.08 -12.26
C SER A 74 47.14 6.38 -10.81
N LYS A 75 46.11 7.21 -10.62
CA LYS A 75 45.59 7.57 -9.31
C LYS A 75 44.60 6.55 -8.75
N GLY A 76 44.55 6.44 -7.42
CA GLY A 76 43.48 5.74 -6.72
C GLY A 76 42.27 6.66 -6.70
N SER A 77 41.23 6.29 -5.98
CA SER A 77 40.00 7.07 -6.03
C SER A 77 40.05 8.30 -5.13
N ARG A 78 39.80 9.46 -5.74
CA ARG A 78 39.54 10.71 -5.03
C ARG A 78 38.81 10.52 -3.70
N LEU A 79 39.15 11.35 -2.73
CA LEU A 79 38.50 11.32 -1.43
C LEU A 79 37.32 12.28 -1.37
N LEU A 80 36.44 12.08 -0.40
CA LEU A 80 35.29 12.93 -0.21
C LEU A 80 35.71 14.27 0.38
N GLU A 81 35.29 15.35 -0.28
CA GLU A 81 35.58 16.71 0.18
C GLU A 81 34.96 16.94 1.55
N SER A 82 33.64 16.77 1.63
CA SER A 82 32.80 17.10 2.80
C SER A 82 33.51 16.98 4.16
N SER A 83 34.24 15.89 4.34
CA SER A 83 35.08 15.71 5.52
C SER A 83 36.38 15.06 5.12
N LEU A 84 37.43 15.88 5.00
CA LEU A 84 38.76 15.38 4.68
C LEU A 84 39.29 14.50 5.80
N SER A 85 39.22 15.02 7.03
CA SER A 85 39.45 14.24 8.26
C SER A 85 38.91 14.97 9.50
N SER A 86 37.74 15.58 9.35
CA SER A 86 37.13 16.42 10.38
C SER A 86 36.91 15.71 11.72
N SER A 87 36.35 14.50 11.68
CA SER A 87 36.16 13.67 12.87
C SER A 87 36.40 12.21 12.52
N GLU A 88 35.75 11.76 11.44
CA GLU A 88 35.94 10.42 10.87
C GLU A 88 36.09 10.55 9.35
N GLY A 89 36.93 11.49 8.93
CA GLY A 89 37.17 11.75 7.51
C GLY A 89 38.25 10.86 6.91
N GLU A 90 37.81 9.86 6.15
CA GLU A 90 38.70 8.89 5.54
C GLU A 90 38.10 8.42 4.22
N GLU A 91 36.80 8.66 4.06
CA GLU A 91 35.98 8.05 3.00
C GLU A 91 36.34 8.50 1.58
N PRO A 92 36.50 7.52 0.66
CA PRO A 92 36.60 7.85 -0.76
C PRO A 92 35.23 8.22 -1.32
N VAL A 93 35.21 9.09 -2.33
CA VAL A 93 33.96 9.60 -2.91
C VAL A 93 33.54 8.74 -4.12
N GLU A 94 34.46 7.91 -4.61
CA GLU A 94 34.24 7.05 -5.78
C GLU A 94 34.86 5.67 -5.54
N TYR A 95 34.35 4.64 -6.22
CA TYR A 95 34.82 3.26 -6.03
C TYR A 95 35.32 2.68 -7.35
N LYS A 96 36.63 2.45 -7.38
CA LYS A 96 37.33 2.11 -8.60
C LYS A 96 37.67 0.63 -8.69
N SER A 97 37.70 -0.03 -7.53
CA SER A 97 37.85 -1.48 -7.47
C SER A 97 36.68 -2.18 -8.15
N LEU A 98 36.99 -3.13 -9.02
CA LEU A 98 35.99 -3.96 -9.72
C LEU A 98 35.16 -3.14 -10.70
N GLN A 99 35.76 -2.06 -11.19
CA GLN A 99 35.03 -1.09 -12.00
C GLN A 99 34.95 -1.48 -13.46
N TRP A 100 35.73 -2.49 -13.83
CA TRP A 100 35.76 -3.00 -15.22
C TRP A 100 36.18 -1.94 -16.22
N PHE A 101 37.30 -1.31 -15.96
CA PHE A 101 37.88 -0.39 -16.93
C PHE A 101 38.59 -1.20 -18.01
N GLY A 102 38.19 -0.98 -19.26
CA GLY A 102 38.68 -1.78 -20.36
C GLY A 102 37.58 -2.61 -21.01
N ALA A 103 36.41 -2.66 -20.38
CA ALA A 103 35.28 -3.41 -20.93
C ALA A 103 34.85 -2.90 -22.31
N THR A 104 35.10 -1.63 -22.58
CA THR A 104 34.83 -1.05 -23.89
C THR A 104 35.99 -0.16 -24.30
N VAL A 105 36.62 -0.50 -25.42
CA VAL A 105 37.76 0.27 -25.94
C VAL A 105 37.49 0.71 -27.38
N ARG A 106 37.49 2.02 -27.62
CA ARG A 106 37.31 2.56 -28.98
C ARG A 106 38.32 3.64 -29.33
N ALA A 107 38.70 3.71 -30.61
CA ALA A 107 39.65 4.72 -31.09
C ALA A 107 39.23 5.31 -32.42
N HIS A 108 39.51 6.61 -32.57
CA HIS A 108 39.31 7.33 -33.81
C HIS A 108 40.40 8.37 -33.85
N GLY A 109 41.11 8.41 -34.97
CA GLY A 109 42.30 9.24 -35.10
C GLY A 109 43.27 8.95 -33.98
N SER A 110 43.77 10.01 -33.35
CA SER A 110 44.73 9.92 -32.25
C SER A 110 44.02 9.83 -30.89
N SER A 111 42.70 9.98 -30.92
CA SER A 111 41.86 9.84 -29.74
C SER A 111 41.50 8.38 -29.42
N ILE A 112 41.60 8.03 -28.14
CA ILE A 112 41.24 6.71 -27.61
C ILE A 112 40.23 6.87 -26.47
N LEU A 113 39.12 6.15 -26.57
CA LEU A 113 38.11 6.09 -25.51
C LEU A 113 38.10 4.72 -24.85
N ALA A 114 38.12 4.71 -23.52
CA ALA A 114 38.09 3.48 -22.76
C ALA A 114 37.17 3.69 -21.58
N CYS A 115 36.23 2.77 -21.39
CA CYS A 115 35.21 2.97 -20.37
C CYS A 115 35.24 1.91 -19.26
N ALA A 116 34.56 2.25 -18.16
CA ALA A 116 34.44 1.38 -17.00
C ALA A 116 32.99 1.40 -16.59
N PRO A 117 32.16 0.48 -17.16
CA PRO A 117 30.72 0.43 -16.89
C PRO A 117 30.32 -0.02 -15.47
N LEU A 118 31.29 -0.42 -14.63
CA LEU A 118 30.96 -0.75 -13.25
C LEU A 118 31.62 0.19 -12.26
N TYR A 119 32.08 1.33 -12.76
CA TYR A 119 32.49 2.41 -11.89
C TYR A 119 31.28 2.90 -11.11
N SER A 120 31.41 2.90 -9.80
CA SER A 120 30.36 3.43 -8.92
C SER A 120 30.95 4.49 -8.01
N TRP A 121 30.12 5.45 -7.62
CA TRP A 121 30.52 6.49 -6.69
C TRP A 121 29.47 6.73 -5.64
N ARG A 122 29.92 7.00 -4.42
CA ARG A 122 29.07 7.57 -3.37
C ARG A 122 28.80 9.00 -3.78
N THR A 123 27.62 9.53 -3.56
CA THR A 123 27.48 10.95 -3.90
C THR A 123 28.22 11.82 -2.88
N GLU A 124 28.22 13.12 -3.09
CA GLU A 124 28.82 14.02 -2.10
C GLU A 124 27.83 14.24 -0.95
N LYS A 125 26.60 13.78 -1.15
CA LYS A 125 25.51 13.95 -0.18
C LYS A 125 25.32 12.67 0.64
N GLU A 126 24.08 12.17 0.73
CA GLU A 126 23.83 10.90 1.43
C GLU A 126 24.54 9.75 0.70
N PRO A 127 25.12 8.79 1.46
CA PRO A 127 25.94 7.75 0.79
C PRO A 127 25.15 6.75 -0.03
N LEU A 128 25.58 6.56 -1.28
CA LEU A 128 24.95 5.67 -2.25
C LEU A 128 26.01 4.82 -2.93
N SER A 129 25.60 3.74 -3.59
CA SER A 129 26.54 2.94 -4.39
C SER A 129 26.18 3.04 -5.87
N ASP A 130 26.12 4.27 -6.39
CA ASP A 130 25.61 4.56 -7.73
C ASP A 130 26.57 4.19 -8.86
N PRO A 131 26.30 3.09 -9.59
CA PRO A 131 27.22 2.64 -10.61
C PRO A 131 26.98 3.43 -11.89
N VAL A 132 27.42 4.68 -11.87
CA VAL A 132 27.23 5.61 -12.97
C VAL A 132 28.16 5.32 -14.17
N GLY A 133 29.21 4.54 -13.91
CA GLY A 133 30.25 4.29 -14.90
C GLY A 133 31.01 5.54 -15.31
N THR A 134 32.22 5.35 -15.84
CA THR A 134 33.01 6.45 -16.39
C THR A 134 33.85 6.02 -17.57
N CYS A 135 34.12 6.97 -18.46
CA CYS A 135 35.07 6.76 -19.54
C CYS A 135 36.31 7.63 -19.33
N TYR A 136 37.38 7.29 -20.04
CA TYR A 136 38.57 8.10 -20.09
C TYR A 136 38.96 8.33 -21.53
N LEU A 137 38.88 9.58 -21.96
CA LEU A 137 39.34 9.98 -23.27
C LEU A 137 40.81 10.39 -23.22
N SER A 138 41.62 9.89 -24.14
CA SER A 138 42.98 10.39 -24.31
C SER A 138 43.07 11.00 -25.69
N THR A 139 43.49 12.27 -25.77
CA THR A 139 43.50 13.02 -27.02
C THR A 139 44.92 13.28 -27.54
N ASP A 140 45.03 13.44 -28.86
CA ASP A 140 46.29 13.78 -29.53
C ASP A 140 47.47 12.94 -29.08
N ASN A 141 47.44 11.65 -29.43
CA ASN A 141 48.46 10.71 -28.99
C ASN A 141 48.90 10.91 -27.52
N PHE A 142 47.92 10.87 -26.60
CA PHE A 142 48.12 10.98 -25.14
C PHE A 142 48.71 12.31 -24.62
N THR A 143 48.48 13.40 -25.35
CA THR A 143 48.89 14.74 -24.90
C THR A 143 48.15 15.06 -23.61
N ARG A 144 46.85 14.78 -23.65
CA ARG A 144 45.89 15.23 -22.65
C ARG A 144 44.96 14.05 -22.36
N ILE A 145 44.69 13.82 -21.08
CA ILE A 145 43.78 12.75 -20.70
C ILE A 145 42.52 13.28 -20.00
N LEU A 146 41.37 13.00 -20.59
CA LEU A 146 40.08 13.51 -20.12
C LEU A 146 39.20 12.41 -19.53
N GLU A 147 38.72 12.60 -18.30
CA GLU A 147 37.64 11.75 -17.78
C GLU A 147 36.31 12.30 -18.26
N TYR A 148 35.41 11.42 -18.68
CA TYR A 148 34.07 11.84 -19.07
C TYR A 148 33.01 10.84 -18.58
N ALA A 149 32.16 11.32 -17.68
CA ALA A 149 31.16 10.51 -17.01
C ALA A 149 29.87 11.29 -16.99
N PRO A 150 29.16 11.30 -18.12
CA PRO A 150 27.97 12.13 -18.28
C PRO A 150 26.81 11.79 -17.34
N CYS A 151 26.83 10.57 -16.82
CA CYS A 151 25.77 10.09 -15.94
C CYS A 151 26.05 10.38 -14.47
N ARG A 152 27.26 10.87 -14.19
CA ARG A 152 27.63 11.29 -12.84
C ARG A 152 27.16 12.72 -12.63
N SER A 153 25.86 12.87 -12.39
CA SER A 153 25.18 14.16 -12.43
C SER A 153 24.47 14.49 -11.11
N ASP A 154 23.51 15.42 -11.18
CA ASP A 154 22.77 15.85 -9.98
C ASP A 154 21.51 15.04 -9.76
N PHE A 155 21.44 13.89 -10.41
CA PHE A 155 20.28 13.02 -10.33
C PHE A 155 20.82 11.64 -10.04
N SER A 156 20.67 11.22 -8.79
CA SER A 156 21.51 10.16 -8.27
C SER A 156 20.77 9.04 -7.55
N TRP A 157 20.31 8.07 -8.33
CA TRP A 157 19.73 6.85 -7.81
C TRP A 157 19.12 6.23 -9.02
N ALA A 158 18.62 5.01 -8.89
CA ALA A 158 17.90 4.35 -9.99
C ALA A 158 16.87 5.26 -10.66
N ALA A 159 16.26 6.17 -9.91
CA ALA A 159 15.21 7.05 -10.43
C ALA A 159 15.76 8.15 -11.33
N GLY A 160 17.05 8.41 -11.18
CA GLY A 160 17.77 9.38 -12.00
C GLY A 160 18.82 8.66 -12.81
N GLN A 161 20.06 9.11 -12.73
CA GLN A 161 21.12 8.55 -13.57
C GLN A 161 22.10 7.66 -12.79
N GLY A 162 21.77 7.40 -11.53
CA GLY A 162 22.67 6.69 -10.65
C GLY A 162 23.09 5.30 -11.07
N TYR A 163 22.25 4.62 -11.83
CA TYR A 163 22.53 3.21 -12.15
C TYR A 163 22.77 3.03 -13.64
N CYS A 164 23.00 4.18 -14.28
CA CYS A 164 23.22 4.31 -15.72
C CYS A 164 24.30 3.38 -16.32
N GLN A 165 25.43 3.26 -15.65
CA GLN A 165 26.55 2.49 -16.19
C GLN A 165 26.88 2.99 -17.60
N GLY A 166 27.02 4.31 -17.72
CA GLY A 166 27.36 4.95 -19.00
C GLY A 166 28.73 4.51 -19.47
N GLY A 167 28.76 3.88 -20.64
CA GLY A 167 29.99 3.32 -21.16
C GLY A 167 29.80 1.86 -21.50
N PHE A 168 28.75 1.24 -20.94
CA PHE A 168 28.46 -0.17 -21.18
C PHE A 168 28.63 -0.49 -22.68
N SER A 169 28.24 0.47 -23.52
CA SER A 169 28.57 0.44 -24.94
C SER A 169 29.03 1.83 -25.40
N ALA A 170 29.82 1.88 -26.48
CA ALA A 170 30.41 3.13 -26.98
C ALA A 170 31.01 3.04 -28.37
N GLU A 171 30.91 4.13 -29.12
CA GLU A 171 31.57 4.26 -30.42
C GLU A 171 31.69 5.71 -30.87
N PHE A 172 32.72 6.01 -31.67
CA PHE A 172 32.95 7.32 -32.28
C PHE A 172 32.18 7.48 -33.58
N THR A 173 31.79 8.69 -33.92
CA THR A 173 31.35 8.99 -35.28
C THR A 173 32.60 9.20 -36.17
N LYS A 174 32.37 9.43 -37.46
CA LYS A 174 33.43 9.74 -38.43
C LYS A 174 34.12 11.09 -38.15
N THR A 175 33.53 11.88 -37.26
CA THR A 175 34.11 13.18 -36.89
C THR A 175 34.73 13.15 -35.49
N GLY A 176 34.67 11.99 -34.85
CA GLY A 176 35.30 11.83 -33.53
C GLY A 176 34.37 12.12 -32.37
N ARG A 177 33.10 12.39 -32.68
CA ARG A 177 32.08 12.55 -31.65
C ARG A 177 31.96 11.24 -30.85
N VAL A 178 31.75 11.37 -29.54
CA VAL A 178 31.66 10.24 -28.63
C VAL A 178 30.19 9.89 -28.39
N VAL A 179 29.85 8.61 -28.60
CA VAL A 179 28.49 8.13 -28.34
C VAL A 179 28.48 7.06 -27.25
N LEU A 180 27.64 7.25 -26.23
CA LEU A 180 27.61 6.33 -25.10
C LEU A 180 26.24 5.72 -24.89
N GLY A 181 26.24 4.45 -24.51
CA GLY A 181 25.04 3.79 -24.03
C GLY A 181 25.09 3.67 -22.52
N GLY A 182 23.95 3.92 -21.88
CA GLY A 182 23.81 3.73 -20.45
C GLY A 182 22.54 2.95 -20.18
N PRO A 183 22.65 1.60 -20.12
CA PRO A 183 21.53 0.67 -20.03
C PRO A 183 20.61 0.88 -18.83
N GLY A 184 21.16 1.44 -17.75
CA GLY A 184 20.46 1.53 -16.47
C GLY A 184 19.86 2.86 -16.06
N SER A 185 19.96 3.88 -16.90
CA SER A 185 19.34 5.17 -16.58
C SER A 185 17.82 5.06 -16.37
N TYR A 186 17.31 5.83 -15.42
CA TYR A 186 15.86 5.94 -15.12
C TYR A 186 15.11 4.61 -14.91
N PHE A 187 15.50 3.86 -13.89
CA PHE A 187 14.99 2.51 -13.64
C PHE A 187 15.17 1.63 -14.87
N TRP A 188 16.39 1.65 -15.39
CA TRP A 188 16.81 0.80 -16.49
C TRP A 188 16.01 0.99 -17.75
N GLN A 189 15.45 2.17 -17.93
CA GLN A 189 14.90 2.55 -19.23
C GLN A 189 16.01 2.48 -20.27
N GLY A 190 17.19 2.93 -19.85
CA GLY A 190 18.33 3.10 -20.75
C GLY A 190 18.48 4.52 -21.29
N GLN A 191 19.68 4.86 -21.73
CA GLN A 191 19.94 6.20 -22.22
C GLN A 191 21.09 6.22 -23.22
N ILE A 192 20.95 7.07 -24.22
CA ILE A 192 22.03 7.37 -25.15
C ILE A 192 22.56 8.77 -24.87
N LEU A 193 23.85 8.86 -24.55
CA LEU A 193 24.50 10.16 -24.30
C LEU A 193 25.65 10.40 -25.25
N SER A 194 25.71 11.60 -25.82
CA SER A 194 26.74 11.94 -26.79
C SER A 194 27.28 13.36 -26.60
N ALA A 195 28.58 13.52 -26.88
CA ALA A 195 29.25 14.82 -26.88
C ALA A 195 30.47 14.83 -27.80
N THR A 196 30.70 15.96 -28.47
CA THR A 196 31.92 16.16 -29.25
C THR A 196 33.11 16.29 -28.29
N GLN A 197 34.29 15.90 -28.76
CA GLN A 197 35.51 15.93 -27.95
C GLN A 197 35.81 17.33 -27.40
N GLU A 198 35.55 18.37 -28.18
CA GLU A 198 35.75 19.75 -27.72
C GLU A 198 34.87 20.09 -26.51
N GLN A 199 33.62 19.66 -26.55
CA GLN A 199 32.70 19.85 -25.44
C GLN A 199 33.19 19.16 -24.16
N ILE A 200 33.62 17.91 -24.30
CA ILE A 200 34.16 17.18 -23.16
C ILE A 200 35.29 17.98 -22.52
N ALA A 201 36.27 18.36 -23.34
CA ALA A 201 37.42 19.15 -22.88
C ALA A 201 37.03 20.53 -22.33
N GLU A 202 36.07 21.20 -22.97
CA GLU A 202 35.53 22.48 -22.48
C GLU A 202 35.05 22.38 -21.03
N SER A 203 34.62 21.19 -20.65
CA SER A 203 33.86 21.02 -19.42
C SER A 203 34.56 20.18 -18.36
N TYR A 204 35.76 19.70 -18.68
CA TYR A 204 36.51 18.83 -17.77
C TYR A 204 37.21 19.59 -16.64
N TYR A 205 36.74 19.37 -15.41
CA TYR A 205 37.32 20.02 -14.23
C TYR A 205 37.37 19.01 -13.10
N PRO A 206 38.42 18.19 -13.06
CA PRO A 206 38.48 17.05 -12.13
C PRO A 206 38.50 17.43 -10.66
N GLU A 207 38.46 18.72 -10.34
CA GLU A 207 38.34 19.14 -8.94
C GLU A 207 36.91 19.05 -8.45
N TYR A 208 35.99 18.93 -9.40
CA TYR A 208 34.57 18.73 -9.12
C TYR A 208 34.09 17.49 -9.88
N LEU A 209 33.48 16.56 -9.15
CA LEU A 209 33.09 15.28 -9.72
C LEU A 209 31.95 15.36 -10.75
N ILE A 210 31.10 16.37 -10.63
CA ILE A 210 30.02 16.54 -11.58
C ILE A 210 30.37 17.65 -12.59
N ASN A 211 30.51 17.26 -13.86
CA ASN A 211 30.81 18.20 -14.96
C ASN A 211 29.72 18.23 -16.02
N LEU A 212 28.67 19.03 -15.79
CA LEU A 212 27.69 19.27 -16.86
C LEU A 212 28.42 19.69 -18.13
N VAL A 213 28.30 18.87 -19.16
CA VAL A 213 28.84 19.17 -20.48
C VAL A 213 27.75 19.93 -21.23
N GLN A 214 28.10 21.09 -21.78
CA GLN A 214 27.13 21.91 -22.51
C GLN A 214 27.04 21.45 -23.95
N GLY A 215 25.83 21.50 -24.52
CA GLY A 215 25.55 20.97 -25.86
C GLY A 215 25.60 19.44 -25.90
N GLN A 216 25.53 18.82 -24.73
CA GLN A 216 25.49 17.37 -24.63
C GLN A 216 24.16 16.88 -25.19
N LEU A 217 24.16 15.71 -25.81
CA LEU A 217 22.92 15.14 -26.31
C LEU A 217 22.47 13.95 -25.48
N GLN A 218 21.19 13.93 -25.15
CA GLN A 218 20.64 13.00 -24.17
C GLN A 218 19.24 12.58 -24.53
N THR A 219 19.00 11.27 -24.56
CA THR A 219 17.63 10.78 -24.63
C THR A 219 16.91 11.10 -23.31
N ARG A 220 15.68 11.60 -23.44
CA ARG A 220 14.92 12.12 -22.32
C ARG A 220 14.23 10.96 -21.62
N GLN A 221 14.01 11.09 -20.32
CA GLN A 221 13.33 10.07 -19.54
C GLN A 221 11.84 9.94 -19.89
N ALA A 222 11.41 8.70 -20.10
CA ALA A 222 10.03 8.38 -20.43
C ALA A 222 9.25 7.91 -19.18
N SER A 223 7.93 7.77 -19.33
CA SER A 223 7.07 7.32 -18.23
C SER A 223 7.42 5.89 -17.84
N SER A 224 7.06 5.50 -16.62
CA SER A 224 7.50 4.24 -16.03
C SER A 224 7.11 2.97 -16.80
N ILE A 225 6.11 3.08 -17.68
CA ILE A 225 5.73 1.96 -18.54
C ILE A 225 6.88 1.56 -19.47
N TYR A 226 7.98 2.29 -19.40
CA TYR A 226 9.17 2.00 -20.24
C TYR A 226 10.35 1.46 -19.46
N ASP A 227 10.23 1.47 -18.12
CA ASP A 227 11.25 0.91 -17.23
C ASP A 227 11.72 -0.48 -17.66
N ASP A 228 13.00 -0.78 -17.39
CA ASP A 228 13.59 -2.07 -17.75
C ASP A 228 13.62 -2.37 -19.26
N SER A 229 13.98 -1.37 -20.07
CA SER A 229 14.18 -1.60 -21.50
C SER A 229 15.64 -1.85 -21.88
N TYR A 230 16.58 -1.32 -21.09
CA TYR A 230 18.02 -1.40 -21.34
C TYR A 230 18.42 -0.73 -22.66
N LEU A 231 17.92 0.48 -22.90
CA LEU A 231 18.34 1.23 -24.07
C LEU A 231 19.84 1.46 -23.97
N GLY A 232 20.54 1.23 -25.07
CA GLY A 232 21.97 1.47 -25.09
C GLY A 232 22.75 0.28 -24.59
N TYR A 233 22.12 -0.90 -24.64
CA TYR A 233 22.80 -2.12 -24.24
C TYR A 233 23.95 -2.36 -25.24
N SER A 234 23.76 -1.86 -26.46
CA SER A 234 24.77 -1.90 -27.50
C SER A 234 24.56 -0.69 -28.40
N VAL A 235 25.59 -0.32 -29.16
CA VAL A 235 25.53 0.89 -29.98
C VAL A 235 26.33 0.78 -31.29
N ALA A 236 25.80 1.41 -32.34
CA ALA A 236 26.51 1.53 -33.61
C ALA A 236 26.21 2.89 -34.25
N VAL A 237 27.05 3.32 -35.18
CA VAL A 237 26.81 4.57 -35.94
C VAL A 237 26.72 4.31 -37.45
N GLY A 238 26.01 5.18 -38.14
CA GLY A 238 25.88 5.13 -39.61
C GLY A 238 24.86 6.14 -40.10
N GLU A 239 24.83 6.37 -41.42
CA GLU A 239 23.92 7.37 -41.97
C GLU A 239 22.61 6.77 -42.41
N PHE A 240 21.56 7.11 -41.66
CA PHE A 240 20.25 6.51 -41.89
C PHE A 240 19.19 7.57 -42.13
N SER A 241 19.55 8.82 -41.88
CA SER A 241 18.77 9.98 -42.28
C SER A 241 19.32 10.49 -43.60
N GLY A 242 18.76 11.57 -44.13
CA GLY A 242 19.21 12.14 -45.40
C GLY A 242 20.56 12.85 -45.39
N ASP A 243 20.91 13.45 -44.24
CA ASP A 243 22.03 14.40 -44.14
C ASP A 243 23.43 13.76 -44.04
N ASP A 244 24.31 14.43 -43.32
CA ASP A 244 25.74 14.14 -43.36
C ASP A 244 26.37 13.96 -41.98
N THR A 245 25.57 14.16 -40.93
CA THR A 245 26.04 13.82 -39.59
C THR A 245 25.59 12.39 -39.25
N GLU A 246 26.55 11.53 -38.96
CA GLU A 246 26.25 10.13 -38.64
C GLU A 246 25.20 9.96 -37.53
N ASP A 247 24.30 9.00 -37.73
CA ASP A 247 23.19 8.74 -36.82
C ASP A 247 23.47 7.57 -35.88
N PHE A 248 22.66 7.42 -34.82
CA PHE A 248 22.91 6.45 -33.74
C PHE A 248 22.03 5.21 -33.74
N VAL A 249 22.66 4.04 -33.72
CA VAL A 249 21.95 2.77 -33.62
C VAL A 249 22.08 2.23 -32.19
N ALA A 250 20.94 2.03 -31.53
CA ALA A 250 20.94 1.63 -30.13
C ALA A 250 20.10 0.38 -29.84
N GLY A 251 20.76 -0.65 -29.31
CA GLY A 251 20.07 -1.84 -28.80
C GLY A 251 19.13 -1.50 -27.64
N VAL A 252 17.95 -2.12 -27.67
CA VAL A 252 16.97 -1.98 -26.59
C VAL A 252 16.35 -3.36 -26.36
N PRO A 253 17.13 -4.29 -25.80
CA PRO A 253 16.83 -5.71 -25.84
C PRO A 253 15.66 -6.19 -24.97
N LYS A 254 15.31 -5.42 -23.94
CA LYS A 254 14.18 -5.79 -23.09
C LYS A 254 12.96 -4.90 -23.33
N GLY A 255 12.98 -4.21 -24.47
CA GLY A 255 12.11 -3.07 -24.72
C GLY A 255 10.62 -3.27 -24.85
N ASN A 256 10.21 -4.19 -25.72
CA ASN A 256 8.81 -4.35 -26.08
C ASN A 256 8.27 -5.64 -25.49
N LEU A 257 7.94 -5.59 -24.20
CA LEU A 257 7.64 -6.77 -23.41
C LEU A 257 8.68 -7.86 -23.66
N THR A 258 9.95 -7.48 -23.46
CA THR A 258 11.13 -8.37 -23.60
C THR A 258 11.38 -9.00 -24.98
N TYR A 259 10.47 -8.77 -25.94
CA TYR A 259 10.85 -8.84 -27.34
C TYR A 259 11.76 -7.64 -27.44
N GLY A 260 12.73 -7.68 -28.34
CA GLY A 260 13.63 -6.53 -28.43
C GLY A 260 13.16 -5.45 -29.39
N TYR A 261 13.86 -4.31 -29.38
CA TYR A 261 13.89 -3.42 -30.54
C TYR A 261 15.20 -2.66 -30.67
N VAL A 262 15.53 -2.25 -31.89
CA VAL A 262 16.66 -1.39 -32.12
C VAL A 262 16.09 -0.04 -32.52
N THR A 263 16.72 1.04 -32.04
CA THR A 263 16.33 2.39 -32.45
C THR A 263 17.44 2.97 -33.26
N ILE A 264 17.07 3.87 -34.18
CA ILE A 264 18.03 4.74 -34.84
C ILE A 264 17.66 6.19 -34.55
N LEU A 265 18.58 6.87 -33.88
CA LEU A 265 18.37 8.24 -33.41
C LEU A 265 19.06 9.19 -34.37
N ASN A 266 18.41 10.31 -34.67
CA ASN A 266 18.96 11.34 -35.57
C ASN A 266 20.23 11.96 -34.99
N GLY A 267 21.37 11.61 -35.58
CA GLY A 267 22.67 12.09 -35.12
C GLY A 267 22.68 13.55 -34.69
N SER A 268 21.84 14.35 -35.32
CA SER A 268 21.80 15.78 -35.08
C SER A 268 21.19 16.14 -33.71
N ASP A 269 19.96 15.69 -33.47
CA ASP A 269 19.23 16.08 -32.25
C ASP A 269 18.75 14.91 -31.36
N ILE A 270 19.34 13.73 -31.59
CA ILE A 270 19.06 12.51 -30.82
C ILE A 270 17.56 12.12 -30.76
N ARG A 271 16.76 12.69 -31.65
CA ARG A 271 15.35 12.33 -31.76
C ARG A 271 15.17 11.02 -32.52
N SER A 272 14.06 10.36 -32.26
CA SER A 272 13.77 9.03 -32.83
C SER A 272 13.40 9.08 -34.31
N LEU A 273 14.02 8.20 -35.10
CA LEU A 273 13.73 8.09 -36.53
C LEU A 273 13.17 6.73 -36.90
N TYR A 274 13.82 5.67 -36.43
CA TYR A 274 13.43 4.28 -36.75
C TYR A 274 13.31 3.36 -35.52
N ASN A 275 12.36 2.42 -35.58
CA ASN A 275 12.31 1.29 -34.66
C ASN A 275 12.17 -0.03 -35.42
N PHE A 276 12.98 -1.02 -35.03
CA PHE A 276 12.85 -2.36 -35.58
C PHE A 276 12.66 -3.34 -34.42
N SER A 277 11.56 -4.07 -34.43
CA SER A 277 11.22 -4.95 -33.31
C SER A 277 11.73 -6.38 -33.51
N GLY A 278 12.08 -7.04 -32.41
CA GLY A 278 12.51 -8.45 -32.45
C GLY A 278 11.35 -9.40 -32.71
N GLU A 279 11.62 -10.69 -32.94
CA GLU A 279 10.53 -11.61 -33.28
C GLU A 279 10.08 -12.49 -32.12
N GLN A 280 10.99 -12.78 -31.21
CA GLN A 280 10.74 -13.76 -30.17
C GLN A 280 11.02 -13.17 -28.81
N MET A 281 10.17 -13.50 -27.83
CA MET A 281 10.37 -13.03 -26.45
C MET A 281 11.72 -13.47 -25.88
N ALA A 282 12.37 -12.55 -25.15
CA ALA A 282 13.64 -12.80 -24.45
C ALA A 282 14.77 -13.37 -25.32
N SER A 283 14.74 -13.00 -26.60
CA SER A 283 15.74 -13.42 -27.58
C SER A 283 17.05 -12.62 -27.49
N TYR A 284 16.96 -11.45 -26.86
CA TYR A 284 18.04 -10.47 -26.79
C TYR A 284 18.38 -9.83 -28.11
N PHE A 285 17.33 -9.57 -28.90
CA PHE A 285 17.41 -8.78 -30.11
C PHE A 285 18.00 -7.46 -29.70
N GLY A 286 19.07 -7.04 -30.38
CA GLY A 286 19.74 -5.79 -30.02
C GLY A 286 20.81 -5.95 -28.95
N TYR A 287 21.20 -7.19 -28.70
CA TYR A 287 22.35 -7.53 -27.87
C TYR A 287 23.60 -6.95 -28.47
N ALA A 288 23.77 -7.16 -29.79
CA ALA A 288 24.83 -6.56 -30.59
C ALA A 288 24.27 -5.93 -31.87
N VAL A 289 24.83 -4.79 -32.27
CA VAL A 289 24.40 -4.11 -33.48
C VAL A 289 25.59 -3.56 -34.27
N ALA A 290 25.51 -3.70 -35.59
CA ALA A 290 26.52 -3.21 -36.50
C ALA A 290 25.81 -2.32 -37.50
N ALA A 291 26.57 -1.52 -38.24
CA ALA A 291 25.99 -0.70 -39.29
C ALA A 291 27.03 -0.47 -40.38
N THR A 292 26.76 -1.06 -41.54
CA THR A 292 27.68 -1.03 -42.68
C THR A 292 26.93 -1.33 -43.97
N ASP A 293 27.48 -0.86 -45.09
CA ASP A 293 26.89 -1.11 -46.39
C ASP A 293 27.40 -2.40 -46.99
N VAL A 294 26.49 -3.36 -47.18
CA VAL A 294 26.86 -4.72 -47.59
C VAL A 294 26.51 -5.05 -49.05
N ASN A 295 25.74 -4.18 -49.69
CA ASN A 295 25.25 -4.43 -51.06
C ASN A 295 25.98 -3.70 -52.20
N GLY A 296 26.31 -2.42 -52.02
CA GLY A 296 26.98 -1.68 -53.07
C GLY A 296 26.62 -0.21 -53.07
N ASP A 297 25.33 0.09 -53.25
CA ASP A 297 24.84 1.47 -53.11
C ASP A 297 25.35 2.06 -51.79
N GLY A 298 26.06 3.18 -51.87
CA GLY A 298 26.70 3.79 -50.69
C GLY A 298 25.73 4.21 -49.60
N LEU A 299 24.82 3.30 -49.26
CA LEU A 299 23.86 3.46 -48.17
C LEU A 299 24.11 2.40 -47.11
N ASP A 300 24.35 2.83 -45.87
CA ASP A 300 24.58 1.92 -44.75
C ASP A 300 23.38 1.04 -44.46
N ASP A 301 23.65 -0.22 -44.13
CA ASP A 301 22.61 -1.17 -43.80
C ASP A 301 22.70 -1.59 -42.34
N LEU A 302 21.59 -2.04 -41.80
CA LEU A 302 21.49 -2.34 -40.38
C LEU A 302 21.66 -3.83 -40.13
N LEU A 303 22.41 -4.15 -39.08
CA LEU A 303 22.60 -5.55 -38.67
C LEU A 303 22.29 -5.70 -37.19
N VAL A 304 21.44 -6.68 -36.84
CA VAL A 304 21.05 -6.90 -35.43
C VAL A 304 21.30 -8.34 -34.97
N GLY A 305 21.84 -8.47 -33.76
CA GLY A 305 22.06 -9.78 -33.16
C GLY A 305 21.03 -10.09 -32.10
N ALA A 306 20.54 -11.32 -32.12
CA ALA A 306 19.63 -11.83 -31.11
C ALA A 306 20.16 -13.21 -30.79
N PRO A 307 21.13 -13.30 -29.87
CA PRO A 307 21.87 -14.54 -29.67
C PRO A 307 21.08 -15.61 -28.93
N LEU A 308 20.00 -15.24 -28.25
CA LEU A 308 19.24 -16.20 -27.44
C LEU A 308 18.08 -16.85 -28.20
N LEU A 309 17.91 -16.48 -29.48
CA LEU A 309 16.83 -17.00 -30.30
C LEU A 309 16.78 -18.52 -30.30
N MET A 310 15.60 -19.04 -29.96
CA MET A 310 15.30 -20.46 -29.91
C MET A 310 14.45 -20.85 -31.11
N ASP A 311 14.84 -21.90 -31.84
CA ASP A 311 14.01 -22.42 -32.92
C ASP A 311 13.74 -23.91 -32.80
N ARG A 312 12.97 -24.47 -33.74
CA ARG A 312 12.70 -25.90 -33.76
C ARG A 312 13.48 -26.64 -34.84
N THR A 313 14.01 -27.80 -34.48
CA THR A 313 14.61 -28.70 -35.47
C THR A 313 13.49 -29.20 -36.39
N PRO A 314 13.85 -29.79 -37.55
CA PRO A 314 12.79 -30.40 -38.37
C PRO A 314 12.02 -31.46 -37.58
N ASP A 315 12.72 -32.16 -36.71
CA ASP A 315 12.13 -33.12 -35.77
C ASP A 315 11.63 -32.47 -34.47
N GLY A 316 11.22 -31.21 -34.55
CA GLY A 316 10.47 -30.54 -33.48
C GLY A 316 11.15 -30.19 -32.16
N ARG A 317 12.40 -30.58 -31.96
CA ARG A 317 13.10 -30.26 -30.71
C ARG A 317 13.38 -28.76 -30.68
N PRO A 318 13.07 -28.10 -29.55
CA PRO A 318 13.48 -26.70 -29.44
C PRO A 318 14.97 -26.62 -29.14
N GLN A 319 15.62 -25.54 -29.59
CA GLN A 319 17.04 -25.30 -29.28
C GLN A 319 17.43 -23.84 -29.42
N GLU A 320 18.40 -23.43 -28.61
CA GLU A 320 18.89 -22.07 -28.60
C GLU A 320 20.06 -22.00 -29.58
N VAL A 321 19.98 -21.06 -30.52
CA VAL A 321 20.97 -20.99 -31.61
C VAL A 321 21.49 -19.60 -31.92
N GLY A 322 20.67 -18.58 -31.73
CA GLY A 322 21.04 -17.21 -32.07
C GLY A 322 20.74 -16.91 -33.53
N ARG A 323 20.30 -15.67 -33.78
CA ARG A 323 19.90 -15.28 -35.12
C ARG A 323 20.31 -13.83 -35.41
N VAL A 324 20.79 -13.58 -36.63
CA VAL A 324 21.19 -12.22 -37.00
C VAL A 324 20.30 -11.71 -38.15
N TYR A 325 19.82 -10.47 -38.01
CA TYR A 325 18.89 -9.87 -38.97
C TYR A 325 19.52 -8.68 -39.70
N VAL A 326 19.45 -8.70 -41.03
CA VAL A 326 19.99 -7.63 -41.88
C VAL A 326 18.84 -6.79 -42.44
N TYR A 327 18.95 -5.47 -42.32
CA TYR A 327 17.95 -4.56 -42.85
C TYR A 327 18.59 -3.65 -43.89
N LEU A 328 18.29 -3.90 -45.16
CA LEU A 328 18.85 -3.08 -46.24
C LEU A 328 18.17 -1.72 -46.33
N GLN A 329 18.98 -0.67 -46.39
CA GLN A 329 18.44 0.69 -46.50
C GLN A 329 18.45 1.11 -47.95
N HIS A 330 17.30 1.55 -48.41
CA HIS A 330 17.12 2.03 -49.76
C HIS A 330 16.97 3.53 -49.75
N PRO A 331 17.07 4.18 -50.92
CA PRO A 331 16.80 5.63 -50.94
C PRO A 331 15.41 5.99 -50.39
N ALA A 332 14.43 5.10 -50.58
CA ALA A 332 13.07 5.29 -50.06
C ALA A 332 13.03 5.41 -48.52
N GLY A 333 13.90 4.65 -47.86
CA GLY A 333 13.98 4.59 -46.39
C GLY A 333 14.67 3.30 -45.98
N ILE A 334 14.27 2.73 -44.84
CA ILE A 334 14.70 1.38 -44.45
C ILE A 334 13.51 0.44 -44.27
N GLU A 335 13.68 -0.77 -44.81
CA GLU A 335 12.68 -1.81 -44.78
C GLU A 335 12.39 -2.23 -43.34
N PRO A 336 11.15 -2.06 -42.89
CA PRO A 336 10.77 -2.39 -41.50
C PRO A 336 10.94 -3.88 -41.15
N THR A 337 10.48 -4.76 -42.04
CA THR A 337 10.79 -6.19 -41.95
C THR A 337 12.22 -6.35 -42.44
N PRO A 338 12.94 -7.39 -41.98
CA PRO A 338 14.30 -7.49 -42.48
C PRO A 338 14.34 -8.07 -43.89
N THR A 339 15.53 -8.04 -44.49
CA THR A 339 15.78 -8.61 -45.79
C THR A 339 16.26 -10.03 -45.56
N LEU A 340 17.38 -10.16 -44.86
CA LEU A 340 17.98 -11.46 -44.57
C LEU A 340 17.83 -11.78 -43.08
N THR A 341 17.74 -13.07 -42.75
CA THR A 341 18.01 -13.55 -41.40
C THR A 341 19.07 -14.66 -41.50
N LEU A 342 20.00 -14.69 -40.56
CA LEU A 342 20.96 -15.78 -40.44
C LEU A 342 20.68 -16.54 -39.14
N THR A 343 21.08 -17.81 -39.08
CA THR A 343 20.75 -18.66 -37.96
C THR A 343 21.91 -19.61 -37.64
N GLY A 344 22.41 -19.53 -36.41
CA GLY A 344 23.49 -20.40 -35.95
C GLY A 344 23.07 -21.85 -35.93
N HIS A 345 24.06 -22.74 -35.98
CA HIS A 345 23.78 -24.17 -35.96
C HIS A 345 23.94 -24.75 -34.59
N ASP A 346 25.04 -24.42 -33.93
CA ASP A 346 25.39 -25.02 -32.64
C ASP A 346 24.44 -24.60 -31.51
N GLU A 347 24.00 -25.58 -30.75
CA GLU A 347 23.20 -25.33 -29.57
C GLU A 347 23.97 -24.49 -28.56
N PHE A 348 23.34 -23.42 -28.08
CA PHE A 348 23.90 -22.54 -27.05
C PHE A 348 25.09 -21.72 -27.54
N GLY A 349 25.59 -22.02 -28.74
CA GLY A 349 26.61 -21.20 -29.39
C GLY A 349 25.98 -19.88 -29.82
N ARG A 350 26.02 -18.90 -28.92
CA ARG A 350 25.26 -17.68 -29.11
C ARG A 350 25.70 -16.94 -30.38
N PHE A 351 25.06 -17.29 -31.48
CA PHE A 351 25.40 -16.76 -32.80
C PHE A 351 25.39 -15.23 -32.84
N GLY A 352 24.28 -14.61 -32.47
CA GLY A 352 24.18 -13.15 -32.57
C GLY A 352 25.05 -12.28 -31.67
N SER A 353 25.96 -12.88 -30.91
CA SER A 353 26.70 -12.19 -29.83
C SER A 353 27.51 -10.95 -30.18
N SER A 354 28.13 -10.93 -31.35
CA SER A 354 28.98 -9.82 -31.73
C SER A 354 29.03 -9.73 -33.22
N LEU A 355 29.21 -8.50 -33.71
CA LEU A 355 29.23 -8.23 -35.14
C LEU A 355 30.27 -7.17 -35.47
N THR A 356 31.05 -7.38 -36.53
CA THR A 356 31.91 -6.30 -37.03
C THR A 356 31.80 -6.18 -38.54
N PRO A 357 31.75 -4.92 -39.02
CA PRO A 357 32.07 -4.66 -40.41
C PRO A 357 33.55 -4.98 -40.63
N LEU A 358 33.83 -5.83 -41.62
CA LEU A 358 35.22 -6.15 -41.99
C LEU A 358 35.74 -5.27 -43.11
N GLY A 359 34.97 -4.26 -43.51
CA GLY A 359 35.25 -3.47 -44.71
C GLY A 359 34.98 -4.35 -45.91
N ASP A 360 35.88 -4.32 -46.90
CA ASP A 360 35.80 -5.28 -48.01
C ASP A 360 37.00 -6.23 -47.96
N LEU A 361 36.78 -7.42 -47.40
CA LEU A 361 37.85 -8.36 -47.09
C LEU A 361 38.56 -8.94 -48.33
N ASP A 362 37.76 -9.38 -49.31
CA ASP A 362 38.28 -9.97 -50.53
C ASP A 362 38.41 -8.94 -51.65
N GLN A 363 38.47 -7.66 -51.25
CA GLN A 363 38.68 -6.55 -52.17
C GLN A 363 37.88 -6.60 -53.50
N ASP A 364 36.72 -7.28 -53.46
CA ASP A 364 35.87 -7.45 -54.64
C ASP A 364 34.77 -6.37 -54.80
N GLY A 365 34.91 -5.24 -54.12
CA GLY A 365 33.99 -4.12 -54.26
C GLY A 365 32.71 -4.25 -53.45
N TYR A 366 32.70 -5.17 -52.48
CA TYR A 366 31.55 -5.39 -51.59
C TYR A 366 31.99 -5.51 -50.14
N ASN A 367 31.26 -4.86 -49.24
CA ASN A 367 31.61 -4.92 -47.84
C ASN A 367 31.13 -6.21 -47.19
N ASP A 368 32.02 -6.82 -46.40
CA ASP A 368 31.75 -8.09 -45.73
C ASP A 368 31.60 -7.91 -44.22
N VAL A 369 31.10 -8.96 -43.55
CA VAL A 369 30.69 -8.90 -42.13
C VAL A 369 31.27 -10.09 -41.37
N ALA A 370 31.68 -9.89 -40.11
CA ALA A 370 32.05 -11.02 -39.22
C ALA A 370 31.15 -11.12 -38.00
N ILE A 371 30.72 -12.35 -37.69
CA ILE A 371 29.74 -12.65 -36.62
C ILE A 371 30.26 -13.79 -35.75
N GLY A 372 30.10 -13.69 -34.44
CA GLY A 372 30.63 -14.72 -33.55
C GLY A 372 29.65 -15.52 -32.70
N ALA A 373 29.91 -16.82 -32.57
CA ALA A 373 29.21 -17.67 -31.61
C ALA A 373 30.22 -18.13 -30.56
N PRO A 374 30.33 -17.40 -29.44
CA PRO A 374 31.40 -17.69 -28.48
C PRO A 374 31.36 -19.07 -27.85
N PHE A 375 30.34 -19.87 -28.20
CA PHE A 375 30.18 -21.23 -27.66
C PHE A 375 29.93 -22.29 -28.74
N GLY A 376 29.85 -21.83 -29.98
CA GLY A 376 29.85 -22.71 -31.15
C GLY A 376 31.17 -23.43 -31.25
N GLY A 377 31.21 -24.44 -32.14
CA GLY A 377 32.38 -25.28 -32.35
C GLY A 377 32.30 -26.60 -31.62
N GLU A 378 33.01 -27.59 -32.14
CA GLU A 378 33.03 -28.96 -31.61
C GLU A 378 33.20 -29.12 -30.10
N THR A 379 33.84 -28.15 -29.46
CA THR A 379 34.18 -28.30 -28.04
C THR A 379 33.81 -27.06 -27.20
N GLN A 380 32.94 -26.22 -27.75
CA GLN A 380 32.39 -25.03 -27.07
C GLN A 380 33.37 -23.87 -26.92
N GLN A 381 34.55 -23.99 -27.52
CA GLN A 381 35.60 -22.96 -27.45
C GLN A 381 35.16 -21.60 -28.01
N GLY A 382 34.36 -21.63 -29.07
CA GLY A 382 33.95 -20.42 -29.77
C GLY A 382 34.28 -20.46 -31.25
N VAL A 383 33.57 -19.64 -32.03
CA VAL A 383 33.65 -19.64 -33.49
C VAL A 383 33.31 -18.24 -34.04
N VAL A 384 34.04 -17.81 -35.08
CA VAL A 384 33.64 -16.59 -35.82
C VAL A 384 33.31 -16.93 -37.28
N PHE A 385 32.26 -16.29 -37.79
CA PHE A 385 31.80 -16.49 -39.16
C PHE A 385 32.03 -15.26 -40.02
N VAL A 386 32.57 -15.47 -41.22
CA VAL A 386 32.74 -14.39 -42.21
C VAL A 386 31.70 -14.60 -43.31
N PHE A 387 30.82 -13.62 -43.50
CA PHE A 387 29.79 -13.68 -44.52
C PHE A 387 30.07 -12.62 -45.58
N PRO A 388 30.06 -13.01 -46.87
CA PRO A 388 30.44 -12.08 -47.94
C PRO A 388 29.30 -11.20 -48.46
N GLY A 389 29.61 -9.93 -48.71
CA GLY A 389 28.67 -9.02 -49.33
C GLY A 389 28.55 -9.25 -50.83
N GLY A 390 27.32 -9.19 -51.33
CA GLY A 390 27.07 -9.33 -52.75
C GLY A 390 26.17 -8.22 -53.20
N PRO A 391 25.96 -8.11 -54.53
CA PRO A 391 25.06 -7.13 -55.14
C PRO A 391 23.65 -7.14 -54.54
N GLY A 392 23.12 -8.34 -54.29
CA GLY A 392 21.76 -8.47 -53.76
C GLY A 392 21.67 -8.74 -52.27
N GLY A 393 22.52 -8.08 -51.49
CA GLY A 393 22.54 -8.25 -50.03
C GLY A 393 23.68 -9.11 -49.51
N LEU A 394 23.73 -9.28 -48.18
CA LEU A 394 24.77 -10.07 -47.52
C LEU A 394 24.60 -11.56 -47.78
N GLY A 395 25.70 -12.23 -48.11
CA GLY A 395 25.71 -13.66 -48.44
C GLY A 395 25.22 -14.55 -47.32
N SER A 396 24.30 -15.46 -47.64
CA SER A 396 23.70 -16.32 -46.62
C SER A 396 24.54 -17.56 -46.29
N LYS A 397 25.75 -17.62 -46.83
CA LYS A 397 26.68 -18.71 -46.49
C LYS A 397 28.07 -18.15 -46.23
N PRO A 398 28.78 -18.70 -45.23
CA PRO A 398 30.07 -18.16 -44.77
C PRO A 398 31.25 -18.42 -45.70
N SER A 399 32.02 -17.38 -45.99
CA SER A 399 33.20 -17.51 -46.83
C SER A 399 34.38 -18.06 -46.03
N GLN A 400 34.28 -18.02 -44.71
CA GLN A 400 35.29 -18.64 -43.85
C GLN A 400 34.78 -18.86 -42.43
N VAL A 401 35.34 -19.89 -41.77
CA VAL A 401 35.02 -20.21 -40.39
C VAL A 401 36.32 -20.14 -39.57
N LEU A 402 36.31 -19.36 -38.49
CA LEU A 402 37.49 -19.26 -37.63
C LEU A 402 37.29 -19.98 -36.31
N GLN A 403 38.29 -20.77 -35.92
CA GLN A 403 38.27 -21.47 -34.64
C GLN A 403 39.66 -21.45 -33.98
N PRO A 404 39.71 -21.38 -32.63
CA PRO A 404 41.00 -21.34 -31.93
C PRO A 404 41.82 -22.63 -32.06
N LEU A 405 43.07 -22.50 -32.50
CA LEU A 405 43.93 -23.65 -32.75
C LEU A 405 44.45 -24.30 -31.47
N TRP A 406 44.17 -23.70 -30.32
CA TRP A 406 44.57 -24.31 -29.04
C TRP A 406 43.53 -25.26 -28.49
N ALA A 407 43.95 -26.11 -27.57
CA ALA A 407 43.05 -27.05 -26.91
C ALA A 407 42.20 -26.34 -25.87
N ALA A 408 40.96 -26.78 -25.71
CA ALA A 408 40.06 -26.21 -24.71
C ALA A 408 40.69 -26.30 -23.33
N SER A 409 40.54 -25.24 -22.55
CA SER A 409 40.99 -25.22 -21.17
C SER A 409 39.87 -25.83 -20.32
N HIS A 410 39.96 -25.66 -19.01
CA HIS A 410 38.88 -26.09 -18.14
C HIS A 410 37.73 -25.11 -18.20
N THR A 411 38.05 -23.83 -18.36
CA THR A 411 37.05 -22.78 -18.50
C THR A 411 36.86 -22.36 -19.97
N PRO A 412 35.63 -21.91 -20.33
CA PRO A 412 35.27 -21.43 -21.66
C PRO A 412 36.18 -20.31 -22.19
N ASP A 413 36.52 -20.39 -23.46
CA ASP A 413 37.45 -19.47 -24.09
C ASP A 413 36.79 -18.14 -24.46
N PHE A 414 35.47 -18.18 -24.67
CA PHE A 414 34.73 -17.04 -25.21
C PHE A 414 35.32 -16.53 -26.54
N PHE A 415 35.98 -17.42 -27.27
CA PHE A 415 36.57 -17.03 -28.54
C PHE A 415 35.51 -16.45 -29.46
N GLY A 416 35.67 -15.18 -29.81
CA GLY A 416 34.79 -14.54 -30.77
C GLY A 416 33.73 -13.68 -30.15
N SER A 417 33.79 -13.53 -28.82
CA SER A 417 32.84 -12.71 -28.09
C SER A 417 33.05 -11.22 -28.33
N ALA A 418 34.24 -10.87 -28.82
CA ALA A 418 34.55 -9.50 -29.21
C ALA A 418 35.31 -9.46 -30.54
N LEU A 419 34.98 -8.48 -31.36
CA LEU A 419 35.45 -8.42 -32.72
C LEU A 419 35.66 -6.97 -33.14
N ARG A 420 36.71 -6.75 -33.94
CA ARG A 420 36.91 -5.49 -34.65
C ARG A 420 37.63 -5.74 -35.99
N GLY A 421 37.04 -5.26 -37.08
CA GLY A 421 37.61 -5.45 -38.41
C GLY A 421 37.40 -4.21 -39.27
N GLY A 422 37.92 -4.25 -40.50
CA GLY A 422 37.76 -3.12 -41.44
C GLY A 422 38.86 -2.08 -41.40
N ARG A 423 40.05 -2.49 -40.97
CA ARG A 423 41.22 -1.63 -40.97
C ARG A 423 42.48 -2.42 -41.33
N ASP A 424 43.50 -1.70 -41.77
CA ASP A 424 44.64 -2.32 -42.43
C ASP A 424 45.95 -2.20 -41.67
N LEU A 425 46.29 -3.26 -40.92
CA LEU A 425 47.47 -3.30 -40.06
C LEU A 425 48.80 -3.44 -40.81
N ASP A 426 48.80 -4.25 -41.87
CA ASP A 426 50.03 -4.54 -42.61
C ASP A 426 50.15 -3.67 -43.88
N GLY A 427 51.03 -4.10 -44.80
CA GLY A 427 51.25 -3.41 -46.08
C GLY A 427 50.05 -3.48 -47.01
N ASN A 428 49.66 -4.70 -47.39
CA ASN A 428 48.59 -4.97 -48.37
C ASN A 428 47.32 -4.13 -48.23
N GLY A 429 46.65 -3.85 -49.34
CA GLY A 429 45.35 -3.16 -49.32
C GLY A 429 44.21 -4.12 -49.00
N TYR A 430 44.45 -4.99 -48.02
CA TYR A 430 43.45 -5.97 -47.57
C TYR A 430 43.16 -5.74 -46.09
N PRO A 431 41.88 -5.55 -45.73
CA PRO A 431 41.57 -5.31 -44.31
C PRO A 431 41.83 -6.54 -43.44
N ASP A 432 42.08 -6.32 -42.16
CA ASP A 432 42.42 -7.41 -41.25
C ASP A 432 41.38 -7.53 -40.12
N LEU A 433 41.70 -8.32 -39.08
CA LEU A 433 40.69 -8.68 -38.08
C LEU A 433 41.21 -9.14 -36.71
N ILE A 434 40.75 -8.45 -35.67
CA ILE A 434 41.03 -8.79 -34.27
C ILE A 434 39.85 -9.50 -33.62
N VAL A 435 40.10 -10.72 -33.14
CA VAL A 435 39.08 -11.52 -32.47
C VAL A 435 39.53 -11.75 -31.03
N GLY A 436 38.63 -11.50 -30.08
CA GLY A 436 38.98 -11.54 -28.66
C GLY A 436 38.56 -12.81 -27.96
N SER A 437 39.51 -13.52 -27.35
CA SER A 437 39.21 -14.74 -26.62
C SER A 437 39.48 -14.55 -25.11
N PHE A 438 38.68 -13.70 -24.49
CA PHE A 438 38.95 -13.24 -23.14
C PHE A 438 38.95 -14.35 -22.08
N GLY A 439 38.28 -15.46 -22.38
CA GLY A 439 38.16 -16.54 -21.41
C GLY A 439 39.50 -17.12 -21.02
N VAL A 440 40.46 -17.03 -21.93
CA VAL A 440 41.81 -17.54 -21.74
C VAL A 440 42.86 -16.44 -21.94
N ASP A 441 42.43 -15.20 -21.72
CA ASP A 441 43.27 -13.98 -21.79
C ASP A 441 44.11 -13.88 -23.06
N LYS A 442 43.43 -13.91 -24.21
CA LYS A 442 44.08 -13.86 -25.51
C LYS A 442 43.30 -13.01 -26.49
N ALA A 443 44.01 -12.41 -27.44
CA ALA A 443 43.40 -11.80 -28.62
C ALA A 443 44.17 -12.22 -29.85
N VAL A 444 43.43 -12.56 -30.90
CA VAL A 444 44.03 -13.04 -32.13
C VAL A 444 43.88 -12.01 -33.22
N VAL A 445 45.00 -11.72 -33.89
CA VAL A 445 45.02 -10.82 -35.05
C VAL A 445 45.11 -11.67 -36.30
N TYR A 446 44.11 -11.55 -37.17
CA TYR A 446 44.11 -12.22 -38.46
C TYR A 446 44.40 -11.18 -39.51
N ARG A 447 45.13 -11.57 -40.54
CA ARG A 447 45.49 -10.65 -41.62
C ARG A 447 44.90 -11.04 -42.96
N GLY A 448 44.47 -10.03 -43.72
CA GLY A 448 43.97 -10.22 -45.07
C GLY A 448 45.10 -10.57 -46.02
N ARG A 449 44.91 -11.64 -46.79
CA ARG A 449 45.90 -12.16 -47.73
C ARG A 449 45.67 -11.70 -49.17
N PRO A 450 46.75 -11.52 -49.95
CA PRO A 450 46.57 -11.15 -51.36
C PRO A 450 45.79 -12.23 -52.09
N ILE A 451 44.80 -11.81 -52.88
CA ILE A 451 43.97 -12.76 -53.62
C ILE A 451 44.37 -12.84 -55.09
N VAL A 452 44.71 -14.06 -55.51
CA VAL A 452 44.96 -14.38 -56.90
C VAL A 452 43.84 -15.28 -57.39
N SER A 453 43.18 -14.87 -58.47
CA SER A 453 42.25 -15.77 -59.16
C SER A 453 42.79 -16.18 -60.54
N ALA A 454 42.82 -17.48 -60.78
CA ALA A 454 43.23 -18.05 -62.06
C ALA A 454 42.09 -18.86 -62.70
N SER A 455 42.35 -19.34 -63.91
CA SER A 455 41.46 -20.32 -64.55
C SER A 455 42.22 -20.98 -65.67
N ALA A 456 42.14 -22.31 -65.74
CA ALA A 456 42.85 -23.06 -66.76
C ALA A 456 41.92 -23.72 -67.77
N SER A 457 42.37 -23.81 -69.01
CA SER A 457 41.70 -24.61 -70.04
C SER A 457 42.65 -25.71 -70.47
N LEU A 458 42.08 -26.87 -70.80
CA LEU A 458 42.85 -28.03 -71.24
C LEU A 458 42.15 -28.71 -72.43
N THR A 459 42.77 -28.66 -73.61
CA THR A 459 42.16 -29.23 -74.81
C THR A 459 43.07 -30.22 -75.51
N ILE A 460 42.47 -31.30 -75.99
CA ILE A 460 43.15 -32.42 -76.64
C ILE A 460 42.82 -32.37 -78.13
N PHE A 461 43.83 -32.10 -78.97
CA PHE A 461 43.59 -31.80 -80.39
C PHE A 461 42.98 -32.95 -81.21
N PRO A 462 43.69 -34.10 -81.30
CA PRO A 462 43.01 -35.22 -81.95
C PRO A 462 42.44 -36.18 -80.90
N ALA A 463 41.25 -35.85 -80.38
CA ALA A 463 40.63 -36.59 -79.26
C ALA A 463 40.49 -38.10 -79.44
N MET A 464 40.41 -38.55 -80.70
CA MET A 464 40.40 -39.98 -81.00
C MET A 464 41.83 -40.51 -81.05
N PHE A 465 42.10 -41.52 -80.24
CA PHE A 465 43.32 -42.29 -80.42
C PHE A 465 43.11 -43.28 -81.57
N ASN A 466 43.90 -43.13 -82.64
CA ASN A 466 43.90 -44.06 -83.75
C ASN A 466 45.17 -44.93 -83.71
N PRO A 467 45.06 -46.16 -83.15
CA PRO A 467 46.22 -46.98 -82.83
C PRO A 467 47.11 -47.34 -84.03
N GLU A 468 46.49 -47.48 -85.20
CA GLU A 468 47.22 -47.83 -86.41
C GLU A 468 47.81 -46.62 -87.14
N GLU A 469 47.18 -45.46 -86.99
CA GLU A 469 47.69 -44.22 -87.58
C GLU A 469 48.71 -43.60 -86.63
N ARG A 470 49.99 -43.86 -86.92
CA ARG A 470 51.10 -43.46 -86.07
C ARG A 470 52.01 -42.51 -86.83
N SER A 471 51.80 -41.20 -86.67
CA SER A 471 52.53 -40.22 -87.46
C SER A 471 53.58 -39.44 -86.68
N CYS A 472 54.19 -40.10 -85.70
CA CYS A 472 55.41 -39.60 -85.03
C CYS A 472 56.14 -40.76 -84.34
N SER A 473 57.44 -40.56 -84.05
CA SER A 473 58.26 -41.59 -83.43
C SER A 473 59.08 -41.03 -82.26
N LEU A 474 59.81 -41.93 -81.59
CA LEU A 474 60.77 -41.54 -80.57
C LEU A 474 61.95 -42.52 -80.60
N GLU A 475 61.62 -43.81 -80.49
CA GLU A 475 62.56 -44.90 -80.62
C GLU A 475 62.62 -45.26 -82.11
N GLY A 476 62.98 -46.51 -82.41
CA GLY A 476 62.89 -47.03 -83.76
C GLY A 476 61.47 -47.01 -84.26
N ASN A 477 60.54 -47.47 -83.43
CA ASN A 477 59.14 -47.60 -83.81
C ASN A 477 58.38 -46.27 -83.90
N PRO A 478 57.41 -46.18 -84.83
CA PRO A 478 56.45 -45.07 -84.85
C PRO A 478 55.35 -45.33 -83.85
N VAL A 479 54.74 -44.24 -83.36
CA VAL A 479 53.68 -44.31 -82.35
C VAL A 479 52.58 -43.30 -82.65
N ALA A 480 51.37 -43.57 -82.17
CA ALA A 480 50.23 -42.70 -82.43
C ALA A 480 50.15 -41.59 -81.39
N CYS A 481 50.52 -40.37 -81.78
CA CYS A 481 50.55 -39.25 -80.83
C CYS A 481 49.38 -38.27 -80.94
N ILE A 482 49.17 -37.53 -79.85
CA ILE A 482 48.10 -36.55 -79.69
C ILE A 482 48.68 -35.26 -79.14
N ASN A 483 48.07 -34.13 -79.50
CA ASN A 483 48.50 -32.83 -78.97
C ASN A 483 47.75 -32.39 -77.71
N LEU A 484 48.48 -32.33 -76.59
CA LEU A 484 48.00 -31.69 -75.36
C LEU A 484 48.40 -30.22 -75.31
N SER A 485 47.41 -29.38 -75.04
CA SER A 485 47.65 -27.98 -74.75
C SER A 485 46.84 -27.57 -73.53
N PHE A 486 47.39 -26.65 -72.75
CA PHE A 486 46.71 -26.08 -71.60
C PHE A 486 47.07 -24.60 -71.45
N CYS A 487 46.11 -23.80 -70.99
CA CYS A 487 46.31 -22.36 -70.92
C CYS A 487 45.91 -21.84 -69.53
N LEU A 488 46.43 -20.68 -69.14
CA LEU A 488 46.35 -20.25 -67.74
C LEU A 488 46.32 -18.73 -67.53
N ASN A 489 45.13 -18.21 -67.22
CA ASN A 489 44.91 -16.79 -66.91
C ASN A 489 44.86 -16.55 -65.42
N ALA A 490 45.69 -15.64 -64.92
CA ALA A 490 45.67 -15.29 -63.50
C ALA A 490 45.74 -13.78 -63.25
N SER A 491 44.98 -13.31 -62.27
CA SER A 491 45.00 -11.89 -61.89
C SER A 491 44.76 -11.69 -60.39
N GLY A 492 45.10 -10.49 -59.90
CA GLY A 492 44.95 -10.15 -58.49
C GLY A 492 45.35 -8.73 -58.19
N LYS A 493 44.59 -8.06 -57.32
CA LYS A 493 44.74 -6.62 -57.09
C LYS A 493 46.12 -6.19 -56.56
N HIS A 494 46.44 -6.57 -55.33
CA HIS A 494 47.66 -6.09 -54.68
C HIS A 494 48.80 -7.07 -54.72
N VAL A 495 48.78 -7.96 -55.71
CA VAL A 495 49.80 -9.01 -55.88
C VAL A 495 50.92 -8.57 -56.83
N ALA A 496 52.05 -9.25 -56.78
CA ALA A 496 53.17 -9.00 -57.70
C ALA A 496 52.81 -9.29 -59.16
N ASP A 497 53.53 -8.67 -60.09
CA ASP A 497 53.22 -8.74 -61.53
C ASP A 497 53.33 -10.14 -62.15
N SER A 498 54.35 -10.89 -61.74
CA SER A 498 54.53 -12.25 -62.22
C SER A 498 54.30 -13.26 -61.09
N ILE A 499 53.42 -14.21 -61.37
CA ILE A 499 52.90 -15.15 -60.37
C ILE A 499 53.29 -16.61 -60.68
N GLY A 500 54.06 -17.22 -59.78
CA GLY A 500 54.45 -18.61 -59.89
C GLY A 500 53.29 -19.59 -59.71
N PHE A 501 53.20 -20.55 -60.62
CA PHE A 501 52.23 -21.64 -60.56
C PHE A 501 52.97 -22.92 -60.90
N THR A 502 52.73 -23.98 -60.13
CA THR A 502 53.18 -25.31 -60.55
C THR A 502 51.98 -26.04 -61.14
N VAL A 503 52.23 -26.78 -62.22
CA VAL A 503 51.16 -27.44 -62.98
C VAL A 503 51.46 -28.93 -63.18
N GLU A 504 50.49 -29.76 -62.82
CA GLU A 504 50.65 -31.22 -62.87
C GLU A 504 49.63 -31.90 -63.78
N LEU A 505 50.12 -32.50 -64.86
CA LEU A 505 49.29 -33.27 -65.77
C LEU A 505 49.37 -34.75 -65.43
N GLN A 506 48.22 -35.41 -65.35
CA GLN A 506 48.17 -36.85 -65.09
C GLN A 506 47.44 -37.59 -66.21
N LEU A 507 48.17 -38.44 -66.92
CA LEU A 507 47.61 -39.27 -67.99
C LEU A 507 47.24 -40.65 -67.48
N ASP A 508 46.06 -41.13 -67.86
CA ASP A 508 45.45 -42.35 -67.30
C ASP A 508 45.24 -42.23 -65.80
N TRP A 509 44.61 -41.12 -65.42
CA TRP A 509 44.41 -40.76 -64.01
C TRP A 509 43.54 -41.74 -63.27
N GLN A 510 42.40 -42.12 -63.86
CA GLN A 510 41.45 -43.03 -63.20
C GLN A 510 41.99 -44.46 -63.07
N LYS A 511 43.17 -44.70 -63.64
CA LYS A 511 43.87 -45.98 -63.50
C LYS A 511 44.87 -45.96 -62.33
N GLN A 512 44.68 -45.02 -61.39
CA GLN A 512 45.58 -44.85 -60.23
C GLN A 512 45.87 -46.17 -59.49
N LYS A 513 44.87 -47.05 -59.46
CA LYS A 513 45.00 -48.40 -58.93
C LYS A 513 46.13 -49.09 -59.67
N GLY A 514 47.23 -49.40 -58.96
CA GLY A 514 48.46 -49.94 -59.53
C GLY A 514 48.29 -50.94 -60.67
N GLY A 515 48.15 -50.41 -61.89
CA GLY A 515 47.93 -51.23 -63.09
C GLY A 515 48.75 -50.72 -64.26
N VAL A 516 48.19 -50.80 -65.46
CA VAL A 516 48.89 -50.36 -66.68
C VAL A 516 48.42 -48.97 -67.11
N ARG A 517 49.36 -48.11 -67.50
CA ARG A 517 49.05 -46.76 -67.96
C ARG A 517 49.41 -46.59 -69.42
N ARG A 518 48.40 -46.25 -70.22
CA ARG A 518 48.43 -46.41 -71.67
C ARG A 518 48.92 -45.18 -72.47
N ALA A 519 48.80 -43.99 -71.89
CA ALA A 519 49.32 -42.77 -72.51
C ALA A 519 50.57 -42.25 -71.80
N LEU A 520 51.56 -41.84 -72.58
CA LEU A 520 52.80 -41.29 -72.04
C LEU A 520 53.24 -40.05 -72.84
N PHE A 521 54.04 -39.20 -72.22
CA PHE A 521 54.56 -38.01 -72.86
C PHE A 521 55.71 -38.37 -73.78
N LEU A 522 55.70 -37.80 -74.99
CA LEU A 522 56.73 -38.06 -76.00
C LEU A 522 58.13 -37.66 -75.49
N ALA A 523 58.16 -36.64 -74.64
CA ALA A 523 59.41 -36.09 -74.12
C ALA A 523 60.06 -36.97 -73.05
N SER A 524 59.25 -37.46 -72.12
CA SER A 524 59.76 -38.11 -70.91
C SER A 524 59.49 -39.62 -70.81
N ARG A 525 58.67 -40.14 -71.73
CA ARG A 525 58.20 -41.54 -71.69
C ARG A 525 57.57 -41.93 -70.34
N GLN A 526 56.99 -40.95 -69.66
CA GLN A 526 56.30 -41.17 -68.39
C GLN A 526 54.89 -40.61 -68.47
N ALA A 527 54.10 -40.86 -67.42
CA ALA A 527 52.67 -40.54 -67.43
C ALA A 527 52.31 -39.18 -66.85
N THR A 528 53.13 -38.66 -65.93
CA THR A 528 52.83 -37.38 -65.29
C THR A 528 53.90 -36.34 -65.60
N LEU A 529 53.53 -35.08 -65.50
CA LEU A 529 54.44 -33.97 -65.74
C LEU A 529 54.12 -32.76 -64.86
N THR A 530 54.97 -32.55 -63.85
CA THR A 530 54.93 -31.33 -63.04
C THR A 530 55.85 -30.28 -63.68
N GLN A 531 55.52 -29.02 -63.49
CA GLN A 531 56.17 -27.94 -64.23
C GLN A 531 56.00 -26.65 -63.45
N THR A 532 56.72 -25.62 -63.86
CA THR A 532 56.56 -24.28 -63.32
C THR A 532 56.23 -23.33 -64.46
N LEU A 533 55.36 -22.35 -64.20
CA LEU A 533 55.06 -21.29 -65.14
C LEU A 533 55.06 -19.95 -64.43
N LEU A 534 55.59 -18.92 -65.07
CA LEU A 534 55.37 -17.56 -64.61
C LEU A 534 54.26 -16.92 -65.43
N ILE A 535 53.16 -16.56 -64.76
CA ILE A 535 52.02 -15.93 -65.41
C ILE A 535 52.05 -14.45 -65.04
N GLN A 536 51.67 -13.58 -65.97
CA GLN A 536 51.62 -12.16 -65.65
C GLN A 536 50.19 -11.72 -65.29
N ASN A 537 50.09 -10.67 -64.48
CA ASN A 537 48.82 -10.27 -63.85
C ASN A 537 47.62 -10.06 -64.79
N GLY A 538 47.78 -9.28 -65.84
CA GLY A 538 46.68 -9.08 -66.79
C GLY A 538 46.98 -9.73 -68.13
N ALA A 539 47.85 -10.73 -68.13
CA ALA A 539 48.40 -11.29 -69.36
C ALA A 539 47.42 -12.08 -70.22
N ARG A 540 47.91 -12.49 -71.38
CA ARG A 540 47.20 -13.38 -72.28
C ARG A 540 46.97 -14.76 -71.64
N GLU A 541 46.01 -15.48 -72.21
CA GLU A 541 45.90 -16.91 -71.98
C GLU A 541 47.24 -17.49 -72.37
N ASP A 542 48.03 -17.84 -71.36
CA ASP A 542 49.40 -18.26 -71.57
C ASP A 542 49.50 -19.77 -71.81
N CYS A 543 49.54 -20.18 -73.08
CA CYS A 543 49.45 -21.60 -73.43
C CYS A 543 50.79 -22.31 -73.51
N ARG A 544 50.76 -23.62 -73.27
CA ARG A 544 51.90 -24.51 -73.51
C ARG A 544 51.40 -25.72 -74.31
N GLU A 545 52.27 -26.29 -75.13
CA GLU A 545 51.92 -27.43 -75.96
C GLU A 545 52.80 -28.65 -75.69
N MET A 546 52.31 -29.83 -76.05
CA MET A 546 53.02 -31.09 -75.83
C MET A 546 52.38 -32.27 -76.55
N LYS A 547 53.21 -33.27 -76.88
CA LYS A 547 52.75 -34.46 -77.59
C LYS A 547 52.73 -35.69 -76.68
N ILE A 548 51.62 -36.41 -76.73
CA ILE A 548 51.47 -37.68 -76.00
C ILE A 548 51.17 -38.83 -76.96
N TYR A 549 51.77 -39.98 -76.72
CA TYR A 549 51.59 -41.14 -77.57
C TYR A 549 50.87 -42.27 -76.83
N LEU A 550 50.13 -43.09 -77.58
CA LEU A 550 49.56 -44.32 -77.06
C LEU A 550 50.68 -45.36 -77.06
N ARG A 551 50.69 -46.21 -76.04
CA ARG A 551 51.73 -47.22 -75.90
C ARG A 551 51.85 -48.09 -77.16
N ASN A 552 53.08 -48.26 -77.62
CA ASN A 552 53.42 -49.04 -78.83
C ASN A 552 52.99 -50.49 -78.71
N GLU A 553 52.37 -50.80 -77.57
CA GLU A 553 51.88 -52.12 -77.27
C GLU A 553 50.53 -52.39 -77.93
N SER A 554 50.51 -53.47 -78.71
CA SER A 554 49.28 -54.18 -78.96
C SER A 554 49.31 -55.27 -77.89
N GLU A 555 49.71 -54.84 -76.69
CA GLU A 555 50.13 -55.73 -75.61
C GLU A 555 49.43 -55.46 -74.28
N PHE A 556 49.18 -54.19 -73.95
CA PHE A 556 48.32 -53.85 -72.81
C PHE A 556 46.88 -54.30 -73.10
N ARG A 557 46.18 -54.78 -72.09
CA ARG A 557 44.88 -55.44 -72.28
C ARG A 557 43.71 -54.48 -72.49
N ASP A 558 43.58 -53.51 -71.59
CA ASP A 558 42.45 -52.58 -71.58
C ASP A 558 42.35 -51.73 -72.85
N LYS A 559 41.45 -52.12 -73.75
CA LYS A 559 41.27 -51.41 -75.02
C LYS A 559 39.96 -50.61 -75.05
N LEU A 560 39.07 -50.89 -74.08
CA LEU A 560 37.75 -50.26 -74.00
C LEU A 560 37.78 -48.93 -73.26
N SER A 561 38.08 -48.97 -71.97
CA SER A 561 37.98 -47.80 -71.10
C SER A 561 38.77 -46.61 -71.63
N PRO A 562 38.22 -45.38 -71.48
CA PRO A 562 38.85 -44.17 -72.01
C PRO A 562 40.13 -43.80 -71.24
N ILE A 563 41.01 -43.05 -71.90
CA ILE A 563 42.20 -42.53 -71.23
C ILE A 563 41.88 -41.17 -70.60
N HIS A 564 41.90 -41.14 -69.27
CA HIS A 564 41.57 -39.93 -68.54
C HIS A 564 42.78 -39.06 -68.32
N ILE A 565 42.59 -37.75 -68.43
CA ILE A 565 43.65 -36.76 -68.26
C ILE A 565 43.24 -35.78 -67.17
N ALA A 566 44.19 -35.42 -66.32
CA ALA A 566 43.88 -34.42 -65.28
C ALA A 566 44.98 -33.37 -65.09
N LEU A 567 44.61 -32.12 -65.37
CA LEU A 567 45.43 -30.98 -65.01
C LEU A 567 44.96 -30.45 -63.67
N ASN A 568 45.88 -30.38 -62.71
CA ASN A 568 45.69 -29.51 -61.54
C ASN A 568 46.85 -28.53 -61.35
N PHE A 569 46.53 -27.32 -60.91
CA PHE A 569 47.55 -26.30 -60.66
C PHE A 569 47.43 -25.70 -59.26
N SER A 570 48.51 -25.11 -58.76
CA SER A 570 48.45 -24.30 -57.54
C SER A 570 49.52 -23.21 -57.53
N LEU A 571 49.24 -22.12 -56.82
CA LEU A 571 50.22 -21.07 -56.56
C LEU A 571 51.50 -21.68 -56.00
N ASP A 572 52.64 -21.36 -56.60
CA ASP A 572 53.92 -21.88 -56.14
C ASP A 572 54.10 -21.53 -54.67
N PRO A 573 54.29 -22.56 -53.83
CA PRO A 573 54.45 -22.35 -52.40
C PRO A 573 55.88 -21.97 -52.00
N GLN A 574 56.64 -21.39 -52.93
CA GLN A 574 58.03 -21.03 -52.66
C GLN A 574 58.38 -19.65 -53.21
N ALA A 575 59.40 -19.04 -52.59
CA ALA A 575 60.01 -17.77 -53.03
C ALA A 575 59.14 -16.49 -53.09
N PRO A 576 57.92 -16.53 -52.53
CA PRO A 576 56.99 -15.48 -52.92
C PRO A 576 56.83 -14.32 -51.93
N VAL A 577 57.51 -14.37 -50.79
CA VAL A 577 57.28 -13.41 -49.70
C VAL A 577 57.73 -11.98 -50.05
N ASP A 578 56.81 -11.02 -49.92
CA ASP A 578 57.08 -9.61 -50.25
C ASP A 578 57.19 -8.69 -49.02
N SER A 579 56.40 -7.61 -48.98
CA SER A 579 56.49 -6.58 -47.93
C SER A 579 56.40 -7.13 -46.50
N HIS A 580 55.32 -7.85 -46.21
CA HIS A 580 55.16 -8.56 -44.93
C HIS A 580 54.85 -10.01 -45.15
N GLY A 581 55.56 -10.88 -44.42
CA GLY A 581 55.58 -12.33 -44.66
C GLY A 581 54.24 -13.03 -44.79
N LEU A 582 53.64 -12.94 -45.98
CA LEU A 582 52.26 -13.35 -46.20
C LEU A 582 52.01 -13.83 -47.62
N ARG A 583 52.02 -15.14 -47.82
CA ARG A 583 51.82 -15.75 -49.15
C ARG A 583 50.42 -15.48 -49.71
N PRO A 584 50.31 -15.23 -51.03
CA PRO A 584 49.02 -14.98 -51.68
C PRO A 584 48.10 -16.20 -51.69
N ALA A 585 46.82 -15.96 -51.92
CA ALA A 585 45.81 -17.01 -51.82
C ALA A 585 45.01 -17.17 -53.12
N LEU A 586 44.70 -18.41 -53.46
CA LEU A 586 43.83 -18.73 -54.60
C LEU A 586 42.38 -18.41 -54.27
N HIS A 587 41.69 -17.76 -55.21
CA HIS A 587 40.27 -17.48 -55.03
C HIS A 587 39.52 -18.79 -55.06
N TYR A 588 38.72 -19.04 -54.02
CA TYR A 588 38.03 -20.33 -53.86
C TYR A 588 37.02 -20.62 -54.98
N GLN A 589 36.60 -19.58 -55.70
CA GLN A 589 35.64 -19.75 -56.79
C GLN A 589 36.32 -19.90 -58.16
N SER A 590 37.47 -20.58 -58.17
CA SER A 590 38.16 -20.90 -59.42
C SER A 590 38.66 -22.35 -59.40
N LYS A 591 38.25 -23.11 -60.42
CA LYS A 591 38.51 -24.55 -60.48
C LYS A 591 39.98 -24.81 -60.76
N SER A 592 40.69 -25.28 -59.73
CA SER A 592 42.13 -25.55 -59.83
C SER A 592 42.46 -26.96 -60.32
N ARG A 593 41.42 -27.75 -60.57
CA ARG A 593 41.56 -29.05 -61.21
C ARG A 593 40.62 -29.13 -62.42
N ILE A 594 41.10 -29.71 -63.50
CA ILE A 594 40.31 -29.84 -64.73
C ILE A 594 40.57 -31.22 -65.37
N GLU A 595 39.49 -31.88 -65.80
CA GLU A 595 39.55 -33.28 -66.25
C GLU A 595 38.95 -33.49 -67.64
N ASP A 596 39.64 -34.27 -68.46
CA ASP A 596 39.25 -34.50 -69.85
C ASP A 596 39.62 -35.94 -70.24
N LYS A 597 38.92 -36.49 -71.24
CA LYS A 597 39.17 -37.86 -71.69
C LYS A 597 39.89 -37.90 -73.03
N ALA A 598 40.37 -39.09 -73.39
CA ALA A 598 40.84 -39.42 -74.74
C ALA A 598 40.54 -40.90 -75.01
N GLN A 599 39.87 -41.19 -76.12
CA GLN A 599 39.38 -42.54 -76.40
C GLN A 599 40.02 -43.20 -77.59
N ILE A 600 40.23 -44.51 -77.47
CA ILE A 600 40.69 -45.37 -78.58
C ILE A 600 39.47 -45.84 -79.37
N LEU A 601 39.51 -45.70 -80.70
CA LEU A 601 38.39 -46.06 -81.57
C LEU A 601 38.02 -47.56 -81.46
N ARG B 6 10.31 -38.06 -61.62
CA ARG B 6 11.02 -38.79 -60.53
C ARG B 6 12.21 -39.59 -61.07
N CYS B 7 12.14 -40.92 -60.95
CA CYS B 7 13.16 -41.83 -61.49
C CYS B 7 13.27 -41.79 -63.02
N LEU B 8 12.38 -41.01 -63.63
CA LEU B 8 12.31 -40.83 -65.09
C LEU B 8 13.50 -40.03 -65.66
N LYS B 9 14.47 -39.68 -64.81
CA LYS B 9 15.59 -38.79 -65.18
C LYS B 9 16.98 -39.37 -64.86
N ALA B 10 17.46 -40.28 -65.71
CA ALA B 10 18.83 -40.86 -65.63
C ALA B 10 19.29 -41.27 -64.21
N ASN B 11 18.99 -42.51 -63.83
CA ASN B 11 19.22 -42.96 -62.45
C ASN B 11 20.01 -44.25 -62.24
N ALA B 12 20.20 -45.02 -63.31
CA ALA B 12 20.81 -46.35 -63.23
C ALA B 12 22.21 -46.40 -62.62
N LYS B 13 22.37 -47.29 -61.64
CA LYS B 13 23.69 -47.63 -61.07
C LYS B 13 23.78 -49.15 -60.85
N SER B 14 24.49 -49.57 -59.80
CA SER B 14 24.64 -51.00 -59.47
C SER B 14 23.48 -51.54 -58.61
N CYS B 15 23.78 -52.33 -57.57
CA CYS B 15 22.74 -53.03 -56.80
C CYS B 15 21.90 -52.16 -55.87
N GLY B 16 22.45 -51.86 -54.69
CA GLY B 16 21.72 -51.15 -53.63
C GLY B 16 21.56 -49.67 -53.89
N GLU B 17 21.36 -49.31 -55.15
CA GLU B 17 21.20 -47.91 -55.55
C GLU B 17 19.90 -47.69 -56.32
N CYS B 18 19.71 -48.45 -57.42
CA CYS B 18 18.44 -48.46 -58.16
C CYS B 18 17.33 -48.99 -57.24
N ILE B 19 17.75 -49.80 -56.26
CA ILE B 19 16.86 -50.28 -55.22
C ILE B 19 16.59 -49.18 -54.17
N GLN B 20 17.63 -48.44 -53.79
CA GLN B 20 17.51 -47.38 -52.79
C GLN B 20 17.24 -45.99 -53.40
N ALA B 21 16.36 -45.95 -54.39
CA ALA B 21 15.95 -44.70 -55.00
C ALA B 21 14.47 -44.42 -54.70
N GLY B 22 13.92 -45.14 -53.74
CA GLY B 22 12.59 -44.83 -53.19
C GLY B 22 11.47 -45.80 -53.51
N PRO B 23 10.34 -45.25 -54.00
CA PRO B 23 9.09 -46.01 -54.16
C PRO B 23 9.02 -46.84 -55.45
N ASN B 24 8.99 -46.17 -56.60
CA ASN B 24 8.69 -46.81 -57.89
C ASN B 24 9.80 -47.69 -58.44
N CYS B 25 11.02 -47.16 -58.43
CA CYS B 25 12.15 -47.70 -59.20
C CYS B 25 12.44 -49.18 -58.93
N GLY B 26 12.62 -49.94 -60.00
CA GLY B 26 12.91 -51.37 -59.93
C GLY B 26 13.91 -51.83 -60.97
N TRP B 27 14.48 -53.01 -60.77
CA TRP B 27 15.43 -53.61 -61.72
C TRP B 27 15.23 -55.11 -61.82
N CYS B 28 14.69 -55.54 -62.96
CA CYS B 28 14.42 -56.96 -63.25
C CYS B 28 15.73 -57.66 -63.64
N THR B 29 16.00 -58.80 -63.00
CA THR B 29 17.36 -59.38 -62.99
C THR B 29 17.79 -60.24 -64.20
N ASN B 30 17.43 -59.80 -65.41
CA ASN B 30 17.96 -60.38 -66.65
C ASN B 30 17.98 -59.35 -67.80
N THR B 40 9.85 -45.26 -75.29
CA THR B 40 10.46 -45.45 -73.98
C THR B 40 11.01 -44.14 -73.41
N SER B 41 11.11 -44.07 -72.08
CA SER B 41 11.58 -42.87 -71.38
C SER B 41 12.82 -43.08 -70.50
N ALA B 42 12.75 -44.03 -69.55
CA ALA B 42 13.86 -44.31 -68.62
C ALA B 42 13.91 -45.78 -68.14
N ARG B 43 15.11 -46.23 -67.78
CA ARG B 43 15.34 -47.61 -67.29
C ARG B 43 14.72 -47.85 -65.91
N CYS B 44 15.54 -47.69 -64.87
CA CYS B 44 15.12 -47.83 -63.48
C CYS B 44 14.27 -46.61 -63.09
N ASP B 45 12.95 -46.70 -63.34
CA ASP B 45 12.05 -45.54 -63.15
C ASP B 45 10.69 -45.78 -62.47
N ASP B 46 9.93 -46.78 -62.93
CA ASP B 46 8.53 -46.92 -62.51
C ASP B 46 8.14 -48.30 -61.93
N LEU B 47 6.83 -48.44 -61.69
CA LEU B 47 6.22 -49.69 -61.26
C LEU B 47 5.21 -50.14 -62.33
N GLU B 48 4.52 -49.16 -62.90
CA GLU B 48 3.43 -49.39 -63.85
C GLU B 48 3.82 -49.00 -65.28
N ALA B 49 5.02 -48.45 -65.44
CA ALA B 49 5.56 -48.10 -66.76
C ALA B 49 6.89 -48.80 -67.05
N LEU B 50 7.63 -49.14 -65.99
CA LEU B 50 8.88 -49.90 -66.09
C LEU B 50 8.58 -51.38 -66.26
N LYS B 51 7.93 -51.95 -65.24
CA LYS B 51 7.63 -53.37 -65.18
C LYS B 51 6.58 -53.76 -66.21
N LYS B 52 5.92 -52.75 -66.77
CA LYS B 52 4.95 -52.89 -67.86
C LYS B 52 5.58 -53.49 -69.11
N LYS B 53 6.81 -53.08 -69.41
CA LYS B 53 7.51 -53.53 -70.61
C LYS B 53 8.47 -54.69 -70.35
N GLY B 54 7.92 -55.90 -70.34
CA GLY B 54 8.68 -57.14 -70.20
C GLY B 54 9.41 -57.31 -68.88
N CYS B 55 8.65 -57.53 -67.81
CA CYS B 55 9.24 -57.82 -66.50
C CYS B 55 8.42 -58.85 -65.70
N PRO B 56 8.94 -60.08 -65.60
CA PRO B 56 8.36 -61.15 -64.77
C PRO B 56 8.46 -60.85 -63.26
N PRO B 57 7.45 -61.31 -62.48
CA PRO B 57 7.37 -61.03 -61.04
C PRO B 57 8.25 -61.90 -60.13
N ASP B 58 9.17 -62.65 -60.73
CA ASP B 58 10.07 -63.51 -59.95
C ASP B 58 11.46 -62.90 -59.85
N ASP B 59 11.67 -61.81 -60.59
CA ASP B 59 13.00 -61.22 -60.78
C ASP B 59 13.25 -60.01 -59.89
N ILE B 60 12.25 -59.14 -59.75
CA ILE B 60 12.40 -57.82 -59.09
C ILE B 60 12.79 -57.95 -57.61
N GLU B 61 13.56 -56.97 -57.14
CA GLU B 61 14.03 -56.94 -55.76
C GLU B 61 13.55 -55.71 -54.99
N ASN B 62 12.32 -55.79 -54.46
CA ASN B 62 11.73 -54.69 -53.69
C ASN B 62 11.35 -55.10 -52.25
N PRO B 63 12.27 -55.73 -51.49
CA PRO B 63 11.94 -56.20 -50.13
C PRO B 63 11.85 -55.04 -49.13
N ARG B 64 10.72 -54.94 -48.44
CA ARG B 64 10.37 -53.71 -47.70
C ARG B 64 10.35 -53.79 -46.16
N GLY B 65 9.75 -52.78 -45.54
CA GLY B 65 9.76 -52.62 -44.08
C GLY B 65 8.52 -53.13 -43.37
N SER B 66 8.73 -53.58 -42.12
CA SER B 66 7.66 -54.15 -41.29
C SER B 66 7.48 -53.41 -39.95
N LYS B 67 6.40 -53.77 -39.24
CA LYS B 67 6.05 -53.15 -37.96
C LYS B 67 5.98 -54.22 -36.88
N ASP B 68 6.81 -54.09 -35.85
CA ASP B 68 6.93 -55.12 -34.82
C ASP B 68 6.57 -54.64 -33.42
N ILE B 69 5.40 -55.05 -32.95
CA ILE B 69 4.89 -54.62 -31.65
C ILE B 69 5.50 -55.49 -30.55
N LYS B 70 6.75 -55.20 -30.22
CA LYS B 70 7.52 -56.00 -29.27
C LYS B 70 7.04 -55.88 -27.83
N LYS B 71 6.45 -54.75 -27.47
CA LYS B 71 5.93 -54.57 -26.11
C LYS B 71 4.80 -53.54 -26.03
N ASN B 72 3.59 -54.01 -25.69
CA ASN B 72 2.44 -53.12 -25.49
C ASN B 72 1.37 -53.61 -24.52
N LYS B 73 1.69 -53.57 -23.22
CA LYS B 73 0.72 -53.80 -22.16
C LYS B 73 -0.46 -52.89 -22.40
N ASN B 74 -1.67 -53.43 -22.32
CA ASN B 74 -2.88 -52.65 -22.57
C ASN B 74 -3.01 -51.48 -21.62
N VAL B 75 -3.53 -50.37 -22.15
CA VAL B 75 -3.90 -49.22 -21.33
C VAL B 75 -4.84 -49.65 -20.21
N THR B 76 -4.50 -49.28 -18.98
CA THR B 76 -5.29 -49.72 -17.84
C THR B 76 -6.75 -49.32 -18.00
N ASN B 77 -7.63 -50.31 -18.03
CA ASN B 77 -9.07 -50.04 -17.96
C ASN B 77 -9.53 -50.05 -16.52
N ARG B 78 -10.71 -49.52 -16.28
CA ARG B 78 -11.21 -49.45 -14.92
C ARG B 78 -12.23 -50.55 -14.60
N SER B 79 -12.13 -51.68 -15.30
CA SER B 79 -13.10 -52.79 -15.15
C SER B 79 -13.33 -53.23 -13.71
N LYS B 80 -12.26 -53.37 -12.94
CA LYS B 80 -12.33 -53.91 -11.58
C LYS B 80 -13.04 -52.99 -10.58
N GLY B 81 -13.29 -51.76 -11.00
CA GLY B 81 -14.21 -50.91 -10.28
C GLY B 81 -13.61 -49.85 -9.40
N THR B 82 -14.48 -49.22 -8.62
CA THR B 82 -14.12 -48.07 -7.81
C THR B 82 -13.45 -48.53 -6.52
N ALA B 83 -13.41 -49.85 -6.32
CA ALA B 83 -12.87 -50.42 -5.10
C ALA B 83 -11.41 -50.78 -5.24
N GLU B 84 -10.99 -51.08 -6.47
CA GLU B 84 -9.57 -51.27 -6.73
C GLU B 84 -8.88 -49.91 -6.67
N LYS B 85 -7.80 -49.84 -5.90
CA LYS B 85 -7.02 -48.63 -5.80
C LYS B 85 -5.69 -48.91 -6.48
N LEU B 86 -5.65 -48.69 -7.79
CA LEU B 86 -4.50 -49.03 -8.60
C LEU B 86 -3.21 -48.37 -8.09
N LYS B 87 -2.25 -49.24 -7.79
CA LYS B 87 -0.89 -48.83 -7.44
C LYS B 87 -0.29 -48.12 -8.65
N PRO B 88 0.32 -46.95 -8.40
CA PRO B 88 0.88 -46.10 -9.45
C PRO B 88 1.74 -46.85 -10.46
N GLU B 89 2.43 -47.89 -10.02
CA GLU B 89 3.30 -48.68 -10.89
C GLU B 89 2.53 -49.56 -11.89
N ASP B 90 1.25 -49.78 -11.65
CA ASP B 90 0.42 -50.64 -12.53
C ASP B 90 -0.26 -49.87 -13.65
N ILE B 91 -0.53 -48.59 -13.42
CA ILE B 91 -1.16 -47.69 -14.37
C ILE B 91 -0.39 -47.66 -15.68
N HIS B 92 -1.10 -47.79 -16.80
CA HIS B 92 -0.48 -47.67 -18.12
C HIS B 92 -1.27 -46.79 -19.03
N GLN B 93 -0.69 -45.64 -19.36
CA GLN B 93 -1.37 -44.58 -20.08
C GLN B 93 -1.05 -44.60 -21.57
N ILE B 94 0.16 -45.06 -21.90
CA ILE B 94 0.59 -45.10 -23.30
C ILE B 94 0.91 -46.52 -23.74
N GLN B 95 0.35 -46.89 -24.88
CA GLN B 95 0.54 -48.22 -25.42
C GLN B 95 0.61 -48.04 -26.93
N PRO B 96 1.63 -48.62 -27.59
CA PRO B 96 2.71 -49.54 -27.14
C PRO B 96 3.77 -48.98 -26.15
N GLN B 97 4.73 -49.82 -25.78
CA GLN B 97 5.87 -49.39 -24.93
C GLN B 97 7.23 -49.61 -25.59
N GLN B 98 7.27 -50.45 -26.63
CA GLN B 98 8.54 -50.89 -27.25
C GLN B 98 8.47 -51.36 -28.70
N LEU B 99 7.64 -50.71 -29.51
CA LEU B 99 7.56 -50.97 -30.96
C LEU B 99 8.95 -51.06 -31.61
N VAL B 100 9.06 -51.92 -32.62
CA VAL B 100 10.28 -52.00 -33.46
C VAL B 100 9.94 -51.79 -34.93
N LEU B 101 10.63 -50.86 -35.56
CA LEU B 101 10.25 -50.48 -36.90
C LEU B 101 11.37 -50.71 -37.91
N ARG B 102 11.12 -51.63 -38.84
CA ARG B 102 11.99 -51.81 -40.00
C ARG B 102 11.53 -50.85 -41.08
N LEU B 103 12.48 -50.12 -41.66
CA LEU B 103 12.17 -49.02 -42.56
C LEU B 103 13.08 -49.04 -43.78
N ARG B 104 12.51 -48.71 -44.93
CA ARG B 104 13.27 -48.58 -46.17
C ARG B 104 13.17 -47.15 -46.66
N SER B 105 14.19 -46.71 -47.39
CA SER B 105 14.34 -45.30 -47.77
C SER B 105 13.30 -44.76 -48.78
N GLY B 106 12.17 -44.31 -48.25
CA GLY B 106 11.10 -43.71 -49.06
C GLY B 106 9.71 -44.22 -48.68
N GLU B 107 9.67 -45.33 -47.95
CA GLU B 107 8.40 -45.97 -47.58
C GLU B 107 8.04 -45.65 -46.14
N PRO B 108 7.07 -44.73 -45.94
CA PRO B 108 6.53 -44.42 -44.63
C PRO B 108 6.08 -45.67 -43.88
N GLN B 109 6.50 -45.77 -42.62
CA GLN B 109 6.08 -46.87 -41.76
C GLN B 109 5.32 -46.31 -40.55
N THR B 110 4.03 -46.01 -40.77
CA THR B 110 3.18 -45.40 -39.74
C THR B 110 2.69 -46.42 -38.69
N PHE B 111 2.36 -45.93 -37.51
CA PHE B 111 1.71 -46.74 -36.48
C PHE B 111 0.81 -45.87 -35.60
N THR B 112 -0.02 -46.49 -34.79
CA THR B 112 -0.89 -45.73 -33.91
C THR B 112 -0.40 -45.80 -32.47
N LEU B 113 -0.54 -44.68 -31.76
CA LEU B 113 -0.27 -44.64 -30.35
C LEU B 113 -1.57 -44.35 -29.64
N LYS B 114 -1.83 -45.05 -28.54
CA LYS B 114 -3.06 -44.83 -27.76
C LYS B 114 -2.73 -44.30 -26.38
N PHE B 115 -3.32 -43.15 -26.07
CA PHE B 115 -3.16 -42.56 -24.75
C PHE B 115 -4.49 -42.55 -24.00
N LYS B 116 -4.44 -42.92 -22.73
CA LYS B 116 -5.61 -42.88 -21.86
C LYS B 116 -5.26 -42.16 -20.55
N ARG B 117 -6.10 -41.21 -20.14
CA ARG B 117 -5.87 -40.49 -18.88
C ARG B 117 -6.39 -41.29 -17.67
N ALA B 118 -5.47 -41.82 -16.85
CA ALA B 118 -5.82 -42.52 -15.61
C ALA B 118 -6.45 -41.58 -14.59
N GLU B 119 -7.13 -42.11 -13.59
CA GLU B 119 -7.90 -41.22 -12.69
C GLU B 119 -7.09 -40.57 -11.56
N ASP B 120 -6.03 -41.25 -11.15
CA ASP B 120 -5.29 -40.89 -9.95
C ASP B 120 -3.82 -41.20 -10.13
N TYR B 121 -2.99 -40.19 -9.89
CA TYR B 121 -1.53 -40.32 -9.97
C TYR B 121 -0.93 -39.45 -8.86
N PRO B 122 0.16 -39.92 -8.20
CA PRO B 122 0.75 -39.09 -7.15
C PRO B 122 1.32 -37.78 -7.70
N ILE B 123 1.24 -36.74 -6.89
CA ILE B 123 1.69 -35.41 -7.31
C ILE B 123 2.66 -34.79 -6.33
N ASP B 124 3.82 -34.39 -6.84
CA ASP B 124 4.73 -33.50 -6.15
C ASP B 124 4.47 -32.10 -6.65
N LEU B 125 4.23 -31.15 -5.74
CA LEU B 125 4.09 -29.76 -6.12
C LEU B 125 5.11 -28.91 -5.37
N TYR B 126 5.93 -28.15 -6.10
CA TYR B 126 6.84 -27.24 -5.44
C TYR B 126 6.38 -25.78 -5.58
N TYR B 127 6.15 -25.12 -4.44
CA TYR B 127 5.71 -23.73 -4.44
C TYR B 127 6.89 -22.78 -4.28
N LEU B 128 7.23 -22.08 -5.36
CA LEU B 128 8.39 -21.21 -5.42
C LEU B 128 7.95 -19.76 -5.55
N MET B 129 8.16 -18.97 -4.50
CA MET B 129 7.64 -17.60 -4.52
C MET B 129 8.64 -16.45 -4.36
N ASP B 130 8.41 -15.45 -5.20
CA ASP B 130 8.99 -14.12 -5.07
C ASP B 130 8.91 -13.68 -3.60
N LEU B 131 10.04 -13.30 -3.02
CA LEU B 131 10.05 -12.75 -1.65
C LEU B 131 10.59 -11.32 -1.53
N SER B 132 10.63 -10.64 -2.67
CA SER B 132 10.98 -9.22 -2.73
C SER B 132 9.90 -8.36 -2.07
N TYR B 133 10.25 -7.12 -1.72
CA TYR B 133 9.36 -6.25 -0.95
C TYR B 133 7.97 -6.03 -1.59
N SER B 134 7.92 -6.11 -2.91
CA SER B 134 6.67 -6.03 -3.66
C SER B 134 5.64 -7.08 -3.20
N MET B 135 6.15 -8.20 -2.64
CA MET B 135 5.32 -9.32 -2.17
C MET B 135 5.12 -9.34 -0.65
N LYS B 136 5.13 -8.15 -0.02
CA LYS B 136 5.00 -7.99 1.44
C LYS B 136 3.73 -8.65 1.99
N ASP B 137 2.58 -8.20 1.51
CA ASP B 137 1.28 -8.69 1.98
C ASP B 137 1.01 -10.15 1.63
N ASP B 138 1.65 -10.63 0.57
CA ASP B 138 1.47 -11.99 0.08
C ASP B 138 2.01 -13.04 1.04
N LEU B 139 3.13 -12.75 1.68
CA LEU B 139 3.68 -13.66 2.68
C LEU B 139 2.65 -13.93 3.78
N GLU B 140 2.03 -12.87 4.29
CA GLU B 140 1.04 -12.94 5.38
C GLU B 140 -0.11 -13.93 5.10
N ASN B 141 -0.76 -13.75 3.95
CA ASN B 141 -1.86 -14.61 3.51
C ASN B 141 -1.46 -16.08 3.39
N VAL B 142 -0.24 -16.34 2.94
CA VAL B 142 0.25 -17.69 2.64
C VAL B 142 0.50 -18.59 3.87
N LYS B 143 0.40 -18.03 5.07
CA LYS B 143 0.75 -18.75 6.31
C LYS B 143 -0.07 -20.01 6.57
N SER B 144 -1.25 -20.11 5.95
CA SER B 144 -2.13 -21.27 6.09
C SER B 144 -2.22 -22.14 4.83
N LEU B 145 -1.47 -21.76 3.79
CA LEU B 145 -1.53 -22.41 2.48
C LEU B 145 -1.21 -23.91 2.49
N GLY B 146 -0.26 -24.31 3.32
CA GLY B 146 0.19 -25.70 3.38
C GLY B 146 -0.89 -26.74 3.60
N THR B 147 -1.90 -26.38 4.39
CA THR B 147 -2.94 -27.34 4.74
C THR B 147 -4.19 -27.20 3.87
N ASP B 148 -4.61 -25.96 3.59
CA ASP B 148 -5.73 -25.73 2.70
C ASP B 148 -5.46 -26.40 1.35
N LEU B 149 -4.24 -26.25 0.85
CA LEU B 149 -3.89 -26.80 -0.45
C LEU B 149 -3.75 -28.32 -0.43
N MET B 150 -3.21 -28.87 0.66
CA MET B 150 -3.15 -30.32 0.80
C MET B 150 -4.56 -30.90 0.71
N ASN B 151 -5.45 -30.31 1.50
CA ASN B 151 -6.82 -30.75 1.55
C ASN B 151 -7.43 -30.71 0.17
N GLU B 152 -7.25 -29.60 -0.52
CA GLU B 152 -7.75 -29.45 -1.88
C GLU B 152 -7.08 -30.40 -2.88
N MET B 153 -5.76 -30.50 -2.84
CA MET B 153 -5.03 -31.36 -3.79
C MET B 153 -5.36 -32.83 -3.64
N ARG B 154 -5.74 -33.25 -2.44
CA ARG B 154 -6.09 -34.65 -2.18
C ARG B 154 -7.43 -35.07 -2.81
N ARG B 155 -8.30 -34.09 -3.01
CA ARG B 155 -9.49 -34.22 -3.84
C ARG B 155 -9.12 -34.76 -5.24
N ILE B 156 -7.87 -34.53 -5.64
CA ILE B 156 -7.36 -34.92 -6.96
C ILE B 156 -6.30 -36.02 -6.91
N THR B 157 -5.68 -36.24 -5.74
CA THR B 157 -4.63 -37.29 -5.63
C THR B 157 -4.56 -38.00 -4.27
N SER B 158 -4.26 -39.30 -4.30
CA SER B 158 -4.11 -40.09 -3.06
C SER B 158 -2.76 -39.87 -2.40
N ASP B 159 -1.75 -39.58 -3.21
CA ASP B 159 -0.40 -39.34 -2.74
C ASP B 159 0.08 -37.93 -3.12
N PHE B 160 -0.03 -37.01 -2.17
CA PHE B 160 0.38 -35.63 -2.42
C PHE B 160 1.58 -35.20 -1.57
N ARG B 161 2.53 -34.52 -2.21
CA ARG B 161 3.65 -33.88 -1.51
C ARG B 161 3.80 -32.40 -1.87
N ILE B 162 4.12 -31.59 -0.85
CA ILE B 162 4.30 -30.14 -1.02
C ILE B 162 5.71 -29.69 -0.60
N GLY B 163 6.24 -28.71 -1.32
CA GLY B 163 7.55 -28.14 -1.01
C GLY B 163 7.46 -26.64 -1.15
N PHE B 164 8.42 -25.93 -0.54
CA PHE B 164 8.43 -24.46 -0.59
C PHE B 164 9.83 -23.91 -0.81
N GLY B 165 9.90 -22.86 -1.62
CA GLY B 165 11.16 -22.19 -1.94
C GLY B 165 10.95 -20.72 -2.23
N SER B 166 11.85 -19.90 -1.71
CA SER B 166 11.77 -18.47 -1.93
C SER B 166 12.92 -18.02 -2.80
N PHE B 167 12.72 -16.92 -3.51
CA PHE B 167 13.79 -16.28 -4.26
C PHE B 167 13.65 -14.76 -4.19
N VAL B 168 14.78 -14.06 -4.27
CA VAL B 168 14.71 -12.61 -4.54
C VAL B 168 15.53 -12.18 -5.76
N GLU B 169 16.86 -12.14 -5.65
CA GLU B 169 17.69 -11.53 -6.70
C GLU B 169 19.17 -11.92 -6.65
N LYS B 170 19.88 -11.75 -7.77
CA LYS B 170 21.34 -11.80 -7.78
C LYS B 170 21.92 -10.78 -6.79
N THR B 171 22.91 -11.21 -6.01
CA THR B 171 23.39 -10.37 -4.92
C THR B 171 24.64 -9.59 -5.29
N VAL B 172 24.50 -8.73 -6.31
CA VAL B 172 25.59 -7.93 -6.85
C VAL B 172 25.10 -6.62 -7.49
N MET B 173 26.02 -5.65 -7.63
CA MET B 173 25.83 -4.52 -8.52
C MET B 173 25.33 -5.09 -9.84
N PRO B 174 24.33 -4.46 -10.48
CA PRO B 174 23.52 -3.32 -10.09
C PRO B 174 22.10 -3.72 -9.64
N TYR B 175 21.90 -5.00 -9.36
CA TYR B 175 20.56 -5.55 -9.12
C TYR B 175 20.07 -5.25 -7.70
N ILE B 176 20.96 -5.42 -6.73
CA ILE B 176 20.75 -4.94 -5.37
C ILE B 176 21.69 -3.76 -5.11
N SER B 177 21.36 -2.89 -4.16
CA SER B 177 22.27 -1.81 -3.79
C SER B 177 23.30 -2.33 -2.80
N THR B 178 24.57 -1.96 -3.01
CA THR B 178 25.68 -2.55 -2.25
C THR B 178 26.26 -1.64 -1.16
N THR B 179 25.46 -0.65 -0.74
CA THR B 179 25.66 0.07 0.53
C THR B 179 25.75 -0.96 1.64
N PRO B 180 26.73 -0.83 2.56
CA PRO B 180 26.84 -1.81 3.65
C PRO B 180 25.57 -1.91 4.51
N ALA B 181 24.88 -0.77 4.67
CA ALA B 181 23.64 -0.67 5.44
C ALA B 181 22.42 -1.23 4.70
N LYS B 182 22.42 -1.13 3.37
CA LYS B 182 21.35 -1.66 2.52
C LYS B 182 21.55 -3.14 2.25
N LEU B 183 22.82 -3.57 2.24
CA LEU B 183 23.15 -4.99 2.19
C LEU B 183 22.55 -5.75 3.38
N ARG B 184 22.23 -5.03 4.46
CA ARG B 184 21.60 -5.60 5.66
C ARG B 184 20.10 -5.26 5.79
N ASN B 185 19.70 -4.13 5.22
CA ASN B 185 18.28 -3.79 5.12
C ASN B 185 18.00 -3.02 3.82
N PRO B 186 17.66 -3.76 2.75
CA PRO B 186 17.48 -3.20 1.41
C PRO B 186 16.31 -2.22 1.33
N CYS B 187 15.38 -2.34 2.28
CA CYS B 187 14.19 -1.50 2.33
C CYS B 187 14.44 -0.27 3.20
N THR B 188 13.40 0.52 3.42
CA THR B 188 13.56 1.83 4.07
C THR B 188 13.46 1.76 5.61
N SER B 189 13.62 2.93 6.26
CA SER B 189 13.69 3.10 7.73
C SER B 189 12.99 2.05 8.61
N GLU B 190 11.67 2.20 8.76
CA GLU B 190 10.86 1.37 9.63
C GLU B 190 10.54 -0.01 9.03
N GLN B 191 10.55 -0.09 7.71
CA GLN B 191 10.33 -1.35 6.99
C GLN B 191 11.47 -2.32 7.25
N ASN B 192 11.21 -3.32 8.10
CA ASN B 192 12.14 -4.42 8.29
C ASN B 192 12.18 -5.31 7.06
N CYS B 193 13.39 -5.55 6.56
CA CYS B 193 13.61 -6.49 5.47
C CYS B 193 14.84 -7.32 5.77
N THR B 194 14.75 -8.64 5.60
CA THR B 194 15.93 -9.48 5.62
C THR B 194 16.80 -9.16 4.41
N THR B 195 18.09 -9.47 4.50
CA THR B 195 19.02 -9.13 3.41
C THR B 195 18.62 -9.89 2.13
N PRO B 196 18.99 -9.36 0.95
CA PRO B 196 18.70 -10.05 -0.30
C PRO B 196 19.39 -11.40 -0.39
N PHE B 197 18.84 -12.27 -1.22
CA PHE B 197 19.39 -13.61 -1.49
C PHE B 197 18.87 -14.11 -2.84
N SER B 198 19.54 -15.11 -3.40
CA SER B 198 19.16 -15.65 -4.70
C SER B 198 18.02 -16.67 -4.60
N TYR B 199 18.30 -17.81 -3.96
CA TYR B 199 17.32 -18.88 -3.83
C TYR B 199 17.44 -19.67 -2.53
N LYS B 200 16.43 -19.56 -1.66
CA LYS B 200 16.34 -20.40 -0.47
C LYS B 200 15.38 -21.55 -0.72
N ASN B 201 15.90 -22.77 -0.57
CA ASN B 201 15.07 -23.95 -0.49
C ASN B 201 14.56 -24.10 0.95
N VAL B 202 13.39 -23.53 1.21
CA VAL B 202 12.80 -23.54 2.56
C VAL B 202 12.44 -24.94 3.01
N LEU B 203 11.82 -25.70 2.12
CA LEU B 203 11.29 -27.01 2.45
C LEU B 203 11.34 -27.93 1.24
N SER B 204 12.09 -29.01 1.35
CA SER B 204 12.04 -30.07 0.34
C SER B 204 10.72 -30.84 0.48
N LEU B 205 10.34 -31.55 -0.56
CA LEU B 205 9.02 -32.22 -0.63
C LEU B 205 8.67 -33.14 0.54
N THR B 206 7.49 -32.87 1.12
CA THR B 206 6.93 -33.65 2.22
C THR B 206 5.43 -33.81 2.06
N ASN B 207 4.87 -34.78 2.77
CA ASN B 207 3.42 -34.95 2.82
C ASN B 207 2.84 -34.30 4.07
N LYS B 208 3.66 -33.54 4.79
CA LYS B 208 3.25 -32.93 6.04
C LYS B 208 2.99 -31.43 5.91
N GLY B 209 1.72 -31.09 5.65
CA GLY B 209 1.30 -29.71 5.41
C GLY B 209 1.39 -28.76 6.58
N GLU B 210 1.38 -29.30 7.80
CA GLU B 210 1.57 -28.50 9.00
C GLU B 210 3.00 -27.92 8.98
N VAL B 211 3.96 -28.79 8.65
CA VAL B 211 5.36 -28.39 8.48
C VAL B 211 5.48 -27.21 7.52
N PHE B 212 4.83 -27.31 6.36
CA PHE B 212 4.77 -26.20 5.43
C PHE B 212 4.36 -24.92 6.15
N ASN B 213 3.26 -24.97 6.90
CA ASN B 213 2.75 -23.79 7.59
C ASN B 213 3.69 -23.27 8.67
N GLU B 214 4.31 -24.19 9.40
CA GLU B 214 5.21 -23.84 10.49
C GLU B 214 6.39 -23.03 9.94
N LEU B 215 6.97 -23.49 8.84
CA LEU B 215 8.14 -22.86 8.25
C LEU B 215 7.81 -21.56 7.51
N VAL B 216 6.73 -21.56 6.74
CA VAL B 216 6.39 -20.42 5.90
C VAL B 216 6.19 -19.13 6.72
N GLY B 217 5.70 -19.27 7.95
CA GLY B 217 5.51 -18.12 8.85
C GLY B 217 6.75 -17.78 9.67
N LYS B 218 7.87 -18.44 9.37
CA LYS B 218 9.15 -18.11 9.97
C LYS B 218 10.04 -17.30 8.99
N GLN B 219 9.71 -17.37 7.71
CA GLN B 219 10.45 -16.65 6.66
C GLN B 219 10.16 -15.17 6.70
N ARG B 220 11.23 -14.36 6.70
CA ARG B 220 11.12 -12.91 6.69
C ARG B 220 11.21 -12.35 5.26
N ILE B 221 10.44 -11.29 5.00
CA ILE B 221 10.43 -10.60 3.71
C ILE B 221 11.76 -9.89 3.43
N SER B 222 12.22 -9.97 2.18
CA SER B 222 13.39 -9.20 1.75
C SER B 222 13.03 -8.02 0.83
N GLY B 223 14.01 -7.51 0.08
CA GLY B 223 13.78 -6.43 -0.88
C GLY B 223 15.00 -6.28 -1.76
N ASN B 224 14.84 -5.58 -2.89
CA ASN B 224 15.98 -5.29 -3.78
C ASN B 224 15.71 -4.11 -4.71
N LEU B 225 16.59 -3.89 -5.68
CA LEU B 225 16.60 -2.63 -6.42
C LEU B 225 15.84 -2.57 -7.75
N ASP B 226 16.26 -3.37 -8.73
CA ASP B 226 15.55 -3.38 -10.02
C ASP B 226 14.28 -4.21 -10.02
N SER B 227 13.27 -3.70 -10.72
CA SER B 227 11.93 -4.31 -10.75
C SER B 227 11.91 -5.85 -11.03
N PRO B 228 12.43 -6.29 -12.20
CA PRO B 228 12.37 -7.73 -12.50
C PRO B 228 13.17 -8.50 -11.46
N GLU B 229 12.87 -9.78 -11.26
CA GLU B 229 13.58 -10.55 -10.25
C GLU B 229 14.34 -11.70 -10.88
N GLY B 230 15.16 -12.39 -10.08
CA GLY B 230 16.03 -13.46 -10.57
C GLY B 230 15.49 -14.85 -10.32
N GLY B 231 14.20 -15.03 -10.57
CA GLY B 231 13.52 -16.30 -10.35
C GLY B 231 14.01 -17.40 -11.25
N PHE B 232 14.53 -17.03 -12.42
CA PHE B 232 15.02 -18.03 -13.37
C PHE B 232 16.25 -18.73 -12.82
N ASP B 233 16.99 -18.07 -11.93
CA ASP B 233 18.06 -18.72 -11.18
C ASP B 233 17.46 -19.79 -10.29
N ALA B 234 16.33 -19.46 -9.66
CA ALA B 234 15.64 -20.37 -8.76
C ALA B 234 14.97 -21.52 -9.50
N ILE B 235 14.18 -21.20 -10.53
CA ILE B 235 13.53 -22.23 -11.35
C ILE B 235 14.55 -23.31 -11.75
N MET B 236 15.64 -22.88 -12.39
CA MET B 236 16.71 -23.78 -12.79
C MET B 236 17.14 -24.68 -11.65
N GLN B 237 17.42 -24.07 -10.50
CA GLN B 237 17.92 -24.83 -9.39
C GLN B 237 16.90 -25.86 -8.89
N VAL B 238 15.63 -25.48 -8.92
CA VAL B 238 14.56 -26.37 -8.52
C VAL B 238 14.43 -27.56 -9.46
N ALA B 239 14.67 -27.33 -10.75
CA ALA B 239 14.56 -28.42 -11.74
C ALA B 239 15.71 -29.41 -11.68
N VAL B 240 16.90 -28.93 -11.32
CA VAL B 240 18.14 -29.70 -11.51
C VAL B 240 18.73 -30.31 -10.25
N CYS B 241 18.20 -29.93 -9.09
CA CYS B 241 18.66 -30.47 -7.80
C CYS B 241 17.76 -31.59 -7.30
N GLY B 242 17.94 -32.77 -7.91
CA GLY B 242 17.05 -33.92 -7.73
C GLY B 242 16.74 -34.24 -6.28
N SER B 243 17.69 -34.88 -5.62
CA SER B 243 17.52 -35.28 -4.24
C SER B 243 17.11 -34.13 -3.31
N LEU B 244 17.85 -33.03 -3.36
CA LEU B 244 17.69 -31.96 -2.37
C LEU B 244 16.30 -31.34 -2.36
N ILE B 245 15.60 -31.39 -3.49
CA ILE B 245 14.22 -30.90 -3.53
C ILE B 245 13.23 -32.00 -3.11
N GLY B 246 13.48 -33.23 -3.54
CA GLY B 246 12.64 -34.36 -3.15
C GLY B 246 11.78 -34.97 -4.25
N TRP B 247 12.07 -34.61 -5.50
CA TRP B 247 11.31 -35.13 -6.64
C TRP B 247 11.28 -36.62 -6.64
N ARG B 248 10.09 -37.16 -6.86
CA ARG B 248 9.89 -38.57 -7.16
C ARG B 248 9.51 -38.61 -8.62
N ASN B 249 9.70 -39.76 -9.27
CA ASN B 249 9.21 -39.96 -10.65
C ASN B 249 7.70 -40.12 -10.68
N VAL B 250 7.02 -39.00 -10.46
CA VAL B 250 5.58 -38.91 -10.56
C VAL B 250 5.32 -37.62 -11.33
N THR B 251 4.07 -37.19 -11.42
CA THR B 251 3.79 -35.90 -12.02
C THR B 251 4.38 -34.81 -11.12
N ARG B 252 5.07 -33.85 -11.73
CA ARG B 252 5.80 -32.82 -10.99
C ARG B 252 5.29 -31.43 -11.33
N LEU B 253 4.81 -30.70 -10.32
CA LEU B 253 4.30 -29.35 -10.53
C LEU B 253 5.17 -28.34 -9.84
N LEU B 254 5.53 -27.30 -10.57
CA LEU B 254 6.25 -26.17 -9.99
C LEU B 254 5.37 -24.94 -10.05
N VAL B 255 5.01 -24.44 -8.88
CA VAL B 255 4.28 -23.19 -8.80
C VAL B 255 5.27 -22.03 -8.66
N PHE B 256 5.38 -21.25 -9.73
CA PHE B 256 6.21 -20.06 -9.72
C PHE B 256 5.27 -18.86 -9.65
N SER B 257 5.33 -18.15 -8.53
CA SER B 257 4.43 -17.04 -8.30
C SER B 257 5.21 -15.79 -7.91
N THR B 258 4.76 -14.66 -8.43
CA THR B 258 5.54 -13.42 -8.42
C THR B 258 4.68 -12.27 -8.92
N ASP B 259 5.07 -11.04 -8.58
CA ASP B 259 4.33 -9.87 -9.04
C ASP B 259 5.16 -8.91 -9.92
N ALA B 260 6.29 -9.41 -10.43
CA ALA B 260 7.18 -8.65 -11.29
C ALA B 260 7.62 -9.45 -12.52
N GLY B 261 8.31 -8.79 -13.45
CA GLY B 261 8.96 -9.47 -14.57
C GLY B 261 10.14 -10.31 -14.13
N PHE B 262 10.90 -10.82 -15.09
CA PHE B 262 12.01 -11.73 -14.82
C PHE B 262 13.25 -11.38 -15.60
N HIS B 263 14.41 -11.58 -14.97
CA HIS B 263 15.71 -11.47 -15.61
C HIS B 263 15.99 -12.75 -16.35
N PHE B 264 16.79 -12.66 -17.40
CA PHE B 264 17.20 -13.84 -18.14
C PHE B 264 18.60 -13.60 -18.69
N ALA B 265 19.19 -14.63 -19.30
CA ALA B 265 20.54 -14.53 -19.89
C ALA B 265 20.78 -13.20 -20.58
N GLY B 266 21.97 -12.61 -20.37
CA GLY B 266 22.33 -11.35 -21.02
C GLY B 266 22.20 -10.16 -20.10
N ASP B 267 21.38 -10.30 -19.07
CA ASP B 267 21.26 -9.28 -18.05
C ASP B 267 22.46 -9.34 -17.10
N GLY B 268 23.00 -10.54 -16.90
CA GLY B 268 24.15 -10.71 -16.00
C GLY B 268 25.30 -9.82 -16.39
N LYS B 269 25.46 -9.57 -17.69
CA LYS B 269 26.50 -8.68 -18.22
C LYS B 269 26.56 -7.35 -17.46
N LEU B 270 25.40 -6.80 -17.11
CA LEU B 270 25.38 -5.57 -16.34
C LEU B 270 26.23 -5.67 -15.07
N GLY B 271 26.30 -6.86 -14.47
CA GLY B 271 27.11 -7.09 -13.28
C GLY B 271 28.39 -7.86 -13.54
N GLY B 272 28.84 -7.85 -14.80
CA GLY B 272 30.04 -8.59 -15.16
C GLY B 272 29.84 -10.11 -15.21
N ILE B 273 28.61 -10.55 -15.04
CA ILE B 273 28.32 -11.96 -15.18
C ILE B 273 28.00 -12.27 -16.64
N VAL B 274 28.88 -13.07 -17.24
CA VAL B 274 28.86 -13.27 -18.67
C VAL B 274 29.04 -14.76 -19.00
N LEU B 275 29.51 -15.52 -18.01
CA LEU B 275 29.58 -16.97 -18.08
C LEU B 275 28.17 -17.58 -18.02
N PRO B 276 27.76 -18.35 -19.06
CA PRO B 276 26.38 -18.81 -19.06
C PRO B 276 26.08 -19.79 -17.95
N ASN B 277 24.82 -19.80 -17.50
CA ASN B 277 24.29 -20.76 -16.52
C ASN B 277 24.67 -22.17 -16.95
N ASP B 278 25.14 -23.00 -16.01
CA ASP B 278 25.71 -24.30 -16.38
C ASP B 278 24.71 -25.47 -16.32
N GLY B 279 23.56 -25.22 -15.71
CA GLY B 279 22.47 -26.20 -15.62
C GLY B 279 22.74 -27.36 -14.67
N GLN B 280 23.58 -27.11 -13.67
CA GLN B 280 24.00 -28.11 -12.73
C GLN B 280 23.68 -27.61 -11.34
N CYS B 281 23.50 -28.52 -10.39
CA CYS B 281 23.11 -28.11 -9.05
C CYS B 281 24.27 -27.48 -8.27
N HIS B 282 23.95 -26.44 -7.49
CA HIS B 282 24.92 -25.70 -6.68
C HIS B 282 24.32 -25.26 -5.38
N LEU B 283 23.66 -26.19 -4.70
CA LEU B 283 23.07 -25.88 -3.41
C LEU B 283 24.06 -26.17 -2.28
N GLU B 284 24.01 -25.32 -1.26
CA GLU B 284 24.74 -25.57 -0.02
C GLU B 284 23.95 -24.86 1.07
N ASN B 285 23.51 -25.64 2.07
CA ASN B 285 22.59 -25.18 3.11
C ASN B 285 21.28 -24.70 2.52
N ASN B 286 20.83 -25.38 1.47
CA ASN B 286 19.61 -25.00 0.75
C ASN B 286 19.62 -23.54 0.26
N MET B 287 20.83 -23.07 -0.09
CA MET B 287 21.02 -21.75 -0.67
C MET B 287 21.83 -21.88 -1.94
N TYR B 288 21.39 -21.17 -2.97
CA TYR B 288 22.10 -21.15 -4.24
C TYR B 288 23.34 -20.30 -4.04
N THR B 289 24.51 -20.87 -4.33
CA THR B 289 25.78 -20.25 -3.98
C THR B 289 26.53 -19.61 -5.15
N MET B 290 25.94 -19.65 -6.34
CA MET B 290 26.66 -19.21 -7.54
C MET B 290 25.97 -18.14 -8.38
N SER B 291 25.07 -17.36 -7.76
CA SER B 291 24.35 -16.31 -8.47
C SER B 291 25.26 -15.16 -8.85
N HIS B 292 26.39 -15.07 -8.14
CA HIS B 292 27.48 -14.15 -8.48
C HIS B 292 28.14 -14.62 -9.74
N TYR B 293 28.23 -15.93 -9.89
CA TYR B 293 29.16 -16.56 -10.83
C TYR B 293 28.58 -16.95 -12.19
N TYR B 294 27.38 -17.53 -12.22
CA TYR B 294 26.72 -17.85 -13.49
C TYR B 294 25.59 -16.87 -13.87
N ASP B 295 25.39 -16.68 -15.16
CA ASP B 295 24.33 -15.80 -15.66
C ASP B 295 22.95 -16.36 -15.32
N TYR B 296 21.91 -15.50 -15.37
CA TYR B 296 20.55 -16.01 -15.39
C TYR B 296 20.41 -16.87 -16.64
N PRO B 297 19.64 -17.98 -16.57
CA PRO B 297 19.52 -18.83 -17.76
C PRO B 297 18.54 -18.24 -18.79
N SER B 298 18.75 -18.57 -20.05
CA SER B 298 17.86 -18.15 -21.11
C SER B 298 16.57 -18.97 -21.09
N ILE B 299 15.46 -18.42 -21.57
CA ILE B 299 14.21 -19.20 -21.66
C ILE B 299 14.49 -20.60 -22.24
N ALA B 300 15.20 -20.64 -23.35
CA ALA B 300 15.56 -21.88 -24.04
C ALA B 300 16.22 -22.90 -23.12
N HIS B 301 17.08 -22.42 -22.21
CA HIS B 301 17.77 -23.29 -21.27
C HIS B 301 16.80 -23.92 -20.29
N LEU B 302 15.91 -23.10 -19.73
CA LEU B 302 14.84 -23.58 -18.88
C LEU B 302 13.98 -24.57 -19.64
N VAL B 303 13.66 -24.26 -20.88
CA VAL B 303 12.91 -25.19 -21.70
C VAL B 303 13.60 -26.55 -21.70
N GLN B 304 14.91 -26.57 -21.93
CA GLN B 304 15.62 -27.83 -21.90
C GLN B 304 15.46 -28.53 -20.54
N LYS B 305 15.79 -27.83 -19.46
CA LYS B 305 15.89 -28.48 -18.16
C LYS B 305 14.57 -28.84 -17.52
N LEU B 306 13.54 -28.02 -17.71
CA LEU B 306 12.19 -28.36 -17.27
C LEU B 306 11.73 -29.60 -18.01
N SER B 307 11.79 -29.54 -19.34
CA SER B 307 11.37 -30.64 -20.19
C SER B 307 12.20 -31.91 -19.97
N GLU B 308 13.40 -31.76 -19.41
CA GLU B 308 14.28 -32.88 -19.15
C GLU B 308 14.03 -33.49 -17.76
N ASN B 309 13.48 -32.70 -16.86
CA ASN B 309 13.16 -33.14 -15.51
C ASN B 309 11.65 -33.21 -15.24
N ASN B 310 10.86 -33.24 -16.31
CA ASN B 310 9.40 -33.35 -16.25
C ASN B 310 8.68 -32.34 -15.39
N ILE B 311 9.17 -31.10 -15.37
CA ILE B 311 8.52 -30.07 -14.58
C ILE B 311 7.38 -29.39 -15.37
N GLN B 312 6.17 -29.47 -14.83
CA GLN B 312 5.02 -28.73 -15.34
C GLN B 312 4.89 -27.46 -14.51
N THR B 313 4.92 -26.31 -15.20
CA THR B 313 5.09 -25.04 -14.52
C THR B 313 3.79 -24.24 -14.50
N ILE B 314 3.40 -23.80 -13.31
CA ILE B 314 2.24 -22.95 -13.14
C ILE B 314 2.65 -21.52 -12.82
N PHE B 315 2.33 -20.59 -13.71
CA PHE B 315 2.67 -19.19 -13.48
C PHE B 315 1.55 -18.42 -12.78
N ALA B 316 1.67 -18.30 -11.47
CA ALA B 316 0.73 -17.54 -10.67
C ALA B 316 1.23 -16.12 -10.53
N VAL B 317 0.86 -15.29 -11.49
CA VAL B 317 1.33 -13.90 -11.51
C VAL B 317 0.15 -12.92 -11.46
N THR B 318 0.44 -11.68 -11.08
CA THR B 318 -0.60 -10.66 -10.90
C THR B 318 -1.14 -10.17 -12.23
N GLU B 319 -2.29 -9.49 -12.20
CA GLU B 319 -2.97 -9.01 -13.39
C GLU B 319 -2.08 -8.14 -14.28
N GLU B 320 -1.22 -7.35 -13.66
CA GLU B 320 -0.41 -6.40 -14.42
C GLU B 320 0.75 -7.05 -15.19
N PHE B 321 1.09 -8.29 -14.85
CA PHE B 321 2.11 -9.02 -15.61
C PHE B 321 1.58 -10.22 -16.39
N GLN B 322 0.29 -10.19 -16.65
CA GLN B 322 -0.33 -11.21 -17.48
C GLN B 322 0.25 -11.30 -18.90
N PRO B 323 0.39 -10.15 -19.59
CA PRO B 323 0.87 -10.18 -20.96
C PRO B 323 2.21 -10.90 -21.11
N VAL B 324 3.12 -10.62 -20.18
CA VAL B 324 4.46 -11.20 -20.25
C VAL B 324 4.43 -12.69 -19.99
N TYR B 325 3.67 -13.11 -18.97
CA TYR B 325 3.68 -14.52 -18.60
C TYR B 325 2.87 -15.42 -19.52
N LYS B 326 1.83 -14.89 -20.16
CA LYS B 326 1.13 -15.66 -21.17
C LYS B 326 2.17 -15.99 -22.22
N GLU B 327 2.85 -14.95 -22.69
CA GLU B 327 3.87 -15.11 -23.70
C GLU B 327 4.98 -16.10 -23.31
N LEU B 328 5.40 -16.05 -22.05
CA LEU B 328 6.40 -16.98 -21.55
C LEU B 328 5.84 -18.38 -21.66
N LYS B 329 4.59 -18.55 -21.21
CA LYS B 329 3.84 -19.80 -21.28
C LYS B 329 3.86 -20.38 -22.69
N ASN B 330 3.72 -19.52 -23.69
CA ASN B 330 3.73 -19.96 -25.09
C ASN B 330 5.06 -20.56 -25.53
N LEU B 331 6.13 -20.29 -24.79
CA LEU B 331 7.46 -20.79 -25.13
C LEU B 331 7.92 -21.88 -24.17
N ILE B 332 7.17 -22.13 -23.10
CA ILE B 332 7.44 -23.30 -22.24
C ILE B 332 6.41 -24.42 -22.42
N PRO B 333 6.79 -25.49 -23.16
CA PRO B 333 5.88 -26.60 -23.41
C PRO B 333 5.47 -27.26 -22.11
N LYS B 334 4.18 -27.56 -22.00
CA LYS B 334 3.56 -28.08 -20.78
C LYS B 334 3.66 -27.12 -19.60
N SER B 335 2.99 -25.99 -19.72
CA SER B 335 2.95 -24.99 -18.67
C SER B 335 1.59 -24.30 -18.67
N ALA B 336 1.30 -23.58 -17.59
CA ALA B 336 0.03 -22.88 -17.43
C ALA B 336 0.25 -21.59 -16.68
N VAL B 337 -0.67 -20.65 -16.87
CA VAL B 337 -0.59 -19.32 -16.30
C VAL B 337 -1.98 -18.97 -15.76
N GLY B 338 -2.02 -18.29 -14.61
CA GLY B 338 -3.27 -17.79 -14.05
C GLY B 338 -3.14 -16.45 -13.36
N THR B 339 -4.25 -15.71 -13.25
CA THR B 339 -4.25 -14.39 -12.60
C THR B 339 -4.31 -14.50 -11.08
N LEU B 340 -3.30 -13.96 -10.41
CA LEU B 340 -3.17 -14.04 -8.96
C LEU B 340 -3.63 -12.73 -8.30
N SER B 341 -4.52 -12.84 -7.32
CA SER B 341 -5.05 -11.70 -6.57
C SER B 341 -3.97 -10.85 -5.94
N ALA B 342 -4.39 -9.70 -5.40
CA ALA B 342 -3.49 -8.74 -4.76
C ALA B 342 -2.65 -9.39 -3.65
N ASN B 343 -3.34 -10.04 -2.72
CA ASN B 343 -2.72 -10.63 -1.56
C ASN B 343 -2.55 -12.14 -1.71
N SER B 344 -2.59 -12.61 -2.96
CA SER B 344 -2.57 -14.05 -3.27
C SER B 344 -3.80 -14.80 -2.75
N SER B 345 -4.93 -14.09 -2.59
CA SER B 345 -6.11 -14.70 -1.98
C SER B 345 -6.66 -15.93 -2.73
N ASN B 346 -6.32 -16.04 -4.01
CA ASN B 346 -6.94 -17.04 -4.90
C ASN B 346 -5.99 -18.12 -5.43
N VAL B 347 -4.80 -18.25 -4.85
CA VAL B 347 -3.80 -19.20 -5.33
C VAL B 347 -4.35 -20.60 -5.51
N ILE B 348 -5.15 -21.05 -4.54
CA ILE B 348 -5.57 -22.44 -4.46
C ILE B 348 -6.46 -22.79 -5.63
N GLN B 349 -7.49 -21.97 -5.84
CA GLN B 349 -8.33 -22.17 -7.00
C GLN B 349 -7.43 -22.16 -8.21
N LEU B 350 -6.55 -21.16 -8.27
CA LEU B 350 -5.62 -21.02 -9.39
C LEU B 350 -4.88 -22.33 -9.70
N ILE B 351 -4.17 -22.87 -8.72
CA ILE B 351 -3.46 -24.13 -8.88
C ILE B 351 -4.35 -25.25 -9.48
N ILE B 352 -5.57 -25.41 -8.96
CA ILE B 352 -6.52 -26.37 -9.50
C ILE B 352 -6.91 -26.03 -10.94
N ASP B 353 -7.35 -24.78 -11.17
CA ASP B 353 -7.65 -24.32 -12.53
C ASP B 353 -6.50 -24.65 -13.46
N ALA B 354 -5.28 -24.37 -13.02
CA ALA B 354 -4.08 -24.65 -13.81
C ALA B 354 -3.89 -26.14 -14.06
N TYR B 355 -3.90 -26.92 -12.98
CA TYR B 355 -3.78 -28.38 -13.08
C TYR B 355 -4.78 -29.02 -14.07
N ASN B 356 -6.03 -28.57 -14.06
CA ASN B 356 -7.04 -29.16 -14.95
C ASN B 356 -6.64 -29.04 -16.41
N SER B 357 -6.31 -27.83 -16.88
CA SER B 357 -5.87 -27.69 -18.28
C SER B 357 -4.64 -28.54 -18.59
N LEU B 358 -3.63 -28.47 -17.73
CA LEU B 358 -2.43 -29.29 -17.86
C LEU B 358 -2.77 -30.76 -18.03
N SER B 359 -3.65 -31.28 -17.18
CA SER B 359 -3.88 -32.70 -17.15
C SER B 359 -4.91 -33.15 -18.17
N SER B 360 -5.53 -32.19 -18.86
CA SER B 360 -6.54 -32.50 -19.87
C SER B 360 -6.10 -32.24 -21.30
N GLU B 361 -4.83 -31.85 -21.49
CA GLU B 361 -4.21 -31.84 -22.80
C GLU B 361 -3.02 -32.76 -22.75
N VAL B 362 -2.68 -33.34 -23.90
CA VAL B 362 -1.46 -34.12 -24.04
C VAL B 362 -0.63 -33.61 -25.19
N ILE B 363 0.67 -33.46 -24.97
CA ILE B 363 1.57 -33.07 -26.04
C ILE B 363 2.71 -34.08 -26.20
N LEU B 364 2.82 -34.65 -27.40
CA LEU B 364 3.82 -35.68 -27.70
C LEU B 364 5.12 -35.09 -28.21
N GLU B 365 6.19 -35.42 -27.50
CA GLU B 365 7.54 -34.98 -27.82
C GLU B 365 8.39 -36.19 -28.19
N ASN B 366 9.15 -36.08 -29.28
CA ASN B 366 10.08 -37.14 -29.67
C ASN B 366 11.54 -36.78 -29.35
N GLY B 367 12.41 -37.79 -29.34
CA GLY B 367 13.84 -37.58 -29.12
C GLY B 367 14.60 -37.23 -30.39
N LYS B 368 15.92 -37.24 -30.30
CA LYS B 368 16.79 -36.90 -31.42
C LYS B 368 16.77 -38.01 -32.47
N LEU B 369 16.50 -37.64 -33.71
CA LEU B 369 16.56 -38.60 -34.81
C LEU B 369 17.95 -38.55 -35.48
N SER B 370 18.13 -39.25 -36.60
CA SER B 370 19.38 -39.21 -37.35
C SER B 370 19.30 -38.28 -38.56
N GLU B 371 20.45 -38.00 -39.18
CA GLU B 371 20.59 -36.95 -40.22
C GLU B 371 19.82 -37.18 -41.53
N GLY B 372 18.98 -38.22 -41.57
CA GLY B 372 18.12 -38.46 -42.72
C GLY B 372 16.89 -39.28 -42.34
N VAL B 373 16.20 -38.83 -41.30
CA VAL B 373 15.02 -39.51 -40.74
C VAL B 373 14.03 -38.44 -40.31
N THR B 374 12.87 -38.36 -40.96
CA THR B 374 11.85 -37.39 -40.55
C THR B 374 10.67 -38.06 -39.82
N ILE B 375 9.68 -37.26 -39.43
CA ILE B 375 8.56 -37.76 -38.61
C ILE B 375 7.28 -36.94 -38.79
N SER B 376 6.13 -37.62 -38.81
CA SER B 376 4.85 -36.94 -38.82
C SER B 376 3.95 -37.33 -37.65
N TYR B 377 3.14 -36.38 -37.21
CA TYR B 377 2.13 -36.63 -36.19
C TYR B 377 0.75 -36.26 -36.72
N LYS B 378 -0.20 -37.17 -36.50
CA LYS B 378 -1.64 -36.91 -36.68
C LYS B 378 -2.36 -37.31 -35.41
N SER B 379 -3.22 -36.44 -34.89
CA SER B 379 -3.92 -36.69 -33.63
C SER B 379 -5.42 -36.85 -33.86
N TYR B 380 -6.04 -37.73 -33.08
CA TYR B 380 -7.46 -37.99 -33.23
C TYR B 380 -8.15 -37.86 -31.88
N CYS B 381 -8.61 -36.64 -31.60
CA CYS B 381 -9.16 -36.24 -30.31
C CYS B 381 -10.67 -36.36 -30.26
N LYS B 382 -11.26 -36.10 -29.09
CA LYS B 382 -12.70 -36.26 -28.88
C LYS B 382 -13.49 -35.34 -29.79
N ASN B 383 -14.69 -35.81 -30.17
CA ASN B 383 -15.65 -35.05 -31.02
C ASN B 383 -15.16 -34.78 -32.43
N GLY B 384 -14.38 -35.71 -32.97
CA GLY B 384 -13.87 -35.65 -34.34
C GLY B 384 -12.78 -34.62 -34.61
N VAL B 385 -12.42 -33.84 -33.59
CA VAL B 385 -11.38 -32.81 -33.71
C VAL B 385 -10.01 -33.45 -33.93
N ASN B 386 -9.60 -33.46 -35.20
CA ASN B 386 -8.35 -34.07 -35.63
C ASN B 386 -7.22 -33.05 -35.84
N GLY B 387 -5.97 -33.50 -35.74
CA GLY B 387 -4.82 -32.60 -35.82
C GLY B 387 -3.78 -32.99 -36.86
N THR B 388 -3.17 -31.98 -37.49
CA THR B 388 -2.17 -32.17 -38.52
C THR B 388 -0.95 -31.28 -38.30
N GLY B 389 0.23 -31.85 -38.51
CA GLY B 389 1.48 -31.10 -38.47
C GLY B 389 2.05 -30.99 -37.07
N GLU B 390 2.20 -29.76 -36.59
CA GLU B 390 2.61 -29.49 -35.23
C GLU B 390 1.41 -29.74 -34.30
N ASN B 391 0.21 -29.44 -34.79
CA ASN B 391 -1.04 -29.76 -34.11
C ASN B 391 -1.32 -31.26 -34.00
N GLY B 392 -0.65 -32.05 -34.84
CA GLY B 392 -0.80 -33.50 -34.82
C GLY B 392 -0.30 -34.16 -33.55
N ARG B 393 0.48 -33.43 -32.76
CA ARG B 393 0.96 -33.96 -31.49
C ARG B 393 0.18 -33.46 -30.26
N LYS B 394 -0.93 -32.76 -30.51
CA LYS B 394 -1.76 -32.19 -29.45
C LYS B 394 -3.16 -32.80 -29.39
N CYS B 395 -3.63 -33.09 -28.18
CA CYS B 395 -5.05 -33.36 -27.93
C CYS B 395 -5.44 -32.68 -26.62
N SER B 396 -6.40 -31.76 -26.70
CA SER B 396 -7.00 -31.16 -25.50
C SER B 396 -8.40 -31.72 -25.23
N ASN B 397 -9.09 -31.16 -24.23
CA ASN B 397 -10.39 -31.66 -23.77
C ASN B 397 -10.44 -33.12 -23.34
N ILE B 398 -9.34 -33.61 -22.78
CA ILE B 398 -9.24 -35.00 -22.36
C ILE B 398 -9.59 -35.07 -20.89
N SER B 399 -10.79 -35.50 -20.54
CA SER B 399 -11.07 -35.74 -19.12
C SER B 399 -10.79 -37.19 -18.73
N ILE B 400 -10.71 -37.44 -17.43
CA ILE B 400 -10.37 -38.76 -16.90
C ILE B 400 -11.08 -39.88 -17.64
N GLY B 401 -10.31 -40.88 -18.05
CA GLY B 401 -10.86 -42.08 -18.66
C GLY B 401 -10.84 -42.07 -20.17
N ASP B 402 -10.65 -40.89 -20.74
CA ASP B 402 -10.69 -40.71 -22.20
C ASP B 402 -9.49 -41.33 -22.88
N GLU B 403 -9.75 -42.08 -23.94
CA GLU B 403 -8.71 -42.59 -24.80
C GLU B 403 -8.59 -41.69 -26.02
N VAL B 404 -7.36 -41.45 -26.46
CA VAL B 404 -7.12 -40.77 -27.73
C VAL B 404 -6.07 -41.54 -28.52
N GLN B 405 -6.01 -41.25 -29.80
CA GLN B 405 -5.13 -41.96 -30.71
C GLN B 405 -4.22 -40.99 -31.44
N PHE B 406 -2.98 -41.42 -31.67
CA PHE B 406 -2.03 -40.68 -32.50
C PHE B 406 -1.48 -41.60 -33.57
N GLU B 407 -1.50 -41.14 -34.82
CA GLU B 407 -0.84 -41.85 -35.94
C GLU B 407 0.56 -41.28 -36.22
N ILE B 408 1.58 -42.12 -36.09
CA ILE B 408 2.98 -41.67 -36.14
C ILE B 408 3.79 -42.32 -37.26
N SER B 409 4.12 -41.53 -38.28
CA SER B 409 4.94 -42.03 -39.38
C SER B 409 6.39 -41.53 -39.33
N ILE B 410 7.31 -42.44 -39.65
CA ILE B 410 8.72 -42.12 -39.77
C ILE B 410 9.16 -42.47 -41.19
N THR B 411 9.97 -41.62 -41.79
CA THR B 411 10.56 -41.89 -43.11
C THR B 411 12.05 -41.56 -43.09
N SER B 412 12.88 -42.48 -43.60
CA SER B 412 14.30 -42.19 -43.78
C SER B 412 14.64 -41.95 -45.24
N ASN B 413 15.69 -41.16 -45.48
CA ASN B 413 16.09 -40.74 -46.82
C ASN B 413 16.99 -41.76 -47.53
N LYS B 414 18.09 -42.13 -46.88
CA LYS B 414 18.97 -43.22 -47.32
C LYS B 414 19.69 -43.83 -46.11
N CYS B 415 20.31 -44.99 -46.35
CA CYS B 415 20.97 -45.77 -45.28
C CYS B 415 21.99 -44.93 -44.51
N PRO B 416 21.65 -44.53 -43.27
CA PRO B 416 22.49 -43.64 -42.47
C PRO B 416 23.57 -44.43 -41.73
N LYS B 417 23.21 -45.00 -40.58
CA LYS B 417 24.08 -45.93 -39.87
C LYS B 417 23.86 -47.32 -40.47
N LYS B 418 24.31 -48.34 -39.76
CA LYS B 418 23.90 -49.72 -40.02
C LYS B 418 23.68 -50.44 -38.70
N ASP B 419 23.14 -49.68 -37.74
CA ASP B 419 22.78 -50.19 -36.42
C ASP B 419 21.34 -49.80 -36.11
N SER B 420 21.12 -49.14 -34.98
CA SER B 420 19.79 -48.70 -34.57
C SER B 420 19.82 -47.36 -33.82
N ASP B 421 18.69 -46.66 -33.85
CA ASP B 421 18.48 -45.46 -33.04
C ASP B 421 17.27 -45.68 -32.14
N SER B 422 17.49 -46.13 -30.91
CA SER B 422 16.38 -46.37 -29.99
C SER B 422 15.91 -45.08 -29.33
N PHE B 423 15.18 -44.26 -30.09
CA PHE B 423 14.64 -43.01 -29.56
C PHE B 423 13.25 -43.21 -28.94
N LYS B 424 12.88 -42.29 -28.04
CA LYS B 424 11.62 -42.35 -27.30
C LYS B 424 10.60 -41.33 -27.79
N ILE B 425 9.31 -41.68 -27.72
CA ILE B 425 8.22 -40.69 -27.84
C ILE B 425 7.45 -40.63 -26.54
N ARG B 426 7.19 -39.41 -26.05
CA ARG B 426 6.75 -39.20 -24.69
C ARG B 426 5.74 -38.04 -24.59
N PRO B 427 4.70 -38.21 -23.75
CA PRO B 427 3.83 -37.09 -23.41
C PRO B 427 4.53 -36.19 -22.39
N LEU B 428 4.54 -34.89 -22.64
CA LEU B 428 5.26 -33.96 -21.77
C LEU B 428 4.60 -33.95 -20.41
N GLY B 429 5.42 -34.18 -19.38
CA GLY B 429 4.92 -34.31 -18.01
C GLY B 429 5.12 -35.71 -17.45
N PHE B 430 4.92 -36.73 -18.29
CA PHE B 430 5.03 -38.13 -17.89
C PHE B 430 6.37 -38.76 -18.23
N THR B 431 6.79 -39.74 -17.43
CA THR B 431 8.01 -40.51 -17.71
C THR B 431 7.69 -41.77 -18.53
N GLU B 432 6.40 -42.02 -18.74
CA GLU B 432 5.95 -43.12 -19.59
C GLU B 432 6.38 -42.89 -21.03
N GLU B 433 7.32 -43.71 -21.48
CA GLU B 433 7.91 -43.58 -22.80
C GLU B 433 7.39 -44.62 -23.77
N VAL B 434 7.71 -44.42 -25.05
CA VAL B 434 7.54 -45.43 -26.08
C VAL B 434 8.88 -45.58 -26.80
N GLU B 435 9.53 -46.73 -26.63
CA GLU B 435 10.73 -47.06 -27.38
C GLU B 435 10.34 -47.32 -28.82
N VAL B 436 11.11 -46.74 -29.76
CA VAL B 436 10.87 -46.94 -31.18
C VAL B 436 12.18 -47.38 -31.87
N ILE B 437 12.59 -48.63 -31.60
CA ILE B 437 13.83 -49.19 -32.14
C ILE B 437 13.78 -49.34 -33.66
N LEU B 438 14.61 -48.55 -34.34
CA LEU B 438 14.66 -48.53 -35.79
C LEU B 438 15.74 -49.46 -36.36
N GLN B 439 15.36 -50.22 -37.38
CA GLN B 439 16.29 -51.05 -38.14
C GLN B 439 16.26 -50.63 -39.60
N TYR B 440 17.44 -50.39 -40.16
CA TYR B 440 17.59 -49.89 -41.52
C TYR B 440 17.92 -51.02 -42.48
N ILE B 441 17.23 -51.05 -43.62
CA ILE B 441 17.46 -52.04 -44.67
C ILE B 441 18.30 -51.41 -45.79
N CYS B 442 19.53 -51.91 -45.94
CA CYS B 442 20.54 -51.33 -46.84
C CYS B 442 21.06 -52.31 -47.91
N GLU B 443 20.78 -53.59 -47.74
CA GLU B 443 21.26 -54.64 -48.66
C GLU B 443 20.19 -55.10 -49.67
N CYS B 444 20.63 -55.59 -50.82
CA CYS B 444 19.75 -56.23 -51.80
C CYS B 444 19.41 -57.64 -51.35
N GLU B 445 18.57 -58.33 -52.11
CA GLU B 445 18.34 -59.77 -51.90
C GLU B 445 18.24 -60.52 -53.23
N PHE C 1 -38.94 0.65 5.69
CA PHE C 1 -39.90 1.22 4.69
C PHE C 1 -41.36 0.94 5.05
N ASN C 2 -41.61 -0.16 5.74
CA ASN C 2 -42.98 -0.59 6.08
C ASN C 2 -43.59 0.00 7.34
N LEU C 3 -42.90 0.94 7.98
CA LEU C 3 -43.42 1.56 9.18
C LEU C 3 -44.38 2.68 8.83
N ASP C 4 -45.63 2.53 9.26
CA ASP C 4 -46.70 3.49 8.97
C ASP C 4 -46.38 4.88 9.53
N ALA C 5 -45.90 5.76 8.66
CA ALA C 5 -45.50 7.12 9.05
C ALA C 5 -46.59 8.17 8.81
N GLU C 6 -47.59 7.84 7.99
CA GLU C 6 -48.74 8.74 7.78
C GLU C 6 -49.67 8.77 8.99
N ALA C 7 -49.90 7.60 9.59
CA ALA C 7 -50.76 7.49 10.76
C ALA C 7 -50.09 6.75 11.92
N PRO C 8 -49.23 7.46 12.69
CA PRO C 8 -48.65 6.87 13.89
C PRO C 8 -49.38 7.29 15.18
N ALA C 9 -49.36 6.41 16.17
CA ALA C 9 -50.03 6.66 17.45
C ALA C 9 -49.24 7.67 18.29
N VAL C 10 -49.90 8.74 18.73
CA VAL C 10 -49.20 9.80 19.44
C VAL C 10 -49.69 10.00 20.88
N LEU C 11 -48.93 9.43 21.81
CA LEU C 11 -49.15 9.58 23.24
C LEU C 11 -48.51 10.88 23.70
N SER C 12 -49.04 11.49 24.76
CA SER C 12 -48.47 12.72 25.31
C SER C 12 -48.82 13.02 26.77
N GLY C 13 -47.83 12.86 27.65
CA GLY C 13 -48.00 13.13 29.08
C GLY C 13 -48.05 14.60 29.43
N PRO C 14 -47.87 14.93 30.73
CA PRO C 14 -47.98 16.33 31.17
C PRO C 14 -46.79 17.20 30.76
N PRO C 15 -47.07 18.44 30.30
CA PRO C 15 -46.07 19.45 29.96
C PRO C 15 -44.94 19.61 30.96
N GLY C 16 -43.71 19.49 30.46
CA GLY C 16 -42.48 19.69 31.24
C GLY C 16 -42.06 18.54 32.14
N SER C 17 -42.58 17.36 31.88
CA SER C 17 -42.35 16.21 32.75
C SER C 17 -41.30 15.31 32.15
N PHE C 18 -40.85 15.68 30.94
CA PHE C 18 -39.91 14.88 30.16
C PHE C 18 -40.50 13.51 29.83
N PHE C 19 -41.82 13.49 29.72
CA PHE C 19 -42.54 12.30 29.29
C PHE C 19 -41.94 11.87 27.97
N GLY C 20 -41.56 10.60 27.88
CA GLY C 20 -40.96 10.06 26.66
C GLY C 20 -39.45 9.97 26.77
N PHE C 21 -38.93 10.07 28.00
CA PHE C 21 -37.49 9.95 28.20
C PHE C 21 -36.99 8.52 28.04
N SER C 22 -37.74 7.55 28.53
CA SER C 22 -37.52 6.14 28.16
C SER C 22 -38.84 5.49 27.77
N VAL C 23 -38.76 4.49 26.90
CA VAL C 23 -39.96 3.82 26.41
C VAL C 23 -39.74 2.31 26.39
N GLU C 24 -40.83 1.57 26.60
CA GLU C 24 -40.75 0.11 26.72
C GLU C 24 -42.10 -0.53 26.39
N PHE C 25 -42.02 -1.73 25.82
CA PHE C 25 -43.19 -2.58 25.62
C PHE C 25 -43.47 -3.31 26.92
N TYR C 26 -44.75 -3.50 27.23
CA TYR C 26 -45.13 -4.32 28.38
C TYR C 26 -46.23 -5.32 28.03
N ARG C 27 -45.99 -6.59 28.40
CA ARG C 27 -46.97 -7.66 28.14
C ARG C 27 -47.23 -8.50 29.41
N PRO C 28 -48.16 -8.04 30.28
CA PRO C 28 -48.49 -8.81 31.49
C PRO C 28 -49.16 -10.14 31.16
N GLY C 29 -48.41 -11.24 31.33
CA GLY C 29 -48.90 -12.57 31.02
C GLY C 29 -48.93 -12.84 29.52
N THR C 30 -50.11 -12.74 28.93
CA THR C 30 -50.32 -13.07 27.51
C THR C 30 -51.38 -12.19 26.83
N ASP C 31 -52.38 -11.78 27.61
CA ASP C 31 -53.61 -11.13 27.13
C ASP C 31 -53.44 -9.89 26.23
N GLY C 32 -52.71 -8.88 26.71
CA GLY C 32 -52.64 -7.62 26.03
C GLY C 32 -51.33 -6.88 26.22
N VAL C 33 -50.79 -6.38 25.10
CA VAL C 33 -49.54 -5.63 25.08
C VAL C 33 -49.83 -4.18 25.48
N SER C 34 -48.89 -3.56 26.20
CA SER C 34 -49.01 -2.15 26.57
C SER C 34 -47.74 -1.35 26.24
N VAL C 35 -47.85 -0.02 26.33
CA VAL C 35 -46.68 0.85 26.17
C VAL C 35 -46.31 1.51 27.49
N LEU C 36 -45.04 1.34 27.89
CA LEU C 36 -44.51 2.00 29.09
C LEU C 36 -43.69 3.22 28.72
N VAL C 37 -43.98 4.32 29.40
CA VAL C 37 -43.34 5.60 29.12
C VAL C 37 -42.93 6.28 30.43
N GLY C 38 -41.61 6.34 30.65
CA GLY C 38 -41.03 7.05 31.82
C GLY C 38 -40.99 8.55 31.66
N ALA C 39 -41.46 9.26 32.69
CA ALA C 39 -41.52 10.72 32.69
C ALA C 39 -40.83 11.28 33.95
N PRO C 40 -39.49 11.43 33.89
CA PRO C 40 -38.60 11.60 35.05
C PRO C 40 -38.67 12.96 35.73
N LYS C 41 -39.48 13.87 35.20
CA LYS C 41 -39.60 15.19 35.79
C LYS C 41 -41.02 15.45 36.29
N ALA C 42 -41.85 14.41 36.24
CA ALA C 42 -43.26 14.49 36.67
C ALA C 42 -43.41 14.75 38.18
N ASN C 43 -44.47 15.47 38.57
CA ASN C 43 -44.84 15.59 39.98
C ASN C 43 -45.72 14.43 40.41
N THR C 44 -45.56 13.97 41.65
CA THR C 44 -46.34 12.83 42.14
C THR C 44 -47.00 13.14 43.48
N SER C 45 -47.81 12.21 43.97
CA SER C 45 -48.52 12.34 45.23
C SER C 45 -47.61 12.29 46.46
N GLN C 46 -46.45 11.67 46.32
CA GLN C 46 -45.51 11.47 47.42
C GLN C 46 -45.26 12.77 48.18
N PRO C 47 -45.49 12.77 49.50
CA PRO C 47 -45.38 13.99 50.31
C PRO C 47 -43.94 14.47 50.49
N GLY C 48 -43.73 15.78 50.28
CA GLY C 48 -42.42 16.41 50.41
C GLY C 48 -41.49 16.01 49.29
N VAL C 49 -42.07 15.70 48.15
CA VAL C 49 -41.29 15.26 47.00
C VAL C 49 -41.53 16.18 45.81
N LEU C 50 -40.57 17.06 45.56
CA LEU C 50 -40.61 17.85 44.36
C LEU C 50 -40.18 16.96 43.20
N GLN C 51 -40.96 17.01 42.14
CA GLN C 51 -40.76 16.20 40.94
C GLN C 51 -39.74 15.05 41.02
N GLY C 52 -40.15 13.95 41.65
CA GLY C 52 -39.53 12.64 41.44
C GLY C 52 -40.27 12.09 40.23
N GLY C 53 -39.69 11.16 39.48
CA GLY C 53 -40.34 10.75 38.23
C GLY C 53 -41.61 9.92 38.38
N ALA C 54 -42.30 9.70 37.26
CA ALA C 54 -43.40 8.74 37.22
C ALA C 54 -43.24 7.90 35.98
N VAL C 55 -43.73 6.66 36.01
CA VAL C 55 -43.81 5.84 34.81
C VAL C 55 -45.27 5.66 34.42
N TYR C 56 -45.57 5.96 33.17
CA TYR C 56 -46.93 5.81 32.65
C TYR C 56 -47.13 4.47 31.96
N LEU C 57 -48.19 3.76 32.40
CA LEU C 57 -48.71 2.57 31.72
C LEU C 57 -49.76 3.05 30.72
N CYS C 58 -49.60 2.61 29.48
CA CYS C 58 -50.50 3.01 28.41
C CYS C 58 -51.04 1.75 27.70
N PRO C 59 -52.20 1.27 28.16
CA PRO C 59 -52.82 0.08 27.56
C PRO C 59 -53.18 0.33 26.10
N TRP C 60 -52.83 -0.63 25.25
CA TRP C 60 -52.94 -0.43 23.81
C TRP C 60 -54.25 -0.86 23.24
N GLY C 61 -54.86 0.05 22.48
CA GLY C 61 -56.07 -0.20 21.70
C GLY C 61 -56.14 0.77 20.55
N ALA C 62 -57.01 0.49 19.57
CA ALA C 62 -57.20 1.37 18.41
C ALA C 62 -57.90 2.69 18.77
N SER C 63 -58.64 2.67 19.89
CA SER C 63 -59.28 3.85 20.45
C SER C 63 -58.26 4.78 21.11
N PRO C 64 -58.62 6.05 21.36
CA PRO C 64 -57.72 6.97 22.07
C PRO C 64 -57.18 6.37 23.38
N THR C 65 -55.97 5.82 23.33
CA THR C 65 -55.34 5.19 24.51
C THR C 65 -54.98 6.23 25.57
N GLN C 66 -55.31 5.93 26.83
CA GLN C 66 -54.95 6.82 27.92
C GLN C 66 -53.82 6.25 28.79
N CYS C 67 -53.10 7.14 29.46
CA CYS C 67 -51.90 6.76 30.19
C CYS C 67 -52.05 6.99 31.68
N THR C 68 -51.67 5.97 32.44
CA THR C 68 -51.85 6.00 33.89
C THR C 68 -50.54 5.85 34.67
N PRO C 69 -50.34 6.72 35.68
CA PRO C 69 -49.17 6.65 36.55
C PRO C 69 -49.16 5.32 37.28
N ILE C 70 -48.00 4.66 37.32
CA ILE C 70 -47.87 3.42 38.07
C ILE C 70 -47.35 3.73 39.47
N GLU C 71 -48.12 3.33 40.48
CA GLU C 71 -47.67 3.49 41.86
C GLU C 71 -46.63 2.41 42.23
N PHE C 72 -45.36 2.72 41.99
CA PHE C 72 -44.26 1.90 42.47
C PHE C 72 -44.04 2.25 43.94
N ASP C 73 -44.01 3.56 44.21
CA ASP C 73 -43.85 4.06 45.55
C ASP C 73 -44.61 5.35 45.67
N SER C 74 -45.49 5.43 46.66
CA SER C 74 -46.34 6.60 46.86
C SER C 74 -46.04 7.31 48.16
N LYS C 75 -45.12 6.76 48.94
CA LYS C 75 -44.70 7.39 50.18
C LYS C 75 -43.51 8.32 49.92
N GLY C 76 -43.48 9.43 50.66
CA GLY C 76 -42.34 10.34 50.65
C GLY C 76 -41.12 9.66 51.24
N SER C 77 -40.14 10.43 51.67
CA SER C 77 -38.86 9.85 52.05
C SER C 77 -38.83 9.30 53.48
N ARG C 78 -38.20 8.14 53.65
CA ARG C 78 -37.93 7.59 55.00
C ARG C 78 -37.10 8.58 55.84
N LEU C 79 -37.36 8.58 57.14
CA LEU C 79 -36.66 9.44 58.11
C LEU C 79 -35.42 8.76 58.71
N LEU C 80 -34.52 9.56 59.28
CA LEU C 80 -33.36 9.04 59.99
C LEU C 80 -33.80 8.74 61.41
N GLU C 81 -33.73 7.47 61.80
CA GLU C 81 -34.29 7.05 63.09
C GLU C 81 -33.57 7.64 64.31
N SER C 82 -32.30 8.02 64.14
CA SER C 82 -31.58 8.68 65.23
C SER C 82 -32.13 10.08 65.55
N SER C 83 -32.90 10.65 64.62
CA SER C 83 -33.59 11.91 64.89
C SER C 83 -35.03 11.68 65.38
N LEU C 84 -35.21 10.62 66.17
CA LEU C 84 -36.46 10.34 66.90
C LEU C 84 -36.80 11.48 67.85
N SER C 85 -35.96 11.65 68.87
CA SER C 85 -36.09 12.76 69.82
C SER C 85 -35.88 14.09 69.11
N SER C 86 -36.96 14.86 69.03
CA SER C 86 -37.01 16.11 68.28
C SER C 86 -36.29 17.29 68.97
N SER C 87 -35.27 16.97 69.78
CA SER C 87 -34.40 17.98 70.39
C SER C 87 -33.48 18.60 69.35
N GLU C 88 -33.57 18.11 68.11
CA GLU C 88 -32.90 18.68 66.95
C GLU C 88 -33.93 18.87 65.83
N GLY C 89 -34.79 17.85 65.65
CA GLY C 89 -35.79 17.82 64.58
C GLY C 89 -35.70 16.53 63.77
N GLU C 90 -36.77 16.19 63.04
CA GLU C 90 -36.82 14.99 62.20
C GLU C 90 -36.14 15.18 60.84
N GLU C 91 -35.04 14.46 60.61
CA GLU C 91 -34.32 14.51 59.34
C GLU C 91 -34.72 13.40 58.35
N PRO C 92 -34.96 13.78 57.07
CA PRO C 92 -35.05 12.76 56.03
C PRO C 92 -33.70 12.06 55.92
N VAL C 93 -33.72 10.76 55.63
CA VAL C 93 -32.51 9.94 55.49
C VAL C 93 -32.22 9.69 54.01
N GLU C 94 -33.21 10.00 53.17
CA GLU C 94 -33.10 9.86 51.73
C GLU C 94 -33.80 11.01 51.07
N TYR C 95 -33.41 11.32 49.84
CA TYR C 95 -33.95 12.48 49.14
C TYR C 95 -34.57 12.04 47.83
N LYS C 96 -35.84 12.37 47.64
CA LYS C 96 -36.53 11.91 46.45
C LYS C 96 -36.79 13.02 45.44
N SER C 97 -36.78 14.27 45.89
CA SER C 97 -36.97 15.41 44.99
C SER C 97 -35.92 15.41 43.87
N LEU C 98 -36.39 15.51 42.63
CA LEU C 98 -35.49 15.65 41.46
C LEU C 98 -34.69 14.38 41.14
N GLN C 99 -35.09 13.26 41.73
CA GLN C 99 -34.39 11.98 41.55
C GLN C 99 -34.45 11.42 40.15
N TRP C 100 -35.33 11.96 39.30
CA TRP C 100 -35.48 11.46 37.93
C TRP C 100 -35.91 10.01 37.88
N PHE C 101 -37.03 9.69 38.53
CA PHE C 101 -37.53 8.31 38.52
C PHE C 101 -38.19 8.01 37.17
N GLY C 102 -37.76 6.93 36.56
CA GLY C 102 -38.18 6.62 35.20
C GLY C 102 -37.29 7.24 34.13
N ALA C 103 -36.09 7.68 34.54
CA ALA C 103 -35.04 7.97 33.56
C ALA C 103 -34.77 6.72 32.75
N THR C 104 -34.99 5.56 33.38
CA THR C 104 -34.93 4.27 32.68
C THR C 104 -36.14 3.39 33.02
N VAL C 105 -36.67 2.71 32.00
CA VAL C 105 -37.84 1.84 32.14
C VAL C 105 -37.59 0.55 31.36
N ARG C 106 -37.79 -0.58 32.04
CA ARG C 106 -37.57 -1.90 31.44
C ARG C 106 -38.63 -2.94 31.84
N ALA C 107 -38.81 -3.95 30.98
CA ALA C 107 -39.82 -4.98 31.18
C ALA C 107 -39.39 -6.33 30.61
N HIS C 108 -39.87 -7.40 31.25
CA HIS C 108 -39.63 -8.79 30.85
C HIS C 108 -40.62 -9.66 31.54
N GLY C 109 -41.45 -10.35 30.76
CA GLY C 109 -42.61 -11.05 31.29
C GLY C 109 -43.58 -10.10 31.95
N SER C 110 -43.95 -10.43 33.19
CA SER C 110 -44.92 -9.67 33.99
C SER C 110 -44.22 -8.58 34.81
N SER C 111 -42.90 -8.57 34.75
CA SER C 111 -42.07 -7.76 35.61
C SER C 111 -41.69 -6.39 34.99
N ILE C 112 -41.56 -5.37 35.84
CA ILE C 112 -41.14 -4.03 35.40
C ILE C 112 -40.03 -3.39 36.25
N LEU C 113 -38.94 -2.98 35.59
CA LEU C 113 -37.88 -2.14 36.18
C LEU C 113 -38.05 -0.66 35.85
N ALA C 114 -37.76 0.18 36.84
CA ALA C 114 -37.83 1.64 36.69
C ALA C 114 -36.91 2.28 37.70
N CYS C 115 -35.96 3.10 37.22
CA CYS C 115 -34.89 3.60 38.10
C CYS C 115 -34.85 5.13 38.24
N ALA C 116 -34.37 5.57 39.41
CA ALA C 116 -34.08 6.96 39.68
C ALA C 116 -32.56 7.08 39.83
N PRO C 117 -31.87 7.49 38.75
CA PRO C 117 -30.41 7.56 38.78
C PRO C 117 -29.90 8.78 39.53
N LEU C 118 -30.77 9.75 39.80
CA LEU C 118 -30.39 10.90 40.61
C LEU C 118 -30.97 10.86 42.03
N TYR C 119 -31.50 9.70 42.41
CA TYR C 119 -31.86 9.43 43.81
C TYR C 119 -30.61 9.51 44.66
N SER C 120 -30.69 10.28 45.74
CA SER C 120 -29.56 10.42 46.64
C SER C 120 -30.05 10.32 48.08
N TRP C 121 -29.16 9.89 48.97
CA TRP C 121 -29.50 9.76 50.37
C TRP C 121 -28.41 10.26 51.28
N ARG C 122 -28.81 10.77 52.44
CA ARG C 122 -27.92 10.97 53.59
C ARG C 122 -27.39 9.61 53.97
N THR C 123 -26.22 9.51 54.59
CA THR C 123 -25.87 8.20 55.14
C THR C 123 -26.60 8.07 56.49
N GLU C 124 -26.35 6.98 57.22
CA GLU C 124 -26.81 6.90 58.62
C GLU C 124 -25.67 7.25 59.58
N LYS C 125 -24.58 7.79 59.03
CA LYS C 125 -23.45 8.23 59.84
C LYS C 125 -23.29 9.75 59.63
N GLU C 126 -22.19 10.14 59.02
CA GLU C 126 -21.94 11.54 58.74
C GLU C 126 -22.74 12.00 57.53
N PRO C 127 -23.45 13.13 57.66
CA PRO C 127 -24.41 13.58 56.64
C PRO C 127 -23.78 13.87 55.27
N LEU C 128 -23.98 12.93 54.33
CA LEU C 128 -23.55 13.09 52.95
C LEU C 128 -24.73 13.33 52.03
N SER C 129 -24.45 13.52 50.74
CA SER C 129 -25.51 13.58 49.73
C SER C 129 -25.12 12.65 48.59
N ASP C 130 -25.24 11.35 48.82
CA ASP C 130 -24.74 10.38 47.86
C ASP C 130 -25.78 10.00 46.81
N PRO C 131 -25.47 10.25 45.54
CA PRO C 131 -26.39 9.85 44.49
C PRO C 131 -26.11 8.40 44.09
N VAL C 132 -26.55 7.50 44.95
CA VAL C 132 -26.36 6.06 44.77
C VAL C 132 -27.35 5.45 43.77
N GLY C 133 -28.35 6.21 43.38
CA GLY C 133 -29.44 5.70 42.55
C GLY C 133 -30.33 4.69 43.26
N THR C 134 -31.38 4.27 42.57
CA THR C 134 -32.32 3.28 43.09
C THR C 134 -33.26 2.90 41.97
N CYS C 135 -33.63 1.62 41.94
CA CYS C 135 -34.64 1.15 41.03
C CYS C 135 -35.78 0.59 41.86
N TYR C 136 -36.96 0.52 41.25
CA TYR C 136 -38.08 -0.23 41.81
C TYR C 136 -38.47 -1.30 40.82
N LEU C 137 -38.58 -2.53 41.33
CA LEU C 137 -38.88 -3.71 40.54
C LEU C 137 -40.25 -4.28 40.90
N SER C 138 -41.19 -4.10 39.98
CA SER C 138 -42.54 -4.62 40.11
C SER C 138 -42.62 -6.02 39.51
N THR C 139 -43.17 -6.95 40.27
CA THR C 139 -43.31 -8.35 39.84
C THR C 139 -44.79 -8.81 39.73
N ASP C 140 -45.02 -9.80 38.87
CA ASP C 140 -46.35 -10.41 38.65
C ASP C 140 -47.51 -9.40 38.57
N ASN C 141 -47.66 -8.74 37.42
CA ASN C 141 -48.62 -7.64 37.22
C ASN C 141 -48.99 -6.81 38.47
N PHE C 142 -47.97 -6.31 39.15
CA PHE C 142 -48.09 -5.41 40.33
C PHE C 142 -48.49 -6.08 41.66
N THR C 143 -48.46 -7.42 41.71
CA THR C 143 -48.75 -8.11 42.97
C THR C 143 -47.75 -7.67 44.04
N ARG C 144 -46.48 -7.60 43.67
CA ARG C 144 -45.44 -7.13 44.59
C ARG C 144 -44.48 -6.11 43.96
N ILE C 145 -44.13 -5.08 44.74
CA ILE C 145 -43.15 -4.09 44.33
C ILE C 145 -41.92 -4.15 45.23
N LEU C 146 -40.78 -4.39 44.60
CA LEU C 146 -39.48 -4.46 45.28
C LEU C 146 -38.63 -3.23 44.98
N GLU C 147 -37.83 -2.79 45.95
CA GLU C 147 -36.84 -1.73 45.71
C GLU C 147 -35.46 -2.35 45.52
N TYR C 148 -34.76 -1.90 44.49
CA TYR C 148 -33.41 -2.37 44.22
C TYR C 148 -32.40 -1.23 44.06
N ALA C 149 -31.61 -1.03 45.11
CA ALA C 149 -30.57 -0.02 45.15
C ALA C 149 -29.25 -0.63 45.58
N PRO C 150 -28.60 -1.40 44.69
CA PRO C 150 -27.40 -2.16 45.12
C PRO C 150 -26.21 -1.29 45.50
N CYS C 151 -26.20 -0.03 45.08
CA CYS C 151 -25.10 0.89 45.38
C CYS C 151 -25.28 1.66 46.68
N ARG C 152 -26.48 1.54 47.26
CA ARG C 152 -26.76 2.06 48.60
C ARG C 152 -26.25 1.02 49.59
N SER C 153 -24.99 1.16 49.99
CA SER C 153 -24.34 0.16 50.80
C SER C 153 -23.43 0.77 51.85
N ASP C 154 -22.53 -0.04 52.39
CA ASP C 154 -21.63 0.38 53.45
C ASP C 154 -20.53 1.26 52.91
N PHE C 155 -20.19 1.05 51.65
CA PHE C 155 -19.17 1.84 51.00
C PHE C 155 -19.75 3.15 50.51
N SER C 156 -19.65 4.15 51.39
CA SER C 156 -20.47 5.37 51.37
C SER C 156 -20.17 6.46 50.35
N TRP C 157 -18.92 6.91 50.25
CA TRP C 157 -18.65 8.17 49.55
C TRP C 157 -18.19 7.90 48.14
N ALA C 158 -17.82 8.95 47.39
CA ALA C 158 -17.20 8.83 46.05
C ALA C 158 -16.10 7.77 45.93
N ALA C 159 -15.33 7.61 47.01
CA ALA C 159 -14.28 6.60 47.05
C ALA C 159 -14.84 5.18 46.90
N GLY C 160 -16.11 5.04 47.24
CA GLY C 160 -16.81 3.76 47.12
C GLY C 160 -17.98 3.92 46.17
N GLN C 161 -19.19 3.63 46.68
CA GLN C 161 -20.37 3.57 45.81
C GLN C 161 -21.34 4.76 45.95
N GLY C 162 -20.96 5.75 46.75
CA GLY C 162 -21.79 6.92 46.99
C GLY C 162 -22.35 7.65 45.78
N TYR C 163 -21.61 7.62 44.67
CA TYR C 163 -21.92 8.44 43.50
C TYR C 163 -22.21 7.55 42.29
N CYS C 164 -22.50 6.30 42.58
CA CYS C 164 -22.77 5.25 41.61
C CYS C 164 -23.89 5.56 40.60
N GLN C 165 -24.98 6.14 41.08
CA GLN C 165 -26.17 6.35 40.25
C GLN C 165 -26.60 5.08 39.51
N GLY C 166 -26.69 3.99 40.27
CA GLY C 166 -27.07 2.67 39.74
C GLY C 166 -28.45 2.74 39.10
N GLY C 167 -28.54 2.33 37.84
CA GLY C 167 -29.81 2.45 37.12
C GLY C 167 -29.76 3.55 36.09
N PHE C 168 -28.66 4.31 36.06
CA PHE C 168 -28.41 5.23 34.96
C PHE C 168 -28.61 4.50 33.63
N SER C 169 -28.19 3.24 33.56
CA SER C 169 -28.58 2.32 32.48
C SER C 169 -28.98 0.93 33.03
N ALA C 170 -29.93 0.30 32.33
CA ALA C 170 -30.61 -0.88 32.86
C ALA C 170 -31.15 -1.78 31.75
N GLU C 171 -30.99 -3.09 31.91
CA GLU C 171 -31.50 -4.09 30.97
C GLU C 171 -31.84 -5.41 31.67
N PHE C 172 -32.96 -6.02 31.24
CA PHE C 172 -33.34 -7.37 31.66
C PHE C 172 -32.67 -8.33 30.71
N THR C 173 -32.39 -9.54 31.17
CA THR C 173 -31.94 -10.59 30.25
C THR C 173 -33.08 -11.54 29.83
N LYS C 174 -32.76 -12.43 28.91
CA LYS C 174 -33.55 -13.61 28.53
C LYS C 174 -34.35 -14.20 29.70
N THR C 175 -33.73 -14.23 30.88
CA THR C 175 -34.22 -14.89 32.09
C THR C 175 -35.16 -14.00 32.93
N GLY C 176 -35.07 -12.69 32.74
CA GLY C 176 -35.73 -11.73 33.62
C GLY C 176 -34.75 -11.20 34.65
N ARG C 177 -33.51 -11.65 34.54
CA ARG C 177 -32.43 -11.19 35.39
C ARG C 177 -32.21 -9.70 35.20
N VAL C 178 -31.93 -9.01 36.31
CA VAL C 178 -31.72 -7.57 36.34
C VAL C 178 -30.24 -7.22 36.17
N VAL C 179 -29.96 -6.30 35.23
CA VAL C 179 -28.60 -5.78 34.98
C VAL C 179 -28.60 -4.26 35.06
N LEU C 180 -27.71 -3.72 35.89
CA LEU C 180 -27.64 -2.28 36.16
C LEU C 180 -26.30 -1.63 35.81
N GLY C 181 -26.38 -0.45 35.20
CA GLY C 181 -25.18 0.39 34.98
C GLY C 181 -25.07 1.48 36.02
N GLY C 182 -23.92 1.53 36.70
CA GLY C 182 -23.60 2.62 37.63
C GLY C 182 -22.30 3.35 37.27
N PRO C 183 -22.39 4.39 36.40
CA PRO C 183 -21.21 5.08 35.87
C PRO C 183 -20.32 5.74 36.92
N GLY C 184 -20.89 5.95 38.11
CA GLY C 184 -20.23 6.75 39.15
C GLY C 184 -19.42 6.03 40.22
N SER C 185 -19.49 4.70 40.26
CA SER C 185 -18.79 3.98 41.32
C SER C 185 -17.29 4.26 41.27
N TYR C 186 -16.64 4.28 42.45
CA TYR C 186 -15.17 4.38 42.58
C TYR C 186 -14.51 5.56 41.84
N PHE C 187 -14.82 6.77 42.27
CA PHE C 187 -14.38 7.96 41.55
C PHE C 187 -14.59 7.76 40.06
N TRP C 188 -15.82 7.37 39.72
CA TRP C 188 -16.32 7.34 38.36
C TRP C 188 -15.64 6.36 37.43
N GLN C 189 -14.98 5.35 37.99
CA GLN C 189 -14.57 4.18 37.21
C GLN C 189 -15.78 3.55 36.52
N GLY C 190 -16.88 3.49 37.27
CA GLY C 190 -18.12 2.87 36.84
C GLY C 190 -18.25 1.44 37.33
N GLN C 191 -19.48 1.04 37.63
CA GLN C 191 -19.76 -0.32 38.06
C GLN C 191 -20.88 -0.93 37.22
N ILE C 192 -20.86 -2.27 37.12
CA ILE C 192 -21.97 -3.04 36.55
C ILE C 192 -22.47 -4.01 37.61
N LEU C 193 -23.76 -3.92 37.93
CA LEU C 193 -24.37 -4.73 39.00
C LEU C 193 -25.48 -5.61 38.47
N SER C 194 -25.46 -6.90 38.81
CA SER C 194 -26.52 -7.80 38.37
C SER C 194 -27.01 -8.79 39.43
N ALA C 195 -28.33 -8.98 39.48
CA ALA C 195 -28.97 -9.91 40.39
C ALA C 195 -30.24 -10.49 39.77
N THR C 196 -30.64 -11.66 40.25
CA THR C 196 -31.87 -12.30 39.78
C THR C 196 -33.00 -11.69 40.58
N GLN C 197 -34.20 -11.71 40.01
CA GLN C 197 -35.38 -11.16 40.70
C GLN C 197 -35.65 -11.92 42.00
N GLU C 198 -35.33 -13.20 42.01
CA GLU C 198 -35.47 -14.00 43.22
C GLU C 198 -34.60 -13.36 44.31
N GLN C 199 -33.31 -13.20 44.00
CA GLN C 199 -32.30 -12.62 44.93
C GLN C 199 -32.66 -11.23 45.45
N ILE C 200 -33.44 -10.48 44.68
CA ILE C 200 -33.88 -9.14 45.06
C ILE C 200 -35.00 -9.21 46.08
N ALA C 201 -36.01 -10.02 45.79
CA ALA C 201 -37.11 -10.30 46.75
C ALA C 201 -36.59 -10.89 48.07
N GLU C 202 -35.68 -11.87 47.96
CA GLU C 202 -34.96 -12.46 49.09
C GLU C 202 -34.31 -11.44 50.02
N SER C 203 -34.01 -10.26 49.51
CA SER C 203 -33.20 -9.32 50.27
C SER C 203 -33.95 -8.05 50.65
N TYR C 204 -35.13 -7.86 50.06
CA TYR C 204 -35.94 -6.67 50.29
C TYR C 204 -36.51 -6.59 51.72
N TYR C 205 -35.76 -5.93 52.59
CA TYR C 205 -36.17 -5.66 53.95
C TYR C 205 -36.14 -4.13 54.14
N PRO C 206 -37.18 -3.41 53.63
CA PRO C 206 -37.22 -1.95 53.52
C PRO C 206 -37.13 -1.18 54.82
N GLU C 207 -36.91 -1.86 55.92
CA GLU C 207 -36.83 -1.17 57.20
C GLU C 207 -35.40 -0.74 57.46
N TYR C 208 -34.49 -1.41 56.76
CA TYR C 208 -33.12 -0.98 56.68
C TYR C 208 -32.86 -0.53 55.25
N LEU C 209 -32.19 0.60 55.12
CA LEU C 209 -31.86 1.15 53.82
C LEU C 209 -30.89 0.25 53.03
N ILE C 210 -29.92 -0.36 53.73
CA ILE C 210 -28.93 -1.20 53.07
C ILE C 210 -29.37 -2.66 53.04
N ASN C 211 -29.72 -3.17 51.86
CA ASN C 211 -30.10 -4.58 51.70
C ASN C 211 -29.14 -5.36 50.81
N LEU C 212 -28.02 -5.82 51.39
CA LEU C 212 -27.06 -6.65 50.65
C LEU C 212 -27.72 -7.85 49.98
N VAL C 213 -27.59 -7.91 48.65
CA VAL C 213 -28.16 -8.99 47.87
C VAL C 213 -27.17 -10.15 47.85
N GLN C 214 -27.60 -11.28 48.42
CA GLN C 214 -26.70 -12.37 48.77
C GLN C 214 -25.94 -13.01 47.60
N GLY C 215 -26.58 -13.14 46.44
CA GLY C 215 -25.93 -13.79 45.30
C GLY C 215 -25.29 -12.88 44.26
N GLN C 216 -25.31 -11.58 44.54
CA GLN C 216 -25.18 -10.51 43.52
C GLN C 216 -23.86 -10.46 42.73
N LEU C 217 -23.91 -9.79 41.58
CA LEU C 217 -22.75 -9.67 40.69
C LEU C 217 -22.25 -8.21 40.50
N GLN C 218 -20.94 -8.01 40.69
CA GLN C 218 -20.33 -6.68 40.61
C GLN C 218 -19.00 -6.67 39.90
N THR C 219 -18.74 -5.64 39.10
CA THR C 219 -17.36 -5.36 38.69
C THR C 219 -16.58 -4.89 39.95
N ARG C 220 -15.32 -5.31 40.08
CA ARG C 220 -14.51 -4.96 41.25
C ARG C 220 -13.91 -3.56 41.07
N GLN C 221 -13.51 -2.93 42.16
CA GLN C 221 -12.77 -1.67 42.08
C GLN C 221 -11.34 -1.87 41.58
N ALA C 222 -10.93 -1.02 40.66
CA ALA C 222 -9.60 -1.06 40.07
C ALA C 222 -8.65 0.00 40.67
N SER C 223 -7.43 0.06 40.16
CA SER C 223 -6.50 1.12 40.55
C SER C 223 -7.03 2.45 40.05
N SER C 224 -6.52 3.52 40.64
CA SER C 224 -7.06 4.86 40.40
C SER C 224 -6.67 5.41 39.03
N ILE C 225 -5.90 4.64 38.28
CA ILE C 225 -5.57 5.02 36.91
C ILE C 225 -6.74 4.68 35.98
N TYR C 226 -7.84 4.16 36.55
CA TYR C 226 -9.08 3.89 35.80
C TYR C 226 -10.23 4.83 36.17
N ASP C 227 -9.99 5.75 37.09
CA ASP C 227 -10.98 6.76 37.45
C ASP C 227 -11.55 7.54 36.25
N ASP C 228 -12.74 8.10 36.43
CA ASP C 228 -13.45 8.85 35.37
C ASP C 228 -13.51 8.10 34.04
N SER C 229 -14.27 7.01 34.00
CA SER C 229 -14.38 6.18 32.79
C SER C 229 -15.81 5.75 32.51
N TYR C 230 -16.71 6.04 33.43
CA TYR C 230 -18.12 5.74 33.30
C TYR C 230 -18.49 4.31 32.80
N LEU C 231 -17.88 3.27 33.38
CA LEU C 231 -18.31 1.90 33.09
C LEU C 231 -19.76 1.77 33.48
N GLY C 232 -20.58 1.38 32.51
CA GLY C 232 -22.01 1.30 32.71
C GLY C 232 -22.75 2.57 32.38
N TYR C 233 -22.22 3.38 31.49
CA TYR C 233 -22.90 4.59 31.07
C TYR C 233 -24.09 4.17 30.21
N SER C 234 -23.92 3.03 29.53
CA SER C 234 -24.95 2.44 28.70
C SER C 234 -24.79 0.92 28.75
N VAL C 235 -25.90 0.20 28.64
CA VAL C 235 -25.89 -1.24 28.86
C VAL C 235 -26.78 -2.06 27.89
N ALA C 236 -26.25 -3.19 27.45
CA ALA C 236 -27.01 -4.14 26.63
C ALA C 236 -26.66 -5.58 27.00
N VAL C 237 -27.50 -6.52 26.58
CA VAL C 237 -27.26 -7.96 26.79
C VAL C 237 -27.33 -8.73 25.48
N GLY C 238 -26.65 -9.87 25.43
CA GLY C 238 -26.64 -10.75 24.26
C GLY C 238 -25.65 -11.87 24.47
N GLU C 239 -25.66 -12.86 23.57
CA GLU C 239 -24.72 -13.98 23.69
C GLU C 239 -23.42 -13.77 22.90
N PHE C 240 -22.30 -13.82 23.61
CA PHE C 240 -20.99 -13.56 23.02
C PHE C 240 -19.93 -14.54 23.49
N SER C 241 -20.23 -15.31 24.53
CA SER C 241 -19.53 -16.59 24.75
C SER C 241 -20.36 -17.64 24.01
N GLY C 242 -19.91 -18.89 24.03
CA GLY C 242 -20.67 -19.95 23.37
C GLY C 242 -21.57 -20.73 24.32
N ASP C 243 -22.18 -20.03 25.28
CA ASP C 243 -23.05 -20.70 26.25
C ASP C 243 -24.51 -20.24 26.12
N ASP C 244 -25.24 -20.28 27.22
CA ASP C 244 -26.68 -20.08 27.19
C ASP C 244 -27.15 -18.96 28.11
N THR C 245 -26.22 -18.43 28.92
CA THR C 245 -26.51 -17.25 29.74
C THR C 245 -26.01 -15.99 29.05
N GLU C 246 -26.92 -15.08 28.76
CA GLU C 246 -26.60 -13.80 28.12
C GLU C 246 -25.51 -13.01 28.82
N ASP C 247 -24.68 -12.35 28.03
CA ASP C 247 -23.54 -11.61 28.52
C ASP C 247 -23.83 -10.11 28.54
N PHE C 248 -22.97 -9.31 29.19
CA PHE C 248 -23.25 -7.89 29.37
C PHE C 248 -22.37 -6.95 28.55
N VAL C 249 -23.02 -6.20 27.68
CA VAL C 249 -22.40 -5.15 26.90
C VAL C 249 -22.54 -3.87 27.73
N ALA C 250 -21.39 -3.29 28.07
CA ALA C 250 -21.37 -2.08 28.86
C ALA C 250 -20.53 -1.02 28.16
N GLY C 251 -21.09 0.18 28.03
CA GLY C 251 -20.35 1.33 27.52
C GLY C 251 -19.38 1.87 28.56
N VAL C 252 -18.22 2.35 28.10
CA VAL C 252 -17.22 2.94 29.01
C VAL C 252 -16.68 4.16 28.27
N PRO C 253 -17.53 5.18 28.04
CA PRO C 253 -17.24 6.21 27.04
C PRO C 253 -15.99 7.05 27.30
N LYS C 254 -15.55 7.15 28.56
CA LYS C 254 -14.38 7.96 28.88
C LYS C 254 -13.15 7.10 29.23
N GLY C 255 -12.84 6.17 28.33
CA GLY C 255 -11.91 5.07 28.59
C GLY C 255 -10.46 5.19 28.14
N ASN C 256 -10.12 4.65 26.96
CA ASN C 256 -8.71 4.61 26.47
C ASN C 256 -7.87 5.76 27.00
N LEU C 257 -8.20 6.97 26.55
CA LEU C 257 -7.79 8.17 27.27
C LEU C 257 -9.03 9.00 27.36
N THR C 258 -9.60 9.34 26.23
CA THR C 258 -10.94 9.87 26.20
C THR C 258 -11.68 9.27 25.01
N TYR C 259 -10.92 8.55 24.18
CA TYR C 259 -11.48 7.54 23.33
C TYR C 259 -12.10 6.63 24.35
N GLY C 260 -13.34 6.20 24.12
CA GLY C 260 -13.98 5.29 25.06
C GLY C 260 -13.66 3.85 24.72
N TYR C 261 -14.44 2.94 25.30
CA TYR C 261 -14.45 1.55 24.84
C TYR C 261 -15.72 0.84 25.30
N VAL C 262 -15.96 -0.33 24.73
CA VAL C 262 -17.06 -1.17 25.18
C VAL C 262 -16.48 -2.52 25.64
N THR C 263 -16.97 -3.01 26.77
CA THR C 263 -16.65 -4.36 27.24
C THR C 263 -17.82 -5.27 27.03
N ILE C 264 -17.53 -6.56 26.90
CA ILE C 264 -18.54 -7.59 26.95
C ILE C 264 -18.13 -8.53 28.08
N LEU C 265 -19.01 -8.67 29.07
CA LEU C 265 -18.67 -9.40 30.29
C LEU C 265 -19.41 -10.72 30.40
N ASN C 266 -18.66 -11.79 30.64
CA ASN C 266 -19.21 -13.13 30.88
C ASN C 266 -20.40 -13.05 31.85
N GLY C 267 -21.60 -13.30 31.32
CA GLY C 267 -22.84 -13.30 32.07
C GLY C 267 -22.93 -14.17 33.33
N SER C 268 -22.12 -15.21 33.43
CA SER C 268 -22.17 -16.09 34.61
C SER C 268 -21.34 -15.52 35.76
N ASP C 269 -20.08 -15.20 35.51
CA ASP C 269 -19.24 -14.47 36.47
C ASP C 269 -18.72 -13.23 35.76
N ILE C 270 -19.30 -12.08 36.07
CA ILE C 270 -18.90 -10.85 35.38
C ILE C 270 -17.40 -10.87 35.22
N ARG C 271 -16.95 -10.95 33.97
CA ARG C 271 -15.54 -10.96 33.62
C ARG C 271 -15.38 -10.44 32.22
N SER C 272 -14.30 -9.72 31.98
CA SER C 272 -13.99 -9.27 30.64
C SER C 272 -13.92 -10.46 29.71
N LEU C 273 -14.64 -10.36 28.60
CA LEU C 273 -14.41 -11.26 27.48
C LEU C 273 -13.81 -10.46 26.35
N TYR C 274 -14.48 -9.37 25.98
CA TYR C 274 -14.04 -8.52 24.88
C TYR C 274 -13.90 -7.05 25.27
N ASN C 275 -13.09 -6.34 24.48
CA ASN C 275 -13.01 -4.89 24.50
C ASN C 275 -13.02 -4.36 23.09
N PHE C 276 -13.69 -3.22 22.88
CA PHE C 276 -13.76 -2.55 21.56
C PHE C 276 -13.61 -1.06 21.77
N SER C 277 -12.59 -0.46 21.17
CA SER C 277 -12.28 0.96 21.45
C SER C 277 -12.68 1.98 20.39
N GLY C 278 -12.89 3.21 20.83
CA GLY C 278 -13.28 4.30 19.94
C GLY C 278 -12.11 4.77 19.09
N GLU C 279 -12.43 5.50 18.02
CA GLU C 279 -11.38 5.93 17.10
C GLU C 279 -10.97 7.39 17.26
N GLN C 280 -11.76 8.14 18.02
CA GLN C 280 -11.57 9.58 18.19
C GLN C 280 -11.79 10.05 19.62
N MET C 281 -10.86 10.86 20.13
CA MET C 281 -11.02 11.49 21.43
C MET C 281 -12.34 12.26 21.59
N ALA C 282 -13.03 11.96 22.68
CA ALA C 282 -14.25 12.66 23.11
C ALA C 282 -15.47 12.46 22.21
N SER C 283 -15.34 11.60 21.21
CA SER C 283 -16.51 11.01 20.59
C SER C 283 -17.03 10.11 21.69
N TYR C 284 -18.32 10.18 21.95
CA TYR C 284 -18.80 9.53 23.15
C TYR C 284 -19.04 8.03 22.89
N PHE C 285 -17.96 7.30 22.61
CA PHE C 285 -18.03 5.92 22.15
C PHE C 285 -18.45 5.04 23.32
N GLY C 286 -19.67 4.53 23.27
CA GLY C 286 -20.24 3.85 24.41
C GLY C 286 -21.41 4.61 25.02
N TYR C 287 -21.81 5.70 24.36
CA TYR C 287 -22.97 6.47 24.76
C TYR C 287 -24.21 5.61 24.67
N ALA C 288 -24.29 4.82 23.61
CA ALA C 288 -25.37 3.87 23.42
C ALA C 288 -24.76 2.56 22.95
N VAL C 289 -25.41 1.45 23.30
CA VAL C 289 -24.97 0.11 22.88
C VAL C 289 -26.16 -0.78 22.54
N ALA C 290 -25.96 -1.67 21.58
CA ALA C 290 -27.00 -2.56 21.16
C ALA C 290 -26.37 -3.87 20.74
N ALA C 291 -27.01 -4.95 21.14
CA ALA C 291 -26.69 -6.29 20.66
C ALA C 291 -27.94 -6.84 20.00
N THR C 292 -27.74 -7.47 18.86
CA THR C 292 -28.78 -8.10 18.05
C THR C 292 -28.06 -8.80 16.91
N ASP C 293 -28.72 -9.78 16.29
CA ASP C 293 -28.12 -10.43 15.12
C ASP C 293 -28.58 -9.80 13.82
N VAL C 294 -27.64 -9.45 12.97
CA VAL C 294 -27.89 -8.54 11.85
C VAL C 294 -27.83 -9.23 10.47
N ASN C 295 -27.32 -10.46 10.42
CA ASN C 295 -26.96 -11.08 9.15
C ASN C 295 -27.48 -12.50 8.89
N GLY C 296 -28.28 -13.04 9.79
CA GLY C 296 -28.84 -14.37 9.60
C GLY C 296 -28.26 -15.42 10.54
N ASP C 297 -26.95 -15.63 10.51
CA ASP C 297 -26.29 -16.63 11.37
C ASP C 297 -26.67 -16.44 12.84
N GLY C 298 -26.74 -17.52 13.60
CA GLY C 298 -27.21 -17.46 14.98
C GLY C 298 -26.28 -16.77 15.97
N LEU C 299 -25.57 -15.73 15.53
CA LEU C 299 -24.60 -15.04 16.35
C LEU C 299 -24.90 -13.54 16.44
N ASP C 300 -25.28 -13.09 17.65
CA ASP C 300 -25.59 -11.68 17.90
C ASP C 300 -24.37 -10.81 17.68
N ASP C 301 -24.60 -9.67 17.04
CA ASP C 301 -23.51 -8.76 16.71
C ASP C 301 -23.63 -7.46 17.51
N LEU C 302 -22.53 -6.71 17.56
CA LEU C 302 -22.42 -5.56 18.44
C LEU C 302 -22.66 -4.26 17.69
N LEU C 303 -23.39 -3.35 18.34
CA LEU C 303 -23.55 -2.01 17.79
C LEU C 303 -23.15 -0.95 18.82
N VAL C 304 -22.25 -0.04 18.44
CA VAL C 304 -21.83 0.99 19.39
C VAL C 304 -22.12 2.40 18.89
N GLY C 305 -22.65 3.22 19.79
CA GLY C 305 -22.91 4.63 19.50
C GLY C 305 -21.71 5.50 19.83
N ALA C 306 -21.65 6.67 19.17
CA ALA C 306 -20.55 7.62 19.31
C ALA C 306 -20.98 8.93 18.67
N PRO C 307 -22.03 9.56 19.25
CA PRO C 307 -22.77 10.66 18.63
C PRO C 307 -21.98 11.99 18.48
N LEU C 308 -20.79 12.06 19.06
CA LEU C 308 -20.02 13.30 19.12
C LEU C 308 -18.89 13.34 18.10
N LEU C 309 -18.69 12.23 17.40
CA LEU C 309 -17.60 12.09 16.42
C LEU C 309 -17.59 13.23 15.40
N MET C 310 -16.38 13.74 15.15
CA MET C 310 -16.09 14.73 14.12
C MET C 310 -15.52 14.04 12.90
N ASP C 311 -16.18 14.22 11.77
CA ASP C 311 -15.57 13.87 10.49
C ASP C 311 -15.22 15.17 9.77
N ARG C 312 -14.54 15.06 8.64
CA ARG C 312 -14.28 16.23 7.79
C ARG C 312 -15.07 16.12 6.50
N THR C 313 -15.73 17.21 6.13
CA THR C 313 -16.44 17.28 4.85
C THR C 313 -15.41 17.24 3.73
N PRO C 314 -15.85 17.01 2.48
CA PRO C 314 -14.85 16.91 1.39
C PRO C 314 -14.05 18.18 1.18
N ASP C 315 -14.68 19.34 1.38
CA ASP C 315 -13.99 20.62 1.21
C ASP C 315 -13.12 20.98 2.42
N GLY C 316 -13.06 20.07 3.38
CA GLY C 316 -12.06 20.13 4.45
C GLY C 316 -12.55 20.54 5.83
N ARG C 317 -13.81 20.94 5.93
CA ARG C 317 -14.35 21.45 7.20
C ARG C 317 -14.60 20.32 8.22
N PRO C 318 -14.13 20.52 9.48
CA PRO C 318 -14.53 19.55 10.51
C PRO C 318 -16.01 19.74 10.85
N GLN C 319 -16.70 18.68 11.28
CA GLN C 319 -18.10 18.76 11.74
C GLN C 319 -18.55 17.62 12.68
N GLU C 320 -19.43 17.97 13.62
CA GLU C 320 -19.99 17.01 14.60
C GLU C 320 -21.21 16.31 13.98
N VAL C 321 -21.07 15.01 13.72
CA VAL C 321 -22.14 14.27 13.09
C VAL C 321 -22.54 13.03 13.86
N GLY C 322 -21.56 12.21 14.22
CA GLY C 322 -21.82 11.00 15.01
C GLY C 322 -21.60 9.72 14.25
N ARG C 323 -21.23 8.66 14.97
CA ARG C 323 -20.96 7.40 14.29
C ARG C 323 -21.47 6.16 15.04
N VAL C 324 -21.92 5.17 14.27
CA VAL C 324 -22.34 3.87 14.78
C VAL C 324 -21.40 2.82 14.17
N TYR C 325 -20.84 1.97 15.01
CA TYR C 325 -19.89 0.95 14.58
C TYR C 325 -20.51 -0.41 14.84
N VAL C 326 -20.41 -1.31 13.87
CA VAL C 326 -21.05 -2.63 13.92
C VAL C 326 -20.02 -3.74 13.88
N TYR C 327 -20.00 -4.57 14.92
CA TYR C 327 -18.96 -5.60 15.07
C TYR C 327 -19.56 -7.00 14.95
N LEU C 328 -19.49 -7.61 13.76
CA LEU C 328 -20.15 -8.89 13.52
C LEU C 328 -19.44 -10.07 14.20
N GLN C 329 -20.22 -10.90 14.89
CA GLN C 329 -19.67 -12.05 15.59
C GLN C 329 -19.49 -13.23 14.67
N HIS C 330 -18.26 -13.75 14.64
CA HIS C 330 -17.94 -15.00 13.93
C HIS C 330 -17.71 -16.10 14.93
N PRO C 331 -17.83 -17.38 14.50
CA PRO C 331 -17.59 -18.52 15.41
C PRO C 331 -16.24 -18.47 16.14
N ALA C 332 -15.18 -18.03 15.46
CA ALA C 332 -13.84 -17.92 16.05
C ALA C 332 -13.75 -16.83 17.13
N GLY C 333 -14.57 -15.80 16.99
CA GLY C 333 -14.61 -14.67 17.92
C GLY C 333 -15.24 -13.49 17.22
N ILE C 334 -15.45 -12.39 17.94
CA ILE C 334 -15.91 -11.14 17.31
C ILE C 334 -14.70 -10.37 16.82
N GLU C 335 -14.85 -9.79 15.62
CA GLU C 335 -13.82 -8.98 14.99
C GLU C 335 -13.38 -7.84 15.93
N PRO C 336 -12.06 -7.66 16.12
CA PRO C 336 -11.54 -6.57 16.95
C PRO C 336 -11.84 -5.17 16.38
N THR C 337 -11.92 -5.06 15.06
CA THR C 337 -12.27 -3.80 14.41
C THR C 337 -13.65 -3.90 13.79
N PRO C 338 -14.33 -2.76 13.58
CA PRO C 338 -15.71 -2.79 13.08
C PRO C 338 -15.80 -3.36 11.68
N THR C 339 -16.77 -4.23 11.47
CA THR C 339 -17.03 -4.79 10.16
C THR C 339 -17.61 -3.71 9.25
N LEU C 340 -18.44 -2.86 9.84
CA LEU C 340 -19.08 -1.77 9.12
C LEU C 340 -19.13 -0.54 10.04
N THR C 341 -19.23 0.66 9.45
CA THR C 341 -19.53 1.88 10.21
C THR C 341 -20.64 2.68 9.52
N LEU C 342 -21.25 3.62 10.26
CA LEU C 342 -22.31 4.50 9.74
C LEU C 342 -22.18 5.92 10.34
N THR C 343 -22.43 6.96 9.53
CA THR C 343 -22.14 8.34 9.93
C THR C 343 -23.35 9.24 9.70
N GLY C 344 -23.56 10.18 10.62
CA GLY C 344 -24.62 11.15 10.49
C GLY C 344 -24.28 12.16 9.42
N HIS C 345 -25.28 12.95 9.03
CA HIS C 345 -25.16 13.92 7.94
C HIS C 345 -25.44 15.31 8.42
N ASP C 346 -26.41 15.44 9.32
CA ASP C 346 -26.73 16.73 9.92
C ASP C 346 -25.69 17.12 10.97
N GLU C 347 -25.14 18.32 10.83
CA GLU C 347 -24.20 18.86 11.80
C GLU C 347 -24.90 19.02 13.15
N PHE C 348 -24.26 18.51 14.20
CA PHE C 348 -24.76 18.54 15.60
C PHE C 348 -25.97 17.65 15.85
N GLY C 349 -26.40 16.89 14.85
CA GLY C 349 -27.53 15.98 15.02
C GLY C 349 -27.04 14.72 15.68
N ARG C 350 -26.74 14.81 16.97
CA ARG C 350 -26.08 13.73 17.71
C ARG C 350 -26.51 12.35 17.19
N PHE C 351 -25.79 11.85 16.18
CA PHE C 351 -26.24 10.68 15.47
C PHE C 351 -26.46 9.50 16.38
N GLY C 352 -25.39 8.83 16.82
CA GLY C 352 -25.55 7.51 17.44
C GLY C 352 -26.07 7.43 18.87
N SER C 353 -26.85 8.44 19.28
CA SER C 353 -27.33 8.60 20.66
C SER C 353 -28.25 7.49 21.18
N SER C 354 -29.06 6.93 20.28
CA SER C 354 -29.92 5.80 20.64
C SER C 354 -29.84 4.69 19.63
N LEU C 355 -29.92 3.47 20.14
CA LEU C 355 -29.97 2.29 19.29
C LEU C 355 -31.06 1.38 19.83
N THR C 356 -31.83 0.80 18.93
CA THR C 356 -32.71 -0.31 19.28
C THR C 356 -32.67 -1.42 18.23
N PRO C 357 -32.63 -2.68 18.69
CA PRO C 357 -32.93 -3.78 17.78
C PRO C 357 -34.40 -3.66 17.37
N LEU C 358 -34.67 -3.63 16.08
CA LEU C 358 -36.02 -3.44 15.59
C LEU C 358 -36.83 -4.73 15.49
N GLY C 359 -36.12 -5.86 15.46
CA GLY C 359 -36.68 -7.15 15.08
C GLY C 359 -36.47 -7.33 13.59
N ASP C 360 -37.15 -8.31 13.00
CA ASP C 360 -37.16 -8.46 11.54
C ASP C 360 -38.41 -7.77 11.03
N LEU C 361 -38.27 -6.48 10.77
CA LEU C 361 -39.40 -5.57 10.57
C LEU C 361 -40.26 -5.88 9.35
N ASP C 362 -39.63 -6.36 8.29
CA ASP C 362 -40.30 -6.61 7.02
C ASP C 362 -40.41 -8.11 6.74
N GLN C 363 -39.98 -8.92 7.72
CA GLN C 363 -40.10 -10.37 7.69
C GLN C 363 -39.29 -11.07 6.58
N ASP C 364 -38.34 -10.33 6.01
CA ASP C 364 -37.47 -10.87 4.96
C ASP C 364 -36.53 -11.97 5.49
N GLY C 365 -36.51 -12.15 6.80
CA GLY C 365 -35.66 -13.14 7.44
C GLY C 365 -34.31 -12.59 7.87
N TYR C 366 -34.29 -11.30 8.24
CA TYR C 366 -33.05 -10.59 8.57
C TYR C 366 -33.30 -9.41 9.50
N ASN C 367 -32.68 -9.45 10.69
CA ASN C 367 -32.94 -8.41 11.69
C ASN C 367 -32.52 -7.00 11.27
N ASP C 368 -33.38 -6.03 11.57
CA ASP C 368 -33.19 -4.63 11.19
C ASP C 368 -32.89 -3.75 12.42
N VAL C 369 -32.30 -2.57 12.20
CA VAL C 369 -31.81 -1.71 13.30
C VAL C 369 -32.29 -0.26 13.22
N ALA C 370 -32.63 0.32 14.38
CA ALA C 370 -33.03 1.72 14.43
C ALA C 370 -32.00 2.57 15.18
N ILE C 371 -31.65 3.71 14.57
CA ILE C 371 -30.68 4.65 15.13
C ILE C 371 -31.27 6.06 15.16
N GLY C 372 -31.25 6.69 16.33
CA GLY C 372 -31.81 8.02 16.45
C GLY C 372 -30.76 9.12 16.46
N ALA C 373 -31.04 10.22 15.77
CA ALA C 373 -30.24 11.44 15.81
C ALA C 373 -31.15 12.57 16.25
N PRO C 374 -31.23 12.83 17.56
CA PRO C 374 -32.23 13.74 18.14
C PRO C 374 -32.17 15.22 17.69
N PHE C 375 -31.28 15.56 16.76
CA PHE C 375 -31.13 16.95 16.28
C PHE C 375 -30.98 17.06 14.75
N GLY C 376 -31.20 15.93 14.07
CA GLY C 376 -31.17 15.84 12.61
C GLY C 376 -32.32 16.58 11.94
N GLY C 377 -32.36 16.54 10.61
CA GLY C 377 -33.42 17.21 9.84
C GLY C 377 -33.40 18.73 9.91
N GLU C 378 -34.04 19.36 8.93
CA GLU C 378 -34.08 20.83 8.76
C GLU C 378 -34.11 21.66 10.05
N THR C 379 -35.00 21.33 10.96
CA THR C 379 -35.29 22.19 12.11
C THR C 379 -34.68 21.74 13.45
N GLN C 380 -33.78 20.77 13.40
CA GLN C 380 -33.08 20.25 14.58
C GLN C 380 -33.99 19.54 15.60
N GLN C 381 -35.25 19.31 15.22
CA GLN C 381 -36.09 18.30 15.88
C GLN C 381 -35.40 16.98 15.60
N GLY C 382 -35.87 15.88 16.17
CA GLY C 382 -35.17 14.61 15.99
C GLY C 382 -35.29 13.95 14.63
N VAL C 383 -34.55 12.86 14.45
CA VAL C 383 -34.62 12.02 13.26
C VAL C 383 -34.35 10.57 13.68
N VAL C 384 -35.07 9.61 13.09
CA VAL C 384 -34.78 8.20 13.37
C VAL C 384 -34.58 7.41 12.08
N PHE C 385 -33.44 6.73 11.99
CA PHE C 385 -33.05 5.96 10.82
C PHE C 385 -33.26 4.47 11.03
N VAL C 386 -33.76 3.81 9.99
CA VAL C 386 -34.03 2.38 10.02
C VAL C 386 -33.08 1.74 9.03
N PHE C 387 -32.22 0.87 9.54
CA PHE C 387 -31.21 0.23 8.71
C PHE C 387 -31.50 -1.27 8.60
N PRO C 388 -31.76 -1.76 7.38
CA PRO C 388 -32.13 -3.15 7.17
C PRO C 388 -30.95 -4.11 7.21
N GLY C 389 -31.22 -5.35 7.60
CA GLY C 389 -30.21 -6.40 7.62
C GLY C 389 -30.21 -7.24 6.35
N GLY C 390 -29.21 -8.11 6.24
CA GLY C 390 -29.02 -8.96 5.08
C GLY C 390 -27.72 -9.73 5.26
N PRO C 391 -27.45 -10.70 4.37
CA PRO C 391 -26.32 -11.61 4.52
C PRO C 391 -24.94 -10.92 4.64
N GLY C 392 -24.82 -9.74 4.04
CA GLY C 392 -23.56 -8.99 4.07
C GLY C 392 -23.45 -8.04 5.25
N GLY C 393 -24.08 -8.41 6.36
CA GLY C 393 -24.16 -7.56 7.54
C GLY C 393 -25.25 -6.51 7.41
N LEU C 394 -25.15 -5.47 8.22
CA LEU C 394 -26.07 -4.34 8.21
C LEU C 394 -25.87 -3.49 6.95
N GLY C 395 -26.98 -3.11 6.32
CA GLY C 395 -26.94 -2.30 5.11
C GLY C 395 -26.43 -0.88 5.35
N SER C 396 -25.59 -0.41 4.44
CA SER C 396 -24.94 0.89 4.55
C SER C 396 -25.85 2.11 4.38
N LYS C 397 -26.98 1.93 3.71
CA LYS C 397 -27.96 3.01 3.52
C LYS C 397 -29.30 2.67 4.15
N PRO C 398 -29.95 3.65 4.81
CA PRO C 398 -31.22 3.37 5.50
C PRO C 398 -32.35 2.96 4.55
N SER C 399 -33.27 2.12 5.03
CA SER C 399 -34.46 1.79 4.26
C SER C 399 -35.67 2.65 4.64
N GLN C 400 -35.50 3.54 5.61
CA GLN C 400 -36.53 4.51 5.97
C GLN C 400 -36.04 5.53 7.00
N VAL C 401 -36.64 6.72 6.96
CA VAL C 401 -36.30 7.83 7.85
C VAL C 401 -37.58 8.28 8.53
N LEU C 402 -37.58 8.34 9.86
CA LEU C 402 -38.76 8.81 10.62
C LEU C 402 -38.56 10.22 11.17
N GLN C 403 -39.60 11.05 11.05
CA GLN C 403 -39.55 12.46 11.51
C GLN C 403 -40.91 12.97 12.03
N PRO C 404 -40.88 13.79 13.11
CA PRO C 404 -42.08 14.33 13.78
C PRO C 404 -42.94 15.27 12.92
N LEU C 405 -44.15 14.82 12.57
CA LEU C 405 -45.07 15.59 11.72
C LEU C 405 -45.49 16.94 12.31
N TRP C 406 -45.57 17.01 13.64
CA TRP C 406 -45.84 18.29 14.30
C TRP C 406 -44.68 19.24 14.10
N ALA C 407 -44.95 20.53 14.14
CA ALA C 407 -43.94 21.55 13.86
C ALA C 407 -42.94 21.72 15.02
N ALA C 408 -41.93 22.56 14.81
CA ALA C 408 -40.99 22.92 15.87
C ALA C 408 -41.56 24.03 16.77
N SER C 409 -40.93 24.25 17.92
CA SER C 409 -41.37 25.27 18.88
C SER C 409 -40.25 25.74 19.81
N HIS C 410 -40.63 26.42 20.90
CA HIS C 410 -39.70 27.06 21.86
C HIS C 410 -38.37 26.39 22.00
N THR C 411 -38.37 25.17 22.54
CA THR C 411 -37.15 24.41 22.78
C THR C 411 -37.07 23.22 21.81
N PRO C 412 -35.97 22.44 21.87
CA PRO C 412 -35.96 21.29 20.97
C PRO C 412 -36.83 20.13 21.45
N ASP C 413 -37.38 19.41 20.48
CA ASP C 413 -38.05 18.13 20.71
C ASP C 413 -36.96 17.12 20.55
N PHE C 414 -36.72 16.30 21.58
CA PHE C 414 -35.61 15.36 21.49
C PHE C 414 -36.06 14.09 20.78
N PHE C 415 -36.59 14.26 19.57
CA PHE C 415 -37.25 13.18 18.87
C PHE C 415 -36.26 12.08 18.54
N GLY C 416 -36.48 10.90 19.10
CA GLY C 416 -35.65 9.77 18.79
C GLY C 416 -34.45 9.64 19.70
N SER C 417 -34.48 10.34 20.82
CA SER C 417 -33.46 10.14 21.85
C SER C 417 -33.81 8.88 22.62
N ALA C 418 -35.09 8.53 22.63
CA ALA C 418 -35.58 7.30 23.22
C ALA C 418 -36.17 6.36 22.16
N LEU C 419 -35.79 5.10 22.23
CA LEU C 419 -36.19 4.11 21.24
C LEU C 419 -36.38 2.72 21.84
N ARG C 420 -37.51 2.10 21.52
CA ARG C 420 -37.73 0.71 21.87
C ARG C 420 -38.49 0.02 20.74
N GLY C 421 -37.92 -1.08 20.25
CA GLY C 421 -38.52 -1.86 19.18
C GLY C 421 -38.19 -3.33 19.32
N GLY C 422 -38.66 -4.13 18.36
CA GLY C 422 -38.44 -5.57 18.40
C GLY C 422 -39.58 -6.40 18.94
N ARG C 423 -40.73 -5.78 19.19
CA ARG C 423 -41.88 -6.51 19.73
C ARG C 423 -43.21 -6.17 19.02
N ASP C 424 -44.04 -7.20 18.85
CA ASP C 424 -45.27 -7.14 18.04
C ASP C 424 -46.46 -6.56 18.80
N LEU C 425 -46.60 -5.25 18.72
CA LEU C 425 -47.59 -4.53 19.53
C LEU C 425 -49.04 -4.80 19.08
N ASP C 426 -49.24 -5.10 17.80
CA ASP C 426 -50.58 -5.42 17.32
C ASP C 426 -50.70 -6.83 16.73
N GLY C 427 -51.84 -7.11 16.12
CA GLY C 427 -52.12 -8.40 15.49
C GLY C 427 -51.04 -8.92 14.56
N ASN C 428 -50.74 -8.18 13.49
CA ASN C 428 -49.87 -8.66 12.40
C ASN C 428 -48.52 -9.20 12.88
N GLY C 429 -47.97 -10.17 12.16
CA GLY C 429 -46.67 -10.73 12.52
C GLY C 429 -45.49 -9.86 12.11
N TYR C 430 -45.54 -8.56 12.43
CA TYR C 430 -44.48 -7.58 12.10
C TYR C 430 -44.12 -6.71 13.30
N PRO C 431 -42.87 -6.78 13.78
CA PRO C 431 -42.46 -5.98 14.95
C PRO C 431 -42.70 -4.49 14.75
N ASP C 432 -42.90 -3.77 15.84
CA ASP C 432 -43.23 -2.34 15.78
C ASP C 432 -42.21 -1.48 16.54
N LEU C 433 -42.51 -0.19 16.72
CA LEU C 433 -41.52 0.78 17.22
C LEU C 433 -42.09 1.94 18.04
N ILE C 434 -41.47 2.18 19.20
CA ILE C 434 -41.83 3.29 20.06
C ILE C 434 -40.67 4.27 20.06
N VAL C 435 -40.97 5.54 19.78
CA VAL C 435 -39.95 6.58 19.69
C VAL C 435 -40.29 7.66 20.70
N GLY C 436 -39.28 8.13 21.44
CA GLY C 436 -39.47 9.17 22.44
C GLY C 436 -39.20 10.55 21.87
N SER C 437 -39.83 11.56 22.47
CA SER C 437 -39.57 12.95 22.13
C SER C 437 -39.77 13.80 23.37
N PHE C 438 -39.00 13.47 24.41
CA PHE C 438 -39.21 14.04 25.73
C PHE C 438 -39.21 15.57 25.74
N GLY C 439 -38.50 16.18 24.79
CA GLY C 439 -38.52 17.63 24.63
C GLY C 439 -39.91 18.20 24.79
N VAL C 440 -40.82 17.76 23.92
CA VAL C 440 -42.21 18.20 23.91
C VAL C 440 -43.18 17.16 24.49
N ASP C 441 -42.82 16.60 25.65
CA ASP C 441 -43.56 15.54 26.36
C ASP C 441 -44.45 14.62 25.50
N LYS C 442 -43.84 13.95 24.52
CA LYS C 442 -44.57 13.04 23.66
C LYS C 442 -43.80 11.74 23.42
N ALA C 443 -44.53 10.69 23.06
CA ALA C 443 -43.96 9.47 22.51
C ALA C 443 -44.84 9.01 21.36
N VAL C 444 -44.21 8.37 20.38
CA VAL C 444 -44.87 8.03 19.13
C VAL C 444 -44.67 6.56 18.81
N VAL C 445 -45.72 5.93 18.31
CA VAL C 445 -45.71 4.50 18.03
C VAL C 445 -45.94 4.23 16.54
N TYR C 446 -45.00 3.52 15.92
CA TYR C 446 -45.02 3.26 14.49
C TYR C 446 -45.40 1.81 14.20
N ARG C 447 -46.45 1.60 13.40
CA ARG C 447 -46.97 0.26 13.14
C ARG C 447 -46.37 -0.44 11.92
N GLY C 448 -45.97 -1.70 12.12
CA GLY C 448 -45.38 -2.52 11.05
C GLY C 448 -46.39 -3.04 10.03
N ARG C 449 -46.35 -2.48 8.82
CA ARG C 449 -47.29 -2.82 7.76
C ARG C 449 -46.90 -4.08 6.99
N PRO C 450 -47.88 -4.92 6.62
CA PRO C 450 -47.66 -6.23 5.99
C PRO C 450 -46.84 -6.21 4.69
N ILE C 451 -46.18 -7.31 4.38
CA ILE C 451 -45.24 -7.38 3.25
C ILE C 451 -45.75 -8.23 2.08
N VAL C 452 -45.91 -7.57 0.93
CA VAL C 452 -46.43 -8.18 -0.29
C VAL C 452 -45.38 -8.12 -1.39
N SER C 453 -44.89 -9.29 -1.83
CA SER C 453 -44.00 -9.36 -3.01
C SER C 453 -44.79 -9.63 -4.29
N ALA C 454 -44.15 -9.37 -5.43
CA ALA C 454 -44.82 -9.46 -6.73
C ALA C 454 -43.81 -9.57 -7.87
N SER C 455 -44.26 -10.10 -9.00
CA SER C 455 -43.46 -10.09 -10.24
C SER C 455 -44.35 -9.90 -11.48
N ALA C 456 -43.81 -9.14 -12.45
CA ALA C 456 -44.56 -8.77 -13.65
C ALA C 456 -43.88 -9.27 -14.91
N SER C 457 -44.46 -10.32 -15.49
CA SER C 457 -44.04 -10.79 -16.80
C SER C 457 -44.61 -9.85 -17.86
N LEU C 458 -43.95 -9.79 -19.01
CA LEU C 458 -44.40 -8.98 -20.13
C LEU C 458 -43.96 -9.65 -21.44
N THR C 459 -44.85 -9.65 -22.42
CA THR C 459 -44.56 -10.28 -23.72
C THR C 459 -45.30 -9.62 -24.88
N ILE C 460 -44.53 -9.05 -25.79
CA ILE C 460 -45.02 -8.55 -27.08
C ILE C 460 -44.87 -9.69 -28.09
N PHE C 461 -45.96 -10.06 -28.78
CA PHE C 461 -45.95 -11.26 -29.64
C PHE C 461 -45.09 -11.13 -30.92
N PRO C 462 -45.41 -10.17 -31.82
CA PRO C 462 -44.43 -9.90 -32.87
C PRO C 462 -43.59 -8.65 -32.55
N ALA C 463 -42.31 -8.70 -32.91
CA ALA C 463 -41.42 -7.55 -32.70
C ALA C 463 -41.60 -6.50 -33.82
N MET C 464 -41.86 -6.99 -35.04
CA MET C 464 -41.98 -6.16 -36.23
C MET C 464 -43.28 -5.34 -36.29
N PHE C 465 -43.14 -4.07 -36.65
CA PHE C 465 -44.26 -3.21 -37.02
C PHE C 465 -44.18 -2.88 -38.52
N ASN C 466 -45.18 -3.33 -39.28
CA ASN C 466 -45.20 -3.14 -40.73
C ASN C 466 -46.37 -2.28 -41.20
N PRO C 467 -46.11 -1.31 -42.10
CA PRO C 467 -47.14 -0.41 -42.62
C PRO C 467 -48.26 -1.07 -43.44
N GLU C 468 -48.08 -2.35 -43.79
CA GLU C 468 -49.07 -3.06 -44.61
C GLU C 468 -49.46 -4.47 -44.10
N GLU C 469 -48.73 -4.98 -43.12
CA GLU C 469 -49.14 -6.21 -42.43
C GLU C 469 -50.18 -5.84 -41.37
N ARG C 470 -51.42 -5.63 -41.83
CA ARG C 470 -52.50 -5.09 -41.02
C ARG C 470 -53.65 -6.08 -40.94
N SER C 471 -53.91 -6.60 -39.73
CA SER C 471 -54.96 -7.60 -39.53
C SER C 471 -56.31 -7.03 -39.06
N CYS C 472 -56.27 -6.10 -38.10
CA CYS C 472 -57.50 -5.51 -37.55
C CYS C 472 -57.95 -4.28 -38.31
N SER C 473 -59.26 -4.09 -38.35
CA SER C 473 -59.86 -2.85 -38.80
C SER C 473 -59.97 -1.89 -37.63
N LEU C 474 -59.78 -0.61 -37.92
CA LEU C 474 -60.38 0.44 -37.14
C LEU C 474 -61.63 0.77 -37.96
N GLU C 475 -62.46 1.68 -37.47
CA GLU C 475 -63.68 2.08 -38.19
C GLU C 475 -63.49 2.08 -39.70
N GLY C 476 -62.53 2.88 -40.17
CA GLY C 476 -62.22 2.97 -41.60
C GLY C 476 -61.03 2.15 -41.99
N ASN C 477 -59.86 2.80 -42.07
CA ASN C 477 -58.60 2.17 -42.47
C ASN C 477 -58.17 1.03 -41.54
N PRO C 478 -57.83 -0.14 -42.11
CA PRO C 478 -57.20 -1.22 -41.33
C PRO C 478 -55.83 -0.80 -40.80
N VAL C 479 -55.39 -1.43 -39.70
CA VAL C 479 -54.11 -1.07 -39.06
C VAL C 479 -53.38 -2.32 -38.57
N ALA C 480 -52.07 -2.20 -38.35
CA ALA C 480 -51.25 -3.32 -37.87
C ALA C 480 -51.45 -3.64 -36.38
N CYS C 481 -51.76 -4.90 -36.08
CA CYS C 481 -52.05 -5.33 -34.71
C CYS C 481 -50.96 -6.20 -34.09
N ILE C 482 -50.69 -5.95 -32.81
CA ILE C 482 -49.68 -6.67 -32.04
C ILE C 482 -50.27 -7.05 -30.67
N ASN C 483 -49.98 -8.27 -30.21
CA ASN C 483 -50.43 -8.70 -28.88
C ASN C 483 -49.54 -8.21 -27.74
N LEU C 484 -50.18 -7.61 -26.74
CA LEU C 484 -49.51 -7.17 -25.52
C LEU C 484 -50.18 -7.82 -24.32
N SER C 485 -49.43 -8.67 -23.62
CA SER C 485 -49.94 -9.29 -22.41
C SER C 485 -49.00 -9.08 -21.24
N PHE C 486 -49.57 -9.10 -20.03
CA PHE C 486 -48.78 -9.10 -18.79
C PHE C 486 -49.40 -10.02 -17.74
N CYS C 487 -48.55 -10.68 -16.96
CA CYS C 487 -49.00 -11.55 -15.87
C CYS C 487 -48.37 -11.11 -14.55
N LEU C 488 -49.15 -11.18 -13.48
CA LEU C 488 -48.68 -10.74 -12.17
C LEU C 488 -48.89 -11.79 -11.09
N ASN C 489 -47.84 -12.01 -10.30
CA ASN C 489 -47.93 -12.79 -9.07
C ASN C 489 -48.12 -11.86 -7.87
N ALA C 490 -48.86 -12.33 -6.87
CA ALA C 490 -49.01 -11.62 -5.60
C ALA C 490 -48.89 -12.60 -4.44
N SER C 491 -47.96 -13.55 -4.60
CA SER C 491 -47.71 -14.61 -3.62
C SER C 491 -47.38 -14.05 -2.25
N GLY C 492 -46.59 -12.98 -2.22
CA GLY C 492 -46.34 -12.24 -0.99
C GLY C 492 -47.67 -11.84 -0.37
N LYS C 493 -47.95 -12.41 0.80
CA LYS C 493 -49.23 -12.24 1.50
C LYS C 493 -49.09 -12.70 2.94
N HIS C 494 -49.40 -11.80 3.87
CA HIS C 494 -49.38 -12.12 5.30
C HIS C 494 -50.46 -11.42 6.05
N VAL C 495 -51.35 -10.76 5.30
CA VAL C 495 -52.56 -10.14 5.86
C VAL C 495 -53.76 -10.24 4.90
N ALA C 496 -53.58 -9.74 3.68
CA ALA C 496 -54.69 -9.61 2.72
C ALA C 496 -55.13 -10.94 2.12
N ASP C 497 -56.19 -10.90 1.31
CA ASP C 497 -56.66 -12.07 0.55
C ASP C 497 -56.72 -11.75 -0.95
N SER C 498 -57.49 -10.75 -1.31
CA SER C 498 -57.43 -10.15 -2.65
C SER C 498 -56.69 -8.81 -2.57
N ILE C 499 -55.53 -8.75 -3.20
CA ILE C 499 -54.64 -7.59 -3.12
C ILE C 499 -54.82 -6.69 -4.33
N GLY C 500 -55.21 -5.44 -4.07
CA GLY C 500 -55.31 -4.43 -5.11
C GLY C 500 -53.94 -4.07 -5.69
N PHE C 501 -53.93 -3.74 -6.98
CA PHE C 501 -52.74 -3.27 -7.68
C PHE C 501 -53.19 -2.29 -8.75
N THR C 502 -52.49 -1.16 -8.89
CA THR C 502 -52.66 -0.29 -10.06
C THR C 502 -51.58 -0.67 -11.05
N VAL C 503 -51.97 -0.76 -12.33
CA VAL C 503 -51.02 -1.07 -13.40
C VAL C 503 -51.12 -0.02 -14.49
N GLU C 504 -49.95 0.50 -14.89
CA GLU C 504 -49.82 1.44 -16.00
C GLU C 504 -49.01 0.85 -17.12
N LEU C 505 -49.40 1.21 -18.34
CA LEU C 505 -48.61 0.90 -19.52
C LEU C 505 -48.36 2.19 -20.28
N GLN C 506 -47.08 2.49 -20.50
CA GLN C 506 -46.66 3.65 -21.29
C GLN C 506 -46.00 3.18 -22.57
N LEU C 507 -46.31 3.84 -23.68
CA LEU C 507 -45.75 3.47 -24.97
C LEU C 507 -44.94 4.62 -25.61
N ASP C 508 -44.99 5.80 -25.00
CA ASP C 508 -44.20 6.96 -25.44
C ASP C 508 -44.01 8.02 -24.38
N TRP C 509 -42.76 8.44 -24.17
CA TRP C 509 -42.44 9.56 -23.31
C TRP C 509 -41.28 10.35 -23.86
N GLN C 510 -41.60 11.41 -24.62
CA GLN C 510 -40.61 12.29 -25.24
C GLN C 510 -41.11 13.73 -25.37
N LYS C 511 -41.90 14.00 -26.41
CA LYS C 511 -42.42 15.35 -26.66
C LYS C 511 -43.62 15.68 -25.77
N GLN C 512 -43.32 16.19 -24.58
CA GLN C 512 -44.30 16.51 -23.56
C GLN C 512 -44.92 17.89 -23.82
N ARG C 518 -47.54 7.84 -30.33
CA ARG C 518 -47.08 7.49 -31.67
C ARG C 518 -47.48 6.06 -32.06
N ALA C 519 -47.63 5.18 -31.07
CA ALA C 519 -48.18 3.83 -31.26
C ALA C 519 -49.19 3.48 -30.13
N LEU C 520 -50.46 3.31 -30.51
CA LEU C 520 -51.60 3.43 -29.57
C LEU C 520 -52.40 2.15 -29.26
N PHE C 521 -53.20 2.20 -28.20
CA PHE C 521 -54.13 1.11 -27.84
C PHE C 521 -55.35 1.08 -28.74
N LEU C 522 -55.69 -0.11 -29.23
CA LEU C 522 -56.81 -0.25 -30.17
C LEU C 522 -58.14 0.18 -29.55
N ALA C 523 -58.27 0.05 -28.23
CA ALA C 523 -59.38 0.62 -27.49
C ALA C 523 -59.00 2.04 -27.04
N SER C 524 -59.95 2.97 -27.16
CA SER C 524 -59.77 4.36 -26.71
C SER C 524 -58.75 5.20 -27.50
N ARG C 525 -57.74 4.55 -28.11
CA ARG C 525 -56.81 5.18 -29.06
C ARG C 525 -55.75 6.12 -28.49
N GLN C 526 -55.30 5.85 -27.26
CA GLN C 526 -54.32 6.71 -26.59
C GLN C 526 -53.01 6.00 -26.24
N ALA C 527 -52.07 6.78 -25.70
CA ALA C 527 -50.70 6.31 -25.48
C ALA C 527 -50.50 5.50 -24.20
N THR C 528 -51.36 5.75 -23.20
CA THR C 528 -51.24 5.12 -21.87
C THR C 528 -52.53 4.43 -21.40
N LEU C 529 -52.39 3.36 -20.62
CA LEU C 529 -53.54 2.67 -20.02
C LEU C 529 -53.34 2.35 -18.52
N THR C 530 -54.12 3.02 -17.67
CA THR C 530 -54.14 2.76 -16.22
C THR C 530 -55.27 1.82 -15.82
N GLN C 531 -54.92 0.76 -15.09
CA GLN C 531 -55.90 -0.22 -14.64
C GLN C 531 -55.87 -0.44 -13.12
N THR C 532 -56.90 -1.10 -12.61
CA THR C 532 -56.88 -1.65 -11.25
C THR C 532 -57.17 -3.13 -11.30
N LEU C 533 -56.29 -3.92 -10.71
CA LEU C 533 -56.46 -5.37 -10.64
C LEU C 533 -56.67 -5.83 -9.21
N LEU C 534 -57.30 -7.00 -9.07
CA LEU C 534 -57.35 -7.70 -7.80
C LEU C 534 -56.75 -9.08 -7.99
N ILE C 535 -55.45 -9.19 -7.72
CA ILE C 535 -54.77 -10.50 -7.72
C ILE C 535 -54.84 -11.06 -6.31
N GLN C 536 -54.48 -12.33 -6.14
CA GLN C 536 -54.61 -12.98 -4.83
C GLN C 536 -53.38 -13.77 -4.36
N ASN C 537 -53.10 -14.89 -5.02
CA ASN C 537 -51.99 -15.76 -4.62
C ASN C 537 -51.18 -16.26 -5.81
N GLY C 538 -49.92 -16.62 -5.52
CA GLY C 538 -49.01 -17.16 -6.54
C GLY C 538 -49.36 -18.55 -7.02
N ALA C 539 -50.65 -18.92 -6.89
CA ALA C 539 -51.16 -20.19 -7.41
C ALA C 539 -51.30 -20.10 -8.93
N ARG C 540 -51.68 -18.92 -9.41
CA ARG C 540 -51.82 -18.65 -10.83
C ARG C 540 -51.45 -17.21 -11.16
N GLU C 541 -50.63 -17.03 -12.19
CA GLU C 541 -50.38 -15.72 -12.78
C GLU C 541 -51.69 -15.21 -13.37
N ASP C 542 -52.15 -14.06 -12.89
CA ASP C 542 -53.32 -13.43 -13.49
C ASP C 542 -52.87 -12.64 -14.70
N CYS C 543 -53.34 -13.04 -15.88
CA CYS C 543 -52.89 -12.44 -17.15
C CYS C 543 -53.98 -11.64 -17.84
N ARG C 544 -53.58 -10.78 -18.76
CA ARG C 544 -54.49 -9.94 -19.54
C ARG C 544 -53.86 -9.52 -20.87
N GLU C 545 -54.54 -9.85 -21.98
CA GLU C 545 -54.04 -9.58 -23.32
C GLU C 545 -54.83 -8.46 -24.00
N MET C 546 -54.15 -7.69 -24.84
CA MET C 546 -54.76 -6.58 -25.60
C MET C 546 -53.93 -6.24 -26.83
N LYS C 547 -54.47 -5.38 -27.69
CA LYS C 547 -53.83 -5.07 -28.97
C LYS C 547 -53.50 -3.59 -29.20
N ILE C 548 -52.27 -3.36 -29.67
CA ILE C 548 -51.70 -2.03 -29.88
C ILE C 548 -51.27 -1.80 -31.34
N TYR C 549 -51.82 -0.73 -31.93
CA TYR C 549 -51.64 -0.47 -33.37
C TYR C 549 -50.64 0.66 -33.69
N LEU C 550 -50.13 0.66 -34.92
CA LEU C 550 -49.26 1.75 -35.39
C LEU C 550 -50.02 2.73 -36.28
N ARG C 551 -49.76 4.01 -36.05
CA ARG C 551 -50.43 5.10 -36.75
C ARG C 551 -50.08 5.15 -38.24
N ASN C 552 -51.03 5.64 -39.05
CA ASN C 552 -50.74 6.08 -40.41
C ASN C 552 -49.66 7.16 -40.35
N GLU C 553 -48.82 7.21 -41.38
CA GLU C 553 -47.81 8.27 -41.48
C GLU C 553 -48.51 9.62 -41.39
N SER C 554 -48.48 10.19 -40.19
CA SER C 554 -49.30 11.34 -39.81
C SER C 554 -48.77 12.64 -40.41
N ASP C 558 -42.26 13.49 -39.32
CA ASP C 558 -41.53 13.11 -38.13
C ASP C 558 -41.84 11.66 -37.76
N LYS C 559 -40.87 10.77 -37.98
CA LYS C 559 -40.98 9.35 -37.69
C LYS C 559 -39.63 8.64 -37.83
N LEU C 560 -38.57 9.28 -37.32
CA LEU C 560 -37.19 8.83 -37.51
C LEU C 560 -36.79 7.63 -36.64
N SER C 561 -37.01 7.74 -35.33
CA SER C 561 -36.49 6.77 -34.35
C SER C 561 -37.53 5.76 -33.83
N PRO C 562 -37.06 4.62 -33.25
CA PRO C 562 -37.92 3.67 -32.52
C PRO C 562 -38.69 4.26 -31.34
N ILE C 563 -39.50 3.44 -30.68
CA ILE C 563 -40.50 3.91 -29.71
C ILE C 563 -40.43 3.18 -28.34
N HIS C 564 -40.49 3.96 -27.26
CA HIS C 564 -40.41 3.46 -25.86
C HIS C 564 -41.52 2.49 -25.52
N ILE C 565 -41.23 1.57 -24.59
CA ILE C 565 -42.28 0.76 -23.93
C ILE C 565 -41.94 0.58 -22.45
N ALA C 566 -42.93 0.73 -21.58
CA ALA C 566 -42.74 0.63 -20.13
C ALA C 566 -43.97 0.09 -19.38
N LEU C 567 -43.72 -0.82 -18.45
CA LEU C 567 -44.76 -1.37 -17.58
C LEU C 567 -44.32 -1.20 -16.12
N ASN C 568 -45.20 -0.65 -15.29
CA ASN C 568 -44.89 -0.50 -13.87
C ASN C 568 -45.96 -0.89 -12.84
N PHE C 569 -45.49 -1.53 -11.77
CA PHE C 569 -46.27 -1.92 -10.61
C PHE C 569 -46.59 -0.75 -9.70
N SER C 570 -47.67 -0.91 -8.94
CA SER C 570 -47.97 -0.08 -7.77
C SER C 570 -49.14 -0.68 -7.01
N LEU C 571 -48.90 -1.02 -5.75
CA LEU C 571 -49.93 -1.51 -4.85
C LEU C 571 -51.02 -0.44 -4.71
N ASP C 572 -52.26 -0.82 -5.04
CA ASP C 572 -53.39 0.11 -5.06
C ASP C 572 -53.53 0.84 -3.73
N PRO C 573 -53.32 2.17 -3.74
CA PRO C 573 -53.32 2.94 -2.50
C PRO C 573 -54.71 3.43 -2.09
N GLN C 574 -55.75 2.62 -2.32
CA GLN C 574 -57.12 3.07 -2.11
C GLN C 574 -58.07 2.11 -1.37
N ALA C 575 -57.85 0.81 -1.49
CA ALA C 575 -58.91 -0.14 -1.14
C ALA C 575 -58.82 -0.90 0.22
N PRO C 576 -58.12 -2.06 0.25
CA PRO C 576 -58.39 -3.02 1.32
C PRO C 576 -57.70 -2.73 2.66
N VAL C 577 -58.14 -1.66 3.33
CA VAL C 577 -57.65 -1.31 4.68
C VAL C 577 -57.97 -2.46 5.63
N ASP C 578 -56.95 -3.21 6.01
CA ASP C 578 -57.12 -4.50 6.71
C ASP C 578 -57.79 -4.41 8.09
N SER C 579 -57.86 -5.57 8.77
CA SER C 579 -58.46 -5.66 10.10
C SER C 579 -57.77 -4.79 11.16
N HIS C 580 -56.52 -4.40 10.86
CA HIS C 580 -55.71 -3.57 11.77
C HIS C 580 -55.78 -2.10 11.49
N GLY C 581 -55.73 -1.74 10.20
CA GLY C 581 -55.87 -0.35 9.76
C GLY C 581 -54.79 0.05 8.77
N LEU C 582 -54.14 -0.95 8.18
CA LEU C 582 -52.91 -0.76 7.42
C LEU C 582 -52.98 -1.37 6.03
N ARG C 583 -52.51 -0.62 5.04
CA ARG C 583 -52.39 -1.12 3.68
C ARG C 583 -50.96 -1.58 3.51
N PRO C 584 -50.75 -2.76 2.85
CA PRO C 584 -49.42 -3.38 2.80
C PRO C 584 -48.39 -2.59 2.01
N ALA C 585 -47.17 -3.12 1.92
CA ALA C 585 -46.10 -2.48 1.17
C ALA C 585 -45.34 -3.49 0.29
N LEU C 586 -44.75 -2.99 -0.79
CA LEU C 586 -43.98 -3.81 -1.72
C LEU C 586 -42.63 -4.22 -1.16
N HIS C 587 -42.39 -5.53 -1.16
CA HIS C 587 -41.15 -6.16 -0.69
C HIS C 587 -39.93 -5.48 -1.26
N TYR C 588 -38.87 -5.39 -0.44
CA TYR C 588 -37.63 -4.74 -0.83
C TYR C 588 -37.02 -5.42 -2.07
N GLN C 589 -36.98 -6.75 -2.04
CA GLN C 589 -36.38 -7.55 -3.11
C GLN C 589 -37.36 -8.02 -4.19
N SER C 590 -38.09 -7.08 -4.77
CA SER C 590 -38.92 -7.32 -5.95
C SER C 590 -39.04 -6.03 -6.79
N LYS C 591 -38.75 -6.15 -8.08
CA LYS C 591 -38.67 -4.99 -8.97
C LYS C 591 -40.00 -4.66 -9.66
N SER C 592 -40.38 -3.39 -9.58
CA SER C 592 -41.72 -2.94 -9.97
C SER C 592 -41.80 -2.42 -11.40
N ARG C 593 -40.76 -2.66 -12.19
CA ARG C 593 -40.76 -2.23 -13.58
C ARG C 593 -40.13 -3.27 -14.51
N ILE C 594 -40.81 -3.54 -15.63
CA ILE C 594 -40.26 -4.35 -16.72
C ILE C 594 -40.40 -3.56 -18.03
N GLU C 595 -39.36 -3.60 -18.87
CA GLU C 595 -39.31 -2.72 -20.05
C GLU C 595 -38.91 -3.37 -21.36
N ASP C 596 -39.82 -3.34 -22.33
CA ASP C 596 -39.57 -3.76 -23.71
C ASP C 596 -39.34 -2.53 -24.60
N LYS C 597 -39.08 -2.74 -25.88
CA LYS C 597 -38.93 -1.66 -26.87
N ASN D 5 -14.32 9.16 -24.72
CA ASN D 5 -14.12 8.71 -23.32
C ASN D 5 -15.42 8.83 -22.50
N ARG D 6 -15.79 10.07 -22.20
CA ARG D 6 -16.99 10.39 -21.42
C ARG D 6 -18.04 11.10 -22.29
N CYS D 7 -17.64 12.21 -22.90
CA CYS D 7 -18.49 12.96 -23.85
C CYS D 7 -18.93 12.03 -24.98
N LEU D 8 -18.17 10.96 -25.18
CA LEU D 8 -18.48 9.91 -26.14
C LEU D 8 -19.76 9.16 -25.74
N LYS D 9 -19.84 8.72 -24.48
CA LYS D 9 -20.94 7.87 -24.00
C LYS D 9 -22.13 8.64 -23.42
N ALA D 10 -21.90 9.36 -22.32
CA ALA D 10 -22.95 10.15 -21.67
C ALA D 10 -23.52 11.17 -22.66
N ASN D 11 -24.68 10.85 -23.21
CA ASN D 11 -25.27 11.64 -24.29
C ASN D 11 -26.69 12.15 -24.01
N ALA D 12 -27.01 13.29 -24.60
CA ALA D 12 -28.31 13.93 -24.41
C ALA D 12 -28.69 14.85 -25.58
N LYS D 13 -29.68 15.72 -25.36
CA LYS D 13 -30.24 16.57 -26.42
C LYS D 13 -29.77 18.04 -26.42
N SER D 14 -30.29 18.84 -25.49
CA SER D 14 -30.08 20.29 -25.49
C SER D 14 -28.64 20.74 -25.21
N CYS D 15 -28.41 22.05 -25.26
CA CYS D 15 -27.10 22.63 -24.99
C CYS D 15 -26.76 22.56 -23.51
N GLY D 16 -27.79 22.67 -22.67
CA GLY D 16 -27.66 22.65 -21.21
C GLY D 16 -26.95 21.43 -20.65
N GLU D 17 -27.49 20.26 -20.97
CA GLU D 17 -26.90 18.97 -20.55
C GLU D 17 -25.51 18.79 -21.16
N CYS D 18 -25.34 19.26 -22.39
CA CYS D 18 -24.13 19.03 -23.17
C CYS D 18 -22.87 19.58 -22.50
N ILE D 19 -22.96 20.76 -21.90
CA ILE D 19 -21.84 21.38 -21.18
C ILE D 19 -21.57 20.70 -19.84
N GLN D 20 -22.63 20.47 -19.08
CA GLN D 20 -22.56 19.91 -17.72
C GLN D 20 -22.11 18.45 -17.65
N ALA D 21 -21.91 17.82 -18.80
CA ALA D 21 -21.47 16.42 -18.85
C ALA D 21 -19.96 16.32 -18.78
N GLY D 22 -19.28 16.90 -19.76
CA GLY D 22 -17.82 16.83 -19.83
C GLY D 22 -17.18 18.15 -20.18
N PRO D 23 -15.89 18.31 -19.85
CA PRO D 23 -15.12 19.49 -20.21
C PRO D 23 -14.73 19.51 -21.70
N ASN D 24 -14.40 18.32 -22.24
CA ASN D 24 -13.95 18.16 -23.62
C ASN D 24 -15.07 18.35 -24.65
N CYS D 25 -16.31 18.41 -24.15
CA CYS D 25 -17.51 18.43 -24.98
C CYS D 25 -17.62 19.65 -25.93
N GLY D 26 -18.49 19.53 -26.93
CA GLY D 26 -18.75 20.58 -27.94
C GLY D 26 -20.13 20.48 -28.56
N TRP D 27 -20.52 21.50 -29.36
CA TRP D 27 -21.88 21.62 -29.89
C TRP D 27 -21.90 22.35 -31.22
N CYS D 28 -22.75 21.91 -32.16
CA CYS D 28 -22.84 22.53 -33.50
C CYS D 28 -24.26 22.99 -33.90
N THR D 29 -24.33 23.77 -34.98
CA THR D 29 -25.62 24.19 -35.55
C THR D 29 -25.59 24.30 -37.08
N ASN D 30 -26.51 23.56 -37.71
CA ASN D 30 -26.90 23.69 -39.13
C ASN D 30 -25.84 24.07 -40.19
N SER D 31 -24.81 23.23 -40.30
CA SER D 31 -23.93 23.15 -41.46
C SER D 31 -23.28 21.78 -41.34
N THR D 32 -24.13 20.82 -40.97
CA THR D 32 -23.70 19.51 -40.43
C THR D 32 -23.13 18.55 -41.47
N PHE D 33 -22.36 17.58 -40.99
CA PHE D 33 -21.80 16.52 -41.82
C PHE D 33 -22.89 15.52 -42.20
N ALA D 42 -23.34 10.62 -32.01
CA ALA D 42 -23.20 11.54 -30.89
C ALA D 42 -23.50 12.98 -31.30
N ARG D 43 -24.49 13.58 -30.65
CA ARG D 43 -24.86 14.98 -30.86
C ARG D 43 -23.90 15.94 -30.14
N CYS D 44 -23.27 15.45 -29.07
CA CYS D 44 -22.38 16.23 -28.23
C CYS D 44 -21.25 15.33 -27.71
N ASP D 45 -20.05 15.50 -28.27
CA ASP D 45 -18.93 14.60 -27.97
C ASP D 45 -17.57 15.32 -27.86
N ASP D 46 -16.50 14.52 -27.87
CA ASP D 46 -15.12 14.99 -27.65
C ASP D 46 -14.70 16.15 -28.55
N LEU D 47 -13.67 16.89 -28.11
CA LEU D 47 -13.19 18.07 -28.82
C LEU D 47 -12.42 17.69 -30.10
N GLU D 48 -11.37 16.88 -29.95
CA GLU D 48 -10.59 16.41 -31.09
C GLU D 48 -11.16 15.11 -31.65
N ALA D 49 -12.44 15.19 -32.04
CA ALA D 49 -13.20 14.10 -32.65
C ALA D 49 -14.37 14.70 -33.41
N LEU D 50 -15.05 15.66 -32.77
CA LEU D 50 -16.13 16.43 -33.38
C LEU D 50 -15.58 17.35 -34.46
N LYS D 51 -14.29 17.66 -34.37
CA LYS D 51 -13.62 18.53 -35.34
C LYS D 51 -13.30 17.82 -36.66
N LYS D 52 -13.11 16.50 -36.61
CA LYS D 52 -12.84 15.72 -37.82
C LYS D 52 -14.08 15.58 -38.68
N LYS D 53 -15.25 15.63 -38.05
CA LYS D 53 -16.53 15.69 -38.76
C LYS D 53 -16.81 17.10 -39.28
N GLY D 54 -17.64 17.18 -40.33
CA GLY D 54 -17.90 18.42 -41.06
C GLY D 54 -18.54 19.55 -40.28
N CYS D 55 -17.78 20.08 -39.31
CA CYS D 55 -18.19 21.25 -38.54
C CYS D 55 -16.93 22.00 -38.10
N PRO D 56 -16.74 23.23 -38.65
CA PRO D 56 -15.54 24.07 -38.43
C PRO D 56 -15.44 24.66 -37.02
N PRO D 57 -14.21 25.03 -36.59
CA PRO D 57 -13.96 25.69 -35.31
C PRO D 57 -14.78 26.97 -35.05
N ASP D 58 -15.34 27.58 -36.09
CA ASP D 58 -16.22 28.74 -35.95
C ASP D 58 -17.63 28.36 -35.54
N ASP D 59 -18.09 27.22 -36.07
CA ASP D 59 -19.46 26.74 -35.85
C ASP D 59 -19.59 25.94 -34.56
N ILE D 60 -18.46 25.45 -34.03
CA ILE D 60 -18.45 24.72 -32.76
C ILE D 60 -18.75 25.64 -31.57
N GLU D 61 -19.30 25.06 -30.49
CA GLU D 61 -19.75 25.85 -29.35
C GLU D 61 -19.26 25.26 -28.01
N ASN D 62 -18.32 25.96 -27.38
CA ASN D 62 -17.61 25.48 -26.19
C ASN D 62 -17.20 26.64 -25.26
N PRO D 63 -18.05 26.97 -24.26
CA PRO D 63 -17.72 28.01 -23.26
C PRO D 63 -16.60 27.58 -22.30
N ARG D 64 -15.77 28.54 -21.90
CA ARG D 64 -14.56 28.25 -21.13
C ARG D 64 -14.57 28.95 -19.77
N GLY D 65 -13.91 28.35 -18.79
CA GLY D 65 -13.78 28.93 -17.46
C GLY D 65 -12.75 30.06 -17.45
N SER D 66 -12.61 30.76 -16.33
CA SER D 66 -11.68 31.89 -16.28
C SER D 66 -11.31 32.37 -14.87
N LYS D 67 -10.18 33.06 -14.80
CA LYS D 67 -9.60 33.54 -13.55
C LYS D 67 -9.46 35.06 -13.62
N ASP D 68 -10.17 35.79 -12.76
CA ASP D 68 -10.02 37.24 -12.70
C ASP D 68 -9.81 37.73 -11.27
N ILE D 69 -8.67 38.36 -11.04
CA ILE D 69 -8.37 38.97 -9.75
C ILE D 69 -9.04 40.34 -9.67
N LYS D 70 -9.59 40.68 -8.50
CA LYS D 70 -10.38 41.92 -8.34
C LYS D 70 -9.79 42.90 -7.34
N LYS D 71 -9.32 42.39 -6.20
CA LYS D 71 -8.61 43.19 -5.21
C LYS D 71 -7.26 42.52 -4.99
N ASN D 72 -6.18 43.24 -5.27
CA ASN D 72 -4.84 42.66 -5.23
C ASN D 72 -3.77 43.58 -4.63
N LYS D 73 -4.13 44.23 -3.52
CA LYS D 73 -3.18 45.01 -2.73
C LYS D 73 -1.99 44.16 -2.34
N ASN D 74 -0.81 44.75 -2.39
CA ASN D 74 0.43 44.03 -2.17
C ASN D 74 0.69 43.75 -0.72
N VAL D 75 1.32 42.60 -0.49
CA VAL D 75 1.83 42.24 0.79
C VAL D 75 2.76 43.36 1.27
N THR D 76 2.68 43.73 2.54
CA THR D 76 3.54 44.76 3.09
C THR D 76 5.01 44.37 2.99
N ASN D 77 5.78 45.17 2.24
CA ASN D 77 7.24 45.09 2.25
C ASN D 77 7.80 46.05 3.31
N ARG D 78 8.97 45.72 3.84
CA ARG D 78 9.51 46.54 4.93
C ARG D 78 10.50 47.56 4.38
N SER D 79 10.20 48.07 3.18
CA SER D 79 11.08 48.99 2.48
C SER D 79 11.40 50.25 3.27
N LYS D 80 10.46 50.68 4.11
CA LYS D 80 10.60 51.96 4.82
C LYS D 80 11.42 51.87 6.09
N GLY D 81 12.06 50.73 6.33
CA GLY D 81 13.03 50.53 7.42
C GLY D 81 12.44 50.55 8.81
N THR D 82 13.28 50.32 9.82
CA THR D 82 12.82 50.15 11.21
C THR D 82 12.27 51.42 11.85
N ALA D 83 12.42 52.57 11.20
CA ALA D 83 11.75 53.79 11.69
C ALA D 83 10.24 53.74 11.46
N GLU D 84 9.85 52.96 10.46
CA GLU D 84 8.45 52.76 10.09
C GLU D 84 7.72 51.90 11.10
N LYS D 85 6.82 52.51 11.84
CA LYS D 85 6.02 51.81 12.85
C LYS D 85 4.59 51.62 12.37
N LEU D 86 4.42 50.62 11.52
CA LEU D 86 3.19 50.36 10.77
C LEU D 86 1.91 50.12 11.59
N LYS D 87 0.90 50.94 11.28
CA LYS D 87 -0.45 50.75 11.79
C LYS D 87 -1.01 49.40 11.29
N PRO D 88 -1.54 48.59 12.21
CA PRO D 88 -2.08 47.25 11.91
C PRO D 88 -3.11 47.22 10.77
N GLU D 89 -3.83 48.32 10.57
CA GLU D 89 -4.81 48.43 9.50
C GLU D 89 -4.13 48.44 8.14
N ASP D 90 -2.87 48.87 8.10
CA ASP D 90 -2.09 48.96 6.86
C ASP D 90 -1.43 47.63 6.47
N ILE D 91 -1.27 46.73 7.44
CA ILE D 91 -0.55 45.47 7.21
C ILE D 91 -1.31 44.50 6.30
N HIS D 92 -0.61 44.04 5.28
CA HIS D 92 -1.15 43.02 4.38
C HIS D 92 -0.31 41.80 4.33
N GLN D 93 -0.97 40.66 4.58
CA GLN D 93 -0.31 39.38 4.75
C GLN D 93 -0.75 38.31 3.76
N ILE D 94 -1.95 38.45 3.18
CA ILE D 94 -2.44 37.54 2.15
C ILE D 94 -2.77 38.30 0.88
N GLN D 95 -2.51 37.67 -0.26
CA GLN D 95 -2.65 38.31 -1.55
C GLN D 95 -2.89 37.27 -2.64
N PRO D 96 -3.86 37.51 -3.55
CA PRO D 96 -4.80 38.63 -3.64
C PRO D 96 -5.82 38.53 -2.53
N GLN D 97 -6.79 39.43 -2.46
CA GLN D 97 -7.86 39.24 -1.46
C GLN D 97 -9.28 39.21 -2.01
N GLN D 98 -9.41 39.27 -3.34
CA GLN D 98 -10.69 38.94 -3.99
C GLN D 98 -10.46 38.53 -5.43
N LEU D 99 -11.19 37.51 -5.86
CA LEU D 99 -11.12 37.06 -7.23
C LEU D 99 -12.39 36.35 -7.62
N VAL D 100 -12.71 36.42 -8.91
CA VAL D 100 -13.86 35.73 -9.49
C VAL D 100 -13.39 34.54 -10.32
N LEU D 101 -13.89 33.36 -9.99
CA LEU D 101 -13.67 32.16 -10.80
C LEU D 101 -14.93 31.72 -11.55
N ARG D 102 -14.79 31.50 -12.85
CA ARG D 102 -15.88 31.00 -13.66
C ARG D 102 -15.57 29.58 -14.07
N LEU D 103 -16.47 28.65 -13.73
CA LEU D 103 -16.23 27.22 -13.96
C LEU D 103 -17.29 26.62 -14.87
N ARG D 104 -16.89 25.70 -15.74
CA ARG D 104 -17.88 25.03 -16.59
C ARG D 104 -18.33 23.68 -16.02
N SER D 105 -17.36 22.78 -15.87
CA SER D 105 -17.58 21.46 -15.30
C SER D 105 -16.21 20.89 -14.97
N GLY D 106 -15.87 19.74 -15.54
CA GLY D 106 -14.62 19.03 -15.24
C GLY D 106 -13.33 19.81 -15.36
N GLU D 107 -13.43 21.09 -15.75
CA GLU D 107 -12.27 21.96 -15.91
C GLU D 107 -12.00 22.75 -14.65
N PRO D 108 -10.81 22.57 -14.05
CA PRO D 108 -10.44 23.33 -12.87
C PRO D 108 -10.01 24.76 -13.22
N GLN D 109 -10.29 25.70 -12.31
CA GLN D 109 -9.58 26.97 -12.31
C GLN D 109 -8.63 26.97 -11.12
N THR D 110 -7.40 27.41 -11.35
CA THR D 110 -6.40 27.48 -10.28
C THR D 110 -5.94 28.94 -10.12
N PHE D 111 -5.56 29.29 -8.91
CA PHE D 111 -4.99 30.61 -8.60
C PHE D 111 -3.96 30.47 -7.50
N THR D 112 -2.96 31.36 -7.48
CA THR D 112 -1.97 31.29 -6.42
C THR D 112 -2.17 32.40 -5.39
N LEU D 113 -1.87 32.05 -4.14
CA LEU D 113 -2.01 32.93 -3.00
C LEU D 113 -0.63 33.15 -2.42
N LYS D 114 -0.35 34.37 -1.98
CA LYS D 114 0.92 34.67 -1.31
C LYS D 114 0.68 34.97 0.15
N PHE D 115 1.40 34.29 1.03
CA PHE D 115 1.36 34.71 2.42
C PHE D 115 2.69 35.25 2.89
N LYS D 116 2.66 36.40 3.56
CA LYS D 116 3.85 36.97 4.18
C LYS D 116 3.61 37.46 5.61
N ARG D 117 4.28 36.79 6.55
CA ARG D 117 4.21 37.11 7.98
C ARG D 117 4.82 38.47 8.33
N ALA D 118 4.02 39.33 8.96
CA ALA D 118 4.49 40.66 9.37
C ALA D 118 5.37 40.64 10.63
N GLU D 119 5.98 41.78 10.92
CA GLU D 119 6.96 41.93 11.98
C GLU D 119 6.27 42.01 13.34
N ASP D 120 5.11 42.65 13.34
CA ASP D 120 4.52 43.21 14.53
C ASP D 120 3.00 43.26 14.39
N TYR D 121 2.30 42.69 15.37
CA TYR D 121 0.84 42.72 15.39
C TYR D 121 0.34 42.81 16.84
N PRO D 122 -0.75 43.58 17.08
CA PRO D 122 -1.30 43.65 18.44
C PRO D 122 -1.73 42.29 18.96
N ILE D 123 -1.67 42.11 20.26
CA ILE D 123 -2.01 40.83 20.86
C ILE D 123 -2.90 40.99 22.07
N ASP D 124 -4.10 40.43 21.96
CA ASP D 124 -4.96 40.21 23.09
C ASP D 124 -4.67 38.80 23.62
N LEU D 125 -4.37 38.69 24.90
CA LEU D 125 -4.19 37.37 25.53
C LEU D 125 -5.11 37.17 26.72
N TYR D 126 -5.89 36.10 26.70
CA TYR D 126 -6.72 35.79 27.87
C TYR D 126 -6.21 34.58 28.67
N TYR D 127 -5.88 34.82 29.94
CA TYR D 127 -5.40 33.74 30.78
C TYR D 127 -6.53 33.12 31.62
N LEU D 128 -6.99 31.96 31.17
CA LEU D 128 -8.05 31.22 31.84
C LEU D 128 -7.50 30.09 32.72
N MET D 129 -7.68 30.22 34.02
CA MET D 129 -7.02 29.32 34.95
C MET D 129 -7.96 28.46 35.81
N ASP D 130 -7.63 27.17 35.91
CA ASP D 130 -8.26 26.23 36.81
C ASP D 130 -8.05 26.71 38.24
N LEU D 131 -9.13 26.91 39.00
CA LEU D 131 -8.98 27.27 40.41
C LEU D 131 -9.42 26.20 41.41
N SER D 132 -9.57 24.97 40.92
CA SER D 132 -9.86 23.82 41.78
C SER D 132 -8.68 23.54 42.71
N TYR D 133 -8.97 22.99 43.89
CA TYR D 133 -7.98 22.86 44.97
C TYR D 133 -6.63 22.29 44.54
N SER D 134 -6.62 21.46 43.49
CA SER D 134 -5.39 20.88 42.94
C SER D 134 -4.37 21.96 42.52
N MET D 135 -4.87 23.13 42.15
CA MET D 135 -4.06 24.27 41.69
C MET D 135 -3.71 25.28 42.80
N LYS D 136 -4.03 24.93 44.04
CA LYS D 136 -3.81 25.80 45.19
C LYS D 136 -2.60 26.72 45.06
N ASP D 137 -1.41 26.12 45.07
CA ASP D 137 -0.13 26.82 45.04
C ASP D 137 0.12 27.59 43.74
N ASP D 138 -0.26 26.98 42.61
CA ASP D 138 -0.16 27.63 41.31
C ASP D 138 -0.75 29.03 41.34
N LEU D 139 -1.83 29.18 42.09
CA LEU D 139 -2.46 30.49 42.25
C LEU D 139 -1.63 31.42 43.14
N GLU D 140 -0.67 30.87 43.87
CA GLU D 140 0.26 31.73 44.60
C GLU D 140 1.36 32.28 43.70
N ASN D 141 2.04 31.39 42.97
CA ASN D 141 3.11 31.77 42.04
C ASN D 141 2.67 32.55 40.79
N VAL D 142 1.41 32.94 40.74
CA VAL D 142 0.89 33.66 39.58
C VAL D 142 0.65 35.15 39.87
N LYS D 143 0.93 35.57 41.11
CA LYS D 143 0.84 36.98 41.49
C LYS D 143 1.87 37.84 40.78
N SER D 144 3.13 37.37 40.77
CA SER D 144 4.24 38.06 40.13
C SER D 144 4.12 38.12 38.61
N LEU D 145 3.52 37.09 38.02
CA LEU D 145 3.18 37.05 36.59
C LEU D 145 2.30 38.24 36.25
N GLY D 146 2.12 38.52 34.96
CA GLY D 146 1.23 39.59 34.56
C GLY D 146 1.98 40.86 34.22
N THR D 147 3.00 41.18 35.01
CA THR D 147 3.95 42.21 34.59
C THR D 147 5.14 41.53 33.92
N ASP D 148 5.54 40.37 34.46
CA ASP D 148 6.54 39.52 33.81
C ASP D 148 6.15 39.20 32.37
N LEU D 149 4.88 38.83 32.17
CA LEU D 149 4.39 38.48 30.85
C LEU D 149 4.19 39.71 29.99
N MET D 150 3.85 40.84 30.59
CA MET D 150 3.80 42.09 29.83
C MET D 150 5.16 42.33 29.23
N ASN D 151 6.18 42.27 30.09
CA ASN D 151 7.53 42.52 29.70
C ASN D 151 8.00 41.55 28.63
N GLU D 152 7.62 40.28 28.78
CA GLU D 152 8.04 39.23 27.87
C GLU D 152 7.27 39.25 26.56
N MET D 153 6.06 39.78 26.58
CA MET D 153 5.23 39.77 25.37
C MET D 153 5.47 40.99 24.50
N ARG D 154 5.94 42.08 25.13
CA ARG D 154 6.26 43.32 24.41
C ARG D 154 7.51 43.23 23.53
N ARG D 155 8.36 42.23 23.77
CA ARG D 155 9.38 41.85 22.81
C ARG D 155 8.73 41.44 21.49
N ILE D 156 7.60 40.74 21.59
CA ILE D 156 6.95 40.19 20.40
C ILE D 156 5.94 41.16 19.77
N THR D 157 5.37 42.06 20.58
CA THR D 157 4.31 42.98 20.13
C THR D 157 4.39 44.41 20.66
N SER D 158 4.00 45.36 19.80
CA SER D 158 3.98 46.77 20.17
C SER D 158 2.67 47.14 20.88
N ASP D 159 1.76 46.18 20.94
CA ASP D 159 0.48 46.39 21.62
C ASP D 159 -0.03 45.12 22.27
N PHE D 160 0.34 44.91 23.54
CA PHE D 160 -0.09 43.72 24.27
C PHE D 160 -1.22 44.00 25.24
N ARG D 161 -2.11 43.03 25.42
CA ARG D 161 -3.19 43.12 26.41
C ARG D 161 -3.33 41.86 27.24
N ILE D 162 -3.76 42.02 28.49
CA ILE D 162 -3.98 40.87 29.36
C ILE D 162 -5.39 40.83 29.93
N GLY D 163 -5.99 39.65 29.85
CA GLY D 163 -7.22 39.32 30.58
C GLY D 163 -6.93 38.16 31.52
N PHE D 164 -7.83 37.92 32.47
CA PHE D 164 -7.71 36.78 33.38
C PHE D 164 -9.09 36.25 33.75
N GLY D 165 -9.25 34.94 33.66
CA GLY D 165 -10.49 34.29 34.09
C GLY D 165 -10.23 33.03 34.89
N SER D 166 -11.16 32.69 35.78
CA SER D 166 -11.05 31.45 36.54
C SER D 166 -12.25 30.53 36.33
N PHE D 167 -12.02 29.23 36.47
CA PHE D 167 -13.07 28.22 36.31
C PHE D 167 -12.89 27.09 37.31
N VAL D 168 -13.99 26.40 37.66
CA VAL D 168 -13.90 25.16 38.45
C VAL D 168 -14.76 24.02 37.92
N GLU D 169 -16.08 24.16 38.03
CA GLU D 169 -16.99 23.03 37.81
C GLU D 169 -18.45 23.47 37.78
N LYS D 170 -19.28 22.70 37.08
CA LYS D 170 -20.74 22.83 37.16
C LYS D 170 -21.20 22.71 38.61
N THR D 171 -22.04 23.66 39.05
CA THR D 171 -22.45 23.70 40.45
C THR D 171 -23.69 22.85 40.69
N VAL D 172 -23.60 21.56 40.37
CA VAL D 172 -24.71 20.62 40.61
C VAL D 172 -24.22 19.23 40.96
N MET D 173 -25.10 18.44 41.57
CA MET D 173 -24.89 17.01 41.73
C MET D 173 -24.69 16.42 40.32
N PRO D 174 -23.69 15.54 40.14
CA PRO D 174 -22.73 14.95 41.05
C PRO D 174 -21.31 15.53 40.94
N TYR D 175 -21.16 16.64 40.24
CA TYR D 175 -19.83 17.18 39.96
C TYR D 175 -19.26 17.89 41.19
N ILE D 176 -20.15 18.52 41.96
CA ILE D 176 -19.82 19.07 43.25
C ILE D 176 -20.57 18.34 44.37
N SER D 177 -19.99 18.34 45.56
CA SER D 177 -20.70 17.89 46.75
C SER D 177 -21.75 18.94 47.13
N THR D 178 -22.95 18.48 47.47
CA THR D 178 -24.08 19.41 47.74
C THR D 178 -24.62 19.46 49.18
N THR D 179 -23.89 18.82 50.11
CA THR D 179 -24.06 19.04 51.56
C THR D 179 -23.82 20.51 51.82
N PRO D 180 -24.70 21.16 52.62
CA PRO D 180 -24.51 22.61 52.91
C PRO D 180 -23.09 22.93 53.38
N ALA D 181 -22.48 22.02 54.14
CA ALA D 181 -21.08 22.12 54.58
C ALA D 181 -20.07 22.21 53.43
N LYS D 182 -20.20 21.31 52.45
CA LYS D 182 -19.29 21.27 51.33
C LYS D 182 -19.69 22.27 50.26
N LEU D 183 -20.92 22.75 50.36
CA LEU D 183 -21.43 23.73 49.41
C LEU D 183 -20.91 25.11 49.80
N ARG D 184 -20.40 25.21 51.03
CA ARG D 184 -19.81 26.43 51.55
C ARG D 184 -18.29 26.31 51.62
N ASN D 185 -17.81 25.08 51.76
CA ASN D 185 -16.38 24.79 51.77
C ASN D 185 -16.09 23.35 51.27
N PRO D 186 -15.94 23.18 49.96
CA PRO D 186 -15.76 21.87 49.34
C PRO D 186 -14.48 21.20 49.80
N CYS D 187 -13.60 21.97 50.42
CA CYS D 187 -12.30 21.47 50.84
C CYS D 187 -12.39 20.95 52.27
N THR D 188 -11.32 20.30 52.75
CA THR D 188 -11.35 19.62 54.07
C THR D 188 -11.35 20.58 55.28
N SER D 189 -11.28 19.98 56.47
CA SER D 189 -11.42 20.67 57.77
C SER D 189 -10.90 22.10 57.79
N GLU D 190 -9.58 22.25 57.86
CA GLU D 190 -8.93 23.54 58.09
C GLU D 190 -8.20 24.09 56.85
N GLN D 191 -8.69 23.72 55.68
CA GLN D 191 -8.30 24.39 54.44
C GLN D 191 -9.43 25.36 54.11
N ASN D 192 -9.17 26.66 54.26
CA ASN D 192 -10.09 27.67 53.78
C ASN D 192 -10.10 27.60 52.26
N CYS D 193 -11.28 27.77 51.67
CA CYS D 193 -11.51 27.33 50.31
C CYS D 193 -12.95 27.69 49.91
N THR D 194 -13.08 28.65 48.99
CA THR D 194 -14.40 29.22 48.63
C THR D 194 -15.35 28.24 47.98
N THR D 195 -16.61 28.66 47.91
CA THR D 195 -17.66 27.88 47.28
C THR D 195 -17.27 27.62 45.83
N PRO D 196 -17.59 26.41 45.32
CA PRO D 196 -17.38 26.05 43.92
C PRO D 196 -18.21 26.94 43.02
N PHE D 197 -17.68 27.26 41.84
CA PHE D 197 -18.37 28.11 40.84
C PHE D 197 -18.02 27.64 39.43
N SER D 198 -18.76 28.12 38.44
CA SER D 198 -18.54 27.71 37.06
C SER D 198 -17.38 28.47 36.40
N TYR D 199 -17.67 29.67 35.89
CA TYR D 199 -16.66 30.52 35.26
C TYR D 199 -16.72 31.99 35.68
N LYS D 200 -15.61 32.51 36.21
CA LYS D 200 -15.51 33.92 36.58
C LYS D 200 -14.52 34.67 35.70
N ASN D 201 -15.03 35.65 34.96
CA ASN D 201 -14.19 36.65 34.29
C ASN D 201 -13.62 37.63 35.32
N VAL D 202 -12.46 37.30 35.89
CA VAL D 202 -11.81 38.14 36.89
C VAL D 202 -11.33 39.49 36.38
N LEU D 203 -10.94 39.57 35.12
CA LEU D 203 -10.43 40.80 34.52
C LEU D 203 -10.60 40.78 33.02
N SER D 204 -11.31 41.77 32.49
CA SER D 204 -11.37 42.00 31.05
C SER D 204 -10.02 42.44 30.47
N LEU D 205 -9.92 42.57 29.15
CA LEU D 205 -8.65 42.83 28.50
C LEU D 205 -8.15 44.26 28.69
N THR D 206 -7.01 44.38 29.39
CA THR D 206 -6.36 45.67 29.63
C THR D 206 -4.90 45.70 29.17
N ASN D 207 -4.37 46.90 28.98
CA ASN D 207 -2.93 47.09 28.71
C ASN D 207 -2.13 47.33 29.97
N LYS D 208 -2.80 47.23 31.13
CA LYS D 208 -2.19 47.47 32.42
C LYS D 208 -1.98 46.17 33.19
N GLY D 209 -0.73 45.71 33.18
CA GLY D 209 -0.35 44.48 33.87
C GLY D 209 -0.39 44.56 35.39
N GLU D 210 -0.26 45.77 35.94
CA GLU D 210 -0.38 46.00 37.38
C GLU D 210 -1.75 45.55 37.90
N VAL D 211 -2.80 45.88 37.15
CA VAL D 211 -4.18 45.50 37.46
C VAL D 211 -4.36 43.98 37.52
N PHE D 212 -3.83 43.28 36.52
CA PHE D 212 -3.80 41.81 36.51
C PHE D 212 -3.17 41.29 37.79
N ASN D 213 -2.08 41.92 38.23
CA ASN D 213 -1.39 41.48 39.44
C ASN D 213 -2.24 41.70 40.69
N GLU D 214 -3.01 42.79 40.69
CA GLU D 214 -3.82 43.17 41.86
C GLU D 214 -4.95 42.16 42.01
N LEU D 215 -5.75 42.03 40.96
CA LEU D 215 -6.94 41.19 41.00
C LEU D 215 -6.64 39.69 41.24
N VAL D 216 -5.48 39.22 40.79
CA VAL D 216 -5.17 37.80 40.81
C VAL D 216 -4.82 37.28 42.22
N GLY D 217 -4.25 38.15 43.06
CA GLY D 217 -3.91 37.79 44.44
C GLY D 217 -5.08 38.00 45.39
N LYS D 218 -6.19 38.49 44.85
CA LYS D 218 -7.44 38.64 45.58
C LYS D 218 -8.31 37.37 45.43
N GLN D 219 -7.91 36.48 44.54
CA GLN D 219 -8.70 35.30 44.23
C GLN D 219 -8.38 34.18 45.18
N ARG D 220 -9.43 33.66 45.82
CA ARG D 220 -9.29 32.56 46.76
C ARG D 220 -9.48 31.23 46.03
N ILE D 221 -8.82 30.21 46.53
CA ILE D 221 -8.93 28.87 45.96
C ILE D 221 -10.33 28.32 46.16
N SER D 222 -10.81 27.56 45.19
CA SER D 222 -12.01 26.76 45.38
C SER D 222 -11.62 25.29 45.33
N GLY D 223 -12.62 24.44 45.33
CA GLY D 223 -12.44 23.01 45.12
C GLY D 223 -13.76 22.45 44.63
N ASN D 224 -13.72 21.21 44.16
CA ASN D 224 -14.95 20.51 43.83
C ASN D 224 -14.76 19.01 44.09
N LEU D 225 -15.55 18.18 43.41
CA LEU D 225 -15.56 16.75 43.73
C LEU D 225 -14.88 15.84 42.70
N ASP D 226 -15.37 15.83 41.46
CA ASP D 226 -14.77 14.95 40.45
C ASP D 226 -13.48 15.51 39.86
N SER D 227 -12.56 14.58 39.57
CA SER D 227 -11.22 14.89 39.08
C SER D 227 -11.16 15.85 37.87
N PRO D 228 -11.84 15.53 36.75
CA PRO D 228 -11.88 16.44 35.60
C PRO D 228 -12.70 17.70 35.91
N GLU D 229 -12.41 18.80 35.22
CA GLU D 229 -13.06 20.09 35.58
C GLU D 229 -13.99 20.63 34.48
N GLY D 230 -14.61 21.77 34.73
CA GLY D 230 -15.53 22.35 33.74
C GLY D 230 -14.90 23.41 32.85
N GLY D 231 -13.63 23.22 32.51
CA GLY D 231 -12.88 24.18 31.70
C GLY D 231 -13.54 24.49 30.38
N PHE D 232 -14.17 23.49 29.77
CA PHE D 232 -14.86 23.65 28.49
C PHE D 232 -16.01 24.64 28.54
N ASP D 233 -16.70 24.72 29.68
CA ASP D 233 -17.77 25.72 29.85
C ASP D 233 -17.14 27.10 29.73
N ALA D 234 -16.05 27.28 30.48
CA ALA D 234 -15.28 28.53 30.49
C ALA D 234 -14.71 28.89 29.12
N ILE D 235 -14.01 27.96 28.48
CA ILE D 235 -13.54 28.21 27.12
C ILE D 235 -14.64 28.82 26.25
N MET D 236 -15.78 28.14 26.15
CA MET D 236 -16.93 28.62 25.36
C MET D 236 -17.31 30.06 25.69
N GLN D 237 -17.57 30.30 26.98
CA GLN D 237 -17.94 31.62 27.43
C GLN D 237 -16.89 32.66 27.03
N VAL D 238 -15.62 32.34 27.25
CA VAL D 238 -14.52 33.23 26.88
C VAL D 238 -14.50 33.53 25.38
N ALA D 239 -14.92 32.55 24.58
CA ALA D 239 -14.89 32.66 23.12
C ALA D 239 -16.04 33.48 22.54
N VAL D 240 -17.18 33.54 23.24
CA VAL D 240 -18.41 34.11 22.64
C VAL D 240 -18.95 35.33 23.37
N CYS D 241 -18.28 35.76 24.43
CA CYS D 241 -18.76 36.89 25.20
C CYS D 241 -18.13 38.24 24.81
N GLY D 242 -17.45 38.26 23.67
CA GLY D 242 -16.90 39.46 23.04
C GLY D 242 -16.59 40.65 23.94
N SER D 243 -17.34 41.73 23.74
CA SER D 243 -17.17 43.02 24.45
C SER D 243 -17.06 42.92 25.96
N LEU D 244 -17.72 41.92 26.54
CA LEU D 244 -17.66 41.70 27.98
C LEU D 244 -16.30 41.13 28.38
N ILE D 245 -15.61 40.52 27.43
CA ILE D 245 -14.21 40.10 27.64
C ILE D 245 -13.22 41.13 27.08
N GLY D 246 -13.47 41.60 25.85
CA GLY D 246 -12.75 42.75 25.30
C GLY D 246 -11.93 42.55 24.03
N TRP D 247 -12.15 41.45 23.34
CA TRP D 247 -11.41 41.12 22.13
C TRP D 247 -11.46 42.22 21.11
N ARG D 248 -10.29 42.58 20.57
CA ARG D 248 -10.20 43.50 19.43
C ARG D 248 -10.00 42.69 18.17
N ASN D 249 -10.23 43.29 17.00
CA ASN D 249 -10.05 42.61 15.70
C ASN D 249 -8.54 42.34 15.40
N VAL D 250 -7.86 41.78 16.39
CA VAL D 250 -6.41 41.53 16.38
C VAL D 250 -6.18 40.05 16.71
N THR D 251 -4.92 39.64 16.89
CA THR D 251 -4.68 38.24 17.21
C THR D 251 -5.00 38.00 18.67
N ARG D 252 -5.76 36.93 18.89
CA ARG D 252 -6.30 36.58 20.19
C ARG D 252 -5.68 35.27 20.66
N LEU D 253 -5.15 35.26 21.88
CA LEU D 253 -4.60 34.03 22.46
C LEU D 253 -5.35 33.65 23.72
N LEU D 254 -5.69 32.37 23.85
CA LEU D 254 -6.30 31.86 25.07
C LEU D 254 -5.37 30.86 25.72
N VAL D 255 -4.90 31.20 26.92
CA VAL D 255 -4.05 30.29 27.67
C VAL D 255 -4.92 29.52 28.65
N PHE D 256 -5.05 28.23 28.40
CA PHE D 256 -5.87 27.38 29.21
C PHE D 256 -4.92 26.58 30.09
N SER D 257 -4.91 26.87 31.38
CA SER D 257 -4.03 26.08 32.25
C SER D 257 -4.80 25.37 33.34
N THR D 258 -4.45 24.10 33.51
CA THR D 258 -5.10 23.18 34.44
C THR D 258 -4.19 21.98 34.69
N ASP D 259 -4.47 21.23 35.76
CA ASP D 259 -3.71 20.02 36.04
C ASP D 259 -4.61 18.78 36.05
N ALA D 260 -5.69 18.83 35.29
CA ALA D 260 -6.63 17.71 35.21
C ALA D 260 -7.34 17.63 33.86
N GLY D 261 -7.84 16.44 33.55
CA GLY D 261 -8.62 16.22 32.34
C GLY D 261 -9.93 17.01 32.33
N PHE D 262 -10.71 16.84 31.27
CA PHE D 262 -11.84 17.74 31.04
C PHE D 262 -13.19 17.04 30.86
N HIS D 263 -14.24 17.64 31.40
CA HIS D 263 -15.61 17.26 31.10
C HIS D 263 -15.94 17.72 29.70
N PHE D 264 -16.82 16.97 29.03
CA PHE D 264 -17.31 17.39 27.73
C PHE D 264 -18.73 16.90 27.50
N ALA D 265 -19.42 17.44 26.48
CA ALA D 265 -20.78 17.03 26.12
C ALA D 265 -21.04 15.53 26.32
N GLY D 266 -22.19 15.23 26.91
CA GLY D 266 -22.55 13.86 27.27
C GLY D 266 -22.41 13.67 28.77
N ASP D 267 -21.48 14.41 29.37
CA ASP D 267 -21.23 14.30 30.79
C ASP D 267 -22.35 14.92 31.59
N GLY D 268 -23.01 15.91 31.01
CA GLY D 268 -24.06 16.62 31.71
C GLY D 268 -25.22 15.72 32.07
N LYS D 269 -25.33 14.60 31.35
CA LYS D 269 -26.43 13.66 31.55
C LYS D 269 -26.50 13.23 33.01
N LEU D 270 -25.41 12.67 33.51
CA LEU D 270 -25.30 12.29 34.91
C LEU D 270 -25.99 13.29 35.87
N GLY D 271 -25.93 14.58 35.56
CA GLY D 271 -26.51 15.57 36.45
C GLY D 271 -27.84 16.12 35.97
N GLY D 272 -28.46 15.44 35.02
CA GLY D 272 -29.76 15.89 34.51
C GLY D 272 -29.67 17.01 33.50
N ILE D 273 -28.44 17.40 33.16
CA ILE D 273 -28.25 18.37 32.09
C ILE D 273 -28.22 17.59 30.82
N VAL D 274 -29.16 17.91 29.93
CA VAL D 274 -29.34 17.10 28.74
C VAL D 274 -29.47 17.96 27.48
N LEU D 275 -29.72 19.25 27.71
CA LEU D 275 -29.80 20.28 26.67
C LEU D 275 -28.40 20.71 26.21
N PRO D 276 -28.03 20.47 24.93
CA PRO D 276 -26.65 20.73 24.49
C PRO D 276 -26.28 22.20 24.63
N ASN D 277 -24.98 22.51 24.73
CA ASN D 277 -24.52 23.90 24.88
C ASN D 277 -24.99 24.78 23.72
N ASP D 278 -25.52 25.97 24.04
CA ASP D 278 -26.14 26.83 23.03
C ASP D 278 -25.12 27.60 22.20
N GLY D 279 -23.97 27.87 22.81
CA GLY D 279 -22.91 28.63 22.17
C GLY D 279 -23.03 30.14 22.34
N GLN D 280 -24.05 30.58 23.08
CA GLN D 280 -24.27 32.01 23.30
C GLN D 280 -23.69 32.38 24.64
N CYS D 281 -23.61 33.68 24.91
CA CYS D 281 -23.02 34.18 26.13
C CYS D 281 -24.06 34.16 27.22
N HIS D 282 -23.62 34.03 28.48
CA HIS D 282 -24.52 33.96 29.64
C HIS D 282 -23.84 34.42 30.92
N LEU D 283 -23.65 35.73 31.07
CA LEU D 283 -22.87 36.28 32.20
C LEU D 283 -23.62 37.31 33.01
N GLU D 284 -23.42 37.26 34.33
CA GLU D 284 -24.00 38.27 35.22
C GLU D 284 -22.92 39.28 35.56
N ASN D 285 -22.59 39.40 36.83
CA ASN D 285 -21.39 40.14 37.19
C ASN D 285 -20.20 39.20 36.96
N ASN D 286 -19.96 38.96 35.67
CA ASN D 286 -18.85 38.14 35.17
C ASN D 286 -18.85 36.72 35.71
N MET D 287 -20.04 36.12 35.73
CA MET D 287 -20.23 34.76 36.18
C MET D 287 -21.14 34.02 35.21
N TYR D 288 -20.74 32.81 34.83
CA TYR D 288 -21.57 31.95 34.00
C TYR D 288 -22.77 31.46 34.82
N THR D 289 -23.96 31.72 34.30
CA THR D 289 -25.18 31.49 35.08
C THR D 289 -26.04 30.35 34.54
N MET D 290 -25.60 29.74 33.44
CA MET D 290 -26.36 28.66 32.86
C MET D 290 -25.56 27.36 32.93
N SER D 291 -24.68 27.30 33.91
CA SER D 291 -23.93 26.10 34.19
C SER D 291 -24.89 24.94 34.45
N HIS D 292 -25.95 25.24 35.19
CA HIS D 292 -26.97 24.28 35.59
C HIS D 292 -27.81 23.82 34.43
N TYR D 293 -27.94 24.66 33.41
CA TYR D 293 -28.96 24.46 32.39
C TYR D 293 -28.43 23.77 31.15
N TYR D 294 -27.32 24.27 30.61
CA TYR D 294 -26.71 23.70 29.40
C TYR D 294 -25.54 22.76 29.68
N ASP D 295 -25.40 21.79 28.79
CA ASP D 295 -24.36 20.78 28.86
C ASP D 295 -23.00 21.35 28.44
N TYR D 296 -21.94 20.82 29.05
CA TYR D 296 -20.58 21.07 28.59
C TYR D 296 -20.56 20.95 27.07
N PRO D 297 -19.83 21.85 26.39
CA PRO D 297 -19.69 21.73 24.93
C PRO D 297 -18.92 20.48 24.48
N SER D 298 -19.20 20.03 23.26
CA SER D 298 -18.39 18.99 22.63
C SER D 298 -17.16 19.64 22.03
N ILE D 299 -16.08 18.87 21.88
CA ILE D 299 -14.87 19.39 21.24
C ILE D 299 -15.26 20.09 19.94
N ALA D 300 -16.04 19.40 19.12
CA ALA D 300 -16.44 19.89 17.82
C ALA D 300 -17.05 21.28 17.90
N HIS D 301 -17.82 21.50 18.96
CA HIS D 301 -18.50 22.78 19.19
C HIS D 301 -17.53 23.91 19.51
N LEU D 302 -16.54 23.62 20.37
CA LEU D 302 -15.45 24.56 20.66
C LEU D 302 -14.62 24.86 19.41
N VAL D 303 -14.33 23.84 18.63
CA VAL D 303 -13.58 23.99 17.40
C VAL D 303 -14.24 25.04 16.51
N GLN D 304 -15.57 24.97 16.39
CA GLN D 304 -16.30 25.92 15.58
C GLN D 304 -16.28 27.29 16.25
N LYS D 305 -16.51 27.33 17.55
CA LYS D 305 -16.57 28.60 18.23
C LYS D 305 -15.22 29.32 18.27
N LEU D 306 -14.16 28.61 18.62
CA LEU D 306 -12.80 29.14 18.53
C LEU D 306 -12.45 29.64 17.12
N SER D 307 -13.01 29.00 16.10
CA SER D 307 -12.67 29.34 14.73
C SER D 307 -13.49 30.48 14.12
N GLU D 308 -14.76 30.60 14.51
CA GLU D 308 -15.56 31.75 14.07
C GLU D 308 -15.01 33.03 14.68
N ASN D 309 -14.90 33.03 16.01
CA ASN D 309 -14.08 33.99 16.73
C ASN D 309 -12.64 33.64 16.34
N ASN D 310 -11.66 34.46 16.66
CA ASN D 310 -10.34 34.16 16.12
C ASN D 310 -9.32 33.63 17.14
N ILE D 311 -9.79 32.75 18.03
CA ILE D 311 -9.03 32.33 19.20
C ILE D 311 -8.02 31.23 18.91
N GLN D 312 -6.74 31.53 19.15
CA GLN D 312 -5.68 30.52 19.15
C GLN D 312 -5.42 30.04 20.56
N THR D 313 -5.51 28.74 20.78
CA THR D 313 -5.55 28.21 22.14
C THR D 313 -4.20 27.65 22.57
N ILE D 314 -3.77 28.03 23.77
CA ILE D 314 -2.55 27.46 24.37
C ILE D 314 -2.89 26.60 25.59
N PHE D 315 -2.55 25.31 25.54
CA PHE D 315 -2.83 24.43 26.67
C PHE D 315 -1.63 24.31 27.58
N ALA D 316 -1.65 25.03 28.68
CA ALA D 316 -0.59 24.90 29.66
C ALA D 316 -1.05 23.90 30.70
N VAL D 317 -0.54 22.67 30.61
CA VAL D 317 -1.00 21.59 31.48
C VAL D 317 0.15 20.74 32.03
N THR D 318 -0.05 20.15 33.21
CA THR D 318 0.98 19.34 33.88
C THR D 318 1.31 18.04 33.17
N GLU D 319 2.50 17.53 33.47
CA GLU D 319 3.05 16.31 32.88
C GLU D 319 2.05 15.15 32.86
N GLU D 320 1.40 14.92 34.01
CA GLU D 320 0.33 13.93 34.15
C GLU D 320 -0.62 13.87 32.96
N PHE D 321 -1.10 15.03 32.52
CA PHE D 321 -2.10 15.09 31.45
C PHE D 321 -1.60 15.50 30.07
N GLN D 322 -0.30 15.35 29.85
CA GLN D 322 0.24 15.57 28.51
C GLN D 322 -0.37 14.68 27.43
N PRO D 323 -0.50 13.35 27.68
CA PRO D 323 -1.08 12.53 26.61
C PRO D 323 -2.50 12.96 26.21
N VAL D 324 -3.31 13.36 27.18
CA VAL D 324 -4.67 13.79 26.87
C VAL D 324 -4.65 15.09 26.06
N TYR D 325 -3.99 16.12 26.59
CA TYR D 325 -3.97 17.43 25.95
C TYR D 325 -3.19 17.51 24.64
N LYS D 326 -2.21 16.61 24.45
CA LYS D 326 -1.53 16.48 23.15
C LYS D 326 -2.60 16.13 22.12
N GLU D 327 -3.46 15.18 22.49
CA GLU D 327 -4.49 14.70 21.57
C GLU D 327 -5.60 15.69 21.32
N LEU D 328 -6.00 16.44 22.35
CA LEU D 328 -6.98 17.52 22.21
C LEU D 328 -6.42 18.56 21.24
N LYS D 329 -5.13 18.83 21.38
CA LYS D 329 -4.41 19.71 20.46
C LYS D 329 -4.52 19.27 18.99
N ASN D 330 -4.44 17.96 18.72
CA ASN D 330 -4.52 17.45 17.34
C ASN D 330 -5.91 17.66 16.76
N LEU D 331 -6.87 17.95 17.63
CA LEU D 331 -8.25 18.13 17.21
C LEU D 331 -8.68 19.58 17.14
N ILE D 332 -7.83 20.51 17.59
CA ILE D 332 -8.15 21.94 17.57
C ILE D 332 -7.18 22.71 16.65
N PRO D 333 -7.67 23.12 15.47
CA PRO D 333 -6.86 23.61 14.33
C PRO D 333 -5.69 24.56 14.64
N LYS D 334 -5.95 25.69 15.29
CA LYS D 334 -4.86 26.58 15.67
C LYS D 334 -4.69 26.56 17.16
N SER D 335 -3.88 25.63 17.64
CA SER D 335 -3.63 25.52 19.06
C SER D 335 -2.27 24.92 19.32
N ALA D 336 -1.81 25.04 20.55
CA ALA D 336 -0.56 24.44 20.96
C ALA D 336 -0.69 23.90 22.36
N VAL D 337 0.27 23.07 22.74
CA VAL D 337 0.30 22.48 24.06
C VAL D 337 1.74 22.50 24.58
N GLY D 338 1.90 22.88 25.84
CA GLY D 338 3.20 22.89 26.48
C GLY D 338 3.09 22.27 27.85
N THR D 339 4.16 21.63 28.29
CA THR D 339 4.14 20.98 29.60
C THR D 339 4.51 21.95 30.73
N LEU D 340 3.52 22.21 31.58
CA LEU D 340 3.58 23.17 32.68
C LEU D 340 4.15 22.56 33.95
N SER D 341 4.97 23.34 34.67
CA SER D 341 5.63 22.87 35.87
C SER D 341 4.62 22.75 37.02
N ALA D 342 5.13 22.28 38.16
CA ALA D 342 4.31 21.98 39.34
C ALA D 342 3.62 23.21 39.93
N ASN D 343 4.41 24.23 40.25
CA ASN D 343 3.90 25.47 40.84
C ASN D 343 3.69 26.58 39.80
N SER D 344 3.42 26.17 38.56
CA SER D 344 3.17 27.10 37.44
C SER D 344 4.33 28.06 37.12
N SER D 345 5.54 27.73 37.57
CA SER D 345 6.70 28.61 37.45
C SER D 345 7.09 28.94 35.98
N ASN D 346 7.11 27.92 35.13
CA ASN D 346 7.52 28.08 33.74
C ASN D 346 6.43 28.59 32.76
N VAL D 347 5.33 29.16 33.26
CA VAL D 347 4.20 29.56 32.39
C VAL D 347 4.58 30.49 31.24
N ILE D 348 5.48 31.43 31.52
CA ILE D 348 5.88 32.44 30.55
C ILE D 348 6.64 31.80 29.40
N GLN D 349 7.70 31.06 29.73
CA GLN D 349 8.51 30.39 28.71
C GLN D 349 7.62 29.52 27.83
N LEU D 350 6.81 28.70 28.48
CA LEU D 350 5.81 27.85 27.84
C LEU D 350 4.97 28.63 26.81
N ILE D 351 4.41 29.77 27.22
CA ILE D 351 3.58 30.63 26.36
C ILE D 351 4.36 31.19 25.17
N ILE D 352 5.64 31.49 25.39
CA ILE D 352 6.53 31.95 24.33
C ILE D 352 6.84 30.80 23.37
N ASP D 353 7.34 29.69 23.90
CA ASP D 353 7.58 28.52 23.06
C ASP D 353 6.32 28.21 22.26
N ALA D 354 5.16 28.26 22.94
CA ALA D 354 3.85 28.00 22.33
C ALA D 354 3.48 29.00 21.25
N TYR D 355 3.61 30.29 21.55
CA TYR D 355 3.27 31.32 20.57
C TYR D 355 4.17 31.25 19.35
N ASN D 356 5.46 31.01 19.56
CA ASN D 356 6.39 30.96 18.44
C ASN D 356 5.99 29.91 17.42
N SER D 357 5.77 28.67 17.87
CA SER D 357 5.44 27.59 16.95
C SER D 357 4.06 27.79 16.30
N LEU D 358 3.14 28.41 17.02
CA LEU D 358 1.85 28.88 16.47
C LEU D 358 2.04 29.87 15.31
N SER D 359 2.93 30.85 15.49
CA SER D 359 3.09 31.88 14.47
C SER D 359 4.20 31.56 13.47
N SER D 360 4.97 30.52 13.72
CA SER D 360 5.96 30.06 12.74
C SER D 360 5.27 29.19 11.70
N GLU D 361 3.98 29.01 11.85
CA GLU D 361 3.26 28.11 10.97
C GLU D 361 1.93 28.72 10.51
N VAL D 362 1.62 28.49 9.24
CA VAL D 362 0.41 29.01 8.67
C VAL D 362 -0.44 27.85 8.18
N ILE D 363 -1.69 27.83 8.63
CA ILE D 363 -2.66 26.85 8.20
C ILE D 363 -3.85 27.56 7.55
N LEU D 364 -4.23 27.10 6.37
CA LEU D 364 -5.28 27.72 5.58
C LEU D 364 -6.60 26.97 5.66
N GLU D 365 -7.70 27.71 5.78
CA GLU D 365 -9.05 27.13 5.75
C GLU D 365 -10.02 27.94 4.89
N ASN D 366 -11.01 27.24 4.32
CA ASN D 366 -12.05 27.84 3.47
C ASN D 366 -13.47 27.78 4.08
N GLY D 367 -14.37 28.61 3.54
CA GLY D 367 -15.79 28.51 3.87
C GLY D 367 -16.41 27.23 3.30
N LYS D 368 -17.73 27.11 3.43
CA LYS D 368 -18.47 25.95 2.90
C LYS D 368 -18.56 26.02 1.38
N LEU D 369 -18.41 24.86 0.74
CA LEU D 369 -18.64 24.77 -0.70
C LEU D 369 -19.90 23.98 -0.91
N SER D 370 -20.78 24.48 -1.78
CA SER D 370 -21.93 23.73 -2.22
C SER D 370 -21.50 22.46 -2.99
N GLU D 371 -22.42 21.50 -3.08
CA GLU D 371 -22.18 20.20 -3.69
C GLU D 371 -21.73 20.30 -5.15
N GLY D 372 -20.93 19.33 -5.57
CA GLY D 372 -20.40 19.32 -6.93
C GLY D 372 -19.05 19.99 -7.06
N VAL D 373 -18.70 20.80 -6.07
CA VAL D 373 -17.44 21.55 -6.07
C VAL D 373 -16.39 20.92 -5.15
N THR D 374 -15.20 20.67 -5.68
CA THR D 374 -14.07 20.28 -4.84
C THR D 374 -13.02 21.40 -4.77
N ILE D 375 -12.17 21.37 -3.76
CA ILE D 375 -11.04 22.29 -3.65
C ILE D 375 -9.77 21.52 -3.30
N SER D 376 -8.65 21.89 -3.91
CA SER D 376 -7.39 21.26 -3.60
C SER D 376 -6.31 22.31 -3.42
N TYR D 377 -5.44 22.08 -2.44
CA TYR D 377 -4.40 23.01 -2.10
C TYR D 377 -3.06 22.39 -2.35
N LYS D 378 -2.12 23.19 -2.86
CA LYS D 378 -0.72 22.83 -2.92
C LYS D 378 0.06 23.93 -2.23
N SER D 379 0.94 23.58 -1.31
CA SER D 379 1.76 24.59 -0.65
C SER D 379 3.23 24.56 -1.11
N TYR D 380 3.80 25.76 -1.21
CA TYR D 380 5.21 25.92 -1.53
C TYR D 380 5.86 26.69 -0.40
N CYS D 381 6.50 25.95 0.49
CA CYS D 381 7.10 26.50 1.68
C CYS D 381 8.58 26.79 1.45
N LYS D 382 9.24 27.28 2.50
CA LYS D 382 10.65 27.61 2.46
C LYS D 382 11.46 26.33 2.28
N ASN D 383 12.57 26.45 1.55
CA ASN D 383 13.50 25.33 1.33
C ASN D 383 12.97 24.18 0.46
N GLY D 384 12.17 24.52 -0.56
CA GLY D 384 11.63 23.55 -1.52
C GLY D 384 10.69 22.50 -0.93
N VAL D 385 10.35 22.65 0.35
CA VAL D 385 9.35 21.79 0.99
C VAL D 385 7.98 22.15 0.40
N ASN D 386 7.28 21.13 -0.09
CA ASN D 386 6.01 21.31 -0.76
C ASN D 386 4.94 20.41 -0.19
N GLY D 387 3.76 20.98 0.06
CA GLY D 387 2.63 20.22 0.59
C GLY D 387 1.71 19.75 -0.52
N THR D 388 1.00 18.66 -0.25
CA THR D 388 -0.06 18.14 -1.13
C THR D 388 -1.16 17.52 -0.30
N GLY D 389 -2.30 17.26 -0.94
CA GLY D 389 -3.45 16.73 -0.22
C GLY D 389 -3.77 17.70 0.89
N GLU D 390 -3.84 17.20 2.11
CA GLU D 390 -4.23 18.01 3.25
C GLU D 390 -3.05 18.86 3.76
N ASN D 391 -1.85 18.54 3.29
CA ASN D 391 -0.64 19.30 3.61
C ASN D 391 -0.44 20.48 2.68
N GLY D 392 -1.17 20.46 1.57
CA GLY D 392 -1.14 21.54 0.61
C GLY D 392 -1.63 22.83 1.22
N ARG D 393 -2.15 22.75 2.44
CA ARG D 393 -2.65 23.94 3.14
C ARG D 393 -1.89 24.30 4.42
N LYS D 394 -0.72 23.69 4.60
CA LYS D 394 0.21 24.03 5.69
C LYS D 394 1.53 24.56 5.16
N CYS D 395 2.10 25.53 5.87
CA CYS D 395 3.53 25.83 5.76
C CYS D 395 4.14 26.00 7.14
N SER D 396 5.19 25.25 7.41
CA SER D 396 5.95 25.40 8.64
C SER D 396 7.26 26.18 8.45
N ASN D 397 7.87 26.58 9.56
CA ASN D 397 9.12 27.34 9.56
C ASN D 397 9.02 28.69 8.87
N ILE D 398 7.89 29.37 9.06
CA ILE D 398 7.73 30.73 8.56
C ILE D 398 8.30 31.74 9.55
N SER D 399 9.52 32.16 9.27
CA SER D 399 10.16 33.24 10.02
C SER D 399 9.60 34.59 9.60
N ILE D 400 9.74 35.59 10.47
CA ILE D 400 9.28 36.94 10.15
C ILE D 400 9.72 37.34 8.74
N GLY D 401 8.75 37.82 7.96
CA GLY D 401 9.04 38.37 6.66
C GLY D 401 9.07 37.33 5.58
N ASP D 402 9.18 36.06 5.96
CA ASP D 402 9.15 34.97 4.98
C ASP D 402 7.89 35.03 4.12
N GLU D 403 8.04 34.69 2.85
CA GLU D 403 6.91 34.57 1.95
C GLU D 403 6.68 33.12 1.55
N VAL D 404 5.40 32.75 1.45
CA VAL D 404 5.03 31.41 1.07
C VAL D 404 3.90 31.47 0.05
N GLN D 405 3.86 30.50 -0.86
CA GLN D 405 2.86 30.50 -1.92
C GLN D 405 1.94 29.27 -1.83
N PHE D 406 0.66 29.47 -2.12
CA PHE D 406 -0.31 28.37 -2.18
C PHE D 406 -0.97 28.34 -3.55
N GLU D 407 -0.95 27.18 -4.18
CA GLU D 407 -1.63 26.96 -5.45
C GLU D 407 -2.94 26.25 -5.16
N ILE D 408 -4.03 27.02 -5.20
CA ILE D 408 -5.35 26.51 -4.91
C ILE D 408 -6.09 26.28 -6.21
N SER D 409 -6.85 25.19 -6.28
CA SER D 409 -7.70 24.93 -7.45
C SER D 409 -9.07 24.41 -7.08
N ILE D 410 -10.05 24.74 -7.92
CA ILE D 410 -11.44 24.45 -7.65
C ILE D 410 -12.06 23.90 -8.92
N THR D 411 -12.89 22.87 -8.77
CA THR D 411 -13.55 22.20 -9.89
C THR D 411 -15.01 21.96 -9.53
N SER D 412 -15.91 22.13 -10.49
CA SER D 412 -17.33 21.82 -10.28
C SER D 412 -17.79 20.62 -11.11
N ASN D 413 -18.88 19.99 -10.66
CA ASN D 413 -19.45 18.84 -11.37
C ASN D 413 -20.57 19.27 -12.32
N LYS D 414 -21.82 19.25 -11.83
CA LYS D 414 -22.96 19.73 -12.61
C LYS D 414 -23.14 21.24 -12.45
N CYS D 415 -24.39 21.69 -12.30
CA CYS D 415 -24.67 23.09 -12.01
C CYS D 415 -25.34 23.20 -10.65
N PRO D 416 -24.53 23.34 -9.58
CA PRO D 416 -25.00 23.40 -8.19
C PRO D 416 -26.23 24.28 -8.05
N LYS D 417 -26.17 25.48 -8.62
CA LYS D 417 -27.32 26.37 -8.83
C LYS D 417 -26.94 27.44 -9.82
N LYS D 418 -27.93 28.01 -10.49
CA LYS D 418 -27.71 29.08 -11.47
C LYS D 418 -27.31 30.39 -10.77
N ASP D 419 -26.98 30.27 -9.49
CA ASP D 419 -26.52 31.38 -8.67
C ASP D 419 -25.00 31.46 -8.64
N SER D 420 -24.51 32.45 -7.91
CA SER D 420 -23.10 32.61 -7.63
C SER D 420 -22.84 32.20 -6.19
N ASP D 421 -21.62 31.74 -5.92
CA ASP D 421 -21.22 31.42 -4.57
C ASP D 421 -20.01 32.25 -4.16
N SER D 422 -19.88 32.49 -2.87
CA SER D 422 -18.68 33.09 -2.31
C SER D 422 -18.25 32.24 -1.15
N PHE D 423 -16.95 32.04 -1.03
CA PHE D 423 -16.39 31.50 0.20
C PHE D 423 -15.08 32.22 0.45
N LYS D 424 -14.57 32.11 1.68
CA LYS D 424 -13.43 32.90 2.06
C LYS D 424 -12.28 32.05 2.55
N ILE D 425 -11.15 32.12 1.86
CA ILE D 425 -9.96 31.43 2.32
C ILE D 425 -9.22 32.34 3.30
N ARG D 426 -8.82 31.76 4.43
CA ARG D 426 -8.29 32.49 5.56
C ARG D 426 -7.22 31.66 6.26
N PRO D 427 -6.06 32.28 6.55
CA PRO D 427 -5.11 31.59 7.42
C PRO D 427 -5.62 31.57 8.87
N LEU D 428 -5.81 30.35 9.41
CA LEU D 428 -6.26 30.22 10.78
C LEU D 428 -5.38 31.07 11.69
N GLY D 429 -6.04 31.93 12.47
CA GLY D 429 -5.35 32.82 13.43
C GLY D 429 -5.54 34.28 13.13
N PHE D 430 -5.71 34.59 11.84
CA PHE D 430 -5.83 35.96 11.35
C PHE D 430 -7.23 36.21 10.77
N THR D 431 -7.65 37.48 10.76
CA THR D 431 -8.94 37.86 10.18
C THR D 431 -8.83 38.28 8.71
N GLU D 432 -7.61 38.40 8.20
CA GLU D 432 -7.38 38.70 6.79
C GLU D 432 -7.88 37.60 5.87
N GLU D 433 -8.75 37.95 4.92
CA GLU D 433 -9.43 36.93 4.10
C GLU D 433 -9.29 37.12 2.60
N VAL D 434 -9.32 35.99 1.89
CA VAL D 434 -9.47 35.99 0.46
C VAL D 434 -10.94 35.61 0.11
N GLU D 435 -11.65 36.54 -0.51
CA GLU D 435 -12.95 36.25 -1.08
C GLU D 435 -12.78 35.55 -2.42
N VAL D 436 -13.27 34.32 -2.53
CA VAL D 436 -13.36 33.65 -3.83
C VAL D 436 -14.83 33.58 -4.28
N ILE D 437 -15.13 34.25 -5.39
CA ILE D 437 -16.48 34.31 -5.91
C ILE D 437 -16.59 33.34 -7.05
N LEU D 438 -17.65 32.55 -7.05
CA LEU D 438 -17.81 31.49 -8.05
C LEU D 438 -18.99 31.73 -8.98
N GLN D 439 -18.75 31.54 -10.27
CA GLN D 439 -19.81 31.64 -11.25
C GLN D 439 -19.77 30.43 -12.17
N TYR D 440 -20.77 29.57 -12.00
CA TYR D 440 -20.90 28.33 -12.75
C TYR D 440 -21.48 28.56 -14.15
N ILE D 441 -20.88 27.89 -15.14
CA ILE D 441 -21.33 27.96 -16.54
C ILE D 441 -22.33 26.85 -16.85
N CYS D 442 -23.60 27.25 -17.02
CA CYS D 442 -24.69 26.31 -17.29
C CYS D 442 -25.17 26.35 -18.74
N GLU D 443 -25.54 27.55 -19.20
CA GLU D 443 -26.09 27.75 -20.55
C GLU D 443 -25.00 28.02 -21.59
N CYS D 444 -25.40 28.42 -22.79
CA CYS D 444 -24.47 28.55 -23.92
C CYS D 444 -24.38 29.95 -24.52
N GLU D 445 -23.19 30.29 -25.02
CA GLU D 445 -22.89 31.65 -25.47
C GLU D 445 -22.44 31.68 -26.93
N ASP E 1 19.45 64.67 12.43
CA ASP E 1 18.58 65.66 13.13
C ASP E 1 18.49 65.44 14.66
N ILE E 2 17.41 64.83 15.14
CA ILE E 2 17.07 64.70 16.57
C ILE E 2 18.27 64.55 17.54
N VAL E 3 18.34 65.45 18.52
CA VAL E 3 19.47 65.48 19.45
C VAL E 3 19.12 64.77 20.75
N MET E 4 20.01 63.87 21.20
CA MET E 4 19.88 63.29 22.53
C MET E 4 20.92 63.87 23.48
N THR E 5 20.45 64.54 24.51
CA THR E 5 21.31 65.17 25.52
C THR E 5 21.45 64.35 26.81
N GLN E 6 22.65 63.85 27.06
CA GLN E 6 22.99 63.28 28.35
C GLN E 6 23.93 64.23 29.09
N ALA E 7 23.32 65.16 29.83
CA ALA E 7 24.03 66.28 30.48
C ALA E 7 25.18 65.86 31.42
N THR E 8 25.05 64.72 32.08
CA THR E 8 26.06 64.27 33.03
C THR E 8 27.10 63.32 32.42
N PRO E 9 28.38 63.76 32.37
CA PRO E 9 29.37 62.92 31.71
C PRO E 9 29.72 61.67 32.52
N SER E 10 29.66 61.76 33.85
CA SER E 10 29.90 60.61 34.75
C SER E 10 29.31 60.82 36.15
N ILE E 11 29.04 59.71 36.87
CA ILE E 11 28.49 59.77 38.24
C ILE E 11 29.17 58.77 39.18
N PRO E 12 29.77 59.27 40.27
CA PRO E 12 30.30 58.36 41.28
C PRO E 12 29.21 57.87 42.26
N VAL E 13 29.22 56.57 42.55
CA VAL E 13 28.17 55.96 43.39
C VAL E 13 28.73 54.87 44.33
N THR E 14 28.37 54.97 45.61
CA THR E 14 28.79 53.97 46.61
C THR E 14 28.01 52.67 46.38
N PRO E 15 28.71 51.53 46.44
CA PRO E 15 28.07 50.20 46.27
C PRO E 15 26.97 49.90 47.31
N GLY E 16 25.73 49.75 46.83
CA GLY E 16 24.59 49.60 47.70
C GLY E 16 23.56 50.69 47.50
N GLU E 17 24.02 51.90 47.16
CA GLU E 17 23.10 53.02 46.93
C GLU E 17 22.41 52.91 45.54
N SER E 18 21.71 53.95 45.10
CA SER E 18 21.04 53.92 43.79
C SER E 18 21.18 55.23 43.01
N VAL E 19 20.92 55.17 41.69
CA VAL E 19 21.14 56.32 40.81
C VAL E 19 20.00 56.57 39.83
N SER E 20 19.77 57.84 39.54
CA SER E 20 18.99 58.22 38.37
C SER E 20 19.92 58.80 37.31
N ILE E 21 19.84 58.29 36.09
CA ILE E 21 20.57 58.83 34.93
C ILE E 21 19.58 59.42 33.95
N SER E 22 19.80 60.66 33.52
CA SER E 22 18.82 61.32 32.66
C SER E 22 19.27 61.37 31.20
N CYS E 23 18.32 61.71 30.33
CA CYS E 23 18.51 61.82 28.89
C CYS E 23 17.36 62.69 28.37
N ARG E 24 17.66 63.55 27.39
CA ARG E 24 16.66 64.48 26.87
C ARG E 24 16.66 64.46 25.35
N SER E 25 15.51 64.73 24.76
CA SER E 25 15.41 64.91 23.31
C SER E 25 14.72 66.22 22.98
N ASN E 26 14.90 66.72 21.76
CA ASN E 26 14.23 67.94 21.31
C ASN E 26 12.88 67.69 20.61
N LYS E 27 12.75 66.54 19.94
CA LYS E 27 11.44 66.07 19.49
C LYS E 27 10.86 65.16 20.57
N SER E 28 9.56 64.89 20.47
CA SER E 28 8.92 63.89 21.33
C SER E 28 9.13 62.50 20.74
N LEU E 29 9.40 61.52 21.59
CA LEU E 29 9.62 60.18 21.11
C LEU E 29 8.34 59.32 21.15
N LEU E 30 7.26 59.93 21.61
CA LEU E 30 5.94 59.28 21.66
C LEU E 30 5.31 59.18 20.29
N HIS E 31 5.21 57.96 19.76
CA HIS E 31 4.53 57.69 18.51
C HIS E 31 3.06 57.66 18.75
N SER E 32 2.29 58.11 17.77
CA SER E 32 0.83 58.04 17.84
C SER E 32 0.33 56.67 18.32
N ASN E 33 1.15 55.64 18.12
CA ASN E 33 0.75 54.29 18.49
C ASN E 33 0.86 54.03 19.99
N GLY E 34 1.19 55.07 20.75
CA GLY E 34 1.23 54.98 22.20
C GLY E 34 2.55 54.49 22.78
N ASN E 35 3.45 53.98 21.94
CA ASN E 35 4.81 53.65 22.36
C ASN E 35 5.77 54.84 22.27
N THR E 36 6.77 54.85 23.14
CA THR E 36 7.79 55.89 23.15
C THR E 36 9.16 55.27 22.86
N TYR E 37 9.70 55.52 21.66
CA TYR E 37 10.87 54.77 21.17
C TYR E 37 12.25 55.29 21.66
N LEU E 38 12.44 55.20 22.97
CA LEU E 38 13.72 55.46 23.57
C LEU E 38 14.30 54.14 24.05
N TYR E 39 15.58 53.91 23.79
CA TYR E 39 16.26 52.70 24.26
C TYR E 39 17.38 53.05 25.21
N TRP E 40 17.77 52.11 26.07
CA TRP E 40 18.94 52.31 26.92
C TRP E 40 19.89 51.19 26.70
N PHE E 41 21.18 51.52 26.66
CA PHE E 41 22.25 50.53 26.51
C PHE E 41 23.33 50.81 27.54
N LEU E 42 24.05 49.76 27.94
CA LEU E 42 25.23 49.88 28.81
C LEU E 42 26.44 49.21 28.20
N GLN E 43 27.59 49.90 28.23
CA GLN E 43 28.81 49.32 27.69
C GLN E 43 29.84 49.15 28.78
N ARG E 44 30.19 47.92 29.08
CA ARG E 44 31.20 47.69 30.09
C ARG E 44 32.58 47.90 29.46
N PRO E 45 33.58 48.32 30.25
CA PRO E 45 34.94 48.46 29.69
C PRO E 45 35.36 47.21 28.91
N GLY E 46 35.72 47.40 27.64
CA GLY E 46 36.23 46.33 26.77
C GLY E 46 35.19 45.45 26.07
N GLN E 47 33.92 45.76 26.27
CA GLN E 47 32.82 44.94 25.73
C GLN E 47 31.97 45.75 24.78
N SER E 48 31.19 45.08 23.95
CA SER E 48 30.24 45.77 23.08
C SER E 48 29.01 46.16 23.89
N PRO E 49 28.26 47.18 23.45
CA PRO E 49 27.03 47.58 24.13
C PRO E 49 26.07 46.43 24.43
N ARG E 50 25.21 46.60 25.45
CA ARG E 50 24.11 45.68 25.75
C ARG E 50 22.78 46.41 25.85
N LEU E 51 21.71 45.76 25.40
CA LEU E 51 20.37 46.34 25.56
C LEU E 51 19.94 46.27 27.01
N LEU E 52 19.49 47.40 27.54
CA LEU E 52 18.94 47.42 28.89
C LEU E 52 17.43 47.60 28.84
N ILE E 53 17.00 48.73 28.31
CA ILE E 53 15.60 49.13 28.34
C ILE E 53 15.12 49.35 26.92
N PHE E 54 13.95 48.79 26.60
CA PHE E 54 13.37 48.98 25.27
C PHE E 54 12.03 49.69 25.31
N ARG E 55 11.82 50.54 24.30
CA ARG E 55 10.66 51.43 24.23
C ARG E 55 10.34 52.11 25.58
N MET E 56 11.32 52.85 26.10
CA MET E 56 11.22 53.67 27.32
C MET E 56 11.20 52.95 28.67
N SER E 57 10.26 52.02 28.87
CA SER E 57 10.02 51.45 30.21
C SER E 57 10.25 49.94 30.36
N ASN E 58 10.34 49.24 29.22
CA ASN E 58 10.44 47.78 29.21
C ASN E 58 11.88 47.23 29.31
N LEU E 59 12.01 46.06 29.93
CA LEU E 59 13.32 45.46 30.22
C LEU E 59 13.78 44.35 29.28
N ALA E 60 15.06 44.39 28.91
CA ALA E 60 15.64 43.39 28.04
C ALA E 60 15.96 42.13 28.85
N SER E 61 16.17 41.01 28.15
CA SER E 61 16.40 39.73 28.79
C SER E 61 17.68 39.73 29.60
N GLY E 62 17.64 39.01 30.72
CA GLY E 62 18.80 38.84 31.58
C GLY E 62 19.07 40.02 32.47
N VAL E 63 18.32 41.11 32.27
CA VAL E 63 18.58 42.35 32.98
C VAL E 63 17.85 42.38 34.34
N PRO E 64 18.61 42.48 35.44
CA PRO E 64 18.07 42.48 36.80
C PRO E 64 16.98 43.51 36.97
N ASP E 65 16.06 43.23 37.89
CA ASP E 65 14.90 44.10 38.15
C ASP E 65 15.24 45.48 38.75
N ARG E 66 16.50 45.65 39.16
CA ARG E 66 17.02 46.93 39.69
C ARG E 66 16.93 48.10 38.71
N PHE E 67 17.01 47.78 37.42
CA PHE E 67 16.94 48.77 36.35
C PHE E 67 15.49 49.08 36.00
N SER E 68 15.18 50.36 35.81
CA SER E 68 13.86 50.76 35.36
C SER E 68 13.94 52.07 34.58
N GLY E 69 12.93 52.34 33.75
CA GLY E 69 12.97 53.53 32.92
C GLY E 69 11.66 54.29 32.85
N SER E 70 11.67 55.52 33.34
CA SER E 70 10.52 56.40 33.24
C SER E 70 10.75 57.29 32.04
N GLY E 71 9.89 58.30 31.88
CA GLY E 71 10.08 59.27 30.82
C GLY E 71 8.81 59.96 30.39
N SER E 72 8.93 61.26 30.15
CA SER E 72 7.86 62.06 29.55
C SER E 72 7.78 61.77 28.05
N GLY E 73 7.55 62.82 27.26
CA GLY E 73 7.67 62.72 25.82
C GLY E 73 9.10 62.99 25.41
N THR E 74 9.84 63.68 26.28
CA THR E 74 11.16 64.21 25.95
C THR E 74 12.18 64.13 27.08
N ALA E 75 11.72 64.08 28.33
CA ALA E 75 12.62 63.87 29.46
C ALA E 75 12.54 62.42 29.91
N PHE E 76 13.67 61.73 29.83
CA PHE E 76 13.73 60.32 30.17
C PHE E 76 14.76 60.11 31.25
N THR E 77 14.66 58.97 31.93
CA THR E 77 15.55 58.66 33.04
C THR E 77 15.63 57.16 33.35
N LEU E 78 16.85 56.67 33.52
CA LEU E 78 17.10 55.29 33.90
C LEU E 78 17.39 55.25 35.38
N ARG E 79 16.58 54.51 36.14
CA ARG E 79 16.91 54.30 37.55
C ARG E 79 17.47 52.90 37.75
N ILE E 80 18.64 52.86 38.38
CA ILE E 80 19.29 51.62 38.79
C ILE E 80 19.21 51.55 40.30
N SER E 81 18.89 50.38 40.84
CA SER E 81 18.81 50.20 42.30
C SER E 81 20.13 49.74 42.92
N ARG E 82 20.15 48.59 43.58
CA ARG E 82 21.31 48.22 44.40
C ARG E 82 22.59 48.06 43.58
N VAL E 83 23.34 49.17 43.45
CA VAL E 83 24.45 49.25 42.48
C VAL E 83 25.62 48.33 42.79
N GLU E 84 26.01 47.53 41.81
CA GLU E 84 27.08 46.55 41.94
C GLU E 84 28.29 46.92 41.09
N ALA E 85 29.36 46.15 41.27
CA ALA E 85 30.55 46.28 40.43
C ALA E 85 30.26 45.98 38.95
N ALA E 86 29.17 45.24 38.70
CA ALA E 86 28.74 44.85 37.35
C ALA E 86 28.08 46.00 36.59
N ASP E 87 27.53 46.99 37.32
CA ASP E 87 26.79 48.08 36.69
C ASP E 87 27.71 49.20 36.17
N VAL E 88 28.99 49.10 36.53
CA VAL E 88 30.03 50.03 36.06
C VAL E 88 30.09 50.02 34.52
N GLY E 89 30.25 51.19 33.93
CA GLY E 89 30.35 51.29 32.47
C GLY E 89 29.85 52.64 31.99
N ILE E 90 29.63 52.75 30.69
CA ILE E 90 28.97 53.94 30.13
C ILE E 90 27.53 53.53 29.83
N TYR E 91 26.59 54.40 30.17
CA TYR E 91 25.18 54.21 29.80
C TYR E 91 24.83 55.19 28.71
N PHE E 92 24.36 54.66 27.57
CA PHE E 92 24.01 55.47 26.42
C PHE E 92 22.54 55.38 26.22
N CYS E 93 21.90 56.50 25.93
CA CYS E 93 20.51 56.47 25.48
C CYS E 93 20.52 56.54 23.96
N LEU E 94 19.48 55.99 23.32
CA LEU E 94 19.34 55.99 21.86
C LEU E 94 17.87 56.21 21.53
N GLN E 95 17.59 56.96 20.48
CA GLN E 95 16.21 57.11 20.02
C GLN E 95 16.00 56.25 18.78
N HIS E 96 14.82 55.65 18.66
CA HIS E 96 14.56 54.76 17.54
C HIS E 96 13.28 55.15 16.83
N LEU E 97 13.12 56.44 16.59
CA LEU E 97 11.90 56.95 15.97
C LEU E 97 12.10 57.39 14.50
N GLU E 98 13.10 58.24 14.23
CA GLU E 98 13.34 58.71 12.86
C GLU E 98 14.82 58.78 12.47
N TYR E 99 15.09 58.72 11.18
CA TYR E 99 16.45 58.75 10.65
C TYR E 99 17.05 60.16 10.70
N PRO E 100 18.35 60.25 11.04
CA PRO E 100 19.17 59.14 11.50
C PRO E 100 18.89 58.79 12.98
N PHE E 101 19.16 57.55 13.38
CA PHE E 101 19.01 57.17 14.78
C PHE E 101 20.17 57.76 15.55
N THR E 102 19.92 58.18 16.79
CA THR E 102 20.93 58.93 17.50
C THR E 102 21.10 58.60 18.98
N PHE E 103 22.33 58.22 19.33
CA PHE E 103 22.71 58.01 20.70
C PHE E 103 23.04 59.34 21.34
N GLY E 104 22.74 59.47 22.63
CA GLY E 104 23.29 60.53 23.45
C GLY E 104 24.75 60.24 23.74
N ALA E 105 25.46 61.23 24.29
CA ALA E 105 26.91 61.11 24.52
C ALA E 105 27.31 60.07 25.58
N GLY E 106 26.35 59.64 26.39
CA GLY E 106 26.64 58.64 27.40
C GLY E 106 26.99 59.20 28.76
N THR E 107 26.76 58.39 29.80
CA THR E 107 27.12 58.74 31.16
C THR E 107 27.90 57.58 31.75
N LYS E 108 29.14 57.84 32.14
CA LYS E 108 29.98 56.84 32.80
C LYS E 108 29.44 56.63 34.21
N LEU E 109 29.52 55.40 34.69
CA LEU E 109 29.11 55.09 36.06
C LEU E 109 30.29 54.50 36.79
N GLU E 110 30.62 55.13 37.91
CA GLU E 110 31.77 54.72 38.68
C GLU E 110 31.38 54.43 40.11
N LEU E 111 32.15 53.54 40.74
CA LEU E 111 32.05 53.30 42.16
C LEU E 111 32.72 54.43 42.94
N LYS E 112 32.03 54.96 43.95
CA LYS E 112 32.65 55.87 44.92
C LYS E 112 33.42 55.11 46.00
N ARG E 113 34.34 55.80 46.66
CA ARG E 113 35.27 55.17 47.58
C ARG E 113 35.83 56.22 48.52
N ALA E 114 36.45 55.76 49.62
CA ALA E 114 37.20 56.67 50.49
C ALA E 114 38.36 57.20 49.67
N ASP E 115 38.67 58.49 49.84
CA ASP E 115 39.81 59.10 49.16
C ASP E 115 41.11 58.32 49.32
N ALA E 116 41.97 58.46 48.31
CA ALA E 116 43.30 57.88 48.32
C ALA E 116 44.26 58.84 47.65
N ALA E 117 45.47 58.93 48.19
CA ALA E 117 46.47 59.81 47.64
C ALA E 117 47.31 59.06 46.60
N PRO E 118 47.64 59.73 45.48
CA PRO E 118 48.52 59.10 44.50
C PRO E 118 49.87 58.80 45.11
N THR E 119 50.37 57.60 44.89
CA THR E 119 51.73 57.29 45.27
C THR E 119 52.58 57.55 44.03
N VAL E 120 53.25 58.71 44.06
CA VAL E 120 54.04 59.20 42.94
C VAL E 120 55.47 58.68 42.93
N SER E 121 55.97 58.41 41.72
CA SER E 121 57.19 57.68 41.50
C SER E 121 57.78 58.06 40.12
N ILE E 122 59.06 58.42 40.05
CA ILE E 122 59.66 59.04 38.84
C ILE E 122 60.93 58.31 38.40
N PHE E 123 61.12 58.18 37.10
CA PHE E 123 62.14 57.28 36.57
C PHE E 123 63.01 57.92 35.50
N PRO E 124 64.33 57.85 35.69
CA PRO E 124 65.26 58.42 34.72
C PRO E 124 65.35 57.55 33.47
N PRO E 125 65.76 58.13 32.34
CA PRO E 125 66.02 57.34 31.14
C PRO E 125 66.96 56.17 31.43
N SER E 126 66.81 55.08 30.70
CA SER E 126 67.76 53.97 30.80
C SER E 126 68.96 54.27 29.90
N SER E 127 70.08 53.61 30.18
CA SER E 127 71.27 53.78 29.38
C SER E 127 71.04 53.20 28.00
N GLU E 128 70.32 52.07 27.93
CA GLU E 128 69.96 51.47 26.65
C GLU E 128 69.22 52.48 25.75
N GLN E 129 68.16 53.10 26.26
CA GLN E 129 67.47 54.15 25.53
C GLN E 129 68.40 55.29 25.14
N LEU E 130 69.21 55.77 26.08
CA LEU E 130 70.20 56.79 25.78
C LEU E 130 71.12 56.38 24.62
N THR E 131 71.52 55.12 24.60
CA THR E 131 72.34 54.60 23.51
C THR E 131 71.67 54.84 22.17
N SER E 132 70.34 54.69 22.14
CA SER E 132 69.56 54.88 20.92
C SER E 132 69.33 56.37 20.62
N GLY E 133 69.63 57.24 21.57
CA GLY E 133 69.57 58.67 21.32
C GLY E 133 68.34 59.37 21.86
N GLY E 134 67.52 58.64 22.60
CA GLY E 134 66.32 59.20 23.22
C GLY E 134 66.42 59.32 24.71
N ALA E 135 65.55 60.17 25.29
CA ALA E 135 65.46 60.30 26.73
C ALA E 135 64.01 60.34 27.19
N SER E 136 63.62 59.30 27.93
CA SER E 136 62.29 59.30 28.51
C SER E 136 62.37 59.30 30.00
N VAL E 137 61.75 60.31 30.60
CA VAL E 137 61.51 60.32 32.03
C VAL E 137 60.04 59.93 32.27
N VAL E 138 59.84 58.95 33.14
CA VAL E 138 58.52 58.38 33.39
C VAL E 138 58.07 58.70 34.80
N CYS E 139 56.78 58.94 34.97
CA CYS E 139 56.22 59.35 36.25
C CYS E 139 54.89 58.63 36.48
N PHE E 140 54.93 57.58 37.29
CA PHE E 140 53.71 56.88 37.70
C PHE E 140 53.04 57.58 38.88
N LEU E 141 51.74 57.83 38.77
CA LEU E 141 50.93 58.19 39.92
C LEU E 141 49.86 57.10 40.08
N ASN E 142 50.06 56.21 41.05
CA ASN E 142 49.22 55.01 41.20
C ASN E 142 48.20 55.08 42.35
N ASN E 143 47.08 54.39 42.17
CA ASN E 143 46.13 54.08 43.24
C ASN E 143 45.56 55.29 43.99
N PHE E 144 44.93 56.19 43.26
CA PHE E 144 44.32 57.37 43.86
C PHE E 144 42.83 57.46 43.53
N TYR E 145 42.10 58.16 44.39
CA TYR E 145 40.71 58.47 44.18
C TYR E 145 40.57 59.84 44.85
N PRO E 146 39.73 60.74 44.31
CA PRO E 146 38.93 60.65 43.10
C PRO E 146 39.74 60.60 41.80
N LYS E 147 38.99 60.52 40.70
CA LYS E 147 39.46 60.49 39.32
C LYS E 147 40.46 61.62 39.03
N ASP E 148 40.00 62.87 39.13
CA ASP E 148 40.71 64.03 38.66
C ASP E 148 42.09 64.19 39.27
N ILE E 149 43.04 64.51 38.40
CA ILE E 149 44.42 64.73 38.81
C ILE E 149 45.03 65.70 37.82
N ASN E 150 46.17 66.29 38.17
CA ASN E 150 46.85 67.25 37.32
C ASN E 150 48.35 67.13 37.44
N VAL E 151 49.03 66.98 36.29
CA VAL E 151 50.49 66.87 36.28
C VAL E 151 51.18 68.08 35.65
N LYS E 152 52.18 68.59 36.36
CA LYS E 152 53.05 69.62 35.84
C LYS E 152 54.40 68.97 35.67
N TRP E 153 55.05 69.24 34.55
CA TRP E 153 56.45 68.88 34.41
C TRP E 153 57.33 70.09 34.58
N LYS E 154 58.44 69.90 35.27
CA LYS E 154 59.39 70.98 35.46
C LYS E 154 60.81 70.53 35.17
N ILE E 155 61.47 71.28 34.30
CA ILE E 155 62.88 71.05 33.99
C ILE E 155 63.71 72.23 34.48
N ASP E 156 64.60 71.97 35.43
CA ASP E 156 65.43 73.01 36.05
C ASP E 156 64.61 74.20 36.60
N GLY E 157 63.50 73.88 37.27
CA GLY E 157 62.71 74.88 37.94
C GLY E 157 61.51 75.41 37.16
N SER E 158 61.56 75.35 35.83
CA SER E 158 60.48 75.95 35.04
C SER E 158 59.56 74.96 34.35
N GLU E 159 58.29 75.33 34.23
CA GLU E 159 57.24 74.48 33.70
C GLU E 159 57.45 74.24 32.23
N ARG E 160 57.25 73.00 31.80
CA ARG E 160 57.42 72.63 30.41
C ARG E 160 56.35 71.63 29.98
N GLN E 161 55.39 72.08 29.17
CA GLN E 161 54.44 71.17 28.54
C GLN E 161 54.85 70.94 27.11
N ASN E 162 55.41 69.78 26.79
CA ASN E 162 55.76 69.49 25.39
C ASN E 162 55.85 68.02 24.96
N GLY E 163 56.97 67.37 25.24
CA GLY E 163 57.15 65.98 24.83
C GLY E 163 56.53 65.05 25.84
N VAL E 164 55.37 65.48 26.37
CA VAL E 164 54.67 64.78 27.45
C VAL E 164 53.58 63.89 26.86
N LEU E 165 53.47 62.66 27.36
CA LEU E 165 52.35 61.79 27.02
C LEU E 165 51.78 61.08 28.25
N ASN E 166 50.47 61.26 28.44
CA ASN E 166 49.76 60.76 29.59
C ASN E 166 48.83 59.61 29.25
N SER E 167 48.70 58.66 30.17
CA SER E 167 47.76 57.55 29.99
C SER E 167 47.08 57.24 31.31
N TRP E 168 45.76 57.05 31.25
CA TRP E 168 44.98 56.71 32.45
C TRP E 168 44.39 55.33 32.31
N THR E 169 44.39 54.58 33.41
CA THR E 169 43.69 53.32 33.45
C THR E 169 42.24 53.62 33.79
N ASP E 170 41.37 52.63 33.62
CA ASP E 170 40.00 52.72 34.13
C ASP E 170 40.00 52.48 35.63
N GLN E 171 38.86 52.73 36.27
CA GLN E 171 38.70 52.38 37.68
C GLN E 171 39.05 50.92 37.88
N ASP E 172 39.92 50.65 38.86
CA ASP E 172 40.27 49.29 39.24
C ASP E 172 39.07 48.66 39.94
N SER E 173 38.62 47.50 39.45
CA SER E 173 37.43 46.84 40.00
C SER E 173 37.72 46.22 41.36
N LYS E 174 38.97 45.80 41.55
CA LYS E 174 39.41 45.18 42.80
C LYS E 174 39.46 46.16 43.99
N ASP E 175 39.76 47.45 43.73
CA ASP E 175 39.89 48.44 44.81
C ASP E 175 39.33 49.85 44.53
N SER E 176 38.77 50.08 43.35
CA SER E 176 38.09 51.35 43.00
C SER E 176 39.02 52.57 42.83
N THR E 177 40.32 52.34 42.81
CA THR E 177 41.28 53.42 42.62
C THR E 177 41.63 53.61 41.15
N TYR E 178 42.23 54.74 40.83
CA TYR E 178 42.67 55.04 39.47
C TYR E 178 44.17 55.15 39.39
N SER E 179 44.73 54.97 38.20
CA SER E 179 46.14 55.22 38.00
C SER E 179 46.44 56.01 36.71
N MET E 180 47.60 56.65 36.69
CA MET E 180 47.98 57.53 35.60
C MET E 180 49.44 57.33 35.33
N SER E 181 49.87 57.68 34.12
CA SER E 181 51.27 57.54 33.75
C SER E 181 51.72 58.64 32.81
N SER E 182 52.56 59.55 33.32
CA SER E 182 53.05 60.71 32.58
C SER E 182 54.51 60.56 32.14
N THR E 183 54.77 60.79 30.85
CA THR E 183 56.08 60.52 30.25
C THR E 183 56.63 61.66 29.42
N LEU E 184 57.71 62.27 29.90
CA LEU E 184 58.38 63.33 29.16
C LEU E 184 59.50 62.75 28.30
N THR E 185 59.45 63.04 27.01
CA THR E 185 60.41 62.50 26.07
C THR E 185 61.12 63.60 25.33
N LEU E 186 62.44 63.61 25.45
CA LEU E 186 63.27 64.54 24.72
C LEU E 186 64.24 63.71 23.87
N THR E 187 65.08 64.41 23.12
CA THR E 187 66.24 63.79 22.51
C THR E 187 67.27 63.65 23.64
N LYS E 188 68.27 62.78 23.47
CA LYS E 188 69.37 62.69 24.43
C LYS E 188 70.05 64.06 24.61
N ASP E 189 70.37 64.71 23.50
CA ASP E 189 71.11 65.96 23.53
C ASP E 189 70.36 67.04 24.28
N GLU E 190 69.05 67.16 24.04
CA GLU E 190 68.23 68.07 24.82
C GLU E 190 68.23 67.70 26.30
N TYR E 191 68.04 66.42 26.57
CA TYR E 191 68.06 65.89 27.92
C TYR E 191 69.37 66.27 28.61
N GLU E 192 70.48 66.21 27.88
CA GLU E 192 71.79 66.40 28.51
C GLU E 192 72.18 67.87 28.67
N ARG E 193 71.20 68.76 28.50
CA ARG E 193 71.38 70.19 28.65
C ARG E 193 70.63 70.71 29.84
N HIS E 194 70.16 69.84 30.71
CA HIS E 194 69.42 70.25 31.90
C HIS E 194 69.76 69.31 33.03
N ASN E 195 69.48 69.73 34.27
CA ASN E 195 69.89 68.95 35.43
C ASN E 195 68.74 68.25 36.14
N SER E 196 67.77 69.01 36.61
CA SER E 196 66.67 68.45 37.40
C SER E 196 65.37 68.33 36.61
N TYR E 197 64.71 67.20 36.79
CA TYR E 197 63.41 66.94 36.19
C TYR E 197 62.45 66.62 37.31
N THR E 198 61.25 67.21 37.22
CA THR E 198 60.29 67.21 38.32
C THR E 198 58.87 66.96 37.80
N CYS E 199 58.17 65.99 38.39
CA CYS E 199 56.71 65.93 38.17
C CYS E 199 55.93 66.33 39.41
N GLU E 200 54.93 67.19 39.19
CA GLU E 200 54.09 67.72 40.26
C GLU E 200 52.64 67.32 40.09
N ALA E 201 52.22 66.35 40.90
CA ALA E 201 50.82 65.92 40.94
C ALA E 201 50.06 66.80 41.91
N THR E 202 49.13 67.58 41.37
CA THR E 202 48.20 68.34 42.19
C THR E 202 46.88 67.59 42.22
N HIS E 203 46.53 67.09 43.39
CA HIS E 203 45.37 66.25 43.61
C HIS E 203 44.77 66.60 44.94
N LYS E 204 43.45 66.51 45.04
CA LYS E 204 42.73 66.93 46.25
C LYS E 204 43.26 66.40 47.58
N THR E 205 43.72 65.14 47.58
CA THR E 205 44.17 64.48 48.81
C THR E 205 45.22 65.28 49.59
N SER E 206 45.93 66.15 48.88
CA SER E 206 46.94 67.03 49.49
C SER E 206 46.68 68.49 49.14
N THR E 207 46.96 69.38 50.08
CA THR E 207 46.72 70.81 49.89
C THR E 207 47.78 71.47 48.98
N SER E 208 49.03 71.00 49.11
CA SER E 208 50.12 71.42 48.25
C SER E 208 50.61 70.24 47.36
N PRO E 209 51.37 70.53 46.27
CA PRO E 209 51.62 69.51 45.27
C PRO E 209 52.55 68.42 45.76
N ILE E 210 52.41 67.24 45.16
CA ILE E 210 53.36 66.17 45.40
C ILE E 210 54.44 66.30 44.33
N VAL E 211 55.68 66.24 44.77
CA VAL E 211 56.81 66.53 43.92
C VAL E 211 57.76 65.36 43.98
N LYS E 212 57.92 64.68 42.86
CA LYS E 212 59.01 63.76 42.69
C LYS E 212 59.96 64.37 41.68
N SER E 213 61.25 64.14 41.89
CA SER E 213 62.27 64.89 41.24
C SER E 213 63.46 64.00 41.01
N PHE E 214 64.20 64.27 39.94
CA PHE E 214 65.39 63.51 39.60
C PHE E 214 66.47 64.45 39.05
N ASN E 215 67.70 64.30 39.52
CA ASN E 215 68.80 65.15 39.11
C ASN E 215 69.83 64.36 38.32
N ARG E 216 70.11 64.83 37.12
CA ARG E 216 71.00 64.10 36.22
C ARG E 216 72.40 64.03 36.81
N ASN E 217 72.78 65.03 37.61
CA ASN E 217 74.13 65.10 38.17
C ASN E 217 74.24 64.78 39.65
N GLU E 218 73.79 63.61 40.08
CA GLU E 218 73.85 63.30 41.51
C GLU E 218 74.87 62.24 41.89
N CYS E 219 74.46 60.97 41.88
CA CYS E 219 75.33 59.84 42.25
C CYS E 219 76.16 60.04 43.54
N GLN F 1 20.34 30.35 20.15
CA GLN F 1 21.75 30.75 20.42
C GLN F 1 22.17 31.84 19.40
N VAL F 2 21.59 33.03 19.53
CA VAL F 2 21.83 34.15 18.61
C VAL F 2 23.28 34.61 18.68
N HIS F 3 23.97 34.67 17.54
CA HIS F 3 25.37 35.06 17.53
C HIS F 3 25.77 35.82 16.30
N LEU F 4 26.38 36.99 16.51
CA LEU F 4 26.94 37.78 15.42
C LEU F 4 28.47 37.80 15.51
N GLN F 5 29.15 37.08 14.60
CA GLN F 5 30.62 37.08 14.52
C GLN F 5 31.18 38.14 13.56
N GLN F 6 31.99 39.06 14.09
CA GLN F 6 32.64 40.07 13.25
C GLN F 6 34.08 39.67 12.95
N SER F 7 34.56 40.12 11.78
CA SER F 7 35.93 39.86 11.33
C SER F 7 37.00 40.60 12.15
N GLY F 8 38.26 40.22 11.93
CA GLY F 8 39.40 40.71 12.74
C GLY F 8 39.72 42.18 12.59
N ALA F 9 40.74 42.63 13.33
CA ALA F 9 41.19 44.02 13.27
C ALA F 9 41.84 44.37 11.92
N GLU F 10 41.70 45.63 11.54
CA GLU F 10 42.15 46.10 10.24
C GLU F 10 43.17 47.22 10.41
N LEU F 11 44.24 47.15 9.62
CA LEU F 11 45.35 48.10 9.67
C LEU F 11 45.56 48.65 8.28
N MET F 12 44.93 49.78 7.99
CA MET F 12 44.94 50.34 6.64
C MET F 12 45.82 51.57 6.53
N LYS F 13 46.36 51.81 5.34
CA LYS F 13 47.05 53.05 5.04
C LYS F 13 45.95 54.05 4.67
N PRO F 14 46.17 55.36 4.89
CA PRO F 14 45.12 56.33 4.55
C PRO F 14 44.77 56.31 3.06
N GLY F 15 43.53 56.67 2.73
CA GLY F 15 43.07 56.66 1.34
C GLY F 15 42.61 55.30 0.83
N ALA F 16 43.04 54.22 1.50
CA ALA F 16 42.61 52.86 1.18
C ALA F 16 41.13 52.60 1.46
N SER F 17 40.71 51.34 1.31
CA SER F 17 39.32 50.96 1.57
C SER F 17 39.22 49.51 2.07
N VAL F 18 38.30 49.27 3.01
CA VAL F 18 38.19 47.94 3.62
C VAL F 18 36.73 47.47 3.78
N LYS F 19 36.54 46.16 3.62
CA LYS F 19 35.25 45.50 3.82
C LYS F 19 35.27 44.72 5.12
N ILE F 20 34.42 45.13 6.07
CA ILE F 20 34.23 44.42 7.34
C ILE F 20 33.04 43.47 7.21
N SER F 21 33.16 42.27 7.76
CA SER F 21 32.04 41.35 7.77
C SER F 21 31.41 41.14 9.16
N CYS F 22 30.13 40.75 9.14
CA CYS F 22 29.33 40.45 10.30
C CYS F 22 28.51 39.22 9.93
N LYS F 23 28.76 38.12 10.61
CA LYS F 23 28.06 36.87 10.31
C LYS F 23 27.05 36.45 11.38
N ALA F 24 25.78 36.33 10.99
CA ALA F 24 24.72 35.85 11.87
C ALA F 24 24.62 34.32 11.97
N THR F 25 24.34 33.82 13.16
CA THR F 25 23.92 32.42 13.35
C THR F 25 22.79 32.37 14.38
N GLY F 26 22.05 31.26 14.36
CA GLY F 26 21.10 30.94 15.42
C GLY F 26 19.80 31.72 15.42
N TYR F 27 19.48 32.30 14.26
CA TYR F 27 18.17 32.84 13.95
C TYR F 27 18.16 33.05 12.45
N THR F 28 17.03 33.45 11.89
CA THR F 28 16.97 33.53 10.44
C THR F 28 17.41 34.92 9.93
N PHE F 29 18.48 34.88 9.12
CA PHE F 29 19.21 36.08 8.76
C PHE F 29 18.29 37.10 8.13
N THR F 30 17.36 36.66 7.28
CA THR F 30 16.52 37.60 6.49
C THR F 30 15.37 38.24 7.26
N SER F 31 15.14 37.86 8.51
CA SER F 31 14.03 38.46 9.26
C SER F 31 14.39 39.84 9.82
N TYR F 32 15.61 39.94 10.35
CA TYR F 32 16.04 41.13 11.07
C TYR F 32 16.96 42.02 10.23
N TRP F 33 16.88 43.31 10.49
CA TRP F 33 17.77 44.28 9.88
C TRP F 33 19.09 44.17 10.55
N ILE F 34 20.16 44.42 9.80
CA ILE F 34 21.48 44.63 10.40
C ILE F 34 21.69 46.11 10.70
N GLU F 35 22.10 46.43 11.92
CA GLU F 35 22.44 47.79 12.26
C GLU F 35 23.96 47.95 12.24
N TRP F 36 24.44 49.10 11.78
CA TRP F 36 25.88 49.37 11.78
C TRP F 36 26.18 50.55 12.64
N VAL F 37 26.99 50.32 13.67
CA VAL F 37 27.34 51.35 14.67
C VAL F 37 28.86 51.59 14.79
N LYS F 38 29.23 52.86 14.68
CA LYS F 38 30.63 53.28 14.80
C LYS F 38 30.89 53.77 16.20
N GLN F 39 32.07 53.49 16.72
CA GLN F 39 32.47 54.02 18.02
C GLN F 39 33.91 54.53 18.05
N ARG F 40 34.06 55.86 18.10
CA ARG F 40 35.37 56.49 18.28
C ARG F 40 35.64 56.72 19.78
N PRO F 41 36.89 56.45 20.23
CA PRO F 41 37.29 56.66 21.63
C PRO F 41 36.67 57.89 22.32
N GLY F 42 36.59 59.03 21.64
CA GLY F 42 36.08 60.23 22.29
C GLY F 42 34.82 60.85 21.71
N HIS F 43 34.00 60.04 21.03
CA HIS F 43 32.82 60.57 20.34
C HIS F 43 31.55 59.79 20.56
N GLY F 44 31.41 59.19 21.74
CA GLY F 44 30.21 58.44 22.09
C GLY F 44 29.94 57.29 21.12
N LEU F 45 28.78 57.34 20.47
CA LEU F 45 28.36 56.29 19.53
C LEU F 45 27.65 56.86 18.32
N GLU F 46 27.89 56.25 17.15
CA GLU F 46 27.32 56.76 15.91
C GLU F 46 26.60 55.69 15.12
N TRP F 47 25.40 56.03 14.69
CA TRP F 47 24.61 55.15 13.85
C TRP F 47 24.98 55.39 12.41
N LEU F 48 25.26 54.33 11.67
CA LEU F 48 25.75 54.47 10.32
C LEU F 48 24.65 54.22 9.30
N GLY F 49 24.03 53.05 9.42
CA GLY F 49 22.95 52.61 8.54
C GLY F 49 22.38 51.25 8.92
N GLU F 50 21.36 50.83 8.18
CA GLU F 50 20.76 49.50 8.34
C GLU F 50 20.42 48.87 7.00
N ILE F 51 20.41 47.54 6.95
CA ILE F 51 20.16 46.82 5.71
C ILE F 51 19.43 45.50 5.99
N LEU F 52 18.46 45.16 5.14
CA LEU F 52 17.66 43.94 5.29
C LEU F 52 18.10 42.86 4.32
N PRO F 53 18.88 41.88 4.80
CA PRO F 53 19.53 40.81 4.03
C PRO F 53 18.79 40.31 2.76
N GLY F 54 17.52 39.97 2.86
CA GLY F 54 16.81 39.41 1.70
C GLY F 54 16.62 40.42 0.57
N SER F 55 16.12 41.60 0.94
CA SER F 55 15.75 42.64 0.01
C SER F 55 16.98 43.38 -0.46
N GLY F 56 16.76 44.56 -1.04
CA GLY F 56 17.84 45.48 -1.32
C GLY F 56 17.59 46.82 -0.64
N TYR F 57 16.88 46.80 0.49
CA TYR F 57 16.51 48.00 1.23
C TYR F 57 17.65 48.45 2.12
N ILE F 58 17.98 49.73 2.05
CA ILE F 58 19.02 50.32 2.87
C ILE F 58 18.56 51.65 3.43
N HIS F 59 19.04 51.99 4.62
CA HIS F 59 18.84 53.30 5.21
C HIS F 59 20.13 53.77 5.79
N TYR F 60 20.66 54.84 5.18
CA TYR F 60 21.96 55.43 5.50
C TYR F 60 21.78 56.63 6.41
N ASN F 61 22.77 56.90 7.24
CA ASN F 61 22.89 58.21 7.85
C ASN F 61 23.61 59.06 6.81
N GLU F 62 23.03 60.20 6.46
CA GLU F 62 23.49 61.05 5.35
C GLU F 62 24.94 61.46 5.47
N LYS F 63 25.41 61.61 6.70
CA LYS F 63 26.81 61.91 6.97
C LYS F 63 27.77 60.91 6.29
N PHE F 64 27.31 59.68 6.10
CA PHE F 64 28.18 58.57 5.68
C PHE F 64 27.92 58.03 4.28
N LYS F 65 27.07 58.71 3.52
CA LYS F 65 26.87 58.38 2.10
C LYS F 65 28.15 58.62 1.31
N GLY F 66 28.47 57.67 0.44
CA GLY F 66 29.72 57.71 -0.32
C GLY F 66 30.87 57.12 0.48
N LYS F 67 30.73 57.16 1.81
CA LYS F 67 31.76 56.63 2.71
C LYS F 67 31.54 55.16 3.00
N ALA F 68 30.36 54.84 3.56
CA ALA F 68 29.98 53.48 3.89
C ALA F 68 29.08 52.89 2.81
N THR F 69 29.36 51.64 2.45
CA THR F 69 28.57 50.92 1.46
C THR F 69 28.06 49.62 2.09
N PHE F 70 26.75 49.41 2.03
CA PHE F 70 26.17 48.21 2.65
C PHE F 70 25.76 47.12 1.67
N THR F 71 26.29 45.92 1.88
CA THR F 71 25.81 44.72 1.20
C THR F 71 25.59 43.58 2.20
N THR F 72 24.82 42.58 1.79
CA THR F 72 24.64 41.36 2.57
C THR F 72 24.73 40.18 1.61
N ASP F 73 24.75 38.98 2.16
CA ASP F 73 24.87 37.76 1.38
C ASP F 73 24.09 36.61 2.08
N THR F 74 22.95 36.28 1.50
CA THR F 74 22.00 35.33 2.09
C THR F 74 22.56 33.90 2.21
N SER F 75 23.35 33.46 1.24
CA SER F 75 23.82 32.08 1.20
C SER F 75 24.94 31.78 2.20
N SER F 76 25.40 32.81 2.91
CA SER F 76 26.43 32.64 3.94
C SER F 76 26.03 33.38 5.20
N ASN F 77 24.81 33.92 5.20
CA ASN F 77 24.27 34.65 6.35
C ASN F 77 25.12 35.84 6.82
N THR F 78 25.87 36.43 5.90
CA THR F 78 26.92 37.38 6.23
C THR F 78 26.60 38.80 5.75
N ALA F 79 26.67 39.76 6.65
CA ALA F 79 26.52 41.18 6.30
C ALA F 79 27.89 41.80 6.07
N TYR F 80 27.95 42.84 5.24
CA TYR F 80 29.21 43.52 4.96
C TYR F 80 29.06 45.01 5.02
N MET F 81 30.08 45.65 5.57
CA MET F 81 30.23 47.09 5.42
C MET F 81 31.52 47.40 4.69
N GLN F 82 31.47 48.43 3.85
CA GLN F 82 32.63 48.90 3.14
C GLN F 82 32.87 50.36 3.46
N LEU F 83 34.10 50.64 3.85
CA LEU F 83 34.54 51.98 4.23
C LEU F 83 35.61 52.36 3.21
N SER F 84 35.41 53.50 2.56
CA SER F 84 36.31 53.93 1.49
C SER F 84 36.91 55.30 1.79
N SER F 85 37.96 55.66 1.05
CA SER F 85 38.72 56.91 1.27
C SER F 85 39.12 57.03 2.72
N LEU F 86 39.63 55.94 3.28
CA LEU F 86 39.90 55.87 4.71
C LEU F 86 40.80 56.99 5.17
N THR F 87 40.32 57.78 6.12
CA THR F 87 41.13 58.83 6.77
C THR F 87 41.35 58.51 8.25
N SER F 88 41.97 59.44 8.96
CA SER F 88 42.21 59.26 10.41
C SER F 88 40.91 59.33 11.19
N GLU F 89 39.96 60.09 10.67
CA GLU F 89 38.65 60.21 11.29
C GLU F 89 37.83 58.91 11.19
N ASP F 90 38.36 57.91 10.48
CA ASP F 90 37.65 56.64 10.32
C ASP F 90 38.13 55.53 11.24
N SER F 91 39.23 55.77 11.94
CA SER F 91 39.75 54.83 12.94
C SER F 91 38.78 54.81 14.11
N ALA F 92 38.32 53.60 14.44
CA ALA F 92 37.22 53.39 15.38
C ALA F 92 36.99 51.91 15.52
N VAL F 93 36.18 51.52 16.49
CA VAL F 93 35.62 50.19 16.47
C VAL F 93 34.22 50.30 15.88
N TYR F 94 33.92 49.46 14.90
CA TYR F 94 32.60 49.43 14.27
C TYR F 94 31.87 48.19 14.75
N TYR F 95 30.65 48.40 15.24
CA TYR F 95 29.78 47.31 15.69
C TYR F 95 28.63 47.01 14.71
N CYS F 96 28.26 45.73 14.61
CA CYS F 96 27.02 45.36 13.96
C CYS F 96 26.00 44.85 14.98
N SER F 97 24.72 45.11 14.67
CA SER F 97 23.62 44.74 15.54
C SER F 97 22.42 44.26 14.72
N ARG F 98 21.25 44.23 15.36
CA ARG F 98 20.05 43.58 14.83
C ARG F 98 18.84 44.40 15.26
N ALA F 99 17.79 44.46 14.42
CA ALA F 99 16.61 45.27 14.78
C ALA F 99 15.34 44.93 14.00
N LEU F 100 14.22 45.03 14.71
CA LEU F 100 12.88 45.12 14.11
C LEU F 100 12.39 46.49 14.53
N ALA F 101 11.36 47.03 13.89
CA ALA F 101 10.83 48.36 14.30
C ALA F 101 10.45 48.36 15.78
N LEU F 102 9.76 47.30 16.16
CA LEU F 102 9.34 47.02 17.51
C LEU F 102 10.46 46.81 18.54
N TYR F 103 11.64 46.36 18.11
CA TYR F 103 12.68 45.87 19.06
C TYR F 103 14.13 46.04 18.53
N ALA F 104 14.85 47.01 19.07
CA ALA F 104 16.13 47.41 18.45
C ALA F 104 17.39 47.01 19.20
N MET F 105 18.26 46.31 18.48
CA MET F 105 19.65 46.02 18.88
C MET F 105 19.76 45.21 20.15
N ASP F 106 19.22 44.00 20.13
CA ASP F 106 19.30 43.18 21.32
C ASP F 106 20.56 42.36 21.33
N TYR F 107 21.08 42.04 20.15
CA TYR F 107 22.32 41.29 20.05
C TYR F 107 23.37 42.05 19.24
N TRP F 108 24.62 41.96 19.66
CA TRP F 108 25.68 42.80 19.14
C TRP F 108 26.89 42.02 18.80
N GLY F 109 27.50 42.31 17.65
CA GLY F 109 28.80 41.73 17.30
C GLY F 109 29.84 42.19 18.30
N GLN F 110 30.99 41.53 18.32
CA GLN F 110 32.05 41.86 19.29
C GLN F 110 32.77 43.15 18.91
N GLY F 111 32.74 43.46 17.63
CA GLY F 111 33.34 44.69 17.11
C GLY F 111 34.49 44.42 16.17
N THR F 112 34.79 45.39 15.32
CA THR F 112 35.99 45.34 14.50
C THR F 112 36.65 46.71 14.52
N SER F 113 37.86 46.77 15.06
CA SER F 113 38.63 48.02 15.06
C SER F 113 39.28 48.19 13.71
N VAL F 114 39.06 49.36 13.14
CA VAL F 114 39.77 49.80 11.96
C VAL F 114 40.74 50.90 12.40
N THR F 115 42.03 50.64 12.20
CA THR F 115 43.05 51.64 12.46
C THR F 115 43.67 52.12 11.15
N VAL F 116 43.53 53.41 10.89
CA VAL F 116 44.03 54.03 9.66
C VAL F 116 45.35 54.73 9.99
N SER F 117 46.44 54.20 9.46
CA SER F 117 47.77 54.61 9.86
C SER F 117 48.82 54.58 8.74
N SER F 118 49.78 55.49 8.82
CA SER F 118 50.90 55.52 7.88
C SER F 118 51.96 54.48 8.22
N ALA F 119 51.83 53.87 9.40
CA ALA F 119 52.89 53.08 10.00
C ALA F 119 53.13 51.75 9.33
N LYS F 120 54.19 51.08 9.76
CA LYS F 120 54.49 49.69 9.39
C LYS F 120 54.90 48.92 10.64
N THR F 121 54.87 47.59 10.52
CA THR F 121 55.20 46.69 11.62
C THR F 121 56.60 46.97 12.17
N THR F 122 56.67 47.14 13.49
CA THR F 122 57.91 47.52 14.18
C THR F 122 57.89 46.87 15.58
N PRO F 123 59.00 46.21 15.97
CA PRO F 123 58.97 45.63 17.31
C PRO F 123 59.10 46.73 18.38
N PRO F 124 58.65 46.44 19.61
CA PRO F 124 58.75 47.43 20.65
C PRO F 124 60.14 47.50 21.25
N SER F 125 60.65 48.72 21.40
CA SER F 125 61.84 48.94 22.21
C SER F 125 61.46 48.78 23.66
N VAL F 126 62.30 48.07 24.42
CA VAL F 126 61.99 47.73 25.81
C VAL F 126 63.05 48.23 26.78
N TYR F 127 62.68 49.23 27.57
CA TYR F 127 63.61 49.89 28.46
C TYR F 127 63.20 49.70 29.93
N PRO F 128 64.17 49.37 30.81
CA PRO F 128 63.86 49.19 32.23
C PRO F 128 63.68 50.52 32.92
N LEU F 129 62.78 50.58 33.88
CA LEU F 129 62.65 51.77 34.70
C LEU F 129 62.93 51.41 36.16
N ALA F 130 64.17 51.65 36.58
CA ALA F 130 64.62 51.44 37.96
C ALA F 130 64.97 52.80 38.59
N PRO F 131 64.75 52.94 39.92
CA PRO F 131 64.95 54.28 40.49
C PRO F 131 66.42 54.70 40.57
N GLY F 132 66.65 56.01 40.49
CA GLY F 132 67.98 56.59 40.67
C GLY F 132 68.32 56.80 42.14
N SER F 133 67.29 57.10 42.93
CA SER F 133 67.43 57.26 44.39
C SER F 133 67.01 55.96 45.10
N ALA F 134 66.80 56.05 46.41
CA ALA F 134 66.12 55.00 47.16
C ALA F 134 64.83 55.56 47.80
N ALA F 135 63.71 55.41 47.09
CA ALA F 135 62.40 55.92 47.53
C ALA F 135 61.37 54.80 47.73
N GLN F 136 60.62 54.88 48.82
CA GLN F 136 59.69 53.82 49.24
C GLN F 136 58.54 54.40 50.05
N THR F 137 57.38 53.73 50.03
CA THR F 137 56.18 54.27 50.68
C THR F 137 55.72 53.48 51.93
N ASN F 138 55.52 52.18 51.77
CA ASN F 138 55.30 51.29 52.91
C ASN F 138 56.30 50.16 52.85
N SER F 139 57.57 50.54 52.71
CA SER F 139 58.66 49.62 52.38
C SER F 139 58.36 48.88 51.07
N MET F 140 57.58 49.54 50.21
CA MET F 140 57.28 49.04 48.88
C MET F 140 58.12 49.81 47.88
N VAL F 141 58.75 49.10 46.95
CA VAL F 141 59.54 49.75 45.90
C VAL F 141 58.91 49.51 44.52
N THR F 142 58.72 50.60 43.78
CA THR F 142 58.19 50.55 42.43
C THR F 142 59.29 50.47 41.38
N LEU F 143 59.30 49.38 40.61
CA LEU F 143 60.04 49.33 39.36
C LEU F 143 59.04 49.53 38.22
N GLY F 144 59.53 49.57 36.99
CA GLY F 144 58.66 49.74 35.86
C GLY F 144 59.33 49.37 34.56
N CYS F 145 58.53 49.37 33.50
CA CYS F 145 59.00 49.00 32.18
C CYS F 145 58.44 49.96 31.13
N LEU F 146 59.26 50.26 30.13
CA LEU F 146 58.85 51.15 29.05
C LEU F 146 58.92 50.44 27.70
N VAL F 147 57.77 50.43 27.01
CA VAL F 147 57.59 49.73 25.74
C VAL F 147 57.23 50.79 24.69
N LYS F 148 58.14 51.07 23.78
CA LYS F 148 57.86 52.17 22.84
C LYS F 148 58.32 52.01 21.39
N GLY F 149 57.57 52.65 20.51
CA GLY F 149 57.85 52.65 19.08
C GLY F 149 57.32 51.43 18.35
N TYR F 150 56.37 50.72 18.97
CA TYR F 150 55.77 49.53 18.35
C TYR F 150 54.51 49.83 17.51
N PHE F 151 54.15 48.86 16.67
CA PHE F 151 52.97 48.91 15.82
C PHE F 151 52.78 47.51 15.23
N PRO F 152 51.53 47.00 15.23
CA PRO F 152 50.32 47.62 15.72
C PRO F 152 50.03 47.23 17.17
N GLU F 153 48.81 47.53 17.60
CA GLU F 153 48.41 47.64 19.02
C GLU F 153 48.62 46.46 20.01
N PRO F 154 48.30 45.21 19.62
CA PRO F 154 48.39 44.24 20.73
C PRO F 154 49.84 44.02 21.23
N VAL F 155 50.00 44.01 22.56
CA VAL F 155 51.28 43.84 23.25
C VAL F 155 51.02 43.24 24.64
N THR F 156 51.75 42.19 25.01
CA THR F 156 51.56 41.59 26.33
C THR F 156 52.74 41.87 27.23
N VAL F 157 52.48 42.51 28.37
CA VAL F 157 53.53 42.81 29.34
C VAL F 157 53.30 42.01 30.61
N THR F 158 54.29 41.20 30.97
CA THR F 158 54.18 40.22 32.05
C THR F 158 55.39 40.34 33.01
N TRP F 159 55.12 40.25 34.31
CA TRP F 159 56.18 40.38 35.31
C TRP F 159 56.56 39.07 35.95
N ASN F 160 57.79 38.64 35.68
CA ASN F 160 58.32 37.34 36.12
C ASN F 160 57.53 36.17 35.54
N SER F 161 57.38 36.18 34.22
CA SER F 161 56.70 35.14 33.44
C SER F 161 55.25 34.79 33.87
N GLY F 162 54.75 35.53 34.86
CA GLY F 162 53.41 35.33 35.43
C GLY F 162 53.45 35.23 36.94
N SER F 163 54.64 34.97 37.47
CA SER F 163 54.85 34.62 38.88
C SER F 163 54.67 35.79 39.86
N LEU F 164 54.23 36.94 39.34
CA LEU F 164 54.06 38.16 40.12
C LEU F 164 53.06 39.04 39.38
N SER F 165 51.90 39.27 39.99
CA SER F 165 50.78 39.86 39.23
C SER F 165 49.93 40.86 40.00
N SER F 166 49.95 40.79 41.33
CA SER F 166 49.34 41.82 42.16
C SER F 166 50.29 43.02 42.24
N GLY F 167 49.72 44.23 42.30
CA GLY F 167 50.50 45.45 42.26
C GLY F 167 51.13 45.71 40.90
N VAL F 168 50.36 45.50 39.84
CA VAL F 168 50.82 45.76 38.48
C VAL F 168 49.86 46.78 37.86
N HIS F 169 50.43 47.76 37.17
CA HIS F 169 49.65 48.72 36.39
C HIS F 169 50.25 48.84 35.01
N THR F 170 49.63 48.17 34.05
CA THR F 170 50.02 48.26 32.64
C THR F 170 49.08 49.24 31.95
N PHE F 171 49.63 50.35 31.48
CA PHE F 171 48.82 51.46 30.99
C PHE F 171 48.38 51.26 29.55
N PRO F 172 47.24 51.85 29.16
CA PRO F 172 46.86 51.78 27.76
C PRO F 172 47.92 52.44 26.90
N ALA F 173 48.09 51.95 25.68
CA ALA F 173 48.98 52.59 24.72
C ALA F 173 48.49 53.97 24.31
N VAL F 174 49.44 54.79 23.86
CA VAL F 174 49.16 56.10 23.28
C VAL F 174 49.97 56.26 21.99
N LEU F 175 49.45 57.07 21.07
CA LEU F 175 50.10 57.34 19.79
C LEU F 175 51.22 58.39 19.88
N GLN F 176 52.47 57.93 19.89
CA GLN F 176 53.59 58.84 20.18
C GLN F 176 54.09 59.61 18.97
N SER F 177 54.91 58.96 18.13
CA SER F 177 55.22 59.52 16.82
C SER F 177 54.05 59.16 15.91
N ASP F 178 54.22 58.09 15.13
CA ASP F 178 53.09 57.41 14.53
C ASP F 178 53.22 55.94 14.89
N LEU F 179 53.70 55.70 16.12
CA LEU F 179 53.83 54.37 16.71
C LEU F 179 53.21 54.37 18.10
N TYR F 180 53.24 53.22 18.77
CA TYR F 180 52.62 53.06 20.09
C TYR F 180 53.60 53.05 21.25
N THR F 181 53.13 53.54 22.41
CA THR F 181 53.92 53.60 23.65
C THR F 181 53.08 53.22 24.87
N LEU F 182 53.63 52.39 25.73
CA LEU F 182 53.01 52.12 27.03
C LEU F 182 54.08 51.79 28.06
N SER F 183 53.72 52.01 29.32
CA SER F 183 54.58 51.62 30.42
C SER F 183 53.81 50.74 31.41
N SER F 184 54.54 49.87 32.09
CA SER F 184 53.95 48.99 33.09
C SER F 184 54.75 49.07 34.38
N SER F 185 54.06 49.46 35.45
CA SER F 185 54.68 49.54 36.77
C SER F 185 54.32 48.32 37.60
N VAL F 186 55.15 48.08 38.61
CA VAL F 186 54.96 46.99 39.56
C VAL F 186 55.65 47.35 40.86
N THR F 187 54.92 47.23 41.96
CA THR F 187 55.48 47.51 43.28
C THR F 187 55.70 46.19 44.06
N VAL F 188 56.95 45.87 44.34
CA VAL F 188 57.28 44.74 45.22
C VAL F 188 57.79 45.29 46.55
N PRO F 189 57.63 44.52 47.65
CA PRO F 189 58.22 44.98 48.92
C PRO F 189 59.75 45.09 48.83
N SER F 190 60.30 46.10 49.52
CA SER F 190 61.71 46.46 49.43
C SER F 190 62.68 45.31 49.69
N SER F 191 62.24 44.37 50.52
CA SER F 191 63.03 43.18 50.85
C SER F 191 63.36 42.35 49.61
N THR F 192 62.38 42.23 48.72
CA THR F 192 62.42 41.30 47.58
C THR F 192 63.41 41.66 46.45
N TRP F 193 63.79 42.95 46.39
CA TRP F 193 64.61 43.48 45.29
C TRP F 193 65.66 44.43 45.83
N PRO F 194 66.88 44.40 45.23
CA PRO F 194 67.34 43.63 44.08
C PRO F 194 67.89 42.26 44.42
N SER F 195 67.52 41.74 45.59
CA SER F 195 67.88 40.38 46.00
C SER F 195 67.38 39.31 45.00
N GLU F 196 66.07 39.29 44.76
CA GLU F 196 65.47 38.36 43.79
C GLU F 196 65.27 39.04 42.43
N THR F 197 65.24 38.24 41.38
CA THR F 197 65.17 38.74 40.00
C THR F 197 63.78 39.25 39.63
N VAL F 198 63.69 40.54 39.31
CA VAL F 198 62.44 41.15 38.81
C VAL F 198 62.57 41.48 37.32
N THR F 199 61.82 40.73 36.50
CA THR F 199 61.97 40.81 35.05
C THR F 199 60.67 41.23 34.34
N CYS F 200 60.84 42.03 33.29
CA CYS F 200 59.73 42.54 32.50
C CYS F 200 59.64 41.78 31.17
N ASN F 201 58.52 41.09 30.94
CA ASN F 201 58.32 40.26 29.74
C ASN F 201 57.41 40.90 28.73
N VAL F 202 57.97 41.34 27.62
CA VAL F 202 57.21 41.99 26.58
C VAL F 202 57.10 41.07 25.39
N ALA F 203 55.89 40.92 24.86
CA ALA F 203 55.68 40.16 23.65
C ALA F 203 54.91 41.01 22.65
N HIS F 204 55.32 40.94 21.37
CA HIS F 204 54.61 41.61 20.28
C HIS F 204 54.29 40.60 19.21
N PRO F 205 53.07 40.01 19.27
CA PRO F 205 52.70 38.89 18.41
C PRO F 205 52.85 39.23 16.93
N ALA F 206 52.49 40.47 16.58
CA ALA F 206 52.51 40.93 15.20
C ALA F 206 53.92 40.94 14.58
N SER F 207 54.94 41.24 15.38
CA SER F 207 56.33 41.21 14.91
C SER F 207 57.07 39.96 15.37
N SER F 208 56.32 39.00 15.90
CA SER F 208 56.87 37.72 16.38
C SER F 208 58.11 37.95 17.23
N THR F 209 57.96 38.73 18.30
CA THR F 209 59.07 39.09 19.17
C THR F 209 58.72 38.95 20.64
N LYS F 210 59.60 38.27 21.36
CA LYS F 210 59.59 38.24 22.81
C LYS F 210 60.90 38.87 23.27
N VAL F 211 60.81 39.88 24.12
CA VAL F 211 61.99 40.50 24.73
C VAL F 211 61.86 40.46 26.25
N ASP F 212 62.99 40.44 26.94
CA ASP F 212 63.03 40.49 28.40
C ASP F 212 64.07 41.49 28.89
N LYS F 213 63.69 42.27 29.90
CA LYS F 213 64.62 43.14 30.61
C LYS F 213 64.60 42.83 32.09
N LYS F 214 65.75 42.39 32.60
CA LYS F 214 66.00 42.35 34.04
C LYS F 214 66.26 43.77 34.52
N ILE F 215 65.64 44.14 35.63
CA ILE F 215 65.75 45.50 36.15
C ILE F 215 66.82 45.61 37.25
N VAL F 216 68.00 46.05 36.83
CA VAL F 216 69.16 46.18 37.71
C VAL F 216 69.02 47.45 38.57
N PRO F 217 69.53 47.43 39.82
CA PRO F 217 69.55 48.65 40.64
C PRO F 217 70.40 49.77 40.02
N ARG F 218 70.12 51.02 40.41
CA ARG F 218 70.71 52.23 39.82
C ARG F 218 70.25 52.45 38.38
N ASP G 1 -19.90 -57.94 3.53
CA ASP G 1 -18.92 -58.51 4.51
C ASP G 1 -18.56 -57.53 5.64
N ILE G 2 -17.73 -56.53 5.32
CA ILE G 2 -17.30 -55.54 6.32
C ILE G 2 -18.50 -54.90 6.99
N VAL G 3 -18.55 -55.00 8.32
CA VAL G 3 -19.65 -54.43 9.09
C VAL G 3 -19.22 -53.13 9.73
N MET G 4 -20.11 -52.13 9.69
CA MET G 4 -19.85 -50.83 10.29
C MET G 4 -20.81 -50.61 11.44
N THR G 5 -20.25 -50.47 12.64
CA THR G 5 -21.07 -50.27 13.83
C THR G 5 -20.94 -48.84 14.35
N GLN G 6 -22.07 -48.16 14.44
CA GLN G 6 -22.13 -46.89 15.11
C GLN G 6 -22.96 -47.05 16.37
N ALA G 7 -22.34 -47.67 17.38
CA ALA G 7 -22.96 -48.01 18.67
C ALA G 7 -24.00 -47.00 19.18
N THR G 8 -23.67 -45.72 19.19
CA THR G 8 -24.62 -44.71 19.63
C THR G 8 -25.58 -44.35 18.49
N PRO G 9 -26.89 -44.52 18.73
CA PRO G 9 -27.87 -44.16 17.71
C PRO G 9 -28.28 -42.67 17.75
N SER G 10 -28.12 -42.01 18.90
CA SER G 10 -28.36 -40.57 19.01
C SER G 10 -27.61 -39.89 20.17
N ILE G 11 -27.23 -38.64 19.96
CA ILE G 11 -26.51 -37.84 20.96
C ILE G 11 -27.13 -36.45 21.05
N PRO G 12 -27.64 -36.08 22.24
CA PRO G 12 -28.17 -34.73 22.49
C PRO G 12 -27.05 -33.78 22.90
N VAL G 13 -27.00 -32.61 22.26
CA VAL G 13 -25.89 -31.67 22.46
C VAL G 13 -26.38 -30.23 22.57
N THR G 14 -25.96 -29.55 23.64
CA THR G 14 -26.22 -28.13 23.84
C THR G 14 -25.53 -27.32 22.74
N PRO G 15 -26.29 -26.43 22.06
CA PRO G 15 -25.74 -25.64 20.95
C PRO G 15 -24.54 -24.79 21.39
N GLY G 16 -23.35 -25.24 20.99
CA GLY G 16 -22.09 -24.60 21.38
C GLY G 16 -21.03 -25.61 21.75
N GLU G 17 -21.44 -26.70 22.40
CA GLU G 17 -20.56 -27.79 22.85
C GLU G 17 -19.90 -28.53 21.67
N SER G 18 -19.02 -29.49 21.98
CA SER G 18 -18.37 -30.31 20.94
C SER G 18 -18.66 -31.80 21.14
N VAL G 19 -18.80 -32.53 20.02
CA VAL G 19 -19.21 -33.94 20.04
C VAL G 19 -18.30 -34.85 19.24
N SER G 20 -17.90 -35.97 19.82
CA SER G 20 -17.31 -37.05 19.05
C SER G 20 -18.42 -38.01 18.63
N ILE G 21 -18.31 -38.54 17.42
CA ILE G 21 -19.25 -39.53 16.89
C ILE G 21 -18.42 -40.69 16.34
N SER G 22 -18.66 -41.90 16.85
CA SER G 22 -17.76 -43.01 16.51
C SER G 22 -18.35 -44.05 15.58
N CYS G 23 -17.44 -44.73 14.88
CA CYS G 23 -17.78 -45.76 13.91
C CYS G 23 -16.69 -46.83 13.99
N ARG G 24 -17.10 -48.08 14.18
CA ARG G 24 -16.16 -49.20 14.28
C ARG G 24 -16.18 -50.03 13.01
N SER G 25 -15.18 -50.87 12.79
CA SER G 25 -15.17 -51.71 11.61
C SER G 25 -14.72 -53.15 11.82
N ASN G 26 -15.51 -54.06 11.27
CA ASN G 26 -15.21 -55.49 11.12
C ASN G 26 -13.76 -55.77 10.69
N LYS G 27 -13.29 -55.02 9.68
CA LYS G 27 -11.94 -55.16 9.13
C LYS G 27 -11.25 -53.77 9.14
N SER G 28 -9.92 -53.76 9.09
CA SER G 28 -9.19 -52.49 9.04
C SER G 28 -9.23 -51.89 7.63
N LEU G 29 -9.61 -50.61 7.57
CA LEU G 29 -9.82 -49.92 6.32
C LEU G 29 -8.52 -49.27 5.82
N LEU G 30 -7.41 -49.56 6.48
CA LEU G 30 -6.10 -49.10 6.04
C LEU G 30 -5.64 -49.92 4.83
N HIS G 31 -5.35 -49.22 3.74
CA HIS G 31 -4.82 -49.83 2.51
C HIS G 31 -3.32 -49.88 2.60
N SER G 32 -2.69 -50.53 1.62
CA SER G 32 -1.25 -50.38 1.42
C SER G 32 -0.90 -48.90 1.16
N ASN G 33 -1.76 -48.20 0.42
CA ASN G 33 -1.70 -46.74 0.20
C ASN G 33 -1.18 -45.88 1.33
N GLY G 34 -1.50 -46.26 2.57
CA GLY G 34 -1.41 -45.35 3.70
C GLY G 34 -2.72 -44.60 3.81
N ASN G 35 -3.59 -44.77 2.82
CA ASN G 35 -4.95 -44.24 2.86
C ASN G 35 -5.87 -45.19 3.60
N THR G 36 -6.65 -44.63 4.52
CA THR G 36 -7.72 -45.37 5.19
C THR G 36 -9.01 -45.00 4.50
N TYR G 37 -9.61 -45.97 3.82
CA TYR G 37 -10.80 -45.71 3.03
C TYR G 37 -12.07 -45.78 3.87
N LEU G 38 -12.31 -44.71 4.62
CA LEU G 38 -13.53 -44.52 5.38
C LEU G 38 -14.06 -43.16 5.02
N TYR G 39 -15.37 -43.06 4.83
CA TYR G 39 -16.04 -41.79 4.53
C TYR G 39 -17.02 -41.38 5.62
N TRP G 40 -17.45 -40.12 5.60
CA TRP G 40 -18.42 -39.58 6.55
C TRP G 40 -19.42 -38.71 5.85
N PHE G 41 -20.70 -38.98 6.09
CA PHE G 41 -21.78 -38.24 5.45
C PHE G 41 -22.73 -37.72 6.50
N LEU G 42 -23.27 -36.54 6.26
CA LEU G 42 -24.36 -36.00 7.08
C LEU G 42 -25.64 -35.90 6.25
N GLN G 43 -26.76 -36.37 6.81
CA GLN G 43 -28.04 -36.17 6.17
C GLN G 43 -29.00 -35.30 6.96
N ARG G 44 -29.21 -34.08 6.51
CA ARG G 44 -30.25 -33.20 7.05
C ARG G 44 -31.62 -33.77 6.66
N PRO G 45 -32.65 -33.58 7.50
CA PRO G 45 -33.98 -34.16 7.20
C PRO G 45 -34.60 -33.62 5.92
N GLY G 46 -35.27 -34.51 5.17
CA GLY G 46 -35.91 -34.17 3.90
C GLY G 46 -34.92 -33.70 2.84
N GLN G 47 -33.70 -34.21 2.93
CA GLN G 47 -32.60 -33.84 2.06
C GLN G 47 -31.71 -35.05 1.84
N SER G 48 -30.97 -35.04 0.74
CA SER G 48 -30.06 -36.14 0.42
C SER G 48 -28.80 -36.01 1.25
N PRO G 49 -28.07 -37.12 1.48
CA PRO G 49 -26.82 -37.02 2.21
C PRO G 49 -25.83 -36.10 1.53
N ARG G 50 -25.03 -35.38 2.33
CA ARG G 50 -23.91 -34.60 1.82
C ARG G 50 -22.59 -35.15 2.37
N LEU G 51 -21.56 -35.18 1.51
CA LEU G 51 -20.22 -35.62 1.92
C LEU G 51 -19.61 -34.66 2.95
N LEU G 52 -18.78 -35.21 3.83
CA LEU G 52 -18.14 -34.44 4.89
C LEU G 52 -16.65 -34.72 4.91
N ILE G 53 -16.30 -36.00 4.98
CA ILE G 53 -14.94 -36.41 5.20
C ILE G 53 -14.59 -37.52 4.23
N PHE G 54 -13.50 -37.36 3.48
CA PHE G 54 -13.31 -38.23 2.34
C PHE G 54 -12.21 -39.27 2.34
N ARG G 55 -11.25 -39.18 3.24
CA ARG G 55 -10.41 -40.38 3.53
C ARG G 55 -9.93 -40.35 4.98
N MET G 56 -10.75 -40.97 5.82
CA MET G 56 -10.63 -40.87 7.28
C MET G 56 -10.59 -39.44 7.87
N SER G 57 -9.83 -38.54 7.25
CA SER G 57 -9.49 -37.25 7.87
C SER G 57 -9.77 -36.01 7.02
N ASN G 58 -10.00 -36.20 5.73
CA ASN G 58 -10.00 -35.09 4.77
C ASN G 58 -11.38 -34.45 4.55
N LEU G 59 -11.44 -33.12 4.53
CA LEU G 59 -12.72 -32.39 4.45
C LEU G 59 -13.20 -32.10 3.03
N ALA G 60 -14.51 -32.16 2.82
CA ALA G 60 -15.09 -31.88 1.50
C ALA G 60 -15.20 -30.39 1.34
N SER G 61 -15.25 -29.90 0.11
CA SER G 61 -15.35 -28.46 -0.12
C SER G 61 -16.65 -27.94 0.47
N GLY G 62 -16.59 -26.77 1.08
CA GLY G 62 -17.76 -26.16 1.69
C GLY G 62 -18.03 -26.64 3.11
N VAL G 63 -17.41 -27.74 3.50
CA VAL G 63 -17.52 -28.27 4.87
C VAL G 63 -16.61 -27.48 5.82
N PRO G 64 -17.22 -26.69 6.72
CA PRO G 64 -16.47 -25.77 7.59
C PRO G 64 -15.52 -26.48 8.52
N ASP G 65 -14.42 -25.81 8.87
CA ASP G 65 -13.32 -26.35 9.70
C ASP G 65 -13.72 -26.92 11.07
N ARG G 66 -14.99 -26.76 11.43
CA ARG G 66 -15.53 -27.27 12.70
C ARG G 66 -15.57 -28.80 12.73
N PHE G 67 -15.58 -29.40 11.54
CA PHE G 67 -15.63 -30.86 11.37
C PHE G 67 -14.23 -31.40 11.19
N SER G 68 -13.82 -32.29 12.08
CA SER G 68 -12.53 -32.97 11.96
C SER G 68 -12.71 -34.50 11.95
N GLY G 69 -11.76 -35.22 11.35
CA GLY G 69 -11.84 -36.67 11.25
C GLY G 69 -10.55 -37.38 11.55
N SER G 70 -10.64 -38.50 12.25
CA SER G 70 -9.47 -39.25 12.70
C SER G 70 -9.87 -40.67 13.10
N GLY G 71 -8.87 -41.51 13.32
CA GLY G 71 -9.09 -42.90 13.74
C GLY G 71 -7.93 -43.83 13.46
N SER G 72 -8.03 -45.05 13.99
CA SER G 72 -7.01 -46.08 13.78
C SER G 72 -7.27 -46.77 12.44
N GLY G 73 -6.98 -48.06 12.40
CA GLY G 73 -7.29 -48.89 11.25
C GLY G 73 -8.73 -49.35 11.32
N THR G 74 -9.31 -49.32 12.53
CA THR G 74 -10.62 -49.89 12.78
C THR G 74 -11.52 -49.06 13.69
N ALA G 75 -11.01 -47.97 14.25
CA ALA G 75 -11.81 -47.13 15.12
C ALA G 75 -11.75 -45.66 14.72
N PHE G 76 -12.87 -45.14 14.24
CA PHE G 76 -12.89 -43.80 13.66
C PHE G 76 -13.88 -42.94 14.38
N THR G 77 -13.45 -41.75 14.75
CA THR G 77 -14.37 -40.79 15.33
C THR G 77 -14.37 -39.51 14.51
N LEU G 78 -15.56 -38.92 14.37
CA LEU G 78 -15.73 -37.59 13.79
C LEU G 78 -16.08 -36.63 14.92
N ARG G 79 -15.32 -35.55 15.03
CA ARG G 79 -15.61 -34.51 16.01
C ARG G 79 -16.17 -33.29 15.30
N ILE G 80 -17.07 -32.61 15.98
CA ILE G 80 -17.63 -31.34 15.54
C ILE G 80 -17.33 -30.35 16.66
N SER G 81 -16.88 -29.14 16.31
CA SER G 81 -16.40 -28.18 17.32
C SER G 81 -17.48 -27.38 18.04
N ARG G 82 -18.39 -26.76 17.28
CA ARG G 82 -19.39 -25.86 17.86
C ARG G 82 -20.76 -26.12 17.24
N VAL G 83 -21.40 -27.17 17.75
CA VAL G 83 -22.64 -27.70 17.18
C VAL G 83 -23.72 -26.64 16.99
N GLU G 84 -24.16 -26.47 15.75
CA GLU G 84 -25.21 -25.52 15.44
C GLU G 84 -26.48 -26.25 15.03
N ALA G 85 -27.56 -25.49 14.87
CA ALA G 85 -28.83 -26.01 14.39
C ALA G 85 -28.67 -26.59 12.98
N ALA G 86 -27.69 -26.09 12.23
CA ALA G 86 -27.43 -26.52 10.86
C ALA G 86 -26.80 -27.91 10.83
N ASP G 87 -26.15 -28.28 11.92
CA ASP G 87 -25.48 -29.58 12.02
C ASP G 87 -26.37 -30.69 12.59
N VAL G 88 -27.65 -30.37 12.83
CA VAL G 88 -28.64 -31.36 13.25
C VAL G 88 -28.93 -32.30 12.08
N GLY G 89 -28.84 -33.61 12.33
CA GLY G 89 -29.18 -34.63 11.33
C GLY G 89 -28.66 -36.02 11.66
N ILE G 90 -28.59 -36.88 10.64
CA ILE G 90 -28.05 -38.23 10.80
C ILE G 90 -26.65 -38.30 10.19
N TYR G 91 -25.70 -38.84 10.95
CA TYR G 91 -24.32 -38.95 10.51
C TYR G 91 -23.96 -40.39 10.22
N PHE G 92 -23.67 -40.66 8.95
CA PHE G 92 -23.35 -41.98 8.48
C PHE G 92 -21.87 -42.08 8.21
N CYS G 93 -21.29 -43.22 8.56
CA CYS G 93 -19.97 -43.56 8.03
C CYS G 93 -20.21 -44.50 6.85
N LEU G 94 -19.13 -44.81 6.12
CA LEU G 94 -19.16 -45.72 4.97
C LEU G 94 -17.76 -46.25 4.75
N GLN G 95 -17.64 -47.50 4.32
CA GLN G 95 -16.32 -48.05 3.99
C GLN G 95 -16.20 -48.19 2.49
N HIS G 96 -15.22 -47.49 1.91
CA HIS G 96 -15.07 -47.49 0.46
C HIS G 96 -13.93 -48.35 0.03
N LEU G 97 -13.76 -49.48 0.71
CA LEU G 97 -12.63 -50.37 0.44
C LEU G 97 -13.03 -51.69 -0.22
N GLU G 98 -14.09 -52.32 0.27
CA GLU G 98 -14.47 -53.64 -0.23
C GLU G 98 -15.91 -53.74 -0.68
N TYR G 99 -16.14 -54.47 -1.77
CA TYR G 99 -17.50 -54.76 -2.26
C TYR G 99 -18.12 -55.84 -1.38
N PRO G 100 -19.34 -55.59 -0.87
CA PRO G 100 -20.12 -54.39 -1.11
C PRO G 100 -19.80 -53.29 -0.10
N PHE G 101 -19.98 -52.04 -0.52
CA PHE G 101 -19.73 -50.91 0.38
C PHE G 101 -20.78 -50.89 1.47
N THR G 102 -20.36 -50.53 2.68
CA THR G 102 -21.20 -50.64 3.84
C THR G 102 -21.23 -49.36 4.66
N PHE G 103 -22.43 -48.86 4.89
CA PHE G 103 -22.67 -47.82 5.89
C PHE G 103 -22.97 -48.50 7.22
N GLY G 104 -22.67 -47.83 8.31
CA GLY G 104 -23.24 -48.19 9.59
C GLY G 104 -24.67 -47.65 9.63
N ALA G 105 -25.43 -48.08 10.63
CA ALA G 105 -26.67 -47.40 10.92
C ALA G 105 -26.19 -46.06 11.43
N GLY G 106 -26.90 -44.98 11.11
CA GLY G 106 -26.41 -43.65 11.46
C GLY G 106 -26.34 -43.35 12.95
N THR G 107 -25.89 -42.14 13.28
CA THR G 107 -26.12 -41.59 14.62
C THR G 107 -26.88 -40.28 14.42
N LYS G 108 -28.01 -40.16 15.11
CA LYS G 108 -28.84 -38.98 15.02
C LYS G 108 -28.30 -37.93 15.99
N LEU G 109 -28.04 -36.73 15.49
CA LEU G 109 -27.58 -35.66 16.33
C LEU G 109 -28.66 -34.60 16.48
N GLU G 110 -29.10 -34.40 17.72
CA GLU G 110 -30.07 -33.36 18.06
C GLU G 110 -29.59 -32.46 19.21
N LEU G 111 -30.25 -31.32 19.37
CA LEU G 111 -29.84 -30.34 20.37
C LEU G 111 -30.38 -30.61 21.77
N LYS G 112 -29.59 -30.30 22.79
CA LYS G 112 -30.02 -30.43 24.18
C LYS G 112 -30.71 -29.14 24.63
N ARG G 113 -31.48 -29.25 25.72
CA ARG G 113 -32.46 -28.24 26.08
C ARG G 113 -32.97 -28.48 27.50
N ALA G 114 -33.74 -27.52 28.02
CA ALA G 114 -34.44 -27.67 29.31
C ALA G 114 -35.55 -28.71 29.16
N ASP G 115 -35.63 -29.62 30.14
CA ASP G 115 -36.72 -30.60 30.18
C ASP G 115 -38.04 -29.84 30.16
N ALA G 116 -39.03 -30.38 29.46
CA ALA G 116 -40.34 -29.76 29.35
C ALA G 116 -41.40 -30.84 29.36
N ALA G 117 -42.54 -30.52 29.97
CA ALA G 117 -43.64 -31.44 30.10
C ALA G 117 -44.64 -31.30 28.95
N PRO G 118 -45.13 -32.44 28.43
CA PRO G 118 -46.13 -32.43 27.38
C PRO G 118 -47.42 -31.76 27.79
N THR G 119 -48.07 -31.15 26.82
CA THR G 119 -49.43 -30.64 26.96
C THR G 119 -50.39 -31.63 26.28
N VAL G 120 -51.01 -32.48 27.10
CA VAL G 120 -51.79 -33.60 26.62
C VAL G 120 -53.26 -33.20 26.45
N SER G 121 -53.84 -33.56 25.30
CA SER G 121 -55.24 -33.25 24.98
C SER G 121 -55.86 -34.44 24.29
N ILE G 122 -57.15 -34.68 24.54
CA ILE G 122 -57.82 -35.86 24.03
C ILE G 122 -59.11 -35.47 23.35
N PHE G 123 -59.38 -36.06 22.21
CA PHE G 123 -60.53 -35.67 21.42
C PHE G 123 -61.38 -36.88 21.11
N PRO G 124 -62.71 -36.75 21.24
CA PRO G 124 -63.64 -37.81 20.91
C PRO G 124 -63.80 -38.00 19.41
N PRO G 125 -64.25 -39.19 18.98
CA PRO G 125 -64.67 -39.35 17.60
C PRO G 125 -65.73 -38.31 17.27
N SER G 126 -65.73 -37.86 16.03
CA SER G 126 -66.75 -36.92 15.58
C SER G 126 -67.99 -37.66 15.12
N SER G 127 -69.10 -36.93 15.04
CA SER G 127 -70.37 -37.43 14.50
C SER G 127 -70.17 -37.88 13.07
N GLU G 128 -69.54 -37.00 12.28
CA GLU G 128 -69.03 -37.29 10.94
C GLU G 128 -68.46 -38.71 10.83
N GLN G 129 -67.47 -39.02 11.65
CA GLN G 129 -66.80 -40.32 11.62
C GLN G 129 -67.69 -41.47 12.07
N LEU G 130 -68.57 -41.20 13.04
CA LEU G 130 -69.47 -42.24 13.53
C LEU G 130 -70.46 -42.69 12.46
N THR G 131 -70.96 -41.73 11.68
CA THR G 131 -71.82 -42.00 10.52
C THR G 131 -71.19 -43.05 9.59
N SER G 132 -69.89 -42.91 9.33
CA SER G 132 -69.20 -43.80 8.40
C SER G 132 -68.98 -45.20 8.94
N GLY G 133 -69.08 -45.37 10.26
CA GLY G 133 -68.97 -46.69 10.87
C GLY G 133 -67.74 -46.91 11.71
N GLY G 134 -66.87 -45.90 11.80
CA GLY G 134 -65.65 -46.01 12.60
C GLY G 134 -65.57 -45.06 13.78
N ALA G 135 -64.64 -45.33 14.70
CA ALA G 135 -64.43 -44.45 15.86
C ALA G 135 -62.95 -44.24 16.23
N SER G 136 -62.49 -42.99 16.08
CA SER G 136 -61.11 -42.66 16.46
C SER G 136 -61.00 -41.65 17.59
N VAL G 137 -60.23 -42.02 18.61
CA VAL G 137 -59.94 -41.16 19.75
C VAL G 137 -58.51 -40.66 19.59
N VAL G 138 -58.35 -39.34 19.48
CA VAL G 138 -57.04 -38.75 19.22
C VAL G 138 -56.46 -38.11 20.47
N CYS G 139 -55.18 -38.36 20.71
CA CYS G 139 -54.46 -37.81 21.86
C CYS G 139 -53.16 -37.13 21.40
N PHE G 140 -53.13 -35.80 21.36
CA PHE G 140 -51.88 -35.04 21.09
C PHE G 140 -51.05 -34.82 22.37
N LEU G 141 -49.75 -35.12 22.31
CA LEU G 141 -48.77 -34.71 23.35
C LEU G 141 -47.74 -33.74 22.71
N ASN G 142 -47.71 -32.48 23.16
CA ASN G 142 -47.17 -31.43 22.29
C ASN G 142 -45.73 -30.90 22.32
N ASN G 143 -45.28 -30.30 23.41
CA ASN G 143 -43.97 -29.65 23.33
C ASN G 143 -43.07 -30.07 24.47
N PHE G 144 -42.32 -31.15 24.27
CA PHE G 144 -41.57 -31.71 25.38
C PHE G 144 -40.13 -32.09 25.04
N TYR G 145 -39.31 -32.20 26.07
CA TYR G 145 -37.94 -32.69 25.96
C TYR G 145 -37.67 -33.44 27.28
N PRO G 146 -36.98 -34.60 27.21
CA PRO G 146 -36.40 -35.36 26.09
C PRO G 146 -37.39 -35.91 25.06
N LYS G 147 -36.85 -36.38 23.92
CA LYS G 147 -37.61 -37.03 22.84
C LYS G 147 -37.97 -38.43 23.31
N ASP G 148 -38.71 -38.52 24.40
CA ASP G 148 -38.61 -39.73 25.17
C ASP G 148 -39.82 -39.95 26.03
N ILE G 149 -40.96 -40.04 25.37
CA ILE G 149 -42.24 -40.20 26.03
C ILE G 149 -42.76 -41.64 25.88
N ASN G 150 -43.87 -41.94 26.54
CA ASN G 150 -44.46 -43.27 26.48
C ASN G 150 -45.95 -43.33 26.85
N VAL G 151 -46.79 -43.70 25.88
CA VAL G 151 -48.25 -43.69 26.09
C VAL G 151 -48.88 -45.07 26.30
N LYS G 152 -49.67 -45.18 27.38
CA LYS G 152 -50.60 -46.28 27.59
C LYS G 152 -51.96 -45.77 27.21
N TRP G 153 -52.80 -46.65 26.66
CA TRP G 153 -54.23 -46.35 26.51
C TRP G 153 -55.01 -47.14 27.52
N LYS G 154 -56.10 -46.55 28.01
CA LYS G 154 -56.98 -47.25 28.94
C LYS G 154 -58.43 -47.05 28.56
N ILE G 155 -59.19 -48.13 28.61
CA ILE G 155 -60.63 -48.09 28.42
C ILE G 155 -61.32 -48.66 29.65
N ASP G 156 -62.32 -47.96 30.16
CA ASP G 156 -63.03 -48.33 31.37
C ASP G 156 -62.09 -48.88 32.46
N GLY G 157 -61.01 -48.15 32.73
CA GLY G 157 -60.03 -48.54 33.74
C GLY G 157 -58.93 -49.49 33.27
N SER G 158 -59.18 -50.20 32.17
CA SER G 158 -58.28 -51.24 31.70
C SER G 158 -57.31 -50.79 30.60
N GLU G 159 -56.05 -51.16 30.76
CA GLU G 159 -55.03 -50.95 29.74
C GLU G 159 -55.33 -51.78 28.51
N ARG G 160 -55.41 -51.11 27.37
CA ARG G 160 -55.51 -51.76 26.07
C ARG G 160 -54.34 -51.31 25.21
N GLN G 161 -54.13 -51.99 24.09
CA GLN G 161 -53.08 -51.58 23.16
C GLN G 161 -53.27 -52.07 21.73
N ASN G 162 -54.52 -52.22 21.31
CA ASN G 162 -54.78 -52.78 19.99
C ASN G 162 -54.77 -51.76 18.86
N GLY G 163 -55.92 -51.14 18.57
CA GLY G 163 -56.02 -50.22 17.43
C GLY G 163 -55.30 -48.89 17.63
N VAL G 164 -54.15 -48.94 18.31
CA VAL G 164 -53.30 -47.75 18.57
C VAL G 164 -52.29 -47.48 17.46
N LEU G 165 -52.20 -46.22 17.05
CA LEU G 165 -51.27 -45.83 16.01
C LEU G 165 -50.63 -44.49 16.38
N ASN G 166 -49.30 -44.52 16.53
CA ASN G 166 -48.51 -43.36 16.96
C ASN G 166 -47.63 -42.74 15.88
N SER G 167 -47.63 -41.40 15.84
CA SER G 167 -46.75 -40.64 14.97
C SER G 167 -45.95 -39.58 15.75
N TRP G 168 -44.65 -39.52 15.52
CA TRP G 168 -43.78 -38.51 16.14
C TRP G 168 -43.22 -37.53 15.12
N THR G 169 -43.21 -36.25 15.46
CA THR G 169 -42.48 -35.26 14.67
C THR G 169 -40.99 -35.31 15.00
N ASP G 170 -40.16 -34.71 14.14
CA ASP G 170 -38.74 -34.49 14.43
C ASP G 170 -38.60 -33.33 15.41
N GLN G 171 -37.42 -33.22 16.03
CA GLN G 171 -37.09 -32.09 16.91
C GLN G 171 -37.42 -30.77 16.20
N ASP G 172 -38.11 -29.87 16.90
CA ASP G 172 -38.56 -28.62 16.29
C ASP G 172 -37.41 -27.63 16.06
N SER G 173 -37.41 -27.00 14.88
CA SER G 173 -36.38 -26.04 14.49
C SER G 173 -36.26 -24.85 15.44
N LYS G 174 -37.39 -24.17 15.64
CA LYS G 174 -37.42 -22.94 16.43
C LYS G 174 -37.18 -23.14 17.95
N ASP G 175 -37.58 -24.29 18.51
CA ASP G 175 -37.52 -24.48 19.98
C ASP G 175 -37.03 -25.81 20.57
N SER G 176 -36.65 -26.76 19.71
CA SER G 176 -36.08 -28.07 20.16
C SER G 176 -37.02 -29.01 20.95
N THR G 177 -38.32 -28.73 20.95
CA THR G 177 -39.30 -29.63 21.54
C THR G 177 -39.64 -30.76 20.57
N TYR G 178 -40.42 -31.72 21.03
CA TYR G 178 -40.90 -32.81 20.20
C TYR G 178 -42.39 -32.91 20.40
N SER G 179 -43.09 -33.46 19.42
CA SER G 179 -44.49 -33.74 19.56
C SER G 179 -44.83 -35.17 19.17
N MET G 180 -45.98 -35.64 19.67
CA MET G 180 -46.43 -37.00 19.42
C MET G 180 -47.92 -37.00 19.23
N SER G 181 -48.38 -37.88 18.36
CA SER G 181 -49.80 -38.10 18.16
C SER G 181 -50.08 -39.56 18.48
N SER G 182 -51.13 -39.82 19.26
CA SER G 182 -51.55 -41.20 19.52
C SER G 182 -53.03 -41.40 19.22
N THR G 183 -53.32 -42.42 18.41
CA THR G 183 -54.71 -42.65 17.99
C THR G 183 -55.20 -44.09 18.22
N LEU G 184 -56.24 -44.21 19.04
CA LEU G 184 -56.97 -45.47 19.20
C LEU G 184 -58.12 -45.49 18.22
N THR G 185 -58.16 -46.54 17.40
CA THR G 185 -59.15 -46.67 16.33
C THR G 185 -59.90 -47.97 16.47
N LEU G 186 -61.18 -47.87 16.78
CA LEU G 186 -62.03 -49.03 16.93
C LEU G 186 -63.24 -48.94 15.98
N THR G 187 -64.02 -50.01 15.93
CA THR G 187 -65.28 -49.98 15.19
C THR G 187 -66.26 -49.19 16.05
N LYS G 188 -67.19 -48.48 15.41
CA LYS G 188 -68.23 -47.74 16.13
C LYS G 188 -68.96 -48.61 17.17
N ASP G 189 -69.29 -49.85 16.79
CA ASP G 189 -70.04 -50.74 17.69
C ASP G 189 -69.24 -51.21 18.90
N GLU G 190 -67.92 -51.33 18.76
CA GLU G 190 -67.04 -51.61 19.89
C GLU G 190 -66.82 -50.38 20.76
N TYR G 191 -66.89 -49.21 20.13
CA TYR G 191 -66.68 -47.95 20.82
C TYR G 191 -67.86 -47.61 21.72
N GLU G 192 -69.05 -48.14 21.40
CA GLU G 192 -70.25 -47.85 22.20
C GLU G 192 -70.48 -48.84 23.35
N ARG G 193 -69.65 -49.88 23.38
CA ARG G 193 -69.66 -50.81 24.50
C ARG G 193 -68.81 -50.32 25.65
N HIS G 194 -68.29 -49.10 25.56
CA HIS G 194 -67.40 -48.58 26.60
C HIS G 194 -67.69 -47.15 26.92
N ASN G 195 -67.38 -46.76 28.16
CA ASN G 195 -67.68 -45.40 28.58
C ASN G 195 -66.48 -44.46 28.59
N SER G 196 -65.36 -44.91 29.16
CA SER G 196 -64.25 -44.00 29.40
C SER G 196 -63.00 -44.37 28.62
N TYR G 197 -62.45 -43.39 27.93
CA TYR G 197 -61.20 -43.52 27.19
C TYR G 197 -60.19 -42.55 27.77
N THR G 198 -59.02 -43.06 28.12
CA THR G 198 -57.99 -42.22 28.74
C THR G 198 -56.61 -42.53 28.14
N CYS G 199 -55.82 -41.50 27.79
CA CYS G 199 -54.40 -41.71 27.49
C CYS G 199 -53.56 -41.27 28.67
N GLU G 200 -52.60 -42.10 29.06
CA GLU G 200 -51.64 -41.80 30.12
C GLU G 200 -50.25 -41.62 29.52
N ALA G 201 -49.69 -40.42 29.66
CA ALA G 201 -48.33 -40.17 29.18
C ALA G 201 -47.28 -40.30 30.29
N THR G 202 -46.35 -41.22 30.11
CA THR G 202 -45.27 -41.38 31.06
C THR G 202 -44.02 -40.69 30.49
N HIS G 203 -43.91 -39.41 30.79
CA HIS G 203 -42.67 -38.66 30.56
C HIS G 203 -42.06 -38.44 31.90
N LYS G 204 -40.76 -38.14 31.95
CA LYS G 204 -40.11 -38.03 33.25
C LYS G 204 -39.92 -36.62 33.81
N THR G 205 -40.73 -35.69 33.31
CA THR G 205 -40.91 -34.38 33.94
C THR G 205 -41.95 -34.50 35.06
N SER G 206 -42.25 -35.75 35.44
CA SER G 206 -43.27 -36.07 36.42
C SER G 206 -43.19 -37.57 36.70
N THR G 207 -43.45 -37.96 37.94
CA THR G 207 -43.46 -39.38 38.29
C THR G 207 -44.87 -39.98 38.24
N SER G 208 -45.89 -39.15 38.41
CA SER G 208 -47.25 -39.57 38.13
C SER G 208 -47.54 -39.31 36.66
N PRO G 209 -48.33 -40.21 36.02
CA PRO G 209 -48.62 -40.08 34.59
C PRO G 209 -49.39 -38.79 34.30
N ILE G 210 -49.30 -38.28 33.07
CA ILE G 210 -50.20 -37.21 32.72
C ILE G 210 -51.43 -37.81 32.03
N VAL G 211 -52.58 -37.69 32.67
CA VAL G 211 -53.80 -38.39 32.25
C VAL G 211 -54.91 -37.44 31.80
N LYS G 212 -55.22 -37.45 30.51
CA LYS G 212 -56.40 -36.77 30.02
C LYS G 212 -57.41 -37.82 29.57
N SER G 213 -58.69 -37.46 29.60
CA SER G 213 -59.71 -38.49 29.66
C SER G 213 -61.05 -38.08 29.03
N PHE G 214 -61.70 -39.03 28.35
CA PHE G 214 -63.00 -38.80 27.74
C PHE G 214 -64.01 -39.85 28.21
N ASN G 215 -65.20 -39.37 28.57
CA ASN G 215 -66.26 -40.22 29.04
C ASN G 215 -67.46 -40.07 28.15
N ARG G 216 -67.85 -41.18 27.53
CA ARG G 216 -68.82 -41.15 26.45
C ARG G 216 -70.18 -40.64 26.93
N ASN G 217 -70.54 -41.03 28.15
CA ASN G 217 -71.85 -40.70 28.71
C ASN G 217 -71.91 -39.45 29.58
N GLU G 218 -70.78 -38.78 29.73
CA GLU G 218 -70.73 -37.55 30.51
C GLU G 218 -71.41 -36.44 29.74
N CYS G 219 -72.21 -35.62 30.42
CA CYS G 219 -72.91 -34.55 29.71
C CYS G 219 -72.90 -33.20 30.42
N GLN H 1 -22.58 -25.89 -10.93
CA GLN H 1 -23.00 -26.56 -12.18
C GLN H 1 -23.05 -28.11 -12.10
N VAL H 2 -22.28 -28.74 -11.22
CA VAL H 2 -22.29 -30.22 -11.11
C VAL H 2 -23.58 -30.74 -10.45
N HIS H 3 -24.46 -31.37 -11.24
CA HIS H 3 -25.82 -31.72 -10.80
C HIS H 3 -26.32 -33.05 -11.28
N LEU H 4 -26.98 -33.77 -10.38
CA LEU H 4 -27.65 -35.05 -10.70
C LEU H 4 -29.17 -34.98 -10.53
N GLN H 5 -29.92 -34.92 -11.63
CA GLN H 5 -31.39 -34.76 -11.58
C GLN H 5 -32.16 -36.07 -11.75
N GLN H 6 -32.73 -36.57 -10.65
CA GLN H 6 -33.45 -37.85 -10.65
C GLN H 6 -34.91 -37.71 -11.02
N SER H 7 -35.49 -38.81 -11.54
CA SER H 7 -36.91 -38.88 -11.91
C SER H 7 -37.86 -38.81 -10.71
N GLY H 8 -39.05 -38.23 -10.93
CA GLY H 8 -40.10 -38.03 -9.90
C GLY H 8 -40.62 -39.27 -9.18
N ALA H 9 -41.48 -39.05 -8.19
CA ALA H 9 -41.96 -40.15 -7.33
C ALA H 9 -42.86 -41.17 -8.06
N GLU H 10 -42.59 -42.46 -7.85
CA GLU H 10 -43.34 -43.52 -8.51
C GLU H 10 -44.14 -44.44 -7.57
N LEU H 11 -45.33 -44.83 -8.05
CA LEU H 11 -46.30 -45.64 -7.28
C LEU H 11 -46.59 -46.93 -8.04
N MET H 12 -46.21 -48.07 -7.44
CA MET H 12 -46.21 -49.37 -8.12
C MET H 12 -47.00 -50.46 -7.37
N LYS H 13 -47.35 -51.54 -8.07
CA LYS H 13 -48.06 -52.66 -7.44
C LYS H 13 -47.16 -53.88 -7.18
N PRO H 14 -47.39 -54.58 -6.06
CA PRO H 14 -46.59 -55.74 -5.63
C PRO H 14 -46.40 -56.79 -6.72
N GLY H 15 -45.19 -56.88 -7.25
CA GLY H 15 -44.88 -57.83 -8.33
C GLY H 15 -44.53 -57.17 -9.66
N ALA H 16 -44.91 -55.90 -9.82
CA ALA H 16 -44.47 -55.11 -10.98
C ALA H 16 -42.95 -54.83 -10.99
N SER H 17 -42.55 -53.92 -11.88
CA SER H 17 -41.16 -53.52 -12.00
C SER H 17 -41.11 -52.04 -12.42
N VAL H 18 -39.99 -51.38 -12.11
CA VAL H 18 -39.87 -49.93 -12.31
C VAL H 18 -38.49 -49.49 -12.83
N LYS H 19 -38.46 -48.43 -13.63
CA LYS H 19 -37.20 -47.85 -14.12
C LYS H 19 -36.95 -46.41 -13.64
N ILE H 20 -35.99 -46.26 -12.73
CA ILE H 20 -35.58 -44.95 -12.18
C ILE H 20 -34.42 -44.40 -13.00
N SER H 21 -34.48 -43.10 -13.29
CA SER H 21 -33.38 -42.43 -14.00
C SER H 21 -32.70 -41.32 -13.18
N CYS H 22 -31.47 -40.98 -13.60
CA CYS H 22 -30.60 -40.01 -12.94
C CYS H 22 -29.83 -39.33 -14.04
N LYS H 23 -30.05 -38.04 -14.28
CA LYS H 23 -29.31 -37.35 -15.34
C LYS H 23 -28.17 -36.50 -14.79
N ALA H 24 -27.01 -36.60 -15.42
CA ALA H 24 -25.79 -35.90 -15.01
C ALA H 24 -25.41 -34.74 -15.92
N THR H 25 -25.28 -33.55 -15.33
CA THR H 25 -24.77 -32.38 -16.03
C THR H 25 -23.59 -31.79 -15.25
N GLY H 26 -22.89 -30.83 -15.87
CA GLY H 26 -21.80 -30.12 -15.21
C GLY H 26 -20.44 -30.81 -15.18
N TYR H 27 -20.36 -32.00 -15.74
CA TYR H 27 -19.11 -32.74 -15.75
C TYR H 27 -19.18 -33.77 -16.83
N THR H 28 -18.06 -34.42 -17.14
CA THR H 28 -18.09 -35.35 -18.24
C THR H 28 -18.52 -36.74 -17.77
N PHE H 29 -19.75 -37.06 -18.15
CA PHE H 29 -20.49 -38.25 -17.75
C PHE H 29 -19.66 -39.53 -17.65
N THR H 30 -18.82 -39.79 -18.65
CA THR H 30 -18.18 -41.12 -18.76
C THR H 30 -16.89 -41.30 -17.97
N SER H 31 -16.57 -40.34 -17.10
CA SER H 31 -15.35 -40.43 -16.31
C SER H 31 -15.58 -40.79 -14.84
N TYR H 32 -16.80 -40.59 -14.36
CA TYR H 32 -17.18 -41.00 -13.01
C TYR H 32 -18.19 -42.14 -12.99
N TRP H 33 -17.93 -43.12 -12.13
CA TRP H 33 -18.93 -44.14 -11.79
C TRP H 33 -20.15 -43.48 -11.23
N ILE H 34 -21.31 -44.06 -11.54
CA ILE H 34 -22.54 -43.72 -10.86
C ILE H 34 -22.83 -44.75 -9.78
N GLU H 35 -23.21 -44.27 -8.60
CA GLU H 35 -23.48 -45.13 -7.45
C GLU H 35 -24.96 -45.18 -7.15
N TRP H 36 -25.47 -46.34 -6.75
CA TRP H 36 -26.86 -46.47 -6.41
C TRP H 36 -27.01 -46.84 -4.97
N VAL H 37 -27.74 -46.02 -4.20
CA VAL H 37 -27.99 -46.32 -2.78
C VAL H 37 -29.48 -46.35 -2.39
N LYS H 38 -29.83 -47.33 -1.55
CA LYS H 38 -31.20 -47.51 -1.07
C LYS H 38 -31.35 -47.07 0.38
N GLN H 39 -32.37 -46.26 0.64
CA GLN H 39 -32.71 -45.84 2.01
C GLN H 39 -34.11 -46.25 2.46
N ARG H 40 -34.20 -47.25 3.34
CA ARG H 40 -35.51 -47.60 3.95
C ARG H 40 -35.75 -46.77 5.21
N PRO H 41 -37.01 -46.36 5.43
CA PRO H 41 -37.39 -45.56 6.59
C PRO H 41 -36.68 -45.98 7.87
N GLY H 42 -36.55 -47.29 8.10
CA GLY H 42 -35.90 -47.79 9.31
C GLY H 42 -34.62 -48.59 9.16
N HIS H 43 -34.01 -48.58 7.97
CA HIS H 43 -32.83 -49.41 7.71
C HIS H 43 -31.60 -48.67 7.23
N GLY H 44 -31.58 -47.35 7.41
CA GLY H 44 -30.41 -46.54 7.08
C GLY H 44 -30.17 -46.48 5.58
N LEU H 45 -28.90 -46.52 5.19
CA LEU H 45 -28.50 -46.44 3.77
C LEU H 45 -27.87 -47.75 3.33
N GLU H 46 -28.09 -48.12 2.08
CA GLU H 46 -27.63 -49.41 1.59
C GLU H 46 -27.08 -49.34 0.17
N TRP H 47 -25.83 -49.78 0.00
CA TRP H 47 -25.20 -49.68 -1.28
C TRP H 47 -25.59 -50.81 -2.18
N LEU H 48 -26.14 -50.46 -3.35
CA LEU H 48 -26.70 -51.43 -4.28
C LEU H 48 -25.72 -51.88 -5.34
N GLY H 49 -25.19 -50.92 -6.10
CA GLY H 49 -24.24 -51.20 -7.16
C GLY H 49 -23.69 -49.93 -7.76
N GLU H 50 -22.84 -50.10 -8.77
CA GLU H 50 -22.24 -48.99 -9.49
C GLU H 50 -21.92 -49.35 -10.94
N ILE H 51 -21.81 -48.34 -11.78
CA ILE H 51 -21.68 -48.57 -13.21
C ILE H 51 -20.89 -47.43 -13.85
N LEU H 52 -19.97 -47.78 -14.75
CA LEU H 52 -19.20 -46.77 -15.46
C LEU H 52 -19.76 -46.55 -16.85
N PRO H 53 -20.44 -45.41 -17.07
CA PRO H 53 -21.13 -45.08 -18.31
C PRO H 53 -20.41 -45.51 -19.59
N GLY H 54 -19.09 -45.53 -19.59
CA GLY H 54 -18.31 -46.04 -20.73
C GLY H 54 -18.72 -47.43 -21.19
N SER H 55 -18.04 -48.46 -20.68
CA SER H 55 -18.41 -49.83 -21.03
C SER H 55 -19.19 -50.44 -19.88
N GLY H 56 -19.91 -51.51 -20.18
CA GLY H 56 -20.70 -52.22 -19.19
C GLY H 56 -19.83 -52.88 -18.14
N TYR H 57 -19.10 -52.06 -17.39
CA TYR H 57 -18.48 -52.52 -16.15
C TYR H 57 -19.51 -52.23 -15.06
N ILE H 58 -19.88 -53.27 -14.33
CA ILE H 58 -20.86 -53.15 -13.25
C ILE H 58 -20.36 -53.89 -12.01
N HIS H 59 -20.69 -53.37 -10.83
CA HIS H 59 -20.40 -54.07 -9.58
C HIS H 59 -21.58 -54.01 -8.67
N TYR H 60 -22.06 -55.20 -8.31
CA TYR H 60 -23.34 -55.41 -7.64
C TYR H 60 -23.11 -55.78 -6.18
N ASN H 61 -23.98 -55.31 -5.31
CA ASN H 61 -24.14 -55.91 -3.98
C ASN H 61 -24.96 -57.18 -4.18
N GLU H 62 -24.42 -58.33 -3.77
CA GLU H 62 -25.05 -59.64 -4.04
C GLU H 62 -26.49 -59.75 -3.58
N LYS H 63 -26.78 -59.20 -2.41
CA LYS H 63 -28.15 -59.16 -1.91
C LYS H 63 -29.15 -58.77 -2.99
N PHE H 64 -28.72 -57.92 -3.93
CA PHE H 64 -29.61 -57.39 -4.96
C PHE H 64 -29.41 -58.02 -6.33
N LYS H 65 -28.56 -59.04 -6.41
CA LYS H 65 -28.35 -59.74 -7.68
C LYS H 65 -29.67 -60.28 -8.20
N GLY H 66 -30.13 -59.74 -9.32
CA GLY H 66 -31.38 -60.14 -9.92
C GLY H 66 -32.56 -59.46 -9.27
N LYS H 67 -32.31 -58.29 -8.70
CA LYS H 67 -33.35 -57.43 -8.16
C LYS H 67 -33.18 -56.10 -8.84
N ALA H 68 -31.93 -55.63 -8.86
CA ALA H 68 -31.53 -54.37 -9.47
C ALA H 68 -30.69 -54.61 -10.73
N THR H 69 -30.99 -53.86 -11.79
CA THR H 69 -30.21 -53.94 -13.03
C THR H 69 -29.83 -52.53 -13.49
N PHE H 70 -28.57 -52.37 -13.92
CA PHE H 70 -28.07 -51.05 -14.23
C PHE H 70 -27.73 -50.89 -15.70
N THR H 71 -28.09 -49.72 -16.21
CA THR H 71 -27.79 -49.30 -17.57
C THR H 71 -27.49 -47.81 -17.58
N THR H 72 -26.79 -47.38 -18.62
CA THR H 72 -26.51 -45.97 -18.85
C THR H 72 -26.80 -45.66 -20.32
N ASP H 73 -27.07 -44.39 -20.62
CA ASP H 73 -27.22 -43.96 -21.99
C ASP H 73 -26.30 -42.77 -22.21
N THR H 74 -25.20 -43.01 -22.92
CA THR H 74 -24.17 -41.99 -23.12
C THR H 74 -24.72 -40.77 -23.82
N SER H 75 -25.51 -41.00 -24.87
CA SER H 75 -26.05 -39.90 -25.69
C SER H 75 -26.95 -38.93 -24.94
N SER H 76 -27.49 -39.34 -23.79
CA SER H 76 -28.35 -38.45 -23.00
C SER H 76 -27.83 -38.23 -21.58
N ASN H 77 -26.56 -38.61 -21.34
CA ASN H 77 -25.97 -38.57 -20.00
C ASN H 77 -26.90 -38.98 -18.88
N THR H 78 -27.61 -40.09 -19.07
CA THR H 78 -28.56 -40.59 -18.08
C THR H 78 -28.19 -42.00 -17.63
N ALA H 79 -28.17 -42.20 -16.32
CA ALA H 79 -28.02 -43.54 -15.75
C ALA H 79 -29.38 -44.07 -15.35
N TYR H 80 -29.54 -45.39 -15.44
CA TYR H 80 -30.81 -46.02 -15.14
C TYR H 80 -30.67 -47.18 -14.18
N MET H 81 -31.65 -47.31 -13.31
CA MET H 81 -31.77 -48.47 -12.44
C MET H 81 -33.17 -49.05 -12.52
N GLN H 82 -33.23 -50.38 -12.63
CA GLN H 82 -34.49 -51.08 -12.69
C GLN H 82 -34.69 -51.98 -11.50
N LEU H 83 -35.85 -51.82 -10.85
CA LEU H 83 -36.26 -52.69 -9.76
C LEU H 83 -37.40 -53.58 -10.26
N SER H 84 -37.40 -54.83 -9.83
CA SER H 84 -38.29 -55.84 -10.38
C SER H 84 -38.73 -56.84 -9.32
N SER H 85 -39.97 -57.35 -9.46
CA SER H 85 -40.64 -58.22 -8.46
C SER H 85 -40.91 -57.42 -7.19
N LEU H 86 -41.37 -56.20 -7.38
CA LEU H 86 -41.49 -55.26 -6.28
C LEU H 86 -42.33 -55.81 -5.13
N THR H 87 -41.81 -55.65 -3.91
CA THR H 87 -42.53 -55.95 -2.68
C THR H 87 -42.50 -54.70 -1.78
N SER H 88 -42.70 -54.89 -0.49
CA SER H 88 -42.65 -53.78 0.48
C SER H 88 -41.20 -53.46 0.84
N GLU H 89 -40.33 -54.45 0.69
CA GLU H 89 -38.89 -54.30 0.91
C GLU H 89 -38.33 -53.27 -0.05
N ASP H 90 -38.87 -53.24 -1.26
CA ASP H 90 -38.36 -52.39 -2.31
C ASP H 90 -38.88 -50.96 -2.17
N SER H 91 -39.81 -50.79 -1.25
CA SER H 91 -40.40 -49.50 -0.98
C SER H 91 -39.38 -48.64 -0.21
N ALA H 92 -38.88 -47.59 -0.86
CA ALA H 92 -37.81 -46.77 -0.29
C ALA H 92 -37.58 -45.50 -1.09
N VAL H 93 -36.60 -44.72 -0.66
CA VAL H 93 -36.06 -43.63 -1.48
C VAL H 93 -34.72 -44.10 -2.07
N TYR H 94 -34.49 -43.74 -3.33
CA TYR H 94 -33.31 -44.23 -4.04
C TYR H 94 -32.42 -43.08 -4.49
N TYR H 95 -31.16 -43.16 -4.13
CA TYR H 95 -30.18 -42.13 -4.51
C TYR H 95 -29.18 -42.60 -5.58
N CYS H 96 -28.90 -41.73 -6.54
CA CYS H 96 -27.71 -41.88 -7.36
C CYS H 96 -26.69 -40.84 -6.92
N SER H 97 -25.43 -41.27 -6.89
CA SER H 97 -24.31 -40.36 -6.68
C SER H 97 -23.17 -40.72 -7.61
N ARG H 98 -21.99 -40.22 -7.29
CA ARG H 98 -20.86 -40.16 -8.20
C ARG H 98 -19.65 -40.74 -7.50
N ALA H 99 -18.79 -41.47 -8.20
CA ALA H 99 -17.57 -41.92 -7.54
C ALA H 99 -16.37 -42.20 -8.44
N LEU H 100 -15.20 -42.00 -7.85
CA LEU H 100 -13.92 -42.47 -8.39
C LEU H 100 -13.31 -43.25 -7.26
N ALA H 101 -12.32 -44.09 -7.55
CA ALA H 101 -11.64 -44.89 -6.53
C ALA H 101 -11.11 -44.02 -5.40
N LEU H 102 -10.82 -42.78 -5.74
CA LEU H 102 -10.13 -41.85 -4.89
C LEU H 102 -11.05 -40.89 -4.13
N TYR H 103 -12.24 -40.65 -4.68
CA TYR H 103 -13.18 -39.65 -4.16
C TYR H 103 -14.60 -40.15 -4.42
N ALA H 104 -15.23 -40.64 -3.35
CA ALA H 104 -16.53 -41.28 -3.46
C ALA H 104 -17.65 -40.38 -2.98
N MET H 105 -18.65 -40.23 -3.84
CA MET H 105 -19.96 -39.65 -3.48
C MET H 105 -19.94 -38.19 -3.04
N ASP H 106 -19.25 -37.38 -3.83
CA ASP H 106 -19.20 -35.93 -3.61
C ASP H 106 -20.57 -35.34 -3.86
N TYR H 107 -21.18 -35.70 -4.97
CA TYR H 107 -22.45 -35.15 -5.38
C TYR H 107 -23.55 -36.20 -5.38
N TRP H 108 -24.78 -35.78 -5.06
CA TRP H 108 -25.92 -36.67 -4.98
C TRP H 108 -27.10 -36.10 -5.69
N GLY H 109 -27.92 -36.97 -6.27
CA GLY H 109 -29.23 -36.59 -6.80
C GLY H 109 -30.21 -36.32 -5.67
N GLN H 110 -31.38 -35.79 -6.02
CA GLN H 110 -32.36 -35.36 -5.01
C GLN H 110 -33.14 -36.50 -4.35
N GLY H 111 -33.10 -37.69 -4.96
CA GLY H 111 -33.80 -38.87 -4.45
C GLY H 111 -35.04 -39.22 -5.24
N THR H 112 -35.38 -40.51 -5.27
CA THR H 112 -36.65 -40.97 -5.83
C THR H 112 -37.29 -42.02 -4.93
N SER H 113 -38.51 -41.76 -4.48
CA SER H 113 -39.24 -42.72 -3.66
C SER H 113 -40.06 -43.66 -4.52
N VAL H 114 -39.89 -44.95 -4.22
CA VAL H 114 -40.67 -46.01 -4.82
C VAL H 114 -41.53 -46.58 -3.69
N THR H 115 -42.82 -46.25 -3.72
CA THR H 115 -43.79 -46.91 -2.84
C THR H 115 -44.47 -48.05 -3.60
N VAL H 116 -44.63 -49.20 -2.94
CA VAL H 116 -45.21 -50.39 -3.55
C VAL H 116 -46.48 -50.86 -2.83
N SER H 117 -47.64 -50.42 -3.32
CA SER H 117 -48.92 -50.76 -2.68
C SER H 117 -50.02 -51.10 -3.70
N SER H 118 -50.78 -52.15 -3.38
CA SER H 118 -51.91 -52.55 -4.21
C SER H 118 -53.14 -51.71 -3.89
N ALA H 119 -52.88 -50.49 -3.43
CA ALA H 119 -53.92 -49.55 -3.08
C ALA H 119 -54.12 -48.56 -4.21
N LYS H 120 -55.35 -48.41 -4.64
CA LYS H 120 -55.72 -47.41 -5.64
C LYS H 120 -55.73 -46.02 -4.99
N THR H 121 -55.80 -44.97 -5.81
CA THR H 121 -55.93 -43.61 -5.32
C THR H 121 -57.16 -43.53 -4.44
N THR H 122 -57.07 -42.75 -3.37
CA THR H 122 -58.22 -42.48 -2.51
C THR H 122 -58.17 -41.06 -1.90
N PRO H 123 -59.29 -40.32 -1.95
CA PRO H 123 -59.35 -39.05 -1.22
C PRO H 123 -59.30 -39.27 0.30
N PRO H 124 -58.79 -38.28 1.04
CA PRO H 124 -58.76 -38.40 2.49
C PRO H 124 -60.08 -37.97 3.12
N SER H 125 -60.50 -38.66 4.19
CA SER H 125 -61.63 -38.19 4.98
C SER H 125 -61.15 -37.23 6.05
N VAL H 126 -61.86 -36.11 6.20
CA VAL H 126 -61.45 -35.05 7.11
C VAL H 126 -62.45 -34.91 8.26
N TYR H 127 -62.04 -35.36 9.43
CA TYR H 127 -62.89 -35.29 10.60
C TYR H 127 -62.41 -34.23 11.58
N PRO H 128 -63.32 -33.35 12.05
CA PRO H 128 -63.02 -32.38 13.11
C PRO H 128 -62.60 -33.01 14.44
N LEU H 129 -61.71 -32.33 15.16
CA LEU H 129 -61.37 -32.72 16.53
C LEU H 129 -61.64 -31.57 17.52
N ALA H 130 -62.86 -31.52 18.03
CA ALA H 130 -63.25 -30.57 19.08
C ALA H 130 -63.03 -31.20 20.45
N PRO H 131 -62.70 -30.39 21.48
CA PRO H 131 -62.36 -31.01 22.76
C PRO H 131 -63.60 -31.58 23.45
N GLY H 132 -63.40 -32.61 24.26
CA GLY H 132 -64.48 -33.19 25.06
C GLY H 132 -64.97 -32.24 26.15
N SER H 133 -64.03 -31.46 26.69
CA SER H 133 -64.31 -30.48 27.73
C SER H 133 -63.54 -29.18 27.44
N ALA H 134 -64.01 -28.06 28.00
CA ALA H 134 -63.27 -26.79 27.91
C ALA H 134 -62.07 -26.81 28.86
N ALA H 135 -61.10 -27.67 28.56
CA ALA H 135 -60.00 -27.99 29.48
C ALA H 135 -58.63 -27.61 28.94
N GLN H 136 -58.21 -26.38 29.25
CA GLN H 136 -56.96 -25.80 28.73
C GLN H 136 -55.85 -25.70 29.78
N THR H 137 -54.69 -26.30 29.48
CA THR H 137 -53.52 -26.27 30.36
C THR H 137 -53.01 -24.84 30.58
N ASN H 138 -53.36 -23.94 29.67
CA ASN H 138 -53.05 -22.52 29.82
C ASN H 138 -54.18 -21.64 29.27
N SER H 139 -53.85 -20.43 28.87
CA SER H 139 -54.78 -19.54 28.17
C SER H 139 -55.07 -20.05 26.75
N MET H 140 -54.51 -21.23 26.43
CA MET H 140 -54.52 -21.77 25.07
C MET H 140 -55.35 -23.06 24.99
N VAL H 141 -56.28 -23.11 24.04
CA VAL H 141 -57.03 -24.33 23.72
C VAL H 141 -56.45 -25.02 22.46
N THR H 142 -56.56 -26.34 22.41
CA THR H 142 -56.06 -27.10 21.27
C THR H 142 -57.21 -27.62 20.42
N LEU H 143 -57.09 -27.44 19.11
CA LEU H 143 -58.05 -27.98 18.15
C LEU H 143 -57.34 -28.85 17.13
N GLY H 144 -58.08 -29.75 16.50
CA GLY H 144 -57.46 -30.70 15.58
C GLY H 144 -58.25 -31.05 14.33
N CYS H 145 -57.56 -31.69 13.39
CA CYS H 145 -58.17 -32.31 12.22
C CYS H 145 -57.57 -33.68 12.02
N LEU H 146 -58.42 -34.66 11.76
CA LEU H 146 -57.99 -36.00 11.47
C LEU H 146 -58.24 -36.30 10.01
N VAL H 147 -57.18 -36.72 9.33
CA VAL H 147 -57.18 -36.94 7.88
C VAL H 147 -56.84 -38.40 7.62
N LYS H 148 -57.83 -39.19 7.21
CA LYS H 148 -57.60 -40.64 7.17
C LYS H 148 -58.18 -41.38 5.96
N GLY H 149 -57.50 -42.46 5.60
CA GLY H 149 -57.92 -43.36 4.53
C GLY H 149 -57.42 -43.04 3.12
N TYR H 150 -56.44 -42.15 3.00
CA TYR H 150 -56.00 -41.62 1.70
C TYR H 150 -54.77 -42.30 1.10
N PHE H 151 -54.60 -42.12 -0.21
CA PHE H 151 -53.49 -42.67 -0.98
C PHE H 151 -53.34 -41.86 -2.27
N PRO H 152 -52.11 -41.42 -2.59
CA PRO H 152 -50.83 -41.69 -1.96
C PRO H 152 -50.35 -40.54 -1.05
N GLU H 153 -49.04 -40.52 -0.80
CA GLU H 153 -48.45 -39.76 0.31
C GLU H 153 -48.78 -38.27 0.46
N PRO H 154 -48.59 -37.46 -0.61
CA PRO H 154 -48.67 -36.01 -0.36
C PRO H 154 -50.07 -35.57 0.06
N VAL H 155 -50.12 -34.84 1.18
CA VAL H 155 -51.32 -34.16 1.68
C VAL H 155 -50.82 -32.93 2.46
N THR H 156 -51.47 -31.78 2.27
CA THR H 156 -51.11 -30.58 3.03
C THR H 156 -52.25 -30.10 3.93
N VAL H 157 -51.89 -29.63 5.12
CA VAL H 157 -52.86 -29.13 6.09
C VAL H 157 -52.57 -27.68 6.46
N THR H 158 -53.61 -26.84 6.34
CA THR H 158 -53.49 -25.41 6.61
C THR H 158 -54.62 -24.94 7.51
N TRP H 159 -54.32 -23.97 8.37
CA TRP H 159 -55.33 -23.42 9.26
C TRP H 159 -55.71 -22.02 8.85
N ASN H 160 -56.93 -21.90 8.32
CA ASN H 160 -57.51 -20.64 7.83
C ASN H 160 -56.66 -19.98 6.73
N SER H 161 -56.75 -20.57 5.53
CA SER H 161 -56.00 -20.12 4.35
C SER H 161 -54.49 -20.32 4.51
N GLY H 162 -54.01 -20.10 5.73
CA GLY H 162 -52.59 -20.05 6.05
C GLY H 162 -52.29 -18.91 7.01
N SER H 163 -53.35 -18.20 7.41
CA SER H 163 -53.26 -17.05 8.32
C SER H 163 -52.67 -17.43 9.68
N LEU H 164 -52.91 -18.68 10.06
CA LEU H 164 -52.48 -19.21 11.34
C LEU H 164 -51.50 -20.35 11.08
N SER H 165 -50.25 -20.16 11.50
CA SER H 165 -49.21 -21.15 11.29
C SER H 165 -48.44 -21.46 12.57
N SER H 166 -48.28 -20.45 13.42
CA SER H 166 -47.60 -20.61 14.71
C SER H 166 -48.46 -21.45 15.65
N GLY H 167 -47.81 -22.35 16.39
CA GLY H 167 -48.50 -23.26 17.29
C GLY H 167 -49.29 -24.32 16.56
N VAL H 168 -48.67 -24.94 15.57
CA VAL H 168 -49.28 -26.02 14.81
C VAL H 168 -48.36 -27.26 14.78
N HIS H 169 -48.98 -28.43 14.84
CA HIS H 169 -48.28 -29.69 14.65
C HIS H 169 -49.05 -30.57 13.70
N THR H 170 -48.36 -30.99 12.63
CA THR H 170 -48.93 -31.86 11.62
C THR H 170 -47.99 -33.05 11.52
N PHE H 171 -48.52 -34.24 11.75
CA PHE H 171 -47.69 -35.37 12.12
C PHE H 171 -47.38 -36.23 10.93
N PRO H 172 -46.20 -36.88 10.92
CA PRO H 172 -45.92 -37.85 9.88
C PRO H 172 -47.08 -38.81 9.67
N ALA H 173 -47.56 -38.90 8.44
CA ALA H 173 -48.59 -39.88 8.07
C ALA H 173 -48.12 -41.29 8.37
N VAL H 174 -49.09 -42.16 8.67
CA VAL H 174 -48.83 -43.54 9.01
C VAL H 174 -49.74 -44.43 8.15
N LEU H 175 -49.40 -45.72 8.09
CA LEU H 175 -50.13 -46.69 7.29
C LEU H 175 -51.25 -47.36 8.08
N GLN H 176 -52.50 -46.99 7.78
CA GLN H 176 -53.67 -47.52 8.50
C GLN H 176 -53.90 -49.01 8.25
N SER H 177 -54.01 -49.42 6.98
CA SER H 177 -54.01 -50.84 6.61
C SER H 177 -53.51 -51.05 5.17
N ASP H 178 -53.72 -50.04 4.34
CA ASP H 178 -53.08 -49.92 3.04
C ASP H 178 -53.32 -48.48 2.56
N LEU H 179 -53.91 -47.68 3.43
CA LEU H 179 -54.18 -46.27 3.19
C LEU H 179 -53.56 -45.45 4.31
N TYR H 180 -53.37 -44.15 4.07
CA TYR H 180 -52.65 -43.30 5.01
C TYR H 180 -53.54 -42.54 5.98
N THR H 181 -53.00 -42.29 7.16
CA THR H 181 -53.67 -41.49 8.19
C THR H 181 -52.69 -40.53 8.83
N LEU H 182 -53.13 -39.29 9.02
CA LEU H 182 -52.40 -38.32 9.82
C LEU H 182 -53.41 -37.37 10.45
N SER H 183 -53.00 -36.70 11.52
CA SER H 183 -53.82 -35.62 12.08
C SER H 183 -52.97 -34.39 12.39
N SER H 184 -53.65 -33.26 12.62
CA SER H 184 -52.97 -32.00 12.87
C SER H 184 -53.62 -31.22 14.02
N SER H 185 -52.79 -30.82 14.99
CA SER H 185 -53.24 -30.02 16.12
C SER H 185 -52.88 -28.56 15.93
N VAL H 186 -53.72 -27.68 16.49
CA VAL H 186 -53.48 -26.25 16.51
C VAL H 186 -53.83 -25.62 17.86
N THR H 187 -52.82 -25.05 18.51
CA THR H 187 -52.99 -24.33 19.75
C THR H 187 -53.44 -22.90 19.46
N VAL H 188 -54.51 -22.48 20.13
CA VAL H 188 -55.10 -21.17 19.91
C VAL H 188 -55.54 -20.58 21.26
N PRO H 189 -55.21 -19.30 21.53
CA PRO H 189 -55.67 -18.67 22.77
C PRO H 189 -57.20 -18.69 22.92
N SER H 190 -57.64 -18.91 24.16
CA SER H 190 -59.05 -19.18 24.52
C SER H 190 -60.11 -18.21 23.98
N SER H 191 -59.76 -16.93 23.91
CA SER H 191 -60.69 -15.88 23.51
C SER H 191 -61.20 -16.03 22.08
N THR H 192 -60.34 -16.54 21.20
CA THR H 192 -60.61 -16.55 19.77
C THR H 192 -61.33 -17.82 19.28
N TRP H 193 -61.86 -18.60 20.22
CA TRP H 193 -62.69 -19.77 19.90
C TRP H 193 -63.69 -20.04 21.00
N PRO H 194 -64.97 -20.22 20.65
CA PRO H 194 -65.53 -20.17 19.29
C PRO H 194 -65.96 -18.77 18.86
N SER H 195 -65.35 -17.74 19.43
CA SER H 195 -65.58 -16.36 19.03
C SER H 195 -65.25 -16.23 17.56
N GLU H 196 -63.98 -16.51 17.22
CA GLU H 196 -63.54 -16.54 15.83
C GLU H 196 -63.80 -17.91 15.21
N THR H 197 -63.51 -18.02 13.91
CA THR H 197 -63.73 -19.25 13.16
C THR H 197 -62.40 -19.94 12.86
N VAL H 198 -62.24 -21.15 13.39
CA VAL H 198 -61.08 -21.97 13.08
C VAL H 198 -61.46 -23.09 12.12
N THR H 199 -60.74 -23.20 11.01
CA THR H 199 -61.02 -24.20 9.99
C THR H 199 -59.69 -24.81 9.50
N CYS H 200 -59.69 -26.11 9.24
CA CYS H 200 -58.53 -26.74 8.63
C CYS H 200 -58.70 -26.95 7.12
N ASN H 201 -57.62 -26.70 6.38
CA ASN H 201 -57.61 -26.84 4.93
C ASN H 201 -56.80 -28.06 4.50
N VAL H 202 -57.49 -29.04 3.95
CA VAL H 202 -56.85 -30.30 3.55
C VAL H 202 -56.85 -30.47 2.03
N ALA H 203 -55.64 -30.53 1.45
CA ALA H 203 -55.48 -30.67 0.02
C ALA H 203 -54.84 -32.01 -0.37
N HIS H 204 -55.55 -32.80 -1.18
CA HIS H 204 -54.96 -33.99 -1.80
C HIS H 204 -54.87 -33.79 -3.29
N PRO H 205 -53.63 -33.62 -3.80
CA PRO H 205 -53.43 -33.32 -5.21
C PRO H 205 -53.81 -34.50 -6.11
N ALA H 206 -53.27 -35.67 -5.84
CA ALA H 206 -53.44 -36.85 -6.71
C ALA H 206 -54.88 -37.38 -6.78
N SER H 207 -55.81 -36.66 -6.17
CA SER H 207 -57.22 -37.01 -6.24
C SER H 207 -58.06 -35.77 -6.50
N SER H 208 -57.39 -34.63 -6.58
CA SER H 208 -58.03 -33.33 -6.80
C SER H 208 -59.11 -33.13 -5.74
N THR H 209 -58.65 -32.87 -4.53
CA THR H 209 -59.49 -32.79 -3.34
C THR H 209 -59.22 -31.50 -2.58
N LYS H 210 -60.26 -30.67 -2.47
CA LYS H 210 -60.27 -29.51 -1.59
C LYS H 210 -61.39 -29.74 -0.58
N VAL H 211 -61.02 -29.97 0.67
CA VAL H 211 -62.01 -30.14 1.75
C VAL H 211 -61.67 -29.25 2.95
N ASP H 212 -62.70 -28.59 3.47
CA ASP H 212 -62.59 -27.78 4.68
C ASP H 212 -63.56 -28.26 5.74
N LYS H 213 -63.06 -28.48 6.95
CA LYS H 213 -63.94 -28.69 8.10
C LYS H 213 -63.74 -27.57 9.10
N LYS H 214 -64.83 -26.84 9.34
CA LYS H 214 -64.90 -25.88 10.45
C LYS H 214 -65.14 -26.68 11.72
N ILE H 215 -64.39 -26.35 12.76
CA ILE H 215 -64.45 -27.09 14.00
C ILE H 215 -65.34 -26.39 15.03
N VAL H 216 -66.58 -26.87 15.12
CA VAL H 216 -67.60 -26.37 16.03
C VAL H 216 -67.51 -27.10 17.39
N PRO H 217 -67.80 -26.39 18.50
CA PRO H 217 -67.80 -27.01 19.83
C PRO H 217 -68.64 -28.29 19.98
N ARG H 218 -68.15 -29.21 20.81
CA ARG H 218 -68.69 -30.57 21.07
C ARG H 218 -68.01 -31.66 20.25
N ARG I 1 -6.54 10.56 43.91
CA ARG I 1 -7.95 10.42 43.40
C ARG I 1 -8.70 11.75 43.53
N GLY I 2 -9.74 11.91 42.72
CA GLY I 2 -10.58 13.11 42.76
C GLY I 2 -9.83 14.39 42.44
N ASP I 3 -10.19 15.47 43.13
CA ASP I 3 -9.54 16.78 42.98
C ASP I 3 -8.84 17.21 44.27
N ASN I 4 -7.71 16.58 44.58
CA ASN I 4 -6.91 16.98 45.75
C ASN I 4 -5.39 16.77 45.55
N ARG J 1 7.33 1.86 -9.32
CA ARG J 1 8.66 1.70 -9.98
C ARG J 1 9.60 0.83 -9.14
N GLY J 2 10.48 0.10 -9.80
CA GLY J 2 11.46 -0.76 -9.12
C GLY J 2 10.80 -1.87 -8.31
N ASP J 3 11.39 -2.21 -7.17
CA ASP J 3 10.85 -3.24 -6.28
C ASP J 3 10.25 -2.64 -5.00
C1 NAG K . 17.57 15.59 -37.91
C2 NAG K . 16.47 15.63 -38.98
C3 NAG K . 16.39 16.98 -39.69
C4 NAG K . 16.57 18.24 -38.80
C5 NAG K . 17.45 18.01 -37.58
C6 NAG K . 16.98 18.99 -36.51
C7 NAG K . 15.66 13.84 -40.47
C8 NAG K . 16.02 12.87 -41.56
N2 NAG K . 16.65 14.63 -40.02
O3 NAG K . 15.11 17.04 -40.27
O4 NAG K . 17.16 19.33 -39.50
O5 NAG K . 17.40 16.70 -37.04
O6 NAG K . 17.68 18.78 -35.31
O7 NAG K . 14.49 13.86 -40.06
C1 NAG K . 16.24 20.05 -40.36
C2 NAG K . 16.31 21.56 -40.07
C3 NAG K . 15.48 22.36 -41.09
C4 NAG K . 15.99 22.02 -42.49
C5 NAG K . 15.81 20.50 -42.70
C6 NAG K . 16.27 20.04 -44.08
C7 NAG K . 16.82 22.34 -37.86
C8 NAG K . 16.32 22.66 -36.47
N2 NAG K . 15.91 21.87 -38.71
O3 NAG K . 15.60 23.74 -40.83
O4 NAG K . 15.32 22.79 -43.47
O5 NAG K . 16.55 19.79 -41.72
O6 NAG K . 17.08 18.90 -43.95
O7 NAG K . 18.00 22.50 -38.17
C1 NAG L . 10.42 4.16 -31.23
C2 NAG L . 9.47 5.28 -31.64
C3 NAG L . 9.33 6.28 -30.51
C4 NAG L . 9.16 5.64 -29.13
C5 NAG L . 10.12 4.47 -28.93
C6 NAG L . 9.91 3.71 -27.64
C7 NAG L . 9.43 5.98 -33.98
C8 NAG L . 10.13 6.79 -35.04
N2 NAG L . 10.01 5.99 -32.78
O3 NAG L . 8.22 7.12 -30.79
O4 NAG L . 9.51 6.60 -28.17
O5 NAG L . 9.97 3.60 -30.02
O6 NAG L . 8.72 2.95 -27.70
O7 NAG L . 8.39 5.38 -34.24
C1 NAG L . 8.38 7.01 -27.38
C2 NAG L . 8.91 7.86 -26.23
C3 NAG L . 7.76 7.97 -25.24
C4 NAG L . 6.74 8.85 -25.99
C5 NAG L . 6.31 8.13 -27.29
C6 NAG L . 5.32 8.88 -28.16
C7 NAG L . 10.71 6.39 -25.18
C8 NAG L . 12.19 6.30 -25.00
N2 NAG L . 10.27 7.46 -25.83
O3 NAG L . 8.13 8.58 -24.02
O4 NAG L . 5.64 9.20 -25.16
O5 NAG L . 7.44 7.82 -28.07
O6 NAG L . 5.81 10.16 -28.51
O7 NAG L . 9.97 5.52 -24.72
C1 BMA L . 5.31 10.59 -25.31
C2 BMA L . 3.94 10.90 -24.70
C3 BMA L . 3.64 12.41 -24.74
C4 BMA L . 4.85 13.24 -24.34
C5 BMA L . 6.05 12.81 -25.16
C6 BMA L . 7.32 13.60 -24.91
O2 BMA L . 3.84 10.40 -23.36
O3 BMA L . 2.57 12.76 -23.86
O4 BMA L . 4.53 14.63 -24.49
O5 BMA L . 6.30 11.47 -24.78
O6 BMA L . 7.59 13.53 -23.50
C1 MAN L . 8.43 14.63 -23.09
C2 MAN L . 8.62 14.53 -21.57
C3 MAN L . 7.39 15.12 -20.85
C4 MAN L . 7.03 16.51 -21.37
C5 MAN L . 6.82 16.44 -22.87
C6 MAN L . 6.37 17.78 -23.48
O2 MAN L . 9.81 15.16 -21.16
O3 MAN L . 7.57 15.10 -19.46
O4 MAN L . 5.87 16.97 -20.71
O5 MAN L . 7.98 15.92 -23.51
O6 MAN L . 7.41 18.42 -24.18
C1 MAN L . 6.52 14.26 -18.93
C2 MAN L . 5.81 14.97 -17.77
C3 MAN L . 6.61 14.94 -16.46
C4 MAN L . 7.67 13.83 -16.31
C5 MAN L . 8.11 13.14 -17.61
C6 MAN L . 8.68 11.75 -17.32
O2 MAN L . 4.51 14.43 -17.62
O3 MAN L . 5.70 14.88 -15.37
O4 MAN L . 8.82 14.40 -15.71
O5 MAN L . 7.02 13.01 -18.51
O6 MAN L . 7.66 10.79 -17.49
C1 MAN L . 1.31 12.47 -24.49
C2 MAN L . 0.41 13.71 -24.43
C3 MAN L . 0.02 14.02 -22.97
C4 MAN L . -0.38 12.76 -22.19
C5 MAN L . 0.56 11.58 -22.45
C6 MAN L . 0.05 10.32 -21.77
O2 MAN L . -0.74 13.51 -25.23
O3 MAN L . -1.02 14.97 -22.93
O4 MAN L . -0.40 13.06 -20.82
O5 MAN L . 0.71 11.37 -23.85
O6 MAN L . -0.58 9.48 -22.72
C1 NAG M . -44.35 20.44 40.05
C2 NAG M . -44.74 21.32 38.88
C3 NAG M . -43.71 22.44 38.91
C4 NAG M . -44.14 23.32 40.09
C5 NAG M . -44.41 22.52 41.39
C6 NAG M . -45.67 23.05 42.06
C7 NAG M . -44.01 19.96 36.91
C8 NAG M . -44.52 19.33 35.65
N2 NAG M . -44.93 20.62 37.62
O3 NAG M . -43.65 23.17 37.71
O4 NAG M . -43.17 24.34 40.30
O5 NAG M . -44.57 21.10 41.28
O6 NAG M . -45.42 23.28 43.43
O7 NAG M . -42.82 19.89 37.23
C1 NAG M . -43.80 25.62 40.25
C2 NAG M . -42.99 26.62 41.08
C3 NAG M . -43.45 28.07 40.93
C4 NAG M . -43.90 28.44 39.51
C5 NAG M . -44.75 27.31 38.89
C6 NAG M . -45.17 27.63 37.45
C7 NAG M . -42.02 25.62 43.10
C8 NAG M . -42.23 25.26 44.55
N2 NAG M . -43.04 26.21 42.47
O3 NAG M . -42.41 28.93 41.30
O4 NAG M . -44.63 29.65 39.56
O5 NAG M . -44.01 26.10 38.93
O6 NAG M . -44.34 26.99 36.50
O7 NAG M . -40.95 25.36 42.55
C1 NAG N . -10.80 -4.48 28.81
C2 NAG N . -9.85 -5.63 29.00
C3 NAG N . -9.58 -5.73 30.49
C4 NAG N . -9.15 -4.40 31.11
C5 NAG N . -10.09 -3.26 30.67
C6 NAG N . -9.66 -1.86 31.10
C7 NAG N . -9.87 -7.94 28.05
C8 NAG N . -10.77 -9.00 27.52
N2 NAG N . -10.48 -6.82 28.46
O3 NAG N . -8.58 -6.68 30.76
O4 NAG N . -9.35 -4.56 32.48
O5 NAG N . -10.22 -3.29 29.26
O6 NAG N . -8.27 -1.76 31.06
O7 NAG N . -8.65 -8.14 28.11
C1 NAG N . -8.22 -4.32 33.32
C2 NAG N . -8.82 -4.22 34.72
C3 NAG N . -7.75 -3.74 35.69
C4 NAG N . -6.72 -4.88 35.70
C5 NAG N . -6.23 -5.14 34.26
C6 NAG N . -5.19 -6.26 34.16
C7 NAG N . -10.65 -2.46 35.02
C8 NAG N . -12.13 -2.30 34.81
N2 NAG N . -10.17 -3.64 34.68
O3 NAG N . -8.28 -3.59 36.98
O4 NAG N . -5.68 -4.59 36.60
O5 NAG N . -7.31 -5.41 33.37
O6 NAG N . -5.77 -7.49 34.53
O7 NAG N . -9.99 -1.53 35.46
C1 BMA N . -5.35 -5.76 37.38
C2 BMA N . -3.96 -5.70 38.00
C3 BMA N . -3.62 -7.05 38.64
C4 BMA N . -4.78 -7.55 39.51
C5 BMA N . -6.12 -7.45 38.80
C6 BMA N . -7.30 -7.85 39.67
O2 BMA N . -3.91 -4.70 39.04
O3 BMA N . -2.44 -6.92 39.45
O4 BMA N . -4.55 -8.89 39.96
O5 BMA N . -6.30 -6.08 38.41
O6 BMA N . -7.12 -7.18 40.91
C1 MAN N . -8.17 -7.46 41.85
C2 MAN N . -8.15 -6.30 42.86
C3 MAN N . -6.98 -6.41 43.84
C4 MAN N . -6.58 -7.83 44.25
C5 MAN N . -6.84 -8.92 43.20
C6 MAN N . -6.72 -10.34 43.76
O2 MAN N . -9.38 -6.17 43.55
O3 MAN N . -7.31 -5.63 44.97
O4 MAN N . -5.20 -7.80 44.51
O5 MAN N . -8.07 -8.72 42.51
O6 MAN N . -7.83 -10.75 44.55
C1 MAN N . -6.30 -4.64 45.31
C2 MAN N . -6.93 -3.60 46.24
C3 MAN N . -7.76 -2.58 45.45
C4 MAN N . -6.95 -1.99 44.29
C5 MAN N . -6.42 -3.13 43.43
C6 MAN N . -5.61 -2.62 42.23
O2 MAN N . -5.92 -2.98 47.00
O3 MAN N . -8.20 -1.56 46.31
O4 MAN N . -7.76 -1.13 43.51
O5 MAN N . -5.62 -4.02 44.22
O6 MAN N . -5.90 -3.44 41.11
C1 MAN N . -1.24 -6.81 38.67
C2 MAN N . -0.18 -7.80 39.17
C3 MAN N . 0.52 -7.33 40.45
C4 MAN N . 0.78 -5.82 40.49
C5 MAN N . -0.37 -4.99 39.91
C6 MAN N . -0.01 -3.49 39.85
O2 MAN N . 0.79 -8.07 38.16
O3 MAN N . 1.73 -8.06 40.61
O4 MAN N . 0.97 -5.39 41.82
O5 MAN N . -0.73 -5.49 38.62
O6 MAN N . 0.68 -3.18 38.66
CA CA O . 22.24 12.02 -40.15
CA CA P . 23.02 -0.49 -48.62
CA CA Q . 33.70 -8.31 -50.32
CA CA R . 46.13 -5.99 -44.24
C1 NAG S . 44.82 -9.17 -8.59
C2 NAG S . 44.77 -10.67 -8.89
C3 NAG S . 44.09 -11.46 -7.77
C4 NAG S . 44.63 -11.08 -6.38
C5 NAG S . 44.56 -9.56 -6.21
C6 NAG S . 45.16 -9.12 -4.87
C7 NAG S . 44.66 -10.77 -11.34
C8 NAG S . 43.81 -11.01 -12.55
N2 NAG S . 44.07 -10.88 -10.15
O3 NAG S . 44.28 -12.84 -7.95
O4 NAG S . 43.86 -11.75 -5.39
O5 NAG S . 45.26 -8.91 -7.26
O6 NAG S . 46.56 -9.19 -4.93
O7 NAG S . 45.85 -10.48 -11.49
C1 NAG T . 52.86 8.76 -29.51
C2 NAG T . 54.00 8.69 -30.55
C3 NAG T . 55.06 7.65 -30.18
C4 NAG T . 55.43 7.67 -28.71
C5 NAG T . 54.16 7.62 -27.86
C6 NAG T . 54.43 7.61 -26.36
C7 NAG T . 53.08 9.25 -32.80
C8 NAG T . 52.60 8.67 -34.09
N2 NAG T . 53.48 8.37 -31.88
O3 NAG T . 56.22 7.86 -30.96
O4 NAG T . 56.31 6.60 -28.42
O5 NAG T . 53.34 8.73 -28.17
O6 NAG T . 53.36 6.97 -25.73
O7 NAG T . 53.07 10.48 -32.64
C1 NAG U . 5.89 -5.76 -29.80
C2 NAG U . 5.11 -4.93 -30.84
C3 NAG U . 3.75 -5.53 -31.15
C4 NAG U . 3.85 -7.02 -31.45
C5 NAG U . 4.63 -7.70 -30.32
C6 NAG U . 4.77 -9.20 -30.57
C7 NAG U . 5.38 -2.54 -31.13
C8 NAG U . 5.10 -1.17 -30.59
N2 NAG U . 4.91 -3.56 -30.41
O3 NAG U . 3.20 -4.88 -32.27
O4 NAG U . 2.57 -7.56 -31.61
O5 NAG U . 5.91 -7.12 -30.20
O6 NAG U . 5.05 -9.42 -31.93
O7 NAG U . 6.04 -2.68 -32.16
C1 NAG V . 47.61 -32.26 -57.82
C2 NAG V . 48.65 -31.47 -57.02
C3 NAG V . 49.36 -32.34 -55.97
C4 NAG V . 48.30 -32.86 -55.01
C5 NAG V . 47.36 -33.76 -55.83
C6 NAG V . 46.25 -34.32 -54.94
C7 NAG V . 49.67 -29.51 -58.09
C8 NAG V . 50.79 -29.01 -58.97
N2 NAG V . 49.66 -30.83 -57.87
O3 NAG V . 50.36 -31.65 -55.26
O4 NAG V . 48.93 -33.55 -53.94
O5 NAG V . 46.80 -33.09 -56.95
O6 NAG V . 45.08 -33.52 -55.07
O7 NAG V . 48.85 -28.72 -57.64
CA CA W . 15.18 -7.33 -8.91
MG MG X . 9.60 -7.63 -6.62
C1 NAG Y . 13.46 -41.79 -12.32
C2 NAG Y . 14.47 -41.94 -11.16
C3 NAG Y . 15.92 -41.86 -11.63
C4 NAG Y . 16.15 -42.67 -12.91
C5 NAG Y . 15.16 -42.17 -13.96
C6 NAG Y . 15.36 -42.79 -15.33
C7 NAG Y . 13.83 -41.07 -8.97
C8 NAG Y . 13.69 -39.84 -8.13
N2 NAG Y . 14.27 -40.88 -10.21
O3 NAG Y . 16.76 -42.31 -10.59
O4 NAG Y . 17.49 -42.57 -13.35
O5 NAG Y . 13.85 -42.45 -13.51
O6 NAG Y . 15.40 -44.20 -15.23
O7 NAG Y . 13.54 -42.17 -8.50
C1 NAG Z . -11.41 -37.38 -37.58
C2 NAG Z . -12.57 -37.07 -38.52
C3 NAG Z . -13.68 -38.12 -38.37
C4 NAG Z . -13.11 -39.53 -38.56
C5 NAG Z . -11.87 -39.75 -37.68
C6 NAG Z . -11.19 -41.05 -38.06
C7 NAG Z . -13.39 -34.89 -39.22
C8 NAG Z . -13.88 -33.53 -38.79
N2 NAG Z . -13.06 -35.73 -38.25
O3 NAG Z . -14.71 -37.94 -39.31
O4 NAG Z . -14.12 -40.50 -38.31
O5 NAG Z . -10.92 -38.70 -37.79
O6 NAG Z . -10.63 -40.94 -39.35
O7 NAG Z . -13.31 -35.17 -40.41
CA CA AA . -22.71 -16.24 27.86
CA CA BA . -24.20 -12.27 13.27
CA CA CA . -35.56 -7.40 7.84
CA CA DA . -47.18 -5.57 14.37
C1 NAG EA . -52.86 -5.89 35.59
C2 NAG EA . -54.05 -6.83 35.32
C3 NAG EA . -55.29 -6.03 34.92
C4 NAG EA . -55.58 -4.92 35.96
C5 NAG EA . -54.32 -4.10 36.26
C6 NAG EA . -54.55 -3.11 37.40
C7 NAG EA . -53.45 -9.10 34.61
C8 NAG EA . -53.07 -10.01 33.49
N2 NAG EA . -53.68 -7.82 34.31
O3 NAG EA . -56.38 -6.91 34.79
O4 NAG EA . -56.66 -4.07 35.54
O5 NAG EA . -53.21 -4.94 36.59
O6 NAG EA . -53.44 -2.24 37.52
O7 NAG EA . -53.54 -9.55 35.75
C1 NAG FA . -6.27 3.66 23.45
C2 NAG FA . -5.68 2.26 23.21
C3 NAG FA . -4.47 2.26 22.27
C4 NAG FA . -4.62 3.22 21.09
C5 NAG FA . -5.20 4.57 21.50
C6 NAG FA . -5.51 5.45 20.29
C7 NAG FA . -5.90 0.57 24.95
C8 NAG FA . -5.39 0.05 26.26
N2 NAG FA . -5.29 1.66 24.48
O3 NAG FA . -4.29 0.95 21.78
O4 NAG FA . -3.36 3.42 20.49
O5 NAG FA . -6.40 4.38 22.24
O6 NAG FA . -6.57 4.90 19.55
O7 NAG FA . -6.83 0.00 24.37
C1 NAG GA . -17.82 -17.88 31.66
C2 NAG GA . -16.62 -18.55 30.97
C3 NAG GA . -16.49 -20.04 31.30
C4 NAG GA . -16.71 -20.34 32.79
C5 NAG GA . -18.02 -19.70 33.25
C6 NAG GA . -18.26 -20.00 34.73
C7 NAG GA . -15.66 -18.00 28.75
C8 NAG GA . -15.96 -17.84 27.28
N2 NAG GA . -16.70 -18.35 29.53
O3 NAG GA . -15.19 -20.46 30.94
O4 NAG GA . -16.71 -21.73 33.06
O5 NAG GA . -18.00 -18.30 33.00
O6 NAG GA . -18.20 -18.82 35.50
O7 NAG GA . -14.51 -17.81 29.14
C1 NAG HA . -45.43 4.49 -13.26
C2 NAG HA . -46.55 4.67 -12.22
C3 NAG HA . -47.06 6.11 -12.21
C4 NAG HA . -45.91 7.05 -11.89
C5 NAG HA . -44.78 6.83 -12.90
C6 NAG HA . -43.55 7.66 -12.52
C7 NAG HA . -47.94 2.83 -11.52
C8 NAG HA . -49.10 1.93 -11.80
N2 NAG HA . -47.64 3.76 -12.42
O3 NAG HA . -48.11 6.25 -11.27
O4 NAG HA . -46.35 8.39 -11.94
O5 NAG HA . -44.41 5.46 -12.99
O6 NAG HA . -43.88 9.03 -12.54
O7 NAG HA . -47.29 2.68 -10.47
CA CA IA . -14.37 18.56 38.70
MG MG JA . -8.48 20.13 39.72
C1 NAG KA . 8.83 22.39 -4.64
C2 NAG KA . 9.85 21.43 -5.25
C3 NAG KA . 10.88 22.24 -6.06
C4 NAG KA . 10.18 23.06 -7.13
C5 NAG KA . 9.00 23.88 -6.61
C6 NAG KA . 8.05 24.12 -7.78
C7 NAG KA . 11.03 19.44 -4.35
C8 NAG KA . 11.62 18.78 -3.13
N2 NAG KA . 10.46 20.65 -4.18
O3 NAG KA . 11.75 21.35 -6.70
O4 NAG KA . 11.09 23.90 -7.84
O5 NAG KA . 8.22 23.25 -5.59
O6 NAG KA . 7.88 25.51 -7.96
O7 NAG KA . 11.12 18.89 -5.44
#